data_3WIR
#
_entry.id   3WIR
#
_cell.length_a   71.581
_cell.length_b   104.464
_cell.length_c   124.164
_cell.angle_alpha   68.83
_cell.angle_beta   86.02
_cell.angle_gamma   90.06
#
_symmetry.space_group_name_H-M   'P 1'
#
loop_
_entity.id
_entity.type
_entity.pdbx_description
1 polymer 'Kojibiose phosphorylase'
2 non-polymer beta-D-glucopyranose
3 non-polymer GLYCEROL
4 non-polymer 'PHOSPHATE ION'
5 water water
#
_entity_poly.entity_id   1
_entity_poly.type   'polypeptide(L)'
_entity_poly.pdbx_seq_one_letter_code
;MKLSEREWLIEQDKLEASGKFETCFALTNGYIGIRGINEEVFCEETPGTYIAGVFDKSTAQVTELVNLPNPIGLRIYINR
EFLNPLKCEILEFKRVLDLKQGILYRKLRLKDVKGRITTIEGFRFVSMNNKNLIVQKYDVVCENYSAVLNVESFIDATTV
NSKDVPNDRVKHYEIDKKKDFADGIYLGITTKDKKYKVGIASSTKVLLNNQRCYFNRFTKDLGYIITENFEVEAKQGERY
EIEKLTVLVSSREKNVGDVFETCTNKLKEFETKSAEKLLFEHIEEYKRLWDVANIDIVGDEVANKSVKFNIFHLISMANP
EDEHVSLGAKGLHGEGYKGHVFWDTEIFMLPFYIYTNPAAAKAMLMYRYNLLDAARENARKNGYKGAQFPWESADTGEEE
TPKWGYDYLGNPVRIWTGDIEYHISADIAYAVMNYVRATDDIDFLLNYGSEIIIETARFWASICKYNKEKGRYEINDVIG
PDEFHEHCNNNAYTNYLAKWNLLKASELCNLLLEKYPKYFEKLSKKINLSDEEPFVWQEIASKIYIPYHPDKKLIEQFEG
YFNLKDFVIKEYDQNNMPVWPEGVELDKLNNYQLIKQADVVMLLYLLGEEFDDQTKKINYDYYEKRTMHKSSLSPSIYAL
MGVRVGETNRAYINFMRTALTDLEDNQGNTHLGIHAASLGGTWQALVFGFGGISIEKDDVLSVNPWLPEKWESLKFSIWW
KGNLLDFKITKDNVEVKKRVEKGNVKLKIKGQEAIIGSHHHHHH
;
_entity_poly.pdbx_strand_id   A,B,C,D
#
# COMPACT_ATOMS: atom_id res chain seq x y z
N MET A 1 -0.05 4.52 12.81
CA MET A 1 1.12 5.45 12.95
C MET A 1 1.08 6.23 14.25
N LYS A 2 2.22 6.31 14.88
CA LYS A 2 2.38 7.20 15.99
C LYS A 2 3.70 7.99 15.77
N LEU A 3 3.67 9.30 15.92
CA LEU A 3 4.87 10.11 15.72
C LEU A 3 6.00 9.79 16.69
N SER A 4 7.21 9.89 16.17
CA SER A 4 8.39 9.73 16.97
C SER A 4 8.51 10.82 17.95
N GLU A 5 9.45 10.69 18.88
CA GLU A 5 9.58 11.70 19.92
C GLU A 5 10.15 12.95 19.30
N ARG A 6 10.07 14.04 20.02
CA ARG A 6 10.34 15.33 19.46
C ARG A 6 11.74 15.54 18.95
N GLU A 7 12.74 14.89 19.56
CA GLU A 7 14.15 14.90 19.15
C GLU A 7 14.37 14.49 17.67
N TRP A 8 13.40 13.73 17.15
CA TRP A 8 13.46 13.22 15.80
C TRP A 8 12.54 13.97 14.84
N LEU A 9 11.90 15.04 15.33
CA LEU A 9 10.94 15.84 14.58
C LEU A 9 11.47 17.20 14.20
N ILE A 10 11.27 17.57 12.92
CA ILE A 10 11.54 18.88 12.41
C ILE A 10 10.19 19.53 12.11
N GLU A 11 9.97 20.69 12.72
CA GLU A 11 8.70 21.33 12.74
C GLU A 11 8.63 22.55 11.83
N GLN A 12 7.54 22.73 11.11
CA GLN A 12 7.27 23.99 10.46
C GLN A 12 6.32 24.75 11.43
N ASP A 13 6.51 26.05 11.62
CA ASP A 13 5.67 26.75 12.59
C ASP A 13 4.28 27.15 12.09
N LYS A 14 4.12 27.40 10.80
CA LYS A 14 2.97 28.13 10.31
C LYS A 14 2.49 27.54 9.00
N LEU A 15 1.19 27.46 8.79
CA LEU A 15 0.64 26.97 7.54
C LEU A 15 0.89 27.99 6.49
N GLU A 16 1.65 27.66 5.48
CA GLU A 16 1.88 28.55 4.40
C GLU A 16 2.67 27.87 3.33
N ALA A 17 2.76 28.55 2.19
CA ALA A 17 3.64 28.17 1.10
C ALA A 17 5.04 28.53 1.50
N SER A 18 5.99 27.62 1.30
CA SER A 18 7.36 27.84 1.70
C SER A 18 8.38 27.07 0.85
N GLY A 19 9.26 27.77 0.18
CA GLY A 19 10.28 27.15 -0.59
C GLY A 19 11.23 26.44 0.33
N LYS A 20 11.43 27.03 1.52
CA LYS A 20 12.41 26.50 2.43
C LYS A 20 11.98 25.12 2.85
N PHE A 21 10.74 25.03 3.25
CA PHE A 21 10.21 23.79 3.76
C PHE A 21 9.84 22.81 2.65
N GLU A 22 9.52 23.29 1.48
CA GLU A 22 9.44 22.37 0.29
C GLU A 22 10.71 21.58 0.13
N THR A 23 11.83 22.24 0.40
CA THR A 23 13.10 21.55 0.30
C THR A 23 13.35 20.67 1.51
N CYS A 24 13.19 21.24 2.69
CA CYS A 24 13.45 20.56 3.95
C CYS A 24 12.59 19.35 4.17
N PHE A 25 11.34 19.40 3.71
CA PHE A 25 10.43 18.26 3.81
C PHE A 25 10.27 17.47 2.48
N ALA A 26 11.19 17.67 1.53
CA ALA A 26 11.22 16.80 0.37
C ALA A 26 11.50 15.37 0.84
N LEU A 27 10.71 14.42 0.31
CA LEU A 27 10.87 13.05 0.59
C LEU A 27 11.35 12.31 -0.66
N THR A 28 12.28 11.42 -0.45
CA THR A 28 12.84 10.62 -1.49
C THR A 28 13.21 9.25 -0.97
N ASN A 29 13.27 8.32 -1.93
CA ASN A 29 13.82 6.97 -1.75
C ASN A 29 14.92 6.66 -2.70
N GLY A 30 15.42 7.70 -3.38
CA GLY A 30 16.68 7.59 -4.20
C GLY A 30 16.26 7.31 -5.67
N TYR A 31 14.96 7.08 -5.84
CA TYR A 31 14.37 6.85 -7.19
C TYR A 31 13.42 7.97 -7.47
N ILE A 32 12.40 8.08 -6.62
CA ILE A 32 11.48 9.12 -6.69
C ILE A 32 11.86 10.18 -5.71
N GLY A 33 11.65 11.44 -6.11
CA GLY A 33 11.66 12.50 -5.18
C GLY A 33 10.53 13.44 -5.25
N ILE A 34 10.08 13.92 -4.08
CA ILE A 34 8.94 14.73 -4.00
C ILE A 34 9.09 15.90 -3.09
N ARG A 35 8.92 17.10 -3.64
CA ARG A 35 9.07 18.32 -2.84
C ARG A 35 7.97 18.50 -1.81
N GLY A 36 8.33 19.14 -0.67
CA GLY A 36 7.43 19.22 0.53
C GLY A 36 6.26 20.21 0.46
N ILE A 37 5.56 20.22 -0.65
CA ILE A 37 4.38 21.02 -0.77
C ILE A 37 3.24 20.41 0.04
N ASN A 38 2.22 21.22 0.23
CA ASN A 38 1.05 20.88 0.95
C ASN A 38 0.17 20.16 -0.05
N GLU A 39 -0.62 19.26 0.49
CA GLU A 39 -1.53 18.37 -0.26
C GLU A 39 -2.41 19.10 -1.25
N GLU A 40 -2.86 20.24 -0.83
CA GLU A 40 -3.77 21.03 -1.63
C GLU A 40 -3.10 21.66 -2.84
N VAL A 41 -1.78 21.87 -2.80
CA VAL A 41 -1.07 22.58 -3.85
C VAL A 41 -1.58 24.00 -3.99
N PHE A 42 -1.16 24.85 -3.06
CA PHE A 42 -1.52 26.26 -3.05
C PHE A 42 -0.79 27.01 -4.16
N CYS A 43 -1.34 28.20 -4.49
CA CYS A 43 -0.88 28.96 -5.64
C CYS A 43 0.63 29.26 -5.66
N GLU A 44 1.20 29.67 -4.57
CA GLU A 44 2.65 29.98 -4.53
C GLU A 44 3.61 28.79 -4.36
N GLU A 45 3.08 27.58 -4.32
CA GLU A 45 3.96 26.41 -4.08
C GLU A 45 4.71 26.00 -5.36
N THR A 46 5.83 25.34 -5.18
CA THR A 46 6.69 24.85 -6.24
C THR A 46 6.81 23.35 -6.22
N PRO A 47 5.86 22.65 -6.86
CA PRO A 47 5.98 21.21 -6.89
C PRO A 47 7.31 20.76 -7.49
N GLY A 48 7.81 19.64 -7.01
CA GLY A 48 8.85 18.94 -7.67
C GLY A 48 8.62 17.46 -7.59
N THR A 49 8.67 16.82 -8.74
CA THR A 49 8.40 15.44 -8.84
C THR A 49 9.45 14.97 -9.80
N TYR A 50 10.36 14.15 -9.29
CA TYR A 50 11.47 13.69 -10.05
C TYR A 50 11.71 12.25 -9.93
N ILE A 51 12.27 11.74 -10.98
CA ILE A 51 12.77 10.39 -11.00
C ILE A 51 14.23 10.41 -11.34
N ALA A 52 15.03 9.78 -10.51
CA ALA A 52 16.46 9.78 -10.71
C ALA A 52 16.85 9.35 -12.09
N GLY A 53 17.77 10.07 -12.75
CA GLY A 53 18.18 9.65 -14.14
C GLY A 53 17.25 10.11 -15.29
N VAL A 54 16.12 10.69 -14.97
CA VAL A 54 15.22 11.24 -15.95
C VAL A 54 15.42 12.72 -16.24
N PHE A 55 16.14 12.92 -17.33
CA PHE A 55 16.74 14.19 -17.72
C PHE A 55 16.23 14.52 -19.13
N ASP A 56 16.05 15.79 -19.43
CA ASP A 56 15.64 16.23 -20.75
C ASP A 56 16.23 17.57 -21.02
N LYS A 57 16.54 17.81 -22.28
CA LYS A 57 16.99 19.13 -22.69
C LYS A 57 15.92 19.99 -23.42
N SER A 58 15.36 19.51 -24.50
CA SER A 58 14.38 20.26 -25.22
C SER A 58 14.95 21.61 -25.55
N THR A 59 14.26 22.69 -25.21
CA THR A 59 14.77 24.02 -25.59
C THR A 59 15.69 24.63 -24.55
N ALA A 60 16.07 23.91 -23.48
CA ALA A 60 16.81 24.54 -22.42
C ALA A 60 18.24 24.60 -22.84
N GLN A 61 19.05 25.33 -22.09
CA GLN A 61 20.48 25.47 -22.48
C GLN A 61 21.22 24.15 -22.34
N VAL A 62 20.94 23.40 -21.26
CA VAL A 62 21.54 22.12 -21.01
C VAL A 62 20.47 21.17 -20.48
N THR A 63 20.78 19.88 -20.44
CA THR A 63 19.83 18.90 -20.00
C THR A 63 19.53 19.14 -18.52
N GLU A 64 18.31 18.87 -18.13
CA GLU A 64 17.83 19.18 -16.77
C GLU A 64 16.98 18.00 -16.24
N LEU A 65 17.10 17.75 -14.93
CA LEU A 65 16.27 16.83 -14.25
C LEU A 65 14.84 17.31 -14.40
N VAL A 66 14.03 16.42 -14.91
CA VAL A 66 12.67 16.77 -15.29
C VAL A 66 11.75 16.90 -14.11
N ASN A 67 11.00 17.98 -14.06
CA ASN A 67 9.89 18.11 -13.17
C ASN A 67 8.66 17.51 -13.84
N LEU A 68 8.31 16.33 -13.41
CA LEU A 68 7.21 15.54 -13.94
C LEU A 68 5.91 16.05 -13.43
N PRO A 69 4.84 15.41 -13.88
CA PRO A 69 3.57 15.78 -13.35
C PRO A 69 3.53 15.54 -11.86
N ASN A 70 2.86 16.44 -11.14
CA ASN A 70 2.66 16.39 -9.70
C ASN A 70 1.48 15.49 -9.44
N PRO A 71 1.69 14.33 -8.79
CA PRO A 71 0.65 13.34 -8.58
C PRO A 71 0.04 13.35 -7.18
N ILE A 72 0.52 14.18 -6.25
CA ILE A 72 0.10 14.01 -4.80
C ILE A 72 -1.09 14.83 -4.37
N GLY A 73 -1.58 15.69 -5.25
CA GLY A 73 -2.62 16.59 -4.98
C GLY A 73 -3.88 15.94 -4.41
N LEU A 74 -4.41 16.58 -3.37
CA LEU A 74 -5.64 16.13 -2.71
C LEU A 74 -6.36 17.32 -2.08
N ARG A 75 -7.62 17.53 -2.47
CA ARG A 75 -8.42 18.62 -1.97
C ARG A 75 -9.75 18.08 -1.53
N ILE A 76 -10.32 18.78 -0.56
CA ILE A 76 -11.64 18.49 0.04
C ILE A 76 -12.61 19.58 -0.30
N TYR A 77 -13.86 19.20 -0.60
CA TYR A 77 -14.86 20.12 -0.87
C TYR A 77 -16.06 19.77 0.05
N ILE A 78 -16.75 20.79 0.56
CA ILE A 78 -17.96 20.63 1.40
C ILE A 78 -19.13 21.18 0.63
N ASN A 79 -20.13 20.37 0.34
CA ASN A 79 -21.14 20.77 -0.58
C ASN A 79 -20.60 21.50 -1.81
N ARG A 80 -19.59 20.98 -2.45
CA ARG A 80 -19.10 21.51 -3.74
C ARG A 80 -18.21 22.75 -3.69
N GLU A 81 -17.82 23.16 -2.50
CA GLU A 81 -16.96 24.31 -2.36
C GLU A 81 -15.72 23.84 -1.68
N PHE A 82 -14.61 24.29 -2.22
CA PHE A 82 -13.27 23.86 -1.81
C PHE A 82 -13.03 24.30 -0.34
N LEU A 83 -12.65 23.37 0.51
CA LEU A 83 -12.22 23.72 1.86
C LEU A 83 -10.78 24.19 1.77
N ASN A 84 -10.60 25.48 1.56
CA ASN A 84 -9.26 26.02 1.35
C ASN A 84 -8.64 26.42 2.69
N PRO A 85 -7.62 25.72 3.14
CA PRO A 85 -7.04 26.02 4.46
C PRO A 85 -6.55 27.45 4.57
N LEU A 86 -6.06 28.04 3.49
CA LEU A 86 -5.64 29.48 3.57
C LEU A 86 -6.81 30.45 3.73
N LYS A 87 -8.05 29.98 3.64
CA LYS A 87 -9.20 30.89 3.77
C LYS A 87 -9.98 30.65 5.07
N CYS A 88 -9.38 29.91 6.00
CA CYS A 88 -10.10 29.47 7.18
C CYS A 88 -9.39 30.02 8.40
N GLU A 89 -10.09 29.98 9.55
CA GLU A 89 -9.44 30.23 10.81
C GLU A 89 -8.80 28.93 11.20
N ILE A 90 -7.54 29.03 11.56
CA ILE A 90 -6.73 27.90 11.90
C ILE A 90 -6.73 27.74 13.39
N LEU A 91 -7.52 26.80 13.87
CA LEU A 91 -7.60 26.54 15.30
C LEU A 91 -6.46 25.67 15.79
N GLU A 92 -5.81 24.93 14.88
CA GLU A 92 -4.77 23.99 15.25
C GLU A 92 -3.96 23.65 13.99
N PHE A 93 -2.65 23.69 14.16
CA PHE A 93 -1.74 23.45 13.07
C PHE A 93 -0.54 22.70 13.60
N LYS A 94 -0.23 21.57 12.98
CA LYS A 94 1.05 20.93 13.27
C LYS A 94 1.58 20.27 12.04
N ARG A 95 2.87 20.51 11.74
CA ARG A 95 3.47 19.89 10.55
C ARG A 95 4.87 19.62 10.80
N VAL A 96 5.21 18.35 10.80
CA VAL A 96 6.54 17.91 11.08
C VAL A 96 6.98 16.86 10.09
N LEU A 97 8.29 16.90 9.82
CA LEU A 97 9.01 15.75 9.27
C LEU A 97 9.53 14.89 10.40
N ASP A 98 9.06 13.66 10.45
CA ASP A 98 9.57 12.58 11.33
C ASP A 98 10.78 11.87 10.68
N LEU A 99 11.97 12.19 11.24
CA LEU A 99 13.23 11.79 10.69
C LEU A 99 13.49 10.37 10.92
N LYS A 100 12.98 9.91 12.03
CA LYS A 100 13.07 8.51 12.32
C LYS A 100 12.18 7.60 11.49
N GLN A 101 10.92 7.95 11.26
CA GLN A 101 10.06 7.04 10.48
C GLN A 101 10.01 7.47 8.97
N GLY A 102 10.69 8.58 8.64
CA GLY A 102 10.62 9.25 7.29
C GLY A 102 9.22 9.35 6.74
N ILE A 103 8.36 10.08 7.43
CA ILE A 103 7.07 10.51 6.99
C ILE A 103 6.90 12.00 7.23
N LEU A 104 6.10 12.65 6.39
CA LEU A 104 5.71 14.01 6.53
C LEU A 104 4.27 14.11 6.99
N TYR A 105 4.09 14.74 8.13
CA TYR A 105 2.83 14.69 8.88
C TYR A 105 2.28 16.08 9.00
N ARG A 106 0.97 16.20 8.87
CA ARG A 106 0.29 17.47 9.05
C ARG A 106 -1.07 17.22 9.68
N LYS A 107 -1.47 18.15 10.56
CA LYS A 107 -2.75 18.15 11.18
C LYS A 107 -3.21 19.58 11.14
N LEU A 108 -4.47 19.74 10.75
CA LEU A 108 -5.17 21.02 10.75
C LEU A 108 -6.56 20.83 11.40
N ARG A 109 -6.96 21.83 12.15
CA ARG A 109 -8.31 21.99 12.60
C ARG A 109 -8.72 23.37 12.09
N LEU A 110 -9.71 23.41 11.21
CA LEU A 110 -10.04 24.58 10.43
C LEU A 110 -11.46 25.03 10.74
N LYS A 111 -11.66 26.35 10.83
CA LYS A 111 -12.97 26.89 10.99
C LYS A 111 -13.25 27.83 9.84
N ASP A 112 -14.29 27.50 9.08
CA ASP A 112 -14.50 28.22 7.85
C ASP A 112 -15.38 29.44 8.09
N VAL A 113 -15.54 30.26 7.06
CA VAL A 113 -16.35 31.48 7.16
C VAL A 113 -17.83 31.14 7.46
N LYS A 114 -18.24 29.89 7.27
CA LYS A 114 -19.62 29.49 7.65
C LYS A 114 -19.72 28.96 9.07
N GLY A 115 -18.62 29.01 9.82
CA GLY A 115 -18.57 28.47 11.20
C GLY A 115 -18.35 26.96 11.34
N ARG A 116 -18.18 26.25 10.22
CA ARG A 116 -18.00 24.81 10.30
C ARG A 116 -16.56 24.48 10.63
N ILE A 117 -16.37 23.53 11.56
CA ILE A 117 -15.04 23.10 12.01
C ILE A 117 -14.70 21.71 11.47
N THR A 118 -13.58 21.60 10.77
CA THR A 118 -13.16 20.35 10.17
C THR A 118 -11.79 20.03 10.60
N THR A 119 -11.55 18.77 10.88
CA THR A 119 -10.21 18.30 11.20
C THR A 119 -9.61 17.50 10.04
N ILE A 120 -8.39 17.79 9.63
CA ILE A 120 -7.74 16.99 8.56
C ILE A 120 -6.41 16.58 9.05
N GLU A 121 -6.19 15.29 9.20
CA GLU A 121 -5.00 14.81 9.86
C GLU A 121 -4.35 13.64 9.10
N GLY A 122 -3.05 13.72 8.79
CA GLY A 122 -2.42 12.56 8.18
C GLY A 122 -0.94 12.73 7.81
N PHE A 123 -0.47 11.87 6.88
CA PHE A 123 0.92 11.87 6.54
C PHE A 123 1.15 11.21 5.20
N ARG A 124 2.36 11.28 4.74
CA ARG A 124 2.78 10.68 3.46
C ARG A 124 4.19 10.27 3.51
N PHE A 125 4.55 9.28 2.70
CA PHE A 125 5.93 8.85 2.53
C PHE A 125 6.15 8.33 1.11
N VAL A 126 7.39 8.38 0.70
CA VAL A 126 7.85 7.86 -0.57
C VAL A 126 8.58 6.55 -0.17
N SER A 127 7.95 5.42 -0.45
CA SER A 127 8.35 4.10 0.12
C SER A 127 9.84 3.78 -0.08
N MET A 128 10.57 3.52 1.03
CA MET A 128 11.95 3.16 0.92
C MET A 128 12.17 1.79 0.34
N ASN A 129 11.23 0.85 0.52
CA ASN A 129 11.51 -0.46 0.01
C ASN A 129 10.75 -0.69 -1.24
N ASN A 130 9.52 -0.11 -1.39
CA ASN A 130 8.85 -0.19 -2.67
C ASN A 130 9.15 1.03 -3.52
N LYS A 131 10.18 1.00 -4.32
CA LYS A 131 10.74 2.28 -4.81
C LYS A 131 9.81 3.00 -5.77
N ASN A 132 8.77 2.31 -6.28
CA ASN A 132 7.82 2.98 -7.18
C ASN A 132 6.66 3.65 -6.44
N LEU A 133 6.57 3.55 -5.11
CA LEU A 133 5.29 3.83 -4.42
C LEU A 133 5.29 5.07 -3.54
N ILE A 134 4.25 5.91 -3.67
CA ILE A 134 4.03 7.07 -2.79
C ILE A 134 2.75 6.71 -2.03
N VAL A 135 2.82 6.81 -0.71
CA VAL A 135 1.63 6.54 0.10
C VAL A 135 1.15 7.80 0.82
N GLN A 136 -0.16 8.04 0.77
CA GLN A 136 -0.78 9.19 1.43
C GLN A 136 -1.98 8.72 2.23
N LYS A 137 -2.11 9.23 3.44
CA LYS A 137 -3.21 8.75 4.32
C LYS A 137 -3.64 9.88 5.27
N TYR A 138 -4.91 10.26 5.16
CA TYR A 138 -5.47 11.37 5.92
C TYR A 138 -6.81 10.96 6.49
N ASP A 139 -7.10 11.44 7.69
CA ASP A 139 -8.40 11.37 8.29
C ASP A 139 -9.05 12.77 8.24
N VAL A 140 -10.36 12.80 7.98
CA VAL A 140 -11.16 14.00 7.96
C VAL A 140 -12.34 13.76 8.93
N VAL A 141 -12.55 14.73 9.83
CA VAL A 141 -13.73 14.74 10.75
C VAL A 141 -14.41 16.10 10.64
N CYS A 142 -15.73 16.08 10.35
CA CYS A 142 -16.61 17.21 10.30
C CYS A 142 -17.10 17.31 11.74
N GLU A 143 -16.53 18.22 12.49
CA GLU A 143 -16.70 18.26 13.95
C GLU A 143 -18.03 18.77 14.42
N ASN A 144 -18.60 19.73 13.71
CA ASN A 144 -19.85 20.29 14.14
C ASN A 144 -20.82 20.46 12.99
N TYR A 145 -20.75 19.56 12.00
CA TYR A 145 -21.67 19.62 10.87
C TYR A 145 -21.71 18.30 10.14
N SER A 146 -22.70 18.18 9.29
CA SER A 146 -22.81 17.14 8.35
C SER A 146 -22.89 17.79 6.99
N ALA A 147 -22.30 17.13 5.99
CA ALA A 147 -22.44 17.57 4.60
C ALA A 147 -21.99 16.50 3.62
N VAL A 148 -22.12 16.82 2.33
CA VAL A 148 -21.54 16.00 1.29
C VAL A 148 -20.10 16.44 1.10
N LEU A 149 -19.14 15.55 1.37
CA LEU A 149 -17.76 15.82 1.12
C LEU A 149 -17.41 15.23 -0.27
N ASN A 150 -16.68 15.97 -1.07
CA ASN A 150 -15.98 15.47 -2.27
C ASN A 150 -14.49 15.40 -1.95
N VAL A 151 -13.87 14.23 -2.10
CA VAL A 151 -12.48 14.04 -1.96
C VAL A 151 -11.98 13.97 -3.41
N GLU A 152 -11.05 14.87 -3.75
CA GLU A 152 -10.52 15.02 -5.07
C GLU A 152 -9.10 14.71 -5.06
N SER A 153 -8.73 13.64 -5.81
CA SER A 153 -7.39 13.31 -6.13
C SER A 153 -7.06 13.75 -7.57
N PHE A 154 -5.91 14.38 -7.73
CA PHE A 154 -5.53 14.93 -9.01
C PHE A 154 -4.10 14.63 -9.40
N ILE A 155 -3.93 14.30 -10.70
CA ILE A 155 -2.59 14.28 -11.30
C ILE A 155 -2.45 15.51 -12.23
N ASP A 156 -1.47 16.37 -11.91
CA ASP A 156 -1.37 17.62 -12.54
C ASP A 156 -0.17 17.60 -13.44
N ALA A 157 -0.42 17.34 -14.74
CA ALA A 157 0.65 17.40 -15.71
C ALA A 157 0.78 18.78 -16.44
N THR A 158 0.46 19.87 -15.75
CA THR A 158 0.73 21.17 -16.26
C THR A 158 2.07 21.67 -15.71
N THR A 159 2.75 20.82 -14.95
CA THR A 159 4.04 21.25 -14.39
C THR A 159 5.13 21.53 -15.39
N VAL A 160 6.03 22.44 -15.06
CA VAL A 160 7.19 22.70 -15.94
C VAL A 160 8.45 22.88 -15.07
N ASN A 161 9.61 22.99 -15.69
CA ASN A 161 10.85 23.33 -14.98
C ASN A 161 11.01 24.80 -15.01
N SER A 162 11.83 25.33 -14.09
CA SER A 162 12.13 26.74 -14.01
C SER A 162 10.90 27.64 -14.07
N LYS A 163 9.87 27.26 -13.29
CA LYS A 163 8.57 27.89 -13.33
C LYS A 163 8.58 29.43 -13.13
N ASP A 164 9.47 29.94 -12.31
CA ASP A 164 9.36 31.35 -12.01
C ASP A 164 10.35 32.22 -12.75
N VAL A 165 11.04 31.66 -13.74
CA VAL A 165 11.98 32.39 -14.60
C VAL A 165 11.50 32.29 -16.06
N PRO A 166 10.93 33.37 -16.63
CA PRO A 166 10.33 33.28 -17.98
C PRO A 166 11.27 32.84 -19.09
N ASN A 167 12.53 33.30 -19.08
CA ASN A 167 13.50 32.91 -20.07
C ASN A 167 13.76 31.41 -20.10
N ASP A 168 13.70 30.80 -18.92
CA ASP A 168 14.19 29.48 -18.74
C ASP A 168 13.12 28.41 -18.60
N ARG A 169 11.91 28.84 -18.34
CA ARG A 169 10.79 27.97 -18.11
C ARG A 169 10.73 27.02 -19.30
N VAL A 170 10.67 25.69 -19.05
CA VAL A 170 10.61 24.63 -20.12
C VAL A 170 9.73 23.48 -19.63
N LYS A 171 8.68 23.13 -20.40
CA LYS A 171 7.98 21.91 -20.13
C LYS A 171 8.71 20.75 -20.80
N HIS A 172 9.21 19.81 -20.01
CA HIS A 172 10.05 18.80 -20.57
C HIS A 172 9.41 17.49 -20.92
N TYR A 173 8.10 17.46 -21.07
CA TYR A 173 7.37 16.23 -21.35
C TYR A 173 6.05 16.52 -22.10
N GLU A 174 5.64 15.52 -22.85
CA GLU A 174 4.33 15.50 -23.48
C GLU A 174 3.48 14.44 -22.78
N ILE A 175 2.19 14.69 -22.75
CA ILE A 175 1.24 13.74 -22.20
C ILE A 175 0.90 12.70 -23.25
N ASP A 176 1.26 11.44 -23.00
CA ASP A 176 0.97 10.39 -23.93
C ASP A 176 -0.46 9.92 -23.83
N LYS A 177 -0.93 9.73 -22.62
CA LYS A 177 -2.26 9.19 -22.43
C LYS A 177 -2.77 9.42 -21.03
N LYS A 178 -4.11 9.49 -20.93
CA LYS A 178 -4.83 9.56 -19.67
C LYS A 178 -5.87 8.51 -19.67
N LYS A 179 -6.14 7.88 -18.51
CA LYS A 179 -7.12 6.86 -18.43
C LYS A 179 -7.75 6.72 -17.06
N ASP A 180 -9.06 6.61 -17.04
CA ASP A 180 -9.81 6.16 -15.86
C ASP A 180 -9.85 4.65 -15.99
N PHE A 181 -9.10 3.90 -15.16
CA PHE A 181 -9.19 2.44 -15.23
C PHE A 181 -10.05 1.76 -14.10
N ALA A 182 -11.05 2.49 -13.63
CA ALA A 182 -12.06 2.09 -12.60
C ALA A 182 -11.49 1.98 -11.15
N ASP A 183 -10.34 1.38 -10.97
CA ASP A 183 -9.71 1.26 -9.65
C ASP A 183 -8.66 2.36 -9.46
N GLY A 184 -8.68 3.31 -10.37
CA GLY A 184 -7.71 4.41 -10.33
C GLY A 184 -7.71 5.22 -11.59
N ILE A 185 -6.72 6.11 -11.64
CA ILE A 185 -6.53 6.99 -12.75
C ILE A 185 -5.06 6.91 -13.13
N TYR A 186 -4.83 7.07 -14.43
CA TYR A 186 -3.54 6.88 -15.06
C TYR A 186 -3.20 8.05 -15.92
N LEU A 187 -1.97 8.54 -15.83
CA LEU A 187 -1.44 9.47 -16.83
C LEU A 187 0.03 9.08 -17.20
N GLY A 188 0.31 8.98 -18.50
CA GLY A 188 1.67 8.72 -18.98
C GLY A 188 2.23 9.82 -19.80
N ILE A 189 3.51 10.07 -19.58
CA ILE A 189 4.25 11.03 -20.29
C ILE A 189 5.48 10.42 -21.04
N THR A 190 5.89 11.12 -22.09
CA THR A 190 7.20 10.91 -22.64
C THR A 190 7.94 12.23 -22.65
N THR A 191 9.23 12.21 -22.31
CA THR A 191 10.00 13.44 -22.29
C THR A 191 10.16 13.99 -23.77
N LYS A 192 10.42 15.28 -23.90
CA LYS A 192 10.51 15.86 -25.26
C LYS A 192 11.66 15.33 -26.14
N ASP A 193 12.83 15.02 -25.60
CA ASP A 193 13.85 14.41 -26.45
C ASP A 193 13.55 12.92 -26.62
N LYS A 194 12.50 12.46 -25.96
CA LYS A 194 12.02 11.06 -26.13
C LYS A 194 12.89 10.02 -25.41
N LYS A 195 13.76 10.45 -24.51
CA LYS A 195 14.70 9.49 -23.90
C LYS A 195 14.08 8.74 -22.73
N TYR A 196 12.93 9.25 -22.17
CA TYR A 196 12.34 8.58 -21.01
C TYR A 196 10.81 8.59 -21.15
N LYS A 197 10.20 7.48 -20.80
CA LYS A 197 8.75 7.40 -20.65
C LYS A 197 8.43 7.09 -19.19
N VAL A 198 7.34 7.66 -18.71
CA VAL A 198 6.94 7.53 -17.32
C VAL A 198 5.41 7.33 -17.29
N GLY A 199 4.97 6.33 -16.54
CA GLY A 199 3.53 6.06 -16.26
C GLY A 199 3.29 6.37 -14.78
N ILE A 200 2.14 7.00 -14.50
CA ILE A 200 1.72 7.34 -13.15
C ILE A 200 0.34 6.70 -12.95
N ALA A 201 0.21 5.74 -12.03
CA ALA A 201 -1.12 5.15 -11.75
C ALA A 201 -1.41 5.49 -10.33
N SER A 202 -2.57 6.04 -10.05
CA SER A 202 -2.94 6.44 -8.65
C SER A 202 -4.34 5.91 -8.26
N SER A 203 -4.51 5.44 -7.00
CA SER A 203 -5.80 5.03 -6.51
C SER A 203 -6.12 5.60 -5.14
N THR A 204 -7.22 6.30 -5.07
CA THR A 204 -7.72 6.89 -3.83
C THR A 204 -9.00 6.11 -3.40
N LYS A 205 -9.20 5.98 -2.10
CA LYS A 205 -10.48 5.51 -1.58
C LYS A 205 -10.76 6.21 -0.26
N VAL A 206 -12.05 6.24 0.07
CA VAL A 206 -12.51 6.88 1.27
C VAL A 206 -13.31 5.81 2.01
N LEU A 207 -12.92 5.62 3.27
CA LEU A 207 -13.45 4.56 4.12
C LEU A 207 -14.00 5.15 5.41
N LEU A 208 -15.08 4.53 5.88
CA LEU A 208 -15.57 4.70 7.25
C LEU A 208 -15.60 3.26 7.86
N ASN A 209 -14.82 3.07 8.89
CA ASN A 209 -14.63 1.80 9.57
C ASN A 209 -14.18 0.74 8.56
N ASN A 210 -13.16 1.11 7.78
CA ASN A 210 -12.58 0.30 6.73
C ASN A 210 -13.51 -0.21 5.68
N GLN A 211 -14.61 0.46 5.46
CA GLN A 211 -15.50 0.06 4.44
C GLN A 211 -15.63 1.28 3.57
N ARG A 212 -15.48 1.08 2.26
CA ARG A 212 -15.78 2.12 1.27
C ARG A 212 -17.09 2.83 1.60
N CYS A 213 -17.07 4.16 1.77
CA CYS A 213 -18.26 4.91 2.25
C CYS A 213 -18.77 5.99 1.29
N TYR A 214 -18.33 5.94 0.06
CA TYR A 214 -18.71 7.01 -0.89
C TYR A 214 -19.90 6.56 -1.67
N PHE A 215 -20.87 7.43 -1.87
CA PHE A 215 -22.02 7.06 -2.74
C PHE A 215 -21.77 7.18 -4.26
N ASN A 216 -20.66 7.79 -4.66
CA ASN A 216 -20.38 8.05 -6.07
C ASN A 216 -18.86 8.26 -6.24
N ARG A 217 -18.29 7.62 -7.29
CA ARG A 217 -16.99 7.98 -7.82
C ARG A 217 -17.18 8.54 -9.21
N PHE A 218 -16.45 9.62 -9.52
CA PHE A 218 -16.37 10.14 -10.88
C PHE A 218 -14.95 10.68 -11.18
N THR A 219 -14.60 10.69 -12.48
CA THR A 219 -13.31 11.18 -12.90
C THR A 219 -13.54 12.28 -13.90
N LYS A 220 -12.52 13.11 -14.07
CA LYS A 220 -12.58 14.23 -14.96
C LYS A 220 -11.31 14.32 -15.76
N ASP A 221 -11.50 14.69 -16.99
CA ASP A 221 -10.42 14.94 -17.92
C ASP A 221 -10.48 16.43 -18.20
N LEU A 222 -9.54 17.18 -17.61
CA LEU A 222 -9.56 18.60 -17.72
C LEU A 222 -8.37 19.09 -18.53
N GLY A 223 -7.95 18.35 -19.53
CA GLY A 223 -6.82 18.82 -20.39
C GLY A 223 -5.61 18.07 -19.90
N TYR A 224 -4.64 18.75 -19.33
CA TYR A 224 -3.50 18.04 -18.84
C TYR A 224 -3.63 17.85 -17.32
N ILE A 225 -4.87 17.74 -16.81
CA ILE A 225 -5.09 17.38 -15.43
C ILE A 225 -6.17 16.32 -15.46
N ILE A 226 -5.96 15.26 -14.68
CA ILE A 226 -6.93 14.26 -14.47
C ILE A 226 -7.26 14.10 -12.98
N THR A 227 -8.53 13.83 -12.70
CA THR A 227 -8.98 13.81 -11.31
C THR A 227 -9.80 12.57 -11.05
N GLU A 228 -9.77 12.18 -9.80
CA GLU A 228 -10.53 11.05 -9.32
C GLU A 228 -11.26 11.64 -8.06
N ASN A 229 -12.56 11.47 -8.04
CA ASN A 229 -13.41 12.14 -7.07
C ASN A 229 -14.30 11.17 -6.34
N PHE A 230 -14.46 11.40 -5.03
CA PHE A 230 -15.31 10.54 -4.20
C PHE A 230 -16.30 11.41 -3.37
N GLU A 231 -17.58 11.17 -3.54
CA GLU A 231 -18.63 11.86 -2.79
C GLU A 231 -19.12 11.07 -1.58
N VAL A 232 -19.16 11.72 -0.42
CA VAL A 232 -19.41 11.06 0.85
C VAL A 232 -20.46 11.87 1.55
N GLU A 233 -21.54 11.20 1.98
CA GLU A 233 -22.53 11.86 2.80
C GLU A 233 -21.94 11.85 4.16
N ALA A 234 -21.25 12.92 4.56
CA ALA A 234 -20.46 12.78 5.80
C ALA A 234 -21.30 13.19 7.01
N LYS A 235 -21.22 12.42 8.10
CA LYS A 235 -21.94 12.71 9.33
C LYS A 235 -20.99 13.23 10.42
N GLN A 236 -21.50 14.21 11.13
CA GLN A 236 -20.78 14.86 12.22
C GLN A 236 -20.10 13.85 13.09
N GLY A 237 -18.81 14.06 13.36
CA GLY A 237 -18.05 13.18 14.26
C GLY A 237 -17.49 11.87 13.77
N GLU A 238 -17.96 11.43 12.63
CA GLU A 238 -17.43 10.24 12.04
C GLU A 238 -15.99 10.52 11.51
N ARG A 239 -15.12 9.51 11.53
CA ARG A 239 -13.77 9.65 11.03
C ARG A 239 -13.62 8.97 9.66
N TYR A 240 -13.52 9.79 8.62
CA TYR A 240 -13.41 9.31 7.27
C TYR A 240 -11.96 9.21 6.92
N GLU A 241 -11.58 8.04 6.41
CA GLU A 241 -10.19 7.79 6.12
C GLU A 241 -9.92 7.88 4.62
N ILE A 242 -9.00 8.75 4.21
CA ILE A 242 -8.64 8.84 2.78
C ILE A 242 -7.31 8.20 2.61
N GLU A 243 -7.20 7.23 1.71
CA GLU A 243 -5.95 6.63 1.40
C GLU A 243 -5.68 6.81 -0.11
N LYS A 244 -4.46 7.31 -0.43
CA LYS A 244 -4.02 7.50 -1.78
C LYS A 244 -2.70 6.84 -2.03
N LEU A 245 -2.70 5.88 -2.97
CA LEU A 245 -1.48 5.20 -3.39
C LEU A 245 -1.18 5.61 -4.81
N THR A 246 0.08 5.97 -5.01
CA THR A 246 0.54 6.39 -6.36
C THR A 246 1.78 5.54 -6.76
N VAL A 247 1.72 4.97 -7.96
CA VAL A 247 2.85 4.23 -8.58
C VAL A 247 3.38 5.04 -9.77
N LEU A 248 4.69 5.27 -9.75
CA LEU A 248 5.48 5.84 -10.82
C LEU A 248 6.50 4.80 -11.31
N VAL A 249 6.42 4.54 -12.59
CA VAL A 249 7.32 3.66 -13.28
C VAL A 249 8.03 4.45 -14.43
N SER A 250 9.32 4.27 -14.60
CA SER A 250 10.01 4.82 -15.80
C SER A 250 10.65 3.71 -16.61
N SER A 251 10.93 4.04 -17.86
CA SER A 251 11.58 3.17 -18.74
C SER A 251 13.01 2.99 -18.29
N ARG A 252 13.46 3.66 -17.24
CA ARG A 252 14.80 3.24 -16.73
C ARG A 252 14.78 1.82 -16.05
N GLU A 253 13.60 1.30 -15.71
CA GLU A 253 13.47 0.01 -15.03
C GLU A 253 13.51 -1.10 -16.06
N LYS A 254 13.84 -2.28 -15.62
CA LYS A 254 13.81 -3.41 -16.54
C LYS A 254 12.40 -3.95 -16.87
N ASN A 255 12.22 -4.30 -18.14
CA ASN A 255 11.02 -5.00 -18.60
C ASN A 255 9.70 -4.38 -18.34
N VAL A 256 9.65 -3.09 -18.58
CA VAL A 256 8.43 -2.40 -18.38
C VAL A 256 7.33 -2.89 -19.35
N GLY A 257 7.74 -3.34 -20.55
CA GLY A 257 6.73 -3.69 -21.55
C GLY A 257 5.78 -2.53 -21.78
N ASP A 258 4.48 -2.82 -21.82
CA ASP A 258 3.51 -1.79 -21.94
C ASP A 258 3.50 -1.04 -20.62
N VAL A 259 3.73 0.27 -20.63
CA VAL A 259 3.74 1.09 -19.38
C VAL A 259 2.40 1.10 -18.55
N PHE A 260 1.27 1.32 -19.22
CA PHE A 260 0.05 1.26 -18.54
C PHE A 260 -0.07 -0.06 -17.72
N GLU A 261 0.19 -1.19 -18.37
CA GLU A 261 0.01 -2.50 -17.75
C GLU A 261 0.92 -2.70 -16.53
N THR A 262 2.19 -2.33 -16.67
CA THR A 262 3.13 -2.42 -15.57
C THR A 262 2.69 -1.56 -14.40
N CYS A 263 2.25 -0.32 -14.67
CA CYS A 263 1.88 0.57 -13.59
C CYS A 263 0.69 0.11 -12.79
N THR A 264 -0.33 -0.26 -13.53
CA THR A 264 -1.60 -0.66 -12.90
C THR A 264 -1.48 -2.05 -12.22
N ASN A 265 -0.67 -2.96 -12.75
CA ASN A 265 -0.32 -4.22 -12.05
C ASN A 265 0.42 -4.00 -10.71
N LYS A 266 1.47 -3.18 -10.73
CA LYS A 266 2.15 -2.83 -9.50
C LYS A 266 1.22 -2.25 -8.45
N LEU A 267 0.41 -1.29 -8.81
CA LEU A 267 -0.54 -0.70 -7.89
C LEU A 267 -1.58 -1.72 -7.35
N LYS A 268 -2.08 -2.57 -8.22
CA LYS A 268 -2.89 -3.70 -7.79
C LYS A 268 -2.22 -4.60 -6.72
N GLU A 269 -0.94 -4.87 -6.79
CA GLU A 269 -0.28 -5.66 -5.77
C GLU A 269 -0.24 -4.81 -4.53
N PHE A 270 0.22 -3.57 -4.64
CA PHE A 270 0.34 -2.72 -3.46
C PHE A 270 -0.99 -2.60 -2.70
N GLU A 271 -2.07 -2.42 -3.43
CA GLU A 271 -3.40 -2.41 -2.90
C GLU A 271 -3.83 -3.63 -2.16
N THR A 272 -3.09 -4.74 -2.24
CA THR A 272 -3.35 -5.88 -1.32
C THR A 272 -2.74 -5.74 0.08
N LYS A 273 -1.99 -4.69 0.27
CA LYS A 273 -1.28 -4.46 1.51
C LYS A 273 -1.94 -3.30 2.17
N SER A 274 -2.17 -3.36 3.47
CA SER A 274 -2.70 -2.24 4.19
C SER A 274 -1.60 -1.16 4.25
N ALA A 275 -2.04 0.11 4.45
CA ALA A 275 -1.21 1.24 4.76
C ALA A 275 -0.34 0.96 5.97
N GLU A 276 -0.88 0.35 6.98
CA GLU A 276 0.02 0.00 8.06
C GLU A 276 1.07 -1.05 7.73
N LYS A 277 0.75 -2.11 6.99
CA LYS A 277 1.80 -2.93 6.48
C LYS A 277 2.82 -2.15 5.63
N LEU A 278 2.31 -1.30 4.73
CA LEU A 278 3.19 -0.50 3.87
C LEU A 278 4.05 0.43 4.68
N LEU A 279 3.48 1.05 5.70
CA LEU A 279 4.27 1.95 6.50
C LEU A 279 5.32 1.13 7.31
N PHE A 280 4.91 0.00 7.88
CA PHE A 280 5.91 -0.81 8.67
C PHE A 280 7.08 -1.24 7.81
N GLU A 281 6.85 -1.69 6.59
CA GLU A 281 8.01 -1.94 5.68
C GLU A 281 8.96 -0.79 5.52
N HIS A 282 8.35 0.39 5.44
CA HIS A 282 9.02 1.57 5.10
C HIS A 282 9.91 1.96 6.29
N ILE A 283 9.30 2.00 7.47
CA ILE A 283 10.02 2.22 8.71
C ILE A 283 11.09 1.21 8.94
N GLU A 284 10.85 -0.05 8.60
CA GLU A 284 11.95 -1.06 8.85
C GLU A 284 13.23 -0.72 8.05
N GLU A 285 13.04 -0.13 6.86
CA GLU A 285 14.19 0.21 6.01
C GLU A 285 14.94 1.33 6.67
N TYR A 286 14.21 2.34 7.17
CA TYR A 286 14.88 3.44 7.85
C TYR A 286 15.59 2.97 9.14
N LYS A 287 14.95 2.09 9.86
CA LYS A 287 15.56 1.45 10.99
C LYS A 287 16.96 0.82 10.69
N ARG A 288 17.04 0.07 9.59
CA ARG A 288 18.27 -0.56 9.16
C ARG A 288 19.33 0.49 8.87
N LEU A 289 18.91 1.56 8.17
CA LEU A 289 19.78 2.68 7.89
C LEU A 289 20.30 3.42 9.12
N TRP A 290 19.36 3.85 9.96
CA TRP A 290 19.70 4.53 11.21
C TRP A 290 20.53 3.69 12.20
N ASP A 291 20.27 2.38 12.26
CA ASP A 291 21.07 1.51 13.11
C ASP A 291 22.60 1.75 12.94
N VAL A 292 23.04 2.15 11.75
CA VAL A 292 24.47 2.37 11.47
C VAL A 292 24.74 3.84 11.46
N ALA A 293 23.84 4.60 10.84
CA ALA A 293 24.18 6.00 10.52
C ALA A 293 23.81 7.00 11.63
N ASN A 294 22.91 6.65 12.54
CA ASN A 294 22.58 7.62 13.62
C ASN A 294 23.83 8.15 14.36
N ILE A 295 23.91 9.45 14.58
CA ILE A 295 24.99 9.99 15.45
C ILE A 295 24.39 10.63 16.76
N ASP A 296 24.86 10.15 17.93
CA ASP A 296 24.33 10.62 19.23
C ASP A 296 25.31 11.62 19.80
N ILE A 297 24.87 12.87 19.80
CA ILE A 297 25.58 14.00 20.44
C ILE A 297 24.84 14.34 21.72
N VAL A 298 25.53 14.35 22.87
CA VAL A 298 24.95 14.80 24.17
C VAL A 298 25.56 16.14 24.58
N GLY A 299 24.72 17.04 25.09
CA GLY A 299 25.18 18.33 25.52
C GLY A 299 24.83 19.43 24.58
N ASP A 300 24.14 19.11 23.48
CA ASP A 300 23.86 20.14 22.48
C ASP A 300 22.70 19.68 21.54
N GLU A 301 21.48 20.09 21.84
CA GLU A 301 20.29 19.61 21.20
C GLU A 301 20.17 20.17 19.82
N VAL A 302 20.69 21.37 19.60
CA VAL A 302 20.54 22.00 18.30
C VAL A 302 21.37 21.25 17.28
N ALA A 303 22.61 20.93 17.69
CA ALA A 303 23.54 20.14 16.90
C ALA A 303 23.07 18.67 16.78
N ASN A 304 22.47 18.08 17.83
CA ASN A 304 22.05 16.69 17.69
C ASN A 304 20.92 16.50 16.71
N LYS A 305 19.99 17.45 16.75
CA LYS A 305 18.83 17.46 15.87
C LYS A 305 19.17 17.87 14.39
N SER A 306 19.94 18.92 14.19
CA SER A 306 20.27 19.31 12.84
C SER A 306 21.13 18.20 12.18
N VAL A 307 22.00 17.55 12.96
CA VAL A 307 22.71 16.38 12.51
C VAL A 307 21.76 15.20 12.05
N LYS A 308 20.75 14.87 12.80
CA LYS A 308 19.75 13.90 12.36
C LYS A 308 19.23 14.38 11.03
N PHE A 309 18.81 15.62 10.90
CA PHE A 309 18.36 16.15 9.58
C PHE A 309 19.31 15.94 8.42
N ASN A 310 20.61 16.30 8.59
CA ASN A 310 21.62 16.08 7.58
C ASN A 310 21.74 14.62 7.20
N ILE A 311 21.77 13.68 8.18
CA ILE A 311 21.92 12.26 7.89
C ILE A 311 20.57 11.70 7.31
N PHE A 312 19.44 12.17 7.80
CA PHE A 312 18.17 11.76 7.24
C PHE A 312 18.19 11.93 5.71
N HIS A 313 18.52 13.14 5.26
CA HIS A 313 18.49 13.37 3.82
C HIS A 313 19.52 12.51 3.06
N LEU A 314 20.71 12.30 3.64
CA LEU A 314 21.63 11.40 3.00
C LEU A 314 21.09 9.95 2.91
N ILE A 315 20.60 9.40 4.00
CA ILE A 315 20.18 8.06 3.95
C ILE A 315 18.96 7.94 2.95
N SER A 316 18.21 9.00 2.75
CA SER A 316 16.99 8.87 1.95
C SER A 316 17.28 8.81 0.44
N MET A 317 18.38 9.42 0.03
CA MET A 317 18.56 9.79 -1.38
C MET A 317 19.39 8.81 -2.19
N ALA A 318 20.04 7.81 -1.56
CA ALA A 318 20.90 6.86 -2.31
C ALA A 318 20.11 5.58 -2.56
N ASN A 319 20.09 5.12 -3.81
CA ASN A 319 19.55 3.81 -4.13
C ASN A 319 20.68 2.91 -4.65
N PRO A 320 21.23 2.06 -3.75
CA PRO A 320 22.31 1.20 -4.14
C PRO A 320 21.94 0.18 -5.21
N GLU A 321 20.68 0.01 -5.56
CA GLU A 321 20.32 -0.90 -6.61
C GLU A 321 20.53 -0.26 -8.02
N ASP A 322 20.75 1.05 -8.09
CA ASP A 322 20.80 1.77 -9.36
C ASP A 322 22.25 2.24 -9.67
N GLU A 323 22.92 1.54 -10.60
CA GLU A 323 24.33 1.81 -11.00
C GLU A 323 24.47 2.78 -12.16
N HIS A 324 23.36 3.37 -12.58
CA HIS A 324 23.34 4.38 -13.66
C HIS A 324 22.93 5.80 -13.31
N VAL A 325 22.84 6.14 -12.01
CA VAL A 325 22.59 7.49 -11.52
C VAL A 325 23.54 7.73 -10.34
N SER A 326 23.76 8.97 -10.05
CA SER A 326 24.42 9.31 -8.83
C SER A 326 23.69 10.53 -8.28
N LEU A 327 24.22 11.06 -7.20
CA LEU A 327 23.57 12.12 -6.47
C LEU A 327 23.86 13.49 -7.07
N GLY A 328 22.80 14.15 -7.48
CA GLY A 328 22.91 15.56 -7.91
C GLY A 328 23.22 16.51 -6.75
N ALA A 329 23.64 17.74 -7.08
CA ALA A 329 24.12 18.67 -6.07
C ALA A 329 23.03 19.06 -5.13
N LYS A 330 21.76 18.85 -5.51
CA LYS A 330 20.66 19.20 -4.64
C LYS A 330 19.79 17.99 -4.43
N GLY A 331 20.42 16.82 -4.36
CA GLY A 331 19.68 15.54 -4.14
C GLY A 331 18.61 15.32 -5.19
N LEU A 332 17.43 14.91 -4.77
CA LEU A 332 16.24 14.93 -5.65
C LEU A 332 15.28 15.81 -4.96
N HIS A 333 15.74 16.98 -4.51
CA HIS A 333 14.94 17.82 -3.62
C HIS A 333 14.54 19.17 -4.22
N GLY A 334 14.96 19.43 -5.44
CA GLY A 334 14.75 20.67 -6.10
C GLY A 334 15.55 20.75 -7.38
N GLU A 335 15.27 21.80 -8.16
CA GLU A 335 15.79 22.00 -9.51
C GLU A 335 17.14 22.77 -9.52
N GLY A 336 17.57 23.25 -8.37
CA GLY A 336 18.90 23.90 -8.29
C GLY A 336 19.98 23.10 -8.93
N TYR A 337 20.65 23.69 -9.91
CA TYR A 337 21.78 23.01 -10.67
C TYR A 337 21.27 21.84 -11.56
N LYS A 338 19.95 21.76 -11.75
CA LYS A 338 19.36 20.91 -12.78
C LYS A 338 19.63 19.44 -12.65
N GLY A 339 19.88 18.98 -11.41
CA GLY A 339 20.13 17.58 -11.16
C GLY A 339 21.49 17.12 -11.50
N HIS A 340 22.37 18.04 -11.87
CA HIS A 340 23.70 17.62 -12.26
C HIS A 340 24.50 17.16 -11.07
N VAL A 341 25.35 16.16 -11.38
CA VAL A 341 26.30 15.50 -10.49
C VAL A 341 27.65 16.19 -10.69
N PHE A 342 28.24 16.60 -9.58
CA PHE A 342 29.53 17.33 -9.48
C PHE A 342 30.47 16.59 -8.50
N TRP A 343 31.69 17.08 -8.37
CA TRP A 343 32.60 16.62 -7.31
C TRP A 343 31.99 16.56 -5.87
N ASP A 344 30.96 17.35 -5.64
CA ASP A 344 30.14 17.27 -4.41
C ASP A 344 29.84 15.83 -3.95
N THR A 345 29.53 15.01 -4.93
CA THR A 345 29.20 13.65 -4.69
C THR A 345 30.45 12.86 -4.33
N GLU A 346 31.40 12.74 -5.23
CA GLU A 346 32.56 11.87 -4.94
C GLU A 346 33.30 12.29 -3.64
N ILE A 347 33.42 13.61 -3.40
CA ILE A 347 34.36 14.13 -2.35
C ILE A 347 33.64 14.43 -1.04
N PHE A 348 32.46 15.07 -1.14
CA PHE A 348 31.67 15.46 0.02
C PHE A 348 30.72 14.41 0.55
N MET A 349 29.96 13.88 -0.37
CA MET A 349 28.89 12.99 0.03
C MET A 349 29.36 11.56 0.12
N LEU A 350 30.22 11.15 -0.81
CA LEU A 350 30.52 9.77 -0.92
C LEU A 350 31.13 9.17 0.30
N PRO A 351 31.97 9.95 1.03
CA PRO A 351 32.51 9.28 2.24
C PRO A 351 31.46 8.78 3.26
N PHE A 352 30.41 9.54 3.41
CA PHE A 352 29.28 9.14 4.30
C PHE A 352 28.82 7.73 3.95
N TYR A 353 28.63 7.52 2.63
CA TYR A 353 28.17 6.20 2.14
C TYR A 353 29.24 5.10 2.24
N ILE A 354 30.48 5.45 1.93
CA ILE A 354 31.54 4.52 1.97
C ILE A 354 31.60 3.88 3.37
N TYR A 355 31.40 4.69 4.40
CA TYR A 355 31.52 4.27 5.82
C TYR A 355 30.24 3.85 6.47
N THR A 356 29.10 4.20 5.89
CA THR A 356 27.80 3.78 6.51
C THR A 356 26.97 2.80 5.72
N ASN A 357 27.25 2.69 4.42
CA ASN A 357 26.55 1.76 3.56
C ASN A 357 27.33 1.66 2.28
N PRO A 358 28.57 1.06 2.34
CA PRO A 358 29.43 1.04 1.16
C PRO A 358 28.70 0.64 -0.17
N ALA A 359 27.64 -0.17 -0.11
CA ALA A 359 27.01 -0.63 -1.36
C ALA A 359 26.48 0.57 -2.15
N ALA A 360 26.03 1.59 -1.46
CA ALA A 360 25.60 2.84 -2.05
C ALA A 360 26.78 3.60 -2.65
N ALA A 361 27.91 3.63 -1.95
CA ALA A 361 29.11 4.24 -2.56
C ALA A 361 29.50 3.57 -3.88
N LYS A 362 29.47 2.26 -3.85
CA LYS A 362 29.90 1.53 -5.01
C LYS A 362 28.99 1.77 -6.25
N ALA A 363 27.68 1.86 -6.01
CA ALA A 363 26.76 2.16 -7.12
C ALA A 363 27.04 3.56 -7.69
N MET A 364 27.34 4.50 -6.81
CA MET A 364 27.65 5.85 -7.24
C MET A 364 28.92 5.89 -8.10
N LEU A 365 29.89 5.07 -7.76
CA LEU A 365 31.12 4.99 -8.50
C LEU A 365 30.89 4.20 -9.79
N MET A 366 30.03 3.19 -9.79
CA MET A 366 29.69 2.51 -11.07
C MET A 366 29.05 3.46 -12.11
N TYR A 367 28.34 4.48 -11.64
CA TYR A 367 27.75 5.51 -12.49
C TYR A 367 28.83 6.12 -13.31
N ARG A 368 29.93 6.48 -12.61
CA ARG A 368 31.11 6.96 -13.30
C ARG A 368 31.69 5.90 -14.25
N TYR A 369 31.82 4.68 -13.78
CA TYR A 369 32.43 3.72 -14.61
C TYR A 369 31.64 3.61 -15.95
N ASN A 370 30.32 3.56 -15.81
CA ASN A 370 29.46 3.37 -16.98
C ASN A 370 29.46 4.58 -17.90
N LEU A 371 30.15 5.66 -17.50
CA LEU A 371 30.19 6.91 -18.26
C LEU A 371 31.60 7.24 -18.77
N LEU A 372 32.49 6.28 -18.61
CA LEU A 372 33.87 6.38 -19.10
C LEU A 372 33.94 6.62 -20.60
N ASP A 373 33.12 5.96 -21.42
CA ASP A 373 33.20 6.24 -22.86
C ASP A 373 32.93 7.69 -23.12
N ALA A 374 31.88 8.22 -22.50
CA ALA A 374 31.62 9.67 -22.63
C ALA A 374 32.80 10.54 -22.11
N ALA A 375 33.41 10.17 -20.99
CA ALA A 375 34.57 10.92 -20.51
C ALA A 375 35.72 10.79 -21.55
N ARG A 376 35.89 9.66 -22.24
CA ARG A 376 36.95 9.57 -23.25
C ARG A 376 36.70 10.48 -24.44
N GLU A 377 35.45 10.51 -24.88
CA GLU A 377 35.04 11.41 -25.94
C GLU A 377 35.17 12.89 -25.55
N ASN A 378 34.89 13.21 -24.28
CA ASN A 378 34.99 14.56 -23.82
C ASN A 378 36.48 14.98 -23.93
N ALA A 379 37.38 14.12 -23.47
CA ALA A 379 38.83 14.36 -23.59
C ALA A 379 39.21 14.57 -25.04
N ARG A 380 38.86 13.59 -25.85
CA ARG A 380 39.21 13.56 -27.25
C ARG A 380 38.87 14.88 -27.85
N LYS A 381 37.62 15.25 -27.79
CA LYS A 381 37.21 16.43 -28.48
C LYS A 381 37.78 17.73 -27.91
N ASN A 382 38.32 17.70 -26.69
CA ASN A 382 39.04 18.87 -26.16
C ASN A 382 40.53 18.85 -26.45
N GLY A 383 40.96 17.89 -27.27
CA GLY A 383 42.33 17.77 -27.69
C GLY A 383 43.16 17.07 -26.63
N TYR A 384 42.54 16.37 -25.69
CA TYR A 384 43.24 15.68 -24.59
C TYR A 384 43.13 14.16 -24.72
N LYS A 385 43.77 13.46 -23.80
CA LYS A 385 43.74 11.99 -23.84
C LYS A 385 43.01 11.43 -22.62
N GLY A 386 42.85 10.12 -22.59
CA GLY A 386 42.31 9.41 -21.45
C GLY A 386 40.87 9.78 -21.18
N ALA A 387 40.53 9.93 -19.91
CA ALA A 387 39.12 10.20 -19.55
C ALA A 387 39.07 11.50 -18.89
N GLN A 388 38.39 12.49 -19.52
CA GLN A 388 38.21 13.79 -18.91
C GLN A 388 36.76 13.84 -18.47
N PHE A 389 36.52 13.57 -17.17
CA PHE A 389 35.15 13.60 -16.66
C PHE A 389 34.66 15.02 -16.70
N PRO A 390 33.37 15.21 -17.05
CA PRO A 390 32.80 16.55 -17.10
C PRO A 390 32.66 17.18 -15.70
N TRP A 391 32.63 18.50 -15.67
CA TRP A 391 32.41 19.20 -14.42
C TRP A 391 30.98 18.93 -13.87
N GLU A 392 30.01 18.86 -14.77
CA GLU A 392 28.63 18.55 -14.45
C GLU A 392 28.15 17.43 -15.35
N SER A 393 27.71 16.33 -14.73
CA SER A 393 27.26 15.15 -15.43
C SER A 393 25.77 14.89 -15.15
N ALA A 394 25.12 14.30 -16.11
CA ALA A 394 23.71 13.98 -16.01
C ALA A 394 23.48 12.49 -16.40
N ASP A 395 22.78 12.18 -17.51
CA ASP A 395 22.57 10.79 -17.89
C ASP A 395 23.60 10.21 -18.86
N THR A 396 24.01 10.97 -19.84
CA THR A 396 24.86 10.42 -20.88
C THR A 396 26.34 10.54 -20.53
N GLY A 397 26.70 11.42 -19.60
CA GLY A 397 28.11 11.56 -19.24
C GLY A 397 28.86 12.58 -20.09
N GLU A 398 28.19 13.21 -20.99
CA GLU A 398 28.73 14.42 -21.66
C GLU A 398 28.75 15.61 -20.73
N GLU A 399 29.53 16.64 -21.08
CA GLU A 399 29.61 17.85 -20.29
C GLU A 399 28.29 18.67 -20.35
N GLU A 400 27.66 18.91 -19.20
CA GLU A 400 26.37 19.61 -19.12
C GLU A 400 26.41 20.91 -18.38
N THR A 401 27.63 21.41 -18.13
CA THR A 401 27.80 22.72 -17.52
C THR A 401 27.31 23.77 -18.50
N PRO A 402 26.40 24.66 -18.08
CA PRO A 402 25.97 25.79 -18.94
C PRO A 402 27.16 26.70 -19.29
N LYS A 403 27.19 27.26 -20.50
CA LYS A 403 28.33 28.17 -20.86
C LYS A 403 28.00 29.61 -20.47
N TRP A 404 26.69 29.90 -20.28
CA TRP A 404 26.23 31.26 -19.99
C TRP A 404 25.38 31.29 -18.73
N GLY A 405 25.54 32.32 -17.93
CA GLY A 405 24.66 32.56 -16.77
C GLY A 405 24.61 34.04 -16.38
N TYR A 406 24.43 34.32 -15.09
CA TYR A 406 24.31 35.67 -14.59
C TYR A 406 25.18 35.77 -13.40
N ASP A 407 25.93 36.87 -13.31
CA ASP A 407 26.90 37.06 -12.23
C ASP A 407 26.24 37.57 -10.96
N TYR A 408 27.05 37.79 -9.92
CA TYR A 408 26.61 38.42 -8.66
C TYR A 408 25.92 39.78 -8.82
N LEU A 409 25.93 40.35 -10.01
CA LEU A 409 25.24 41.63 -10.20
C LEU A 409 24.04 41.52 -11.14
N GLY A 410 23.69 40.33 -11.61
CA GLY A 410 22.51 40.17 -12.45
C GLY A 410 22.75 40.23 -13.95
N ASN A 411 24.00 40.44 -14.34
CA ASN A 411 24.39 40.55 -15.75
C ASN A 411 24.85 39.22 -16.39
N PRO A 412 24.64 39.09 -17.72
CA PRO A 412 25.07 37.93 -18.47
C PRO A 412 26.59 37.71 -18.36
N VAL A 413 27.01 36.46 -18.12
CA VAL A 413 28.42 36.10 -17.97
C VAL A 413 28.73 34.78 -18.64
N ARG A 414 29.97 34.67 -19.10
CA ARG A 414 30.55 33.43 -19.47
C ARG A 414 30.83 32.64 -18.19
N ILE A 415 30.44 31.38 -18.20
CA ILE A 415 30.75 30.43 -17.09
C ILE A 415 31.86 29.53 -17.64
N TRP A 416 32.95 29.49 -16.92
CA TRP A 416 34.15 28.82 -17.43
C TRP A 416 34.43 27.49 -16.71
N THR A 417 33.59 27.13 -15.75
CA THR A 417 33.83 25.86 -15.02
C THR A 417 33.82 24.62 -15.91
N GLY A 418 32.94 24.55 -16.91
CA GLY A 418 32.95 23.34 -17.75
C GLY A 418 34.24 23.18 -18.57
N ASP A 419 34.79 24.32 -18.94
CA ASP A 419 35.97 24.41 -19.82
C ASP A 419 37.24 24.07 -19.05
N ILE A 420 37.41 24.69 -17.87
CA ILE A 420 38.72 24.66 -17.22
C ILE A 420 38.73 24.35 -15.71
N GLU A 421 37.61 23.90 -15.12
CA GLU A 421 37.68 23.34 -13.76
C GLU A 421 37.94 21.84 -13.83
N TYR A 422 39.21 21.51 -14.00
CA TYR A 422 39.61 20.19 -14.44
C TYR A 422 39.66 19.16 -13.31
N HIS A 423 39.69 19.65 -12.06
CA HIS A 423 40.08 18.79 -10.97
C HIS A 423 39.10 17.64 -10.72
N ILE A 424 37.86 17.79 -11.16
CA ILE A 424 36.86 16.71 -11.07
C ILE A 424 37.50 15.35 -11.45
N SER A 425 38.29 15.25 -12.54
CA SER A 425 38.72 13.92 -12.93
C SER A 425 39.68 13.29 -11.92
N ALA A 426 40.59 14.04 -11.32
CA ALA A 426 41.36 13.54 -10.17
C ALA A 426 40.45 13.23 -8.94
N ASP A 427 39.44 14.08 -8.72
CA ASP A 427 38.52 13.87 -7.57
C ASP A 427 37.84 12.51 -7.66
N ILE A 428 37.54 12.11 -8.88
CA ILE A 428 36.89 10.83 -9.08
C ILE A 428 37.82 9.72 -8.77
N ALA A 429 39.08 9.81 -9.26
CA ALA A 429 40.14 8.80 -9.00
C ALA A 429 40.48 8.70 -7.52
N TYR A 430 40.46 9.84 -6.85
CA TYR A 430 40.58 9.88 -5.37
C TYR A 430 39.46 9.10 -4.65
N ALA A 431 38.22 9.36 -5.07
CA ALA A 431 37.02 8.68 -4.53
C ALA A 431 37.11 7.18 -4.70
N VAL A 432 37.54 6.75 -5.90
CA VAL A 432 37.74 5.34 -6.14
C VAL A 432 38.66 4.69 -5.11
N MET A 433 39.91 5.17 -4.96
CA MET A 433 40.84 4.69 -3.93
C MET A 433 40.27 4.76 -2.50
N ASN A 434 39.64 5.88 -2.19
CA ASN A 434 38.99 6.10 -0.90
C ASN A 434 38.01 4.96 -0.64
N TYR A 435 37.17 4.68 -1.63
CA TYR A 435 36.19 3.61 -1.44
C TYR A 435 36.92 2.28 -1.28
N VAL A 436 37.93 2.03 -2.10
CA VAL A 436 38.57 0.71 -2.12
C VAL A 436 39.36 0.45 -0.87
N ARG A 437 40.02 1.49 -0.39
CA ARG A 437 40.78 1.31 0.79
C ARG A 437 39.88 1.01 2.00
N ALA A 438 38.69 1.64 2.09
CA ALA A 438 37.83 1.37 3.23
C ALA A 438 37.22 0.00 3.24
N THR A 439 36.88 -0.51 2.08
CA THR A 439 36.22 -1.78 1.98
C THR A 439 37.10 -2.97 1.59
N ASP A 440 38.34 -2.80 1.18
CA ASP A 440 39.10 -3.90 0.55
C ASP A 440 38.30 -4.63 -0.55
N ASP A 441 37.48 -3.86 -1.30
CA ASP A 441 36.72 -4.43 -2.43
C ASP A 441 37.66 -4.57 -3.64
N ILE A 442 38.46 -5.64 -3.60
CA ILE A 442 39.45 -5.90 -4.62
C ILE A 442 38.81 -6.13 -5.98
N ASP A 443 37.65 -6.78 -6.00
CA ASP A 443 36.98 -7.13 -7.22
C ASP A 443 36.56 -5.88 -7.99
N PHE A 444 35.99 -4.92 -7.27
CA PHE A 444 35.66 -3.64 -7.83
C PHE A 444 36.92 -3.03 -8.35
N LEU A 445 37.99 -3.09 -7.56
CA LEU A 445 39.24 -2.47 -8.00
C LEU A 445 39.77 -3.10 -9.30
N LEU A 446 39.76 -4.43 -9.39
CA LEU A 446 40.28 -5.09 -10.60
C LEU A 446 39.40 -4.87 -11.85
N ASN A 447 38.08 -4.88 -11.67
CA ASN A 447 37.16 -4.91 -12.80
C ASN A 447 36.72 -3.49 -13.23
N TYR A 448 36.76 -2.55 -12.29
CA TYR A 448 36.18 -1.26 -12.58
C TYR A 448 37.06 -0.11 -12.20
N GLY A 449 37.50 -0.08 -10.96
CA GLY A 449 38.14 1.07 -10.40
C GLY A 449 39.44 1.43 -11.04
N SER A 450 40.28 0.43 -11.31
CA SER A 450 41.62 0.67 -11.89
C SER A 450 41.51 1.28 -13.26
N GLU A 451 40.48 0.91 -14.03
CA GLU A 451 40.32 1.50 -15.36
C GLU A 451 40.05 3.00 -15.25
N ILE A 452 39.18 3.39 -14.30
CA ILE A 452 38.94 4.80 -14.02
C ILE A 452 40.22 5.57 -13.66
N ILE A 453 40.97 5.06 -12.71
CA ILE A 453 42.14 5.74 -12.23
C ILE A 453 43.23 5.90 -13.30
N ILE A 454 43.46 4.86 -14.05
CA ILE A 454 44.43 4.89 -15.17
C ILE A 454 43.96 5.82 -16.30
N GLU A 455 42.68 5.85 -16.65
CA GLU A 455 42.26 6.75 -17.73
C GLU A 455 42.28 8.21 -17.30
N THR A 456 42.05 8.51 -16.00
CA THR A 456 42.17 9.90 -15.54
C THR A 456 43.66 10.27 -15.43
N ALA A 457 44.52 9.35 -15.02
CA ALA A 457 46.00 9.61 -15.13
C ALA A 457 46.37 9.94 -16.57
N ARG A 458 45.83 9.21 -17.55
CA ARG A 458 46.13 9.52 -18.95
C ARG A 458 45.74 10.92 -19.34
N PHE A 459 44.60 11.37 -18.80
CA PHE A 459 44.19 12.74 -19.02
C PHE A 459 45.18 13.75 -18.45
N TRP A 460 45.49 13.60 -17.18
CA TRP A 460 46.45 14.44 -16.50
C TRP A 460 47.82 14.45 -17.19
N ALA A 461 48.26 13.32 -17.71
CA ALA A 461 49.51 13.28 -18.50
C ALA A 461 49.35 14.14 -19.73
N SER A 462 48.17 14.11 -20.34
CA SER A 462 48.01 14.79 -21.59
C SER A 462 47.75 16.30 -21.43
N ILE A 463 47.38 16.79 -20.23
CA ILE A 463 47.17 18.22 -20.05
C ILE A 463 48.37 18.96 -19.45
N CYS A 464 49.19 18.23 -18.71
CA CYS A 464 50.44 18.80 -18.22
C CYS A 464 51.35 19.37 -19.36
N LYS A 465 51.91 20.56 -19.15
CA LYS A 465 52.74 21.22 -20.14
C LYS A 465 54.14 21.42 -19.56
N TYR A 466 55.17 21.02 -20.31
CA TYR A 466 56.58 21.20 -19.86
C TYR A 466 57.09 22.60 -20.12
N ASN A 467 57.45 23.25 -19.04
CA ASN A 467 58.12 24.53 -19.10
C ASN A 467 59.64 24.17 -19.18
N LYS A 468 60.22 24.37 -20.36
CA LYS A 468 61.64 24.04 -20.64
C LYS A 468 62.57 25.01 -19.93
N GLU A 469 62.14 26.26 -19.82
CA GLU A 469 62.90 27.29 -19.14
C GLU A 469 63.02 26.95 -17.66
N LYS A 470 61.90 26.99 -16.93
CA LYS A 470 61.95 26.75 -15.47
C LYS A 470 62.02 25.28 -15.04
N GLY A 471 62.04 24.35 -15.98
CA GLY A 471 62.29 22.96 -15.68
C GLY A 471 61.17 22.15 -15.02
N ARG A 472 59.91 22.41 -15.35
CA ARG A 472 58.83 21.72 -14.67
C ARG A 472 57.55 21.55 -15.48
N TYR A 473 56.68 20.65 -15.03
CA TYR A 473 55.35 20.54 -15.64
C TYR A 473 54.34 21.45 -14.99
N GLU A 474 53.51 22.04 -15.83
CA GLU A 474 52.52 23.01 -15.39
C GLU A 474 51.14 22.69 -15.94
N ILE A 475 50.11 23.14 -15.22
CA ILE A 475 48.72 23.04 -15.68
C ILE A 475 48.14 24.43 -15.57
N ASN A 476 47.99 25.08 -16.71
CA ASN A 476 47.76 26.49 -16.77
C ASN A 476 46.40 26.73 -17.29
N ASP A 477 45.82 27.86 -16.89
CA ASP A 477 44.49 28.27 -17.33
C ASP A 477 43.44 27.26 -16.80
N VAL A 478 43.29 27.26 -15.49
CA VAL A 478 42.39 26.36 -14.81
C VAL A 478 41.45 27.15 -13.84
N ILE A 479 40.47 26.47 -13.26
CA ILE A 479 39.75 27.00 -12.12
C ILE A 479 39.93 25.90 -11.08
N GLY A 480 40.35 26.26 -9.88
CA GLY A 480 40.48 25.31 -8.81
C GLY A 480 39.21 25.42 -7.95
N PRO A 481 39.15 24.70 -6.83
CA PRO A 481 38.02 24.67 -5.92
C PRO A 481 37.53 26.04 -5.55
N ASP A 482 38.42 27.01 -5.43
CA ASP A 482 37.95 28.36 -5.24
C ASP A 482 37.62 28.98 -6.58
N GLU A 483 36.33 29.04 -6.89
CA GLU A 483 35.88 29.46 -8.21
C GLU A 483 35.88 30.99 -8.36
N PHE A 484 36.08 31.76 -7.29
CA PHE A 484 36.31 33.20 -7.46
C PHE A 484 37.44 33.51 -8.46
N HIS A 485 38.41 32.60 -8.56
CA HIS A 485 39.58 32.80 -9.46
C HIS A 485 39.60 31.96 -10.72
N GLU A 486 39.43 32.64 -11.85
CA GLU A 486 39.36 32.03 -13.15
C GLU A 486 40.64 32.25 -13.98
N HIS A 487 40.93 31.29 -14.86
CA HIS A 487 42.11 31.24 -15.70
C HIS A 487 43.41 31.38 -14.90
N CYS A 488 43.52 30.60 -13.84
CA CYS A 488 44.71 30.48 -12.97
C CYS A 488 45.72 29.54 -13.55
N ASN A 489 46.98 29.75 -13.15
CA ASN A 489 48.05 28.85 -13.53
C ASN A 489 48.54 28.15 -12.31
N ASN A 490 48.67 26.85 -12.44
CA ASN A 490 49.18 26.07 -11.34
C ASN A 490 48.48 26.33 -9.98
N ASN A 491 47.16 26.13 -9.99
CA ASN A 491 46.39 25.93 -8.77
C ASN A 491 47.00 24.77 -8.01
N ALA A 492 47.46 25.00 -6.77
CA ALA A 492 48.10 23.90 -6.03
C ALA A 492 47.20 22.70 -5.88
N TYR A 493 45.90 22.93 -5.59
CA TYR A 493 45.01 21.78 -5.35
C TYR A 493 45.03 20.88 -6.57
N THR A 494 44.78 21.46 -7.73
CA THR A 494 44.75 20.74 -9.00
C THR A 494 46.11 20.06 -9.33
N ASN A 495 47.21 20.78 -9.15
CA ASN A 495 48.50 20.15 -9.40
C ASN A 495 48.83 19.01 -8.47
N TYR A 496 48.56 19.17 -7.19
CA TYR A 496 48.85 18.04 -6.31
C TYR A 496 47.99 16.84 -6.64
N LEU A 497 46.71 17.09 -6.92
CA LEU A 497 45.77 15.98 -7.12
C LEU A 497 46.13 15.25 -8.40
N ALA A 498 46.58 15.99 -9.40
CA ALA A 498 47.04 15.36 -10.65
C ALA A 498 48.29 14.52 -10.41
N LYS A 499 49.24 15.08 -9.67
CA LYS A 499 50.40 14.36 -9.19
C LYS A 499 50.01 13.10 -8.42
N TRP A 500 49.07 13.23 -7.50
CA TRP A 500 48.56 12.05 -6.79
C TRP A 500 47.99 11.06 -7.81
N ASN A 501 47.21 11.53 -8.78
CA ASN A 501 46.52 10.58 -9.69
C ASN A 501 47.50 9.80 -10.60
N LEU A 502 48.48 10.51 -11.13
CA LEU A 502 49.59 9.90 -11.91
C LEU A 502 50.35 8.85 -11.12
N LEU A 503 50.76 9.19 -9.92
CA LEU A 503 51.49 8.25 -9.12
C LEU A 503 50.66 7.07 -8.68
N LYS A 504 49.42 7.32 -8.25
CA LYS A 504 48.51 6.20 -7.88
C LYS A 504 48.37 5.23 -9.00
N ALA A 505 48.11 5.75 -10.20
CA ALA A 505 48.01 4.96 -11.42
C ALA A 505 49.24 4.07 -11.75
N SER A 506 50.48 4.60 -11.61
CA SER A 506 51.71 3.78 -11.80
C SER A 506 51.72 2.69 -10.79
N GLU A 507 51.44 3.07 -9.56
CA GLU A 507 51.46 2.15 -8.49
C GLU A 507 50.50 0.99 -8.73
N LEU A 508 49.33 1.32 -9.23
CA LEU A 508 48.31 0.30 -9.44
C LEU A 508 48.71 -0.65 -10.54
N CYS A 509 49.20 -0.10 -11.64
CA CYS A 509 49.74 -0.91 -12.74
C CYS A 509 50.82 -1.87 -12.24
N ASN A 510 51.73 -1.41 -11.39
CA ASN A 510 52.72 -2.31 -10.80
C ASN A 510 52.09 -3.44 -9.97
N LEU A 511 51.13 -3.09 -9.12
CA LEU A 511 50.42 -4.07 -8.32
C LEU A 511 49.64 -5.06 -9.22
N LEU A 512 49.03 -4.56 -10.26
CA LEU A 512 48.15 -5.38 -11.06
C LEU A 512 48.97 -6.43 -11.86
N LEU A 513 50.00 -5.96 -12.53
CA LEU A 513 50.95 -6.80 -13.24
C LEU A 513 51.44 -7.93 -12.37
N GLU A 514 51.81 -7.61 -11.14
CA GLU A 514 52.45 -8.61 -10.25
C GLU A 514 51.56 -9.52 -9.45
N LYS A 515 50.51 -8.97 -8.87
CA LYS A 515 49.60 -9.75 -8.06
C LYS A 515 48.40 -10.28 -8.85
N TYR A 516 47.98 -9.58 -9.90
CA TYR A 516 46.83 -10.04 -10.67
C TYR A 516 47.09 -9.93 -12.17
N PRO A 517 48.22 -10.47 -12.65
CA PRO A 517 48.57 -10.25 -14.05
C PRO A 517 47.48 -10.63 -15.08
N LYS A 518 46.54 -11.52 -14.78
CA LYS A 518 45.53 -11.82 -15.78
C LYS A 518 44.63 -10.59 -15.95
N TYR A 519 44.27 -10.00 -14.81
CA TYR A 519 43.49 -8.77 -14.81
C TYR A 519 44.25 -7.65 -15.47
N PHE A 520 45.54 -7.48 -15.14
CA PHE A 520 46.35 -6.47 -15.81
C PHE A 520 46.38 -6.65 -17.32
N GLU A 521 46.34 -7.90 -17.77
CA GLU A 521 46.32 -8.21 -19.21
C GLU A 521 45.01 -7.79 -19.85
N LYS A 522 43.93 -8.25 -19.25
CA LYS A 522 42.56 -7.91 -19.73
C LYS A 522 42.35 -6.37 -19.80
N LEU A 523 42.66 -5.64 -18.71
CA LEU A 523 42.54 -4.20 -18.76
C LEU A 523 43.50 -3.59 -19.78
N SER A 524 44.75 -4.03 -19.80
CA SER A 524 45.73 -3.42 -20.73
C SER A 524 45.32 -3.51 -22.21
N LYS A 525 44.66 -4.61 -22.56
CA LYS A 525 44.17 -4.85 -23.90
C LYS A 525 42.95 -3.99 -24.18
N LYS A 526 42.06 -3.95 -23.19
CA LYS A 526 40.84 -3.16 -23.29
C LYS A 526 41.17 -1.71 -23.60
N ILE A 527 42.16 -1.17 -22.92
CA ILE A 527 42.40 0.25 -23.03
C ILE A 527 43.69 0.60 -23.79
N ASN A 528 44.32 -0.43 -24.40
CA ASN A 528 45.59 -0.28 -25.15
C ASN A 528 46.71 0.36 -24.32
N LEU A 529 46.88 -0.16 -23.10
CA LEU A 529 47.87 0.40 -22.17
C LEU A 529 49.22 -0.19 -22.59
N SER A 530 50.13 0.66 -23.02
CA SER A 530 51.50 0.20 -23.33
C SER A 530 52.41 0.25 -22.09
N ASP A 531 53.52 -0.49 -22.17
CA ASP A 531 54.47 -0.69 -21.06
C ASP A 531 55.10 0.59 -20.55
N GLU A 532 55.24 1.56 -21.45
CA GLU A 532 55.94 2.81 -21.19
C GLU A 532 55.16 3.86 -20.40
N GLU A 533 53.85 3.86 -20.54
CA GLU A 533 53.00 4.87 -19.93
C GLU A 533 53.23 5.11 -18.42
N PRO A 534 53.32 4.04 -17.63
CA PRO A 534 53.50 4.30 -16.19
C PRO A 534 54.79 5.05 -15.86
N PHE A 535 55.84 4.81 -16.65
CA PHE A 535 57.09 5.56 -16.48
C PHE A 535 56.93 7.01 -16.87
N VAL A 536 56.14 7.24 -17.92
CA VAL A 536 55.81 8.61 -18.31
C VAL A 536 55.06 9.33 -17.15
N TRP A 537 54.08 8.67 -16.56
CA TRP A 537 53.34 9.27 -15.45
C TRP A 537 54.29 9.63 -14.28
N GLN A 538 55.12 8.68 -13.88
CA GLN A 538 56.04 8.88 -12.76
C GLN A 538 56.91 10.06 -13.02
N GLU A 539 57.30 10.20 -14.27
CA GLU A 539 58.22 11.27 -14.71
C GLU A 539 57.55 12.63 -14.73
N ILE A 540 56.30 12.67 -15.23
CA ILE A 540 55.55 13.90 -15.22
C ILE A 540 55.28 14.28 -13.76
N ALA A 541 54.82 13.33 -12.96
CA ALA A 541 54.51 13.62 -11.53
C ALA A 541 55.71 14.13 -10.71
N SER A 542 56.91 13.63 -11.01
CA SER A 542 58.08 14.08 -10.29
C SER A 542 58.40 15.54 -10.59
N LYS A 543 57.93 16.05 -11.71
CA LYS A 543 58.30 17.39 -12.13
C LYS A 543 57.15 18.39 -12.11
N ILE A 544 55.97 17.98 -11.64
CA ILE A 544 54.86 18.92 -11.53
C ILE A 544 55.18 19.97 -10.47
N TYR A 545 54.81 21.19 -10.78
CA TYR A 545 55.15 22.32 -9.93
C TYR A 545 54.13 22.47 -8.79
N ILE A 546 54.61 22.57 -7.56
CA ILE A 546 53.73 22.87 -6.40
C ILE A 546 54.13 24.22 -5.81
N PRO A 547 53.31 25.27 -5.95
CA PRO A 547 53.72 26.55 -5.39
C PRO A 547 54.01 26.58 -3.87
N TYR A 548 55.07 25.91 -3.39
CA TYR A 548 55.54 26.14 -2.02
C TYR A 548 56.14 27.53 -2.02
N HIS A 549 55.97 28.25 -0.91
CA HIS A 549 56.65 29.54 -0.69
C HIS A 549 57.47 29.44 0.59
N PRO A 550 58.46 28.52 0.61
CA PRO A 550 59.16 28.29 1.86
C PRO A 550 60.12 29.41 2.32
N ASP A 551 60.64 29.24 3.53
CA ASP A 551 60.03 28.27 4.42
C ASP A 551 59.17 29.03 5.38
N LYS A 552 58.45 30.00 4.80
CA LYS A 552 57.11 30.36 5.28
C LYS A 552 56.19 29.12 5.41
N LYS A 553 56.45 28.08 4.61
CA LYS A 553 55.64 26.84 4.56
C LYS A 553 54.25 27.10 4.00
N LEU A 554 54.14 28.17 3.25
CA LEU A 554 52.88 28.69 2.81
C LEU A 554 52.68 28.25 1.36
N ILE A 555 51.63 27.46 1.15
CA ILE A 555 51.26 26.99 -0.16
C ILE A 555 50.43 28.10 -0.76
N GLU A 556 50.89 28.64 -1.86
CA GLU A 556 50.14 29.66 -2.58
C GLU A 556 49.01 29.03 -3.44
N GLN A 557 47.80 29.55 -3.35
CA GLN A 557 46.63 28.84 -3.95
C GLN A 557 46.83 28.55 -5.42
N PHE A 558 47.27 29.59 -6.14
CA PHE A 558 47.78 29.49 -7.50
C PHE A 558 48.90 30.55 -7.73
N GLU A 559 49.65 30.45 -8.85
CA GLU A 559 50.77 31.38 -9.04
C GLU A 559 50.29 32.80 -9.33
N GLY A 560 50.70 33.74 -8.46
CA GLY A 560 50.27 35.13 -8.55
C GLY A 560 49.26 35.54 -7.48
N TYR A 561 48.53 34.56 -6.96
CA TYR A 561 47.58 34.79 -5.88
C TYR A 561 48.11 35.72 -4.75
N PHE A 562 49.37 35.53 -4.33
CA PHE A 562 49.88 36.31 -3.17
C PHE A 562 50.03 37.78 -3.51
N ASN A 563 50.12 38.10 -4.80
CA ASN A 563 50.17 39.48 -5.22
C ASN A 563 48.85 40.22 -5.27
N LEU A 564 47.73 39.50 -5.14
CA LEU A 564 46.43 40.14 -5.27
C LEU A 564 46.15 40.90 -3.98
N LYS A 565 45.25 41.87 -4.08
CA LYS A 565 44.90 42.70 -2.93
C LYS A 565 44.26 41.92 -1.79
N ASP A 566 44.79 42.12 -0.59
CA ASP A 566 44.27 41.51 0.63
C ASP A 566 43.08 42.28 1.20
N PHE A 567 42.10 41.56 1.75
CA PHE A 567 41.00 42.21 2.49
C PHE A 567 40.79 41.51 3.84
N VAL A 568 40.44 42.29 4.86
CA VAL A 568 40.09 41.69 6.16
C VAL A 568 38.60 41.30 6.13
N ILE A 569 38.30 40.02 6.39
CA ILE A 569 36.90 39.63 6.66
C ILE A 569 36.61 40.08 8.06
N LYS A 570 35.68 41.04 8.21
CA LYS A 570 35.38 41.66 9.51
C LYS A 570 33.94 41.42 10.03
N GLU A 571 32.99 41.25 9.12
CA GLU A 571 31.59 41.26 9.47
C GLU A 571 30.86 39.98 9.08
N TYR A 572 29.73 39.78 9.75
CA TYR A 572 28.93 38.59 9.61
C TYR A 572 27.46 38.96 9.74
N ASP A 573 26.61 38.10 9.19
CA ASP A 573 25.18 38.33 9.20
C ASP A 573 24.60 37.60 10.38
N GLN A 574 23.27 37.56 10.53
CA GLN A 574 22.72 36.93 11.74
C GLN A 574 22.70 35.40 11.73
N ASN A 575 23.04 34.79 10.60
CA ASN A 575 23.34 33.36 10.60
C ASN A 575 24.86 33.12 10.68
N ASN A 576 25.60 34.17 11.02
CA ASN A 576 27.04 34.04 11.24
C ASN A 576 27.79 33.72 9.97
N MET A 577 27.30 34.18 8.82
CA MET A 577 28.04 34.00 7.58
C MET A 577 28.76 35.28 7.30
N PRO A 578 30.01 35.19 6.85
CA PRO A 578 30.76 36.35 6.34
C PRO A 578 29.98 37.21 5.37
N VAL A 579 30.04 38.52 5.61
CA VAL A 579 29.55 39.55 4.69
C VAL A 579 30.76 40.13 3.93
N TRP A 580 30.59 40.56 2.68
CA TRP A 580 31.70 41.11 1.92
C TRP A 580 32.32 42.34 2.64
N PRO A 581 33.66 42.37 2.77
CA PRO A 581 34.36 43.60 3.18
C PRO A 581 33.96 44.79 2.35
N GLU A 582 34.01 45.99 2.93
CA GLU A 582 33.85 47.20 2.12
C GLU A 582 35.06 47.41 1.20
N GLY A 583 34.75 47.90 0.00
CA GLY A 583 35.77 48.14 -1.00
C GLY A 583 35.95 46.99 -1.97
N VAL A 584 35.20 45.90 -1.76
CA VAL A 584 35.19 44.74 -2.66
C VAL A 584 34.13 45.03 -3.72
N GLU A 585 34.45 44.88 -5.00
CA GLU A 585 33.43 44.83 -6.06
C GLU A 585 33.20 43.40 -6.50
N LEU A 586 31.93 43.00 -6.58
CA LEU A 586 31.56 41.61 -6.86
C LEU A 586 31.79 41.16 -8.30
N ASP A 587 32.20 42.08 -9.18
CA ASP A 587 32.59 41.68 -10.53
C ASP A 587 34.12 41.64 -10.70
N LYS A 588 34.88 41.82 -9.62
CA LYS A 588 36.36 41.92 -9.66
C LYS A 588 37.02 40.96 -8.65
N LEU A 589 36.38 39.81 -8.44
CA LEU A 589 36.84 38.89 -7.40
C LEU A 589 38.21 38.26 -7.72
N ASN A 590 38.56 38.23 -8.99
CA ASN A 590 39.89 37.79 -9.45
C ASN A 590 41.09 38.60 -8.96
N ASN A 591 40.84 39.85 -8.58
CA ASN A 591 41.92 40.75 -8.14
C ASN A 591 42.15 40.75 -6.65
N TYR A 592 41.38 39.93 -5.91
CA TYR A 592 41.50 39.92 -4.45
C TYR A 592 41.88 38.54 -3.90
N GLN A 593 42.39 38.51 -2.69
CA GLN A 593 42.78 37.29 -1.98
C GLN A 593 41.62 36.58 -1.25
N LEU A 594 40.43 37.17 -1.31
CA LEU A 594 39.22 36.54 -0.76
C LEU A 594 38.94 35.26 -1.54
N ILE A 595 38.67 34.18 -0.83
CA ILE A 595 38.34 32.91 -1.51
C ILE A 595 36.90 32.37 -1.15
N LYS A 596 36.35 31.58 -2.07
CA LYS A 596 34.94 31.16 -2.00
C LYS A 596 34.78 30.07 -0.98
N GLN A 597 35.75 29.18 -0.97
CA GLN A 597 35.72 27.95 -0.22
C GLN A 597 37.14 27.45 -0.09
N ALA A 598 37.27 26.32 0.63
CA ALA A 598 38.56 25.61 0.79
C ALA A 598 39.16 25.15 -0.55
N ASP A 599 40.45 25.42 -0.73
CA ASP A 599 41.15 25.13 -1.96
C ASP A 599 42.45 24.59 -1.42
N VAL A 600 43.39 25.44 -0.99
CA VAL A 600 44.59 24.86 -0.39
C VAL A 600 44.22 24.05 0.83
N VAL A 601 43.36 24.61 1.68
CA VAL A 601 42.86 23.86 2.82
C VAL A 601 42.07 22.62 2.41
N MET A 602 41.49 22.63 1.21
CA MET A 602 40.88 21.40 0.70
C MET A 602 41.99 20.33 0.43
N LEU A 603 43.05 20.75 -0.19
CA LEU A 603 44.20 19.87 -0.43
C LEU A 603 44.82 19.29 0.87
N LEU A 604 44.96 20.11 1.90
CA LEU A 604 45.47 19.63 3.20
C LEU A 604 44.53 18.62 3.89
N TYR A 605 43.23 18.69 3.60
CA TYR A 605 42.31 17.65 4.14
C TYR A 605 42.54 16.40 3.33
N LEU A 606 42.34 16.48 2.01
CA LEU A 606 42.36 15.23 1.17
C LEU A 606 43.71 14.48 1.14
N LEU A 607 44.79 15.23 0.98
CA LEU A 607 46.11 14.60 1.02
C LEU A 607 46.85 14.99 2.31
N GLY A 608 46.17 14.84 3.44
CA GLY A 608 46.72 15.23 4.74
C GLY A 608 47.96 14.47 5.17
N GLU A 609 48.04 13.20 4.76
CA GLU A 609 49.13 12.32 5.21
C GLU A 609 50.35 12.57 4.37
N GLU A 610 50.65 13.83 4.12
CA GLU A 610 51.70 14.24 3.23
C GLU A 610 52.20 15.65 3.49
N PHE A 611 51.73 16.26 4.58
CA PHE A 611 52.12 17.64 4.99
C PHE A 611 52.22 17.64 6.51
N ASP A 612 53.07 18.47 7.10
CA ASP A 612 53.25 18.37 8.57
C ASP A 612 52.33 19.33 9.32
N ASP A 613 52.27 19.17 10.63
CA ASP A 613 51.30 19.89 11.45
C ASP A 613 51.55 21.36 11.45
N GLN A 614 52.82 21.73 11.35
CA GLN A 614 53.20 23.12 11.28
C GLN A 614 52.74 23.73 9.95
N THR A 615 53.01 23.02 8.86
CA THR A 615 52.55 23.40 7.53
C THR A 615 51.00 23.62 7.48
N LYS A 616 50.26 22.69 8.07
CA LYS A 616 48.79 22.74 8.07
C LYS A 616 48.27 23.96 8.78
N LYS A 617 48.76 24.16 10.01
CA LYS A 617 48.40 25.30 10.83
C LYS A 617 48.55 26.57 10.03
N ILE A 618 49.76 26.76 9.49
CA ILE A 618 50.11 28.01 8.82
C ILE A 618 49.10 28.28 7.71
N ASN A 619 48.90 27.30 6.85
CA ASN A 619 48.04 27.47 5.72
C ASN A 619 46.58 27.60 6.12
N TYR A 620 46.17 26.87 7.16
CA TYR A 620 44.79 26.97 7.66
C TYR A 620 44.57 28.36 8.16
N ASP A 621 45.52 28.85 8.98
CA ASP A 621 45.44 30.20 9.53
C ASP A 621 45.38 31.24 8.43
N TYR A 622 46.27 31.17 7.45
CA TYR A 622 46.27 32.18 6.37
C TYR A 622 44.94 32.18 5.59
N TYR A 623 44.45 31.00 5.20
CA TYR A 623 43.35 30.93 4.24
C TYR A 623 41.92 31.09 4.85
N GLU A 624 41.74 30.68 6.08
CA GLU A 624 40.43 30.76 6.75
C GLU A 624 39.99 32.23 6.91
N LYS A 625 40.96 33.09 7.21
CA LYS A 625 40.73 34.52 7.37
C LYS A 625 40.27 35.14 6.10
N ARG A 626 40.61 34.49 4.99
CA ARG A 626 40.27 34.99 3.68
C ARG A 626 39.04 34.30 3.10
N THR A 627 38.46 33.35 3.82
CA THR A 627 37.38 32.56 3.22
C THR A 627 36.01 33.13 3.46
N MET A 628 35.38 33.55 2.36
CA MET A 628 34.01 34.12 2.36
C MET A 628 32.87 33.11 2.66
N HIS A 629 33.16 31.81 2.55
CA HIS A 629 32.16 30.72 2.69
C HIS A 629 30.98 31.03 1.82
N LYS A 630 31.24 31.35 0.56
CA LYS A 630 30.18 31.60 -0.41
C LYS A 630 29.77 30.35 -1.20
N SER A 631 30.12 29.21 -0.66
CA SER A 631 29.57 27.94 -1.12
C SER A 631 29.28 27.20 0.14
N SER A 632 28.19 26.48 0.10
CA SER A 632 27.85 25.64 1.17
C SER A 632 28.83 24.48 1.39
N LEU A 633 29.77 24.19 0.47
CA LEU A 633 30.85 23.17 0.68
C LEU A 633 31.91 23.71 1.62
N SER A 634 31.90 25.04 1.88
CA SER A 634 33.09 25.64 2.59
C SER A 634 33.21 25.31 4.12
N PRO A 635 32.13 25.53 4.88
CA PRO A 635 32.25 25.50 6.34
C PRO A 635 32.69 24.16 6.89
N SER A 636 32.22 23.06 6.29
CA SER A 636 32.57 21.78 6.88
C SER A 636 34.06 21.48 6.79
N ILE A 637 34.72 21.90 5.71
CA ILE A 637 36.11 21.57 5.51
C ILE A 637 36.99 22.38 6.49
N TYR A 638 36.60 23.62 6.78
CA TYR A 638 37.28 24.43 7.79
C TYR A 638 37.02 23.95 9.20
N ALA A 639 35.83 23.42 9.49
CA ALA A 639 35.61 22.81 10.81
C ALA A 639 36.51 21.66 11.03
N LEU A 640 36.56 20.79 10.02
CA LEU A 640 37.33 19.60 10.06
C LEU A 640 38.85 19.89 10.25
N MET A 641 39.40 20.72 9.38
CA MET A 641 40.83 21.06 9.45
C MET A 641 41.15 21.91 10.67
N GLY A 642 40.21 22.80 11.02
CA GLY A 642 40.30 23.60 12.22
C GLY A 642 40.58 22.65 13.33
N VAL A 643 39.70 21.68 13.55
CA VAL A 643 39.99 20.76 14.65
C VAL A 643 41.37 20.09 14.51
N ARG A 644 41.66 19.58 13.30
CA ARG A 644 42.99 19.00 13.00
C ARG A 644 44.18 19.91 13.28
N VAL A 645 44.03 21.22 13.25
CA VAL A 645 45.13 22.09 13.67
C VAL A 645 44.94 22.69 15.07
N GLY A 646 44.07 22.12 15.89
CA GLY A 646 43.82 22.67 17.22
C GLY A 646 43.26 24.08 17.29
N GLU A 647 42.93 24.65 16.14
CA GLU A 647 42.27 25.94 16.11
C GLU A 647 40.81 25.54 16.23
N THR A 648 40.24 25.72 17.42
CA THR A 648 39.08 24.97 17.87
C THR A 648 37.75 25.68 18.18
N ASN A 649 37.75 26.97 18.50
CA ASN A 649 36.47 27.72 18.62
C ASN A 649 35.88 27.94 17.26
N ARG A 650 36.75 28.29 16.33
CA ARG A 650 36.29 28.51 14.97
C ARG A 650 35.76 27.20 14.33
N ALA A 651 36.10 26.06 14.94
CA ALA A 651 35.70 24.74 14.44
C ALA A 651 34.25 24.46 14.71
N TYR A 652 33.83 24.73 15.94
CA TYR A 652 32.47 24.58 16.33
C TYR A 652 31.63 25.53 15.53
N ILE A 653 32.18 26.72 15.31
CA ILE A 653 31.52 27.79 14.55
C ILE A 653 31.28 27.36 13.08
N ASN A 654 32.29 26.82 12.44
CA ASN A 654 32.13 26.35 11.10
C ASN A 654 31.24 25.12 11.08
N PHE A 655 31.29 24.30 12.11
CA PHE A 655 30.50 23.13 12.14
C PHE A 655 28.98 23.47 12.14
N MET A 656 28.58 24.48 12.91
CA MET A 656 27.18 24.81 13.04
C MET A 656 26.71 25.47 11.75
N ARG A 657 27.62 26.12 11.05
CA ARG A 657 27.28 26.63 9.74
C ARG A 657 26.89 25.54 8.71
N THR A 658 27.68 24.47 8.65
CA THR A 658 27.36 23.39 7.73
C THR A 658 26.20 22.60 8.31
N ALA A 659 26.12 22.43 9.64
CA ALA A 659 24.92 21.71 10.21
C ALA A 659 23.59 22.37 9.83
N LEU A 660 23.58 23.70 9.76
CA LEU A 660 22.38 24.47 9.68
C LEU A 660 22.15 25.09 8.29
N THR A 661 22.91 24.63 7.31
CA THR A 661 22.88 25.19 5.95
C THR A 661 21.42 25.37 5.50
N ASP A 662 20.61 24.31 5.62
CA ASP A 662 19.21 24.41 5.18
C ASP A 662 18.22 24.76 6.27
N LEU A 663 18.43 24.25 7.47
CA LEU A 663 17.45 24.55 8.53
C LEU A 663 17.44 26.04 8.93
N GLU A 664 18.58 26.73 8.84
CA GLU A 664 18.58 28.19 8.98
C GLU A 664 18.69 28.85 7.61
N ASP A 665 18.71 28.09 6.50
CA ASP A 665 18.81 28.69 5.15
C ASP A 665 19.97 29.72 5.07
N ASN A 666 21.15 29.34 5.51
CA ASN A 666 22.25 30.32 5.61
C ASN A 666 22.90 30.83 4.35
N GLN A 667 22.58 30.26 3.18
CA GLN A 667 23.07 30.80 1.96
C GLN A 667 21.95 31.50 1.25
N GLY A 668 20.76 31.50 1.84
CA GLY A 668 19.67 32.24 1.30
C GLY A 668 18.96 31.54 0.15
N ASN A 669 19.34 30.34 -0.21
CA ASN A 669 18.72 29.73 -1.39
C ASN A 669 18.37 28.25 -1.20
N THR A 670 18.01 27.93 0.02
CA THR A 670 17.51 26.58 0.34
C THR A 670 16.29 26.14 -0.51
N HIS A 671 15.53 27.12 -0.98
CA HIS A 671 14.33 26.81 -1.78
C HIS A 671 14.66 26.08 -3.12
N LEU A 672 15.93 26.13 -3.54
CA LEU A 672 16.37 25.49 -4.75
C LEU A 672 16.57 24.01 -4.55
N GLY A 673 16.60 23.52 -3.29
CA GLY A 673 16.89 22.16 -3.08
C GLY A 673 17.91 21.97 -1.97
N ILE A 674 18.13 20.74 -1.56
CA ILE A 674 18.91 20.46 -0.38
C ILE A 674 20.37 20.73 -0.74
N HIS A 675 21.16 21.24 0.19
CA HIS A 675 22.58 21.46 -0.12
C HIS A 675 23.29 20.20 0.19
N ALA A 676 23.32 19.31 -0.79
CA ALA A 676 23.66 17.89 -0.55
C ALA A 676 25.10 17.64 -0.16
N ALA A 677 26.02 18.31 -0.82
CA ALA A 677 27.40 18.27 -0.34
C ALA A 677 27.55 18.58 1.16
N SER A 678 26.91 19.65 1.62
CA SER A 678 27.05 20.15 3.04
C SER A 678 26.56 19.14 3.98
N LEU A 679 25.58 18.31 3.52
CA LEU A 679 25.20 17.18 4.36
C LEU A 679 26.38 16.27 4.68
N GLY A 680 27.09 15.91 3.62
CA GLY A 680 28.22 14.93 3.76
C GLY A 680 29.31 15.57 4.61
N GLY A 681 29.54 16.86 4.31
CA GLY A 681 30.50 17.72 5.00
C GLY A 681 30.31 17.67 6.48
N THR A 682 29.06 17.88 6.87
CA THR A 682 28.65 17.86 8.27
C THR A 682 29.06 16.54 8.86
N TRP A 683 28.74 15.45 8.16
CA TRP A 683 29.07 14.11 8.67
C TRP A 683 30.59 13.97 8.75
N GLN A 684 31.28 14.33 7.71
CA GLN A 684 32.71 14.18 7.76
C GLN A 684 33.33 15.04 8.92
N ALA A 685 32.89 16.28 9.11
CA ALA A 685 33.32 17.12 10.26
C ALA A 685 33.17 16.40 11.58
N LEU A 686 32.06 15.70 11.74
CA LEU A 686 31.85 14.90 12.95
C LEU A 686 32.81 13.75 13.10
N VAL A 687 32.92 12.90 12.07
CA VAL A 687 33.66 11.66 12.23
C VAL A 687 35.21 11.93 12.16
N PHE A 688 35.63 12.73 11.20
CA PHE A 688 37.03 12.93 10.93
C PHE A 688 37.64 14.18 11.61
N GLY A 689 36.75 15.06 12.09
CA GLY A 689 37.12 16.29 12.83
C GLY A 689 36.99 15.99 14.33
N PHE A 690 35.81 16.26 14.88
CA PHE A 690 35.60 16.13 16.30
C PHE A 690 35.85 14.76 16.76
N GLY A 691 35.35 13.79 15.99
CA GLY A 691 35.55 12.37 16.28
C GLY A 691 36.97 11.86 16.29
N GLY A 692 37.86 12.55 15.62
CA GLY A 692 39.26 12.25 15.73
C GLY A 692 39.78 11.26 14.73
N ILE A 693 38.96 10.77 13.81
CA ILE A 693 39.45 9.72 12.91
C ILE A 693 40.33 10.27 11.77
N SER A 694 41.49 9.66 11.60
CA SER A 694 42.14 9.70 10.29
C SER A 694 42.82 8.36 9.88
N ILE A 695 43.12 8.28 8.59
CA ILE A 695 43.78 7.10 8.07
C ILE A 695 45.15 7.52 7.67
N GLU A 696 46.11 6.84 8.22
CA GLU A 696 47.47 7.24 7.98
C GLU A 696 48.03 6.07 7.18
N LYS A 697 49.25 6.19 6.70
CA LYS A 697 49.75 5.18 5.81
C LYS A 697 49.63 3.78 6.44
N ASP A 698 49.53 2.81 5.55
CA ASP A 698 49.38 1.40 5.90
C ASP A 698 48.05 1.09 6.59
N ASP A 699 47.07 1.93 6.31
CA ASP A 699 45.71 1.72 6.73
C ASP A 699 45.56 1.55 8.21
N VAL A 700 46.37 2.30 8.92
CA VAL A 700 46.20 2.42 10.34
C VAL A 700 45.09 3.45 10.60
N LEU A 701 44.08 2.98 11.33
CA LEU A 701 42.99 3.83 11.73
C LEU A 701 43.45 4.54 12.98
N SER A 702 43.63 5.83 12.87
CA SER A 702 44.11 6.61 13.97
C SER A 702 42.97 7.49 14.56
N VAL A 703 43.00 7.73 15.87
CA VAL A 703 41.93 8.46 16.57
C VAL A 703 42.45 9.50 17.59
N ASN A 704 42.26 10.78 17.28
CA ASN A 704 42.64 11.88 18.14
C ASN A 704 41.58 12.95 18.21
N PRO A 705 40.52 12.66 18.99
CA PRO A 705 39.30 13.45 19.07
C PRO A 705 39.50 14.71 19.83
N TRP A 706 38.78 15.75 19.43
CA TRP A 706 38.65 16.96 20.21
C TRP A 706 37.15 17.35 20.20
N LEU A 707 36.42 17.11 21.27
CA LEU A 707 35.02 17.54 21.36
C LEU A 707 34.86 18.97 21.76
N PRO A 708 33.89 19.68 21.17
CA PRO A 708 33.63 21.03 21.63
C PRO A 708 33.18 21.10 23.08
N GLU A 709 33.50 22.24 23.67
CA GLU A 709 33.13 22.63 25.02
C GLU A 709 31.75 22.13 25.48
N LYS A 710 30.76 22.33 24.62
CA LYS A 710 29.38 21.92 24.91
C LYS A 710 29.20 20.41 24.93
N TRP A 711 30.06 19.67 24.22
CA TRP A 711 29.78 18.26 23.94
C TRP A 711 30.33 17.31 25.03
N GLU A 712 29.41 16.63 25.71
CA GLU A 712 29.73 15.62 26.72
C GLU A 712 30.10 14.27 26.14
N SER A 713 29.55 13.99 24.95
CA SER A 713 29.55 12.64 24.38
C SER A 713 29.22 12.76 22.91
N LEU A 714 29.91 11.92 22.13
CA LEU A 714 29.74 11.72 20.69
C LEU A 714 29.86 10.23 20.40
N LYS A 715 28.78 9.67 19.90
CA LYS A 715 28.74 8.30 19.49
C LYS A 715 28.53 8.19 17.98
N PHE A 716 29.13 7.18 17.39
CA PHE A 716 28.83 6.91 15.97
C PHE A 716 29.44 5.57 15.58
N SER A 717 29.14 5.13 14.36
CA SER A 717 29.62 3.88 13.86
C SER A 717 30.18 4.01 12.47
N ILE A 718 31.14 3.17 12.12
CA ILE A 718 31.65 3.16 10.76
C ILE A 718 32.02 1.75 10.41
N TRP A 719 31.92 1.46 9.11
CA TRP A 719 32.40 0.22 8.54
C TRP A 719 33.87 0.44 8.11
N TRP A 720 34.73 -0.44 8.61
CA TRP A 720 36.14 -0.34 8.29
C TRP A 720 36.59 -1.74 7.99
N LYS A 721 36.95 -2.00 6.71
CA LYS A 721 37.47 -3.25 6.21
C LYS A 721 36.48 -4.34 6.54
N GLY A 722 35.19 -4.03 6.40
CA GLY A 722 34.09 -4.98 6.70
C GLY A 722 33.73 -5.12 8.18
N ASN A 723 34.39 -4.35 9.06
CA ASN A 723 34.06 -4.39 10.50
C ASN A 723 33.15 -3.21 10.75
N LEU A 724 32.09 -3.40 11.53
CA LEU A 724 31.26 -2.30 12.02
C LEU A 724 31.81 -1.92 13.38
N LEU A 725 32.44 -0.76 13.48
CA LEU A 725 33.04 -0.31 14.71
C LEU A 725 32.12 0.77 15.34
N ASP A 726 31.76 0.60 16.61
CA ASP A 726 31.07 1.62 17.31
C ASP A 726 32.06 2.46 18.10
N PHE A 727 31.96 3.77 17.96
CA PHE A 727 32.90 4.68 18.60
C PHE A 727 32.15 5.51 19.61
N LYS A 728 32.76 5.75 20.79
CA LYS A 728 32.16 6.53 21.88
C LYS A 728 33.26 7.40 22.46
N ILE A 729 33.18 8.69 22.14
CA ILE A 729 34.13 9.68 22.55
C ILE A 729 33.51 10.55 23.66
N THR A 730 34.24 10.72 24.76
CA THR A 730 33.92 11.66 25.84
C THR A 730 35.11 12.61 25.99
N LYS A 731 35.00 13.64 26.80
CA LYS A 731 36.10 14.63 26.85
C LYS A 731 37.43 13.98 27.23
N ASP A 732 37.38 12.91 28.04
CA ASP A 732 38.58 12.25 28.57
C ASP A 732 38.96 10.97 27.84
N ASN A 733 37.96 10.19 27.44
CA ASN A 733 38.13 8.79 27.06
C ASN A 733 37.56 8.45 25.66
N VAL A 734 38.13 7.42 25.03
CA VAL A 734 37.66 6.88 23.75
C VAL A 734 37.50 5.39 23.90
N GLU A 735 36.33 4.84 23.53
CA GLU A 735 36.19 3.38 23.32
C GLU A 735 35.69 2.96 21.93
N VAL A 736 36.06 1.72 21.59
CA VAL A 736 35.77 1.06 20.29
C VAL A 736 35.51 -0.42 20.47
N LYS A 737 34.36 -0.83 19.92
CA LYS A 737 33.80 -2.16 20.01
C LYS A 737 33.45 -2.59 18.56
N LYS A 738 33.64 -3.86 18.19
CA LYS A 738 33.20 -4.36 16.90
C LYS A 738 31.81 -4.84 17.11
N ARG A 739 30.89 -4.40 16.28
CA ARG A 739 29.54 -4.95 16.26
C ARG A 739 29.48 -6.07 15.17
N VAL A 740 30.33 -5.97 14.16
CA VAL A 740 30.46 -7.03 13.13
C VAL A 740 31.98 -7.14 12.98
N GLU A 741 32.52 -8.35 13.04
CA GLU A 741 33.95 -8.55 12.85
C GLU A 741 34.20 -9.04 11.42
N LYS A 742 35.32 -8.66 10.81
CA LYS A 742 35.70 -9.15 9.47
C LYS A 742 37.21 -8.94 9.31
N GLY A 743 37.66 -7.86 8.64
CA GLY A 743 39.08 -7.58 8.53
C GLY A 743 39.76 -7.45 9.89
N ASN A 744 41.07 -7.64 9.94
CA ASN A 744 41.86 -7.25 11.12
C ASN A 744 42.06 -5.72 11.09
N VAL A 745 42.10 -5.09 12.25
CA VAL A 745 42.04 -3.63 12.30
C VAL A 745 43.27 -3.09 13.01
N LYS A 746 43.94 -2.11 12.39
CA LYS A 746 45.13 -1.53 12.99
C LYS A 746 44.72 -0.17 13.51
N LEU A 747 44.61 -0.11 14.83
CA LEU A 747 44.05 1.01 15.48
C LEU A 747 45.05 1.66 16.41
N LYS A 748 45.11 2.98 16.32
CA LYS A 748 45.90 3.76 17.24
C LYS A 748 45.03 4.85 17.88
N ILE A 749 45.01 4.91 19.23
CA ILE A 749 44.29 5.95 20.00
C ILE A 749 45.31 6.83 20.67
N LYS A 750 45.32 8.10 20.30
CA LYS A 750 46.33 9.04 20.78
C LYS A 750 47.78 8.46 20.83
N GLY A 751 48.38 8.25 19.67
CA GLY A 751 49.72 7.66 19.58
C GLY A 751 49.88 6.20 20.01
N GLN A 752 48.86 5.63 20.65
CA GLN A 752 48.99 4.33 21.30
C GLN A 752 48.22 3.24 20.59
N GLU A 753 48.85 2.08 20.40
CA GLU A 753 48.15 0.95 19.80
C GLU A 753 47.06 0.47 20.74
N ALA A 754 45.99 -0.07 20.16
CA ALA A 754 44.81 -0.55 20.89
C ALA A 754 44.18 -1.74 20.17
N ILE A 755 43.20 -2.36 20.81
CA ILE A 755 42.89 -3.77 20.52
C ILE A 755 41.51 -4.09 19.93
N ILE A 756 40.45 -3.58 20.54
CA ILE A 756 39.07 -3.91 20.19
C ILE A 756 38.89 -5.39 20.44
N MET B 1 -6.61 -20.01 42.73
CA MET B 1 -7.76 -20.77 42.08
C MET B 1 -8.00 -22.15 42.67
N LYS B 2 -9.25 -22.50 42.88
CA LYS B 2 -9.61 -23.79 43.37
C LYS B 2 -10.79 -24.21 42.52
N LEU B 3 -10.77 -25.43 42.03
CA LEU B 3 -11.82 -25.92 41.14
C LEU B 3 -13.12 -26.09 41.85
N SER B 4 -14.20 -25.79 41.13
CA SER B 4 -15.55 -26.03 41.59
C SER B 4 -15.77 -27.47 41.81
N GLU B 5 -16.88 -27.79 42.49
CA GLU B 5 -17.18 -29.18 42.82
C GLU B 5 -17.55 -29.88 41.53
N ARG B 6 -17.45 -31.20 41.57
CA ARG B 6 -17.59 -32.02 40.41
C ARG B 6 -18.84 -31.79 39.59
N GLU B 7 -19.92 -31.36 40.24
CA GLU B 7 -21.24 -31.15 39.60
C GLU B 7 -21.17 -30.06 38.47
N TRP B 8 -20.14 -29.26 38.55
CA TRP B 8 -19.95 -28.12 37.66
C TRP B 8 -18.82 -28.36 36.65
N LEU B 9 -18.25 -29.58 36.63
CA LEU B 9 -17.08 -29.91 35.84
C LEU B 9 -17.45 -30.83 34.73
N ILE B 10 -16.85 -30.56 33.57
CA ILE B 10 -17.00 -31.41 32.39
C ILE B 10 -15.60 -31.89 32.09
N GLU B 11 -15.35 -33.20 32.12
CA GLU B 11 -14.02 -33.68 31.93
C GLU B 11 -13.77 -34.38 30.63
N GLN B 12 -12.52 -34.29 30.21
CA GLN B 12 -12.04 -35.06 29.09
C GLN B 12 -11.36 -36.29 29.71
N ASP B 13 -11.57 -37.47 29.15
CA ASP B 13 -10.92 -38.67 29.73
C ASP B 13 -9.43 -38.82 29.43
N LYS B 14 -9.00 -38.45 28.24
CA LYS B 14 -7.68 -38.84 27.74
C LYS B 14 -6.88 -37.63 27.21
N LEU B 15 -5.55 -37.59 27.40
CA LEU B 15 -4.72 -36.57 26.72
C LEU B 15 -4.66 -36.86 25.21
N GLU B 16 -5.18 -36.00 24.38
CA GLU B 16 -5.19 -36.20 22.96
C GLU B 16 -5.73 -34.96 22.28
N ALA B 17 -5.54 -34.98 20.96
CA ALA B 17 -6.13 -34.05 20.04
C ALA B 17 -7.56 -34.47 19.87
N SER B 18 -8.50 -33.55 20.00
CA SER B 18 -9.91 -33.93 19.80
C SER B 18 -10.78 -32.79 19.30
N GLY B 19 -11.40 -32.98 18.12
CA GLY B 19 -12.30 -31.99 17.64
C GLY B 19 -13.52 -31.77 18.57
N LYS B 20 -14.00 -32.84 19.17
CA LYS B 20 -15.12 -32.75 20.05
C LYS B 20 -14.77 -31.82 21.19
N PHE B 21 -13.63 -32.02 21.82
CA PHE B 21 -13.31 -31.20 22.98
C PHE B 21 -12.79 -29.82 22.60
N GLU B 22 -12.24 -29.60 21.40
CA GLU B 22 -11.96 -28.17 20.93
C GLU B 22 -13.22 -27.34 20.90
N THR B 23 -14.33 -27.99 20.52
CA THR B 23 -15.60 -27.34 20.58
C THR B 23 -16.19 -27.21 22.00
N CYS B 24 -16.23 -28.30 22.72
CA CYS B 24 -16.87 -28.30 24.03
C CYS B 24 -16.12 -27.42 25.04
N PHE B 25 -14.83 -27.33 24.90
CA PHE B 25 -14.02 -26.52 25.80
C PHE B 25 -13.58 -25.18 25.12
N ALA B 26 -14.20 -24.80 24.02
CA ALA B 26 -13.98 -23.46 23.51
C ALA B 26 -14.43 -22.46 24.58
N LEU B 27 -13.64 -21.40 24.75
CA LEU B 27 -13.99 -20.33 25.61
C LEU B 27 -14.24 -19.05 24.85
N THR B 28 -15.18 -18.29 25.34
CA THR B 28 -15.58 -17.05 24.74
C THR B 28 -16.21 -16.13 25.75
N ASN B 29 -16.16 -14.85 25.39
CA ASN B 29 -16.73 -13.72 26.14
C ASN B 29 -17.64 -12.89 25.27
N GLY B 30 -17.89 -13.43 24.07
CA GLY B 30 -18.87 -12.83 23.10
C GLY B 30 -18.20 -11.90 22.12
N TYR B 31 -16.89 -11.67 22.38
CA TYR B 31 -16.02 -10.88 21.53
C TYR B 31 -14.94 -11.83 21.01
N ILE B 32 -14.14 -12.40 21.93
CA ILE B 32 -13.08 -13.28 21.57
C ILE B 32 -13.62 -14.68 21.70
N GLY B 33 -13.29 -15.55 20.73
CA GLY B 33 -13.54 -16.95 20.89
C GLY B 33 -12.32 -17.79 20.67
N ILE B 34 -12.08 -18.78 21.53
CA ILE B 34 -10.90 -19.58 21.45
C ILE B 34 -11.24 -21.04 21.52
N ARG B 35 -10.99 -21.80 20.45
CA ARG B 35 -11.18 -23.23 20.54
C ARG B 35 -10.34 -23.97 21.57
N GLY B 36 -10.90 -25.06 22.08
CA GLY B 36 -10.32 -25.82 23.21
C GLY B 36 -9.08 -26.70 22.96
N ILE B 37 -8.12 -26.19 22.21
CA ILE B 37 -6.95 -26.94 21.93
C ILE B 37 -6.02 -26.94 23.17
N ASN B 38 -5.06 -27.85 23.15
CA ASN B 38 -4.03 -27.91 24.13
C ASN B 38 -3.00 -26.81 23.89
N GLU B 39 -2.42 -26.36 24.99
CA GLU B 39 -1.47 -25.22 25.03
C GLU B 39 -0.30 -25.43 24.06
N GLU B 40 0.17 -26.67 23.99
CA GLU B 40 1.25 -27.01 23.09
C GLU B 40 0.90 -26.90 21.60
N VAL B 41 -0.36 -27.08 21.25
CA VAL B 41 -0.79 -27.07 19.84
C VAL B 41 -0.23 -28.25 19.06
N PHE B 42 -0.81 -29.42 19.34
CA PHE B 42 -0.40 -30.65 18.75
C PHE B 42 -0.77 -30.67 17.25
N CYS B 43 -0.06 -31.55 16.56
CA CYS B 43 -0.22 -31.78 15.15
C CYS B 43 -1.66 -31.69 14.60
N GLU B 44 -2.50 -32.52 15.14
CA GLU B 44 -3.84 -32.68 14.58
C GLU B 44 -4.88 -31.81 15.21
N GLU B 45 -4.47 -30.82 16.00
CA GLU B 45 -5.46 -29.88 16.58
C GLU B 45 -5.89 -28.84 15.53
N THR B 46 -7.12 -28.37 15.66
CA THR B 46 -7.74 -27.34 14.88
C THR B 46 -7.89 -26.05 15.68
N PRO B 47 -6.88 -25.15 15.66
CA PRO B 47 -7.05 -23.85 16.36
C PRO B 47 -8.21 -23.09 15.80
N GLY B 48 -8.86 -22.33 16.66
CA GLY B 48 -9.82 -21.34 16.25
C GLY B 48 -9.71 -20.13 17.14
N THR B 49 -9.42 -18.98 16.50
CA THR B 49 -9.25 -17.70 17.17
C THR B 49 -10.12 -16.79 16.38
N TYR B 50 -11.25 -16.41 16.98
CA TYR B 50 -12.20 -15.52 16.35
C TYR B 50 -12.50 -14.31 17.14
N ILE B 51 -12.85 -13.27 16.41
CA ILE B 51 -13.35 -12.04 17.01
C ILE B 51 -14.69 -11.82 16.38
N ALA B 52 -15.73 -11.75 17.21
CA ALA B 52 -17.08 -11.39 16.80
C ALA B 52 -17.15 -10.29 15.70
N GLY B 53 -17.83 -10.59 14.56
CA GLY B 53 -17.95 -9.61 13.52
C GLY B 53 -16.77 -9.40 12.55
N VAL B 54 -15.72 -10.12 12.75
CA VAL B 54 -14.58 -10.05 11.83
C VAL B 54 -14.65 -11.17 10.77
N PHE B 55 -15.14 -10.78 9.60
CA PHE B 55 -15.51 -11.63 8.50
C PHE B 55 -14.71 -11.19 7.29
N ASP B 56 -14.44 -12.13 6.39
CA ASP B 56 -13.62 -11.87 5.20
C ASP B 56 -14.02 -12.91 4.19
N LYS B 57 -14.10 -12.49 2.94
CA LYS B 57 -14.36 -13.37 1.81
C LYS B 57 -13.09 -13.76 1.01
N SER B 58 -12.30 -12.81 0.49
CA SER B 58 -11.11 -13.15 -0.29
C SER B 58 -11.55 -14.11 -1.38
N THR B 59 -10.86 -15.21 -1.59
CA THR B 59 -11.28 -16.17 -2.60
C THR B 59 -12.33 -17.20 -2.17
N ALA B 60 -12.96 -17.05 -1.01
CA ALA B 60 -13.93 -18.06 -0.58
C ALA B 60 -15.21 -17.85 -1.35
N GLN B 61 -16.12 -18.81 -1.26
CA GLN B 61 -17.40 -18.67 -1.97
C GLN B 61 -18.18 -17.53 -1.38
N VAL B 62 -18.21 -17.48 -0.05
CA VAL B 62 -18.98 -16.49 0.66
C VAL B 62 -18.11 -16.03 1.84
N THR B 63 -18.46 -14.89 2.43
CA THR B 63 -17.77 -14.40 3.61
C THR B 63 -17.75 -15.43 4.76
N GLU B 64 -16.66 -15.41 5.51
CA GLU B 64 -16.45 -16.35 6.59
C GLU B 64 -15.80 -15.65 7.80
N LEU B 65 -16.21 -16.12 8.98
CA LEU B 65 -15.62 -15.71 10.23
C LEU B 65 -14.15 -16.14 10.18
N VAL B 66 -13.28 -15.16 10.34
CA VAL B 66 -11.81 -15.39 10.13
C VAL B 66 -11.25 -16.11 11.31
N ASN B 67 -10.52 -17.16 10.97
CA ASN B 67 -9.61 -17.80 11.87
C ASN B 67 -8.31 -16.95 11.90
N LEU B 68 -8.11 -16.28 13.02
CA LEU B 68 -7.01 -15.34 13.24
C LEU B 68 -5.85 -16.05 13.70
N PRO B 69 -4.69 -15.35 13.80
CA PRO B 69 -3.55 -15.98 14.32
C PRO B 69 -3.88 -16.65 15.71
N ASN B 70 -3.30 -17.79 15.96
CA ASN B 70 -3.48 -18.52 17.24
C ASN B 70 -2.47 -17.97 18.22
N PRO B 71 -2.95 -17.33 19.31
CA PRO B 71 -2.04 -16.63 20.19
C PRO B 71 -1.70 -17.33 21.52
N ILE B 72 -2.29 -18.48 21.79
CA ILE B 72 -2.23 -19.07 23.13
C ILE B 72 -1.14 -20.09 23.34
N GLY B 73 -0.42 -20.39 22.29
CA GLY B 73 0.59 -21.36 22.30
C GLY B 73 1.61 -21.19 23.43
N LEU B 74 1.96 -22.31 24.08
CA LEU B 74 2.98 -22.37 25.11
C LEU B 74 3.57 -23.78 25.18
N ARG B 75 4.90 -23.85 25.06
CA ARG B 75 5.65 -25.07 25.04
C ARG B 75 6.77 -24.95 26.01
N ILE B 76 7.04 -26.06 26.68
CA ILE B 76 8.19 -26.20 27.60
C ILE B 76 9.29 -27.01 26.94
N TYR B 77 10.55 -26.54 27.06
CA TYR B 77 11.68 -27.30 26.63
C TYR B 77 12.59 -27.60 27.88
N ILE B 78 13.16 -28.81 27.93
CA ILE B 78 14.20 -29.15 28.95
C ILE B 78 15.54 -29.32 28.33
N ASN B 79 16.49 -28.47 28.70
CA ASN B 79 17.72 -28.39 27.93
C ASN B 79 17.49 -28.40 26.40
N ARG B 80 16.65 -27.51 25.91
CA ARG B 80 16.50 -27.28 24.47
C ARG B 80 15.80 -28.36 23.68
N GLU B 81 15.20 -29.31 24.40
CA GLU B 81 14.39 -30.35 23.83
C GLU B 81 12.97 -30.20 24.30
N PHE B 82 12.08 -30.29 23.32
CA PHE B 82 10.65 -30.07 23.55
C PHE B 82 10.09 -31.15 24.48
N LEU B 83 9.53 -30.74 25.61
CA LEU B 83 8.83 -31.69 26.49
C LEU B 83 7.43 -31.98 25.88
N ASN B 84 7.37 -32.92 24.95
CA ASN B 84 6.13 -33.21 24.22
C ASN B 84 5.28 -34.19 25.00
N PRO B 85 4.15 -33.73 25.56
CA PRO B 85 3.30 -34.64 26.37
C PRO B 85 2.85 -35.93 25.66
N LEU B 86 2.70 -35.86 24.34
CA LEU B 86 2.31 -37.04 23.54
C LEU B 86 3.43 -38.09 23.37
N LYS B 87 4.64 -37.75 23.80
CA LYS B 87 5.76 -38.70 23.78
C LYS B 87 6.22 -39.11 25.16
N CYS B 88 5.40 -38.87 26.17
CA CYS B 88 5.83 -39.10 27.52
C CYS B 88 4.91 -40.16 28.07
N GLU B 89 5.28 -40.73 29.20
CA GLU B 89 4.38 -41.58 29.92
C GLU B 89 3.60 -40.66 30.80
N ILE B 90 2.27 -40.83 30.77
CA ILE B 90 1.33 -40.02 31.53
C ILE B 90 1.03 -40.69 32.87
N LEU B 91 1.57 -40.13 33.93
CA LEU B 91 1.39 -40.64 35.30
C LEU B 91 0.15 -40.05 35.95
N GLU B 92 -0.31 -38.91 35.41
CA GLU B 92 -1.48 -38.25 35.88
C GLU B 92 -1.98 -37.27 34.81
N PHE B 93 -3.28 -37.33 34.57
CA PHE B 93 -3.93 -36.46 33.61
C PHE B 93 -5.21 -35.97 34.23
N LYS B 94 -5.48 -34.66 34.17
CA LYS B 94 -6.82 -34.17 34.45
C LYS B 94 -7.12 -32.96 33.59
N ARG B 95 -8.29 -32.97 32.95
CA ARG B 95 -8.63 -31.86 32.11
C ARG B 95 -10.07 -31.55 32.15
N VAL B 96 -10.44 -30.41 32.74
CA VAL B 96 -11.84 -30.11 32.93
C VAL B 96 -12.14 -28.69 32.53
N LEU B 97 -13.36 -28.52 31.99
CA LEU B 97 -13.96 -27.23 31.92
C LEU B 97 -14.79 -26.99 33.15
N ASP B 98 -14.43 -25.95 33.90
CA ASP B 98 -15.18 -25.49 35.13
C ASP B 98 -16.26 -24.50 34.68
N LEU B 99 -17.52 -24.98 34.68
CA LEU B 99 -18.65 -24.22 34.19
C LEU B 99 -19.01 -23.07 35.09
N LYS B 100 -18.70 -23.23 36.36
CA LYS B 100 -19.06 -22.21 37.34
C LYS B 100 -18.09 -21.06 37.31
N GLN B 101 -16.81 -21.38 37.17
CA GLN B 101 -15.79 -20.30 37.16
C GLN B 101 -15.38 -19.86 35.72
N GLY B 102 -15.91 -20.56 34.71
CA GLY B 102 -15.56 -20.35 33.28
C GLY B 102 -14.10 -20.40 33.02
N ILE B 103 -13.41 -21.46 33.48
CA ILE B 103 -12.02 -21.66 33.16
C ILE B 103 -11.73 -23.06 32.65
N LEU B 104 -10.67 -23.19 31.87
CA LEU B 104 -10.30 -24.50 31.39
C LEU B 104 -9.00 -24.89 32.03
N TYR B 105 -9.03 -26.01 32.72
CA TYR B 105 -7.95 -26.49 33.59
C TYR B 105 -7.41 -27.77 33.04
N ARG B 106 -6.11 -27.91 33.14
CA ARG B 106 -5.39 -29.12 32.80
C ARG B 106 -4.21 -29.38 33.73
N LYS B 107 -4.02 -30.65 34.10
CA LYS B 107 -2.92 -31.02 34.96
C LYS B 107 -2.33 -32.23 34.29
N LEU B 108 -1.02 -32.21 34.15
CA LEU B 108 -0.29 -33.33 33.65
C LEU B 108 0.87 -33.64 34.55
N ARG B 109 1.18 -34.92 34.67
CA ARG B 109 2.36 -35.32 35.36
C ARG B 109 3.01 -36.29 34.41
N LEU B 110 4.20 -35.96 33.92
CA LEU B 110 4.78 -36.64 32.78
C LEU B 110 6.10 -37.24 33.13
N LYS B 111 6.36 -38.41 32.57
CA LYS B 111 7.65 -39.08 32.72
C LYS B 111 8.22 -39.29 31.32
N ASP B 112 9.39 -38.67 31.07
CA ASP B 112 9.96 -38.74 29.75
C ASP B 112 10.82 -39.96 29.54
N VAL B 113 11.26 -40.10 28.30
CA VAL B 113 12.15 -41.18 27.88
C VAL B 113 13.48 -41.18 28.64
N LYS B 114 13.83 -40.08 29.30
CA LYS B 114 15.01 -40.03 30.15
C LYS B 114 14.75 -40.25 31.63
N GLY B 115 13.51 -40.53 32.00
CA GLY B 115 13.16 -40.79 33.40
C GLY B 115 12.75 -39.56 34.18
N ARG B 116 12.75 -38.40 33.53
CA ARG B 116 12.48 -37.14 34.23
C ARG B 116 11.00 -36.97 34.41
N ILE B 117 10.55 -36.68 35.62
CA ILE B 117 9.14 -36.44 35.90
C ILE B 117 8.91 -34.91 36.09
N THR B 118 7.90 -34.41 35.39
CA THR B 118 7.56 -33.03 35.37
C THR B 118 6.08 -32.90 35.52
N THR B 119 5.68 -31.95 36.39
CA THR B 119 4.25 -31.61 36.53
C THR B 119 3.99 -30.29 35.82
N ILE B 120 2.97 -30.24 34.99
CA ILE B 120 2.51 -28.98 34.45
C ILE B 120 1.05 -28.87 34.78
N GLU B 121 0.62 -27.76 35.42
CA GLU B 121 -0.73 -27.64 35.91
C GLU B 121 -1.19 -26.19 35.88
N GLY B 122 -2.40 -25.95 35.45
CA GLY B 122 -2.80 -24.56 35.24
C GLY B 122 -4.10 -24.43 34.50
N PHE B 123 -4.48 -23.19 34.14
CA PHE B 123 -5.74 -22.95 33.47
C PHE B 123 -5.69 -21.68 32.59
N ARG B 124 -6.78 -21.38 31.92
CA ARG B 124 -6.86 -20.24 31.02
C ARG B 124 -8.30 -19.85 30.95
N PHE B 125 -8.56 -18.56 30.78
CA PHE B 125 -9.88 -18.06 30.56
C PHE B 125 -9.82 -16.89 29.59
N VAL B 126 -10.95 -16.67 28.99
CA VAL B 126 -11.14 -15.57 28.09
C VAL B 126 -12.02 -14.57 28.85
N SER B 127 -11.41 -13.48 29.29
CA SER B 127 -11.99 -12.66 30.37
C SER B 127 -13.37 -12.11 30.04
N MET B 128 -14.31 -12.39 30.94
CA MET B 128 -15.66 -12.03 30.72
C MET B 128 -15.88 -10.53 30.95
N ASN B 129 -15.08 -9.86 31.81
CA ASN B 129 -15.29 -8.41 31.98
C ASN B 129 -14.34 -7.59 31.18
N ASN B 130 -13.10 -8.07 30.97
CA ASN B 130 -12.13 -7.44 30.10
C ASN B 130 -12.16 -8.10 28.72
N LYS B 131 -12.93 -7.58 27.83
CA LYS B 131 -13.31 -8.38 26.64
C LYS B 131 -12.11 -8.59 25.72
N ASN B 132 -11.07 -7.79 25.89
CA ASN B 132 -9.84 -7.96 25.02
C ASN B 132 -8.82 -8.96 25.52
N LEU B 133 -9.04 -9.53 26.71
CA LEU B 133 -8.02 -10.30 27.46
C LEU B 133 -8.23 -11.79 27.55
N ILE B 134 -7.14 -12.53 27.27
CA ILE B 134 -7.01 -13.92 27.49
C ILE B 134 -5.99 -14.06 28.61
N VAL B 135 -6.31 -14.90 29.59
CA VAL B 135 -5.30 -15.12 30.67
C VAL B 135 -4.88 -16.58 30.76
N GLN B 136 -3.57 -16.82 30.89
CA GLN B 136 -3.09 -18.19 30.97
C GLN B 136 -2.14 -18.28 32.17
N LYS B 137 -2.29 -19.32 32.96
CA LYS B 137 -1.44 -19.44 34.15
C LYS B 137 -1.13 -20.89 34.46
N TYR B 138 0.16 -21.19 34.48
CA TYR B 138 0.58 -22.56 34.67
C TYR B 138 1.71 -22.63 35.63
N ASP B 139 1.76 -23.74 36.37
CA ASP B 139 2.87 -24.04 37.26
C ASP B 139 3.61 -25.24 36.69
N VAL B 140 4.93 -25.16 36.70
CA VAL B 140 5.77 -26.27 36.30
C VAL B 140 6.68 -26.67 37.48
N VAL B 141 6.61 -27.94 37.85
CA VAL B 141 7.62 -28.57 38.78
C VAL B 141 8.41 -29.70 38.16
N CYS B 142 9.74 -29.55 38.23
CA CYS B 142 10.72 -30.55 37.87
C CYS B 142 10.91 -31.38 39.16
N GLU B 143 10.30 -32.54 39.14
CA GLU B 143 10.12 -33.34 40.32
C GLU B 143 11.30 -34.12 40.80
N ASN B 144 12.11 -34.62 39.87
CA ASN B 144 13.24 -35.44 40.19
C ASN B 144 14.47 -35.03 39.39
N TYR B 145 14.54 -33.79 38.93
CA TYR B 145 15.70 -33.32 38.17
C TYR B 145 15.86 -31.81 38.23
N SER B 146 17.02 -31.34 37.82
CA SER B 146 17.28 -29.94 37.63
C SER B 146 17.79 -29.76 36.22
N ALA B 147 17.44 -28.62 35.59
CA ALA B 147 17.78 -28.42 34.18
C ALA B 147 17.53 -27.00 33.80
N VAL B 148 17.89 -26.68 32.54
CA VAL B 148 17.53 -25.41 31.96
C VAL B 148 16.19 -25.55 31.30
N LEU B 149 15.21 -24.81 31.80
CA LEU B 149 13.90 -24.78 31.13
C LEU B 149 13.83 -23.57 30.21
N ASN B 150 13.33 -23.75 29.00
CA ASN B 150 12.86 -22.70 28.09
C ASN B 150 11.37 -22.70 28.08
N VAL B 151 10.75 -21.58 28.47
CA VAL B 151 9.31 -21.42 28.34
C VAL B 151 9.13 -20.61 27.04
N GLU B 152 8.38 -21.17 26.08
CA GLU B 152 8.21 -20.58 24.78
C GLU B 152 6.76 -20.24 24.58
N SER B 153 6.50 -18.95 24.44
CA SER B 153 5.21 -18.44 24.08
C SER B 153 5.24 -18.08 22.62
N PHE B 154 4.23 -18.49 21.85
CA PHE B 154 4.18 -18.15 20.42
C PHE B 154 2.85 -17.59 19.91
N ILE B 155 2.93 -16.69 18.92
CA ILE B 155 1.74 -16.25 18.20
C ILE B 155 1.88 -16.79 16.80
N ASP B 156 0.92 -17.65 16.42
CA ASP B 156 1.06 -18.42 15.22
C ASP B 156 0.10 -17.86 14.18
N ALA B 157 0.66 -17.05 13.31
CA ALA B 157 -0.10 -16.46 12.24
C ALA B 157 0.07 -17.16 10.90
N THR B 158 0.24 -18.47 10.97
CA THR B 158 0.09 -19.29 9.79
C THR B 158 -1.27 -19.98 9.72
N THR B 159 -2.15 -19.62 10.63
CA THR B 159 -3.49 -20.22 10.59
C THR B 159 -4.29 -19.80 9.38
N VAL B 160 -5.22 -20.63 8.95
CA VAL B 160 -6.08 -20.35 7.80
C VAL B 160 -7.48 -20.97 8.14
N ASN B 161 -8.48 -20.74 7.30
CA ASN B 161 -9.85 -21.30 7.46
C ASN B 161 -9.97 -22.57 6.61
N SER B 162 -10.90 -23.46 7.00
CA SER B 162 -11.16 -24.70 6.30
C SER B 162 -9.90 -25.48 6.03
N LYS B 163 -9.04 -25.57 7.07
CA LYS B 163 -7.73 -26.11 6.84
C LYS B 163 -7.67 -27.59 6.41
N ASP B 164 -8.72 -28.37 6.60
CA ASP B 164 -8.67 -29.78 6.20
C ASP B 164 -9.40 -30.00 4.92
N VAL B 165 -9.82 -28.95 4.21
CA VAL B 165 -10.57 -29.06 2.94
C VAL B 165 -9.83 -28.31 1.86
N PRO B 166 -9.07 -29.01 1.00
CA PRO B 166 -8.16 -28.33 0.04
C PRO B 166 -8.79 -27.28 -0.88
N ASN B 167 -9.97 -27.62 -1.41
CA ASN B 167 -10.75 -26.71 -2.24
C ASN B 167 -11.12 -25.41 -1.50
N ASP B 168 -11.35 -25.51 -0.22
CA ASP B 168 -11.91 -24.37 0.48
C ASP B 168 -10.95 -23.62 1.33
N ARG B 169 -9.83 -24.25 1.60
CA ARG B 169 -8.84 -23.62 2.45
C ARG B 169 -8.57 -22.20 1.98
N VAL B 170 -8.68 -21.20 2.86
CA VAL B 170 -8.31 -19.79 2.58
C VAL B 170 -7.72 -19.09 3.80
N LYS B 171 -6.56 -18.47 3.58
CA LYS B 171 -5.98 -17.61 4.58
C LYS B 171 -6.54 -16.22 4.45
N HIS B 172 -7.18 -15.73 5.50
CA HIS B 172 -8.00 -14.54 5.35
C HIS B 172 -7.36 -13.29 5.89
N TYR B 173 -6.05 -13.28 6.08
CA TYR B 173 -5.39 -12.10 6.57
C TYR B 173 -3.94 -12.09 6.12
N GLU B 174 -3.39 -10.90 6.16
CA GLU B 174 -1.99 -10.59 5.88
C GLU B 174 -1.41 -10.09 7.21
N ILE B 175 -0.14 -10.38 7.42
CA ILE B 175 0.58 -9.95 8.59
C ILE B 175 1.10 -8.60 8.26
N ASP B 176 0.61 -7.58 8.98
CA ASP B 176 1.07 -6.19 8.79
C ASP B 176 2.38 -5.92 9.49
N LYS B 177 2.52 -6.45 10.71
CA LYS B 177 3.70 -6.18 11.49
C LYS B 177 3.93 -7.12 12.65
N LYS B 178 5.22 -7.39 12.94
CA LYS B 178 5.64 -8.16 14.13
C LYS B 178 6.59 -7.33 14.94
N LYS B 179 6.54 -7.38 16.28
CA LYS B 179 7.34 -6.46 17.09
C LYS B 179 7.69 -7.05 18.43
N ASP B 180 8.97 -6.97 18.82
CA ASP B 180 9.39 -7.30 20.19
C ASP B 180 9.42 -5.94 20.91
N PHE B 181 8.44 -5.63 21.72
CA PHE B 181 8.51 -4.34 22.46
C PHE B 181 9.01 -4.49 23.95
N ALA B 182 9.83 -5.51 24.16
CA ALA B 182 10.60 -5.81 25.37
C ALA B 182 9.76 -6.31 26.56
N ASP B 183 8.58 -5.75 26.75
CA ASP B 183 7.66 -6.23 27.77
C ASP B 183 6.61 -7.18 27.20
N GLY B 184 6.82 -7.55 25.94
CA GLY B 184 5.92 -8.44 25.21
C GLY B 184 6.31 -8.62 23.75
N ILE B 185 5.51 -9.39 23.03
CA ILE B 185 5.59 -9.52 21.57
C ILE B 185 4.24 -9.13 20.93
N TYR B 186 4.32 -8.54 19.76
CA TYR B 186 3.17 -8.07 19.06
C TYR B 186 3.14 -8.58 17.63
N LEU B 187 1.96 -8.97 17.21
CA LEU B 187 1.72 -9.26 15.78
C LEU B 187 0.38 -8.64 15.36
N GLY B 188 0.37 -7.86 14.29
CA GLY B 188 -0.91 -7.35 13.74
C GLY B 188 -1.24 -7.78 12.32
N ILE B 189 -2.53 -8.01 12.10
CA ILE B 189 -3.05 -8.38 10.81
C ILE B 189 -4.08 -7.39 10.26
N THR B 190 -4.20 -7.38 8.94
CA THR B 190 -5.34 -6.81 8.29
C THR B 190 -6.01 -7.90 7.48
N THR B 191 -7.33 -7.97 7.45
CA THR B 191 -7.96 -9.00 6.62
C THR B 191 -7.73 -8.75 5.09
N LYS B 192 -7.93 -9.76 4.26
CA LYS B 192 -7.61 -9.61 2.81
C LYS B 192 -8.55 -8.63 2.10
N ASP B 193 -9.84 -8.63 2.44
CA ASP B 193 -10.75 -7.60 1.89
C ASP B 193 -10.48 -6.26 2.56
N LYS B 194 -9.69 -6.27 3.64
CA LYS B 194 -9.23 -5.03 4.28
C LYS B 194 -10.24 -4.35 5.14
N LYS B 195 -11.28 -5.06 5.45
CA LYS B 195 -12.37 -4.52 6.23
C LYS B 195 -12.06 -4.49 7.76
N TYR B 196 -11.06 -5.27 8.21
CA TYR B 196 -10.80 -5.34 9.68
C TYR B 196 -9.29 -5.43 9.92
N LYS B 197 -8.81 -4.75 10.94
CA LYS B 197 -7.44 -4.89 11.36
C LYS B 197 -7.44 -5.34 12.79
N VAL B 198 -6.50 -6.20 13.15
CA VAL B 198 -6.45 -6.84 14.47
C VAL B 198 -5.01 -6.78 14.95
N GLY B 199 -4.85 -6.32 16.19
CA GLY B 199 -3.53 -6.25 16.89
C GLY B 199 -3.55 -7.24 18.02
N ILE B 200 -2.45 -8.02 18.16
CA ILE B 200 -2.36 -9.07 19.18
C ILE B 200 -1.11 -8.72 19.99
N ALA B 201 -1.26 -8.36 21.29
CA ALA B 201 -0.08 -8.11 22.10
C ALA B 201 -0.06 -9.11 23.23
N SER B 202 1.04 -9.83 23.44
CA SER B 202 1.15 -10.91 24.48
C SER B 202 2.37 -10.71 25.38
N SER B 203 2.23 -10.94 26.68
CA SER B 203 3.39 -10.86 27.57
C SER B 203 3.43 -12.05 28.45
N THR B 204 4.52 -12.81 28.38
CA THR B 204 4.69 -13.97 29.23
C THR B 204 5.76 -13.65 30.31
N LYS B 205 5.67 -14.29 31.46
CA LYS B 205 6.82 -14.26 32.33
C LYS B 205 6.86 -15.48 33.28
N VAL B 206 8.06 -15.76 33.79
CA VAL B 206 8.22 -16.92 34.63
C VAL B 206 8.69 -16.47 36.01
N LEU B 207 7.97 -16.90 37.03
CA LEU B 207 8.17 -16.39 38.38
C LEU B 207 8.52 -17.56 39.32
N LEU B 208 9.46 -17.29 40.22
CA LEU B 208 9.70 -18.13 41.43
C LEU B 208 9.46 -17.23 42.66
N ASN B 209 8.41 -17.53 43.40
CA ASN B 209 7.98 -16.81 44.57
C ASN B 209 7.69 -15.37 44.17
N ASN B 210 6.97 -15.26 43.04
CA ASN B 210 6.53 -14.00 42.45
C ASN B 210 7.64 -13.09 42.09
N GLN B 211 8.81 -13.61 41.87
CA GLN B 211 9.85 -12.80 41.42
C GLN B 211 10.23 -13.48 40.15
N ARG B 212 10.34 -12.69 39.09
CA ARG B 212 11.00 -13.08 37.84
C ARG B 212 12.28 -13.90 38.07
N CYS B 213 12.36 -15.07 37.45
CA CYS B 213 13.40 -16.08 37.80
C CYS B 213 14.13 -16.66 36.58
N TYR B 214 14.01 -15.98 35.45
CA TYR B 214 14.71 -16.39 34.23
C TYR B 214 16.00 -15.60 34.09
N PHE B 215 17.05 -16.24 33.65
CA PHE B 215 18.32 -15.55 33.42
C PHE B 215 18.41 -14.92 32.03
N ASN B 216 17.50 -15.27 31.10
CA ASN B 216 17.51 -14.75 29.75
C ASN B 216 16.07 -14.71 29.16
N ARG B 217 15.75 -13.60 28.50
CA ARG B 217 14.61 -13.49 27.56
C ARG B 217 15.14 -13.25 26.15
N PHE B 218 14.56 -13.98 25.19
CA PHE B 218 14.82 -13.77 23.77
C PHE B 218 13.54 -14.01 22.95
N THR B 219 13.49 -13.36 21.79
CA THR B 219 12.37 -13.52 20.89
C THR B 219 12.88 -13.97 19.58
N LYS B 220 11.98 -14.59 18.82
CA LYS B 220 12.31 -15.06 17.50
C LYS B 220 11.26 -14.59 16.51
N ASP B 221 11.78 -14.18 15.38
CA ASP B 221 10.95 -13.89 14.20
C ASP B 221 11.14 -15.04 13.20
N LEU B 222 10.14 -15.87 13.08
CA LEU B 222 10.25 -17.06 12.26
C LEU B 222 9.31 -17.06 11.09
N GLY B 223 9.10 -15.92 10.44
CA GLY B 223 8.22 -15.86 9.28
C GLY B 223 6.89 -15.36 9.76
N TYR B 224 5.85 -16.18 9.74
CA TYR B 224 4.62 -15.74 10.25
C TYR B 224 4.37 -16.35 11.63
N ILE B 225 5.45 -16.64 12.37
CA ILE B 225 5.36 -17.02 13.77
C ILE B 225 6.34 -16.11 14.50
N ILE B 226 5.90 -15.57 15.61
CA ILE B 226 6.73 -14.86 16.56
C ILE B 226 6.70 -15.51 17.96
N THR B 227 7.85 -15.56 18.61
CA THR B 227 7.98 -16.24 19.88
C THR B 227 8.65 -15.35 20.91
N GLU B 228 8.32 -15.66 22.16
CA GLU B 228 8.84 -14.98 23.35
C GLU B 228 9.32 -16.18 24.25
N ASN B 229 10.58 -16.14 24.63
CA ASN B 229 11.26 -17.30 25.25
C ASN B 229 11.95 -16.89 26.57
N PHE B 230 11.85 -17.74 27.60
CA PHE B 230 12.38 -17.47 28.95
C PHE B 230 13.18 -18.67 29.40
N GLU B 231 14.47 -18.46 29.66
CA GLU B 231 15.33 -19.52 30.13
C GLU B 231 15.45 -19.45 31.63
N VAL B 232 15.27 -20.60 32.25
CA VAL B 232 15.22 -20.75 33.71
C VAL B 232 16.12 -21.88 34.09
N GLU B 233 17.05 -21.61 35.01
CA GLU B 233 17.84 -22.67 35.62
C GLU B 233 16.94 -23.28 36.62
N ALA B 234 16.17 -24.30 36.26
CA ALA B 234 15.15 -24.78 37.17
C ALA B 234 15.76 -25.77 38.20
N LYS B 235 15.39 -25.63 39.47
CA LYS B 235 15.89 -26.52 40.50
C LYS B 235 14.78 -27.49 40.88
N GLN B 236 15.15 -28.73 41.09
CA GLN B 236 14.22 -29.77 41.51
C GLN B 236 13.34 -29.30 42.66
N GLY B 237 12.02 -29.51 42.53
CA GLY B 237 11.11 -29.25 43.59
C GLY B 237 10.54 -27.86 43.65
N GLU B 238 11.21 -26.92 43.03
CA GLU B 238 10.74 -25.56 43.03
C GLU B 238 9.52 -25.45 42.12
N ARG B 239 8.64 -24.49 42.38
CA ARG B 239 7.40 -24.37 41.68
C ARG B 239 7.41 -23.08 40.82
N TYR B 240 7.73 -23.24 39.53
CA TYR B 240 7.85 -22.11 38.61
C TYR B 240 6.51 -21.72 38.07
N GLU B 241 6.19 -20.42 38.11
CA GLU B 241 4.85 -20.01 37.70
C GLU B 241 4.93 -19.32 36.35
N ILE B 242 4.21 -19.81 35.35
CA ILE B 242 4.19 -19.12 34.03
C ILE B 242 2.88 -18.37 33.93
N GLU B 243 2.95 -17.08 33.64
CA GLU B 243 1.78 -16.27 33.43
C GLU B 243 1.88 -15.66 32.04
N LYS B 244 0.78 -15.78 31.27
CA LYS B 244 0.76 -15.28 29.92
C LYS B 244 -0.50 -14.51 29.74
N LEU B 245 -0.34 -13.21 29.50
CA LEU B 245 -1.50 -12.39 29.20
C LEU B 245 -1.46 -11.97 27.74
N THR B 246 -2.61 -12.05 27.10
CA THR B 246 -2.71 -11.69 25.67
C THR B 246 -3.90 -10.75 25.39
N VAL B 247 -3.67 -9.64 24.70
CA VAL B 247 -4.68 -8.66 24.33
C VAL B 247 -4.88 -8.73 22.81
N LEU B 248 -6.14 -8.87 22.44
CA LEU B 248 -6.66 -8.75 21.07
C LEU B 248 -7.56 -7.53 20.90
N VAL B 249 -7.19 -6.71 19.96
CA VAL B 249 -7.94 -5.48 19.67
C VAL B 249 -8.31 -5.47 18.16
N SER B 250 -9.52 -5.09 17.86
CA SER B 250 -9.87 -4.94 16.42
C SER B 250 -10.40 -3.57 16.12
N SER B 251 -10.37 -3.21 14.84
CA SER B 251 -10.89 -2.02 14.41
C SER B 251 -12.41 -2.03 14.52
N ARG B 252 -13.07 -3.05 15.03
CA ARG B 252 -14.50 -2.82 15.30
C ARG B 252 -14.70 -1.99 16.67
N GLU B 253 -13.64 -1.76 17.44
CA GLU B 253 -13.73 -1.07 18.74
C GLU B 253 -13.64 0.42 18.46
N LYS B 254 -14.14 1.22 19.37
CA LYS B 254 -14.02 2.67 19.22
C LYS B 254 -12.62 3.21 19.54
N ASN B 255 -12.16 4.17 18.74
CA ASN B 255 -10.91 4.95 18.90
C ASN B 255 -9.65 4.21 19.09
N VAL B 256 -9.41 3.25 18.22
CA VAL B 256 -8.23 2.46 18.31
C VAL B 256 -6.98 3.27 17.91
N GLY B 257 -7.14 4.24 17.01
CA GLY B 257 -5.96 4.99 16.59
C GLY B 257 -4.85 4.05 16.09
N ASP B 258 -3.64 4.23 16.58
CA ASP B 258 -2.56 3.30 16.23
C ASP B 258 -2.82 2.03 16.98
N VAL B 259 -3.07 0.93 16.26
CA VAL B 259 -3.35 -0.36 16.92
C VAL B 259 -2.23 -0.89 17.82
N PHE B 260 -0.98 -0.76 17.39
CA PHE B 260 0.09 -1.21 18.18
C PHE B 260 -0.04 -0.51 19.55
N GLU B 261 -0.23 0.81 19.55
CA GLU B 261 -0.23 1.64 20.77
C GLU B 261 -1.39 1.26 21.70
N THR B 262 -2.55 1.03 21.12
CA THR B 262 -3.72 0.61 21.88
C THR B 262 -3.54 -0.77 22.54
N CYS B 263 -3.09 -1.76 21.77
CA CYS B 263 -2.73 -3.07 22.28
C CYS B 263 -1.81 -3.11 23.45
N THR B 264 -0.70 -2.40 23.31
CA THR B 264 0.32 -2.44 24.31
C THR B 264 -0.04 -1.59 25.53
N ASN B 265 -0.74 -0.47 25.33
CA ASN B 265 -1.40 0.28 26.40
C ASN B 265 -2.39 -0.56 27.23
N LYS B 266 -3.27 -1.30 26.56
CA LYS B 266 -4.20 -2.15 27.25
C LYS B 266 -3.49 -3.22 28.01
N LEU B 267 -2.52 -3.87 27.43
CA LEU B 267 -1.81 -4.92 28.13
C LEU B 267 -1.08 -4.38 29.39
N LYS B 268 -0.37 -3.30 29.19
CA LYS B 268 0.23 -2.58 30.27
C LYS B 268 -0.67 -2.38 31.48
N GLU B 269 -1.89 -1.97 31.26
CA GLU B 269 -2.82 -1.73 32.32
C GLU B 269 -3.08 -3.09 32.93
N PHE B 270 -3.24 -4.13 32.12
CA PHE B 270 -3.66 -5.41 32.71
C PHE B 270 -2.55 -6.00 33.58
N GLU B 271 -1.32 -5.83 33.15
CA GLU B 271 -0.15 -6.19 33.90
C GLU B 271 -0.02 -5.49 35.24
N THR B 272 -0.76 -4.43 35.54
CA THR B 272 -0.79 -3.88 36.92
C THR B 272 -1.65 -4.75 37.89
N LYS B 273 -2.50 -5.63 37.32
CA LYS B 273 -3.36 -6.52 38.10
C LYS B 273 -2.81 -7.93 38.17
N SER B 274 -3.00 -8.61 39.29
CA SER B 274 -2.57 -9.97 39.47
C SER B 274 -3.57 -10.89 38.72
N ALA B 275 -3.12 -12.09 38.38
CA ALA B 275 -3.97 -13.16 37.88
C ALA B 275 -5.12 -13.43 38.85
N GLU B 276 -4.82 -13.39 40.15
CA GLU B 276 -5.84 -13.53 41.23
C GLU B 276 -6.93 -12.48 41.04
N LYS B 277 -6.52 -11.24 40.89
CA LYS B 277 -7.49 -10.20 40.68
C LYS B 277 -8.23 -10.35 39.38
N LEU B 278 -7.54 -10.72 38.33
CA LEU B 278 -8.17 -10.82 37.05
C LEU B 278 -9.16 -11.99 37.07
N LEU B 279 -8.78 -13.12 37.69
CA LEU B 279 -9.59 -14.25 37.74
C LEU B 279 -10.85 -13.91 38.56
N PHE B 280 -10.68 -13.24 39.70
CA PHE B 280 -11.85 -12.89 40.54
C PHE B 280 -12.84 -12.05 39.82
N GLU B 281 -12.36 -11.04 39.13
CA GLU B 281 -13.28 -10.25 38.20
C GLU B 281 -14.11 -11.09 37.18
N HIS B 282 -13.45 -12.10 36.62
CA HIS B 282 -14.00 -12.96 35.64
C HIS B 282 -15.06 -13.84 36.28
N ILE B 283 -14.70 -14.44 37.39
CA ILE B 283 -15.66 -15.22 38.15
C ILE B 283 -16.85 -14.43 38.63
N GLU B 284 -16.63 -13.22 39.01
CA GLU B 284 -17.82 -12.41 39.45
C GLU B 284 -18.80 -12.13 38.34
N GLU B 285 -18.32 -12.03 37.08
CA GLU B 285 -19.30 -11.91 35.96
C GLU B 285 -20.12 -13.17 35.79
N TYR B 286 -19.48 -14.33 35.78
CA TYR B 286 -20.22 -15.58 35.66
C TYR B 286 -21.21 -15.76 36.80
N LYS B 287 -20.80 -15.40 37.99
CA LYS B 287 -21.69 -15.44 39.16
C LYS B 287 -23.00 -14.67 38.95
N ARG B 288 -22.86 -13.46 38.39
CA ARG B 288 -23.95 -12.57 38.04
C ARG B 288 -24.84 -13.24 37.00
N LEU B 289 -24.22 -13.81 35.95
CA LEU B 289 -25.00 -14.57 34.98
C LEU B 289 -25.72 -15.80 35.57
N TRP B 290 -24.95 -16.61 36.31
CA TRP B 290 -25.49 -17.86 36.83
C TRP B 290 -26.57 -17.61 37.88
N ASP B 291 -26.44 -16.51 38.60
CA ASP B 291 -27.42 -16.14 39.59
C ASP B 291 -28.87 -16.11 39.01
N VAL B 292 -29.04 -15.80 37.73
CA VAL B 292 -30.33 -15.82 37.10
C VAL B 292 -30.54 -17.10 36.31
N ALA B 293 -29.51 -17.55 35.61
CA ALA B 293 -29.65 -18.53 34.52
C ALA B 293 -29.47 -20.02 34.95
N ASN B 294 -28.85 -20.25 36.09
CA ASN B 294 -28.68 -21.63 36.54
C ASN B 294 -30.04 -22.35 36.69
N ILE B 295 -30.14 -23.56 36.20
CA ILE B 295 -31.34 -24.37 36.40
C ILE B 295 -30.96 -25.61 37.23
N ASP B 296 -31.66 -25.83 38.34
CA ASP B 296 -31.38 -26.94 39.25
C ASP B 296 -32.43 -28.00 39.03
N ILE B 297 -31.95 -29.14 38.53
CA ILE B 297 -32.72 -30.39 38.36
C ILE B 297 -32.29 -31.37 39.45
N VAL B 298 -33.25 -31.95 40.16
CA VAL B 298 -32.96 -32.96 41.21
C VAL B 298 -33.50 -34.31 40.80
N GLY B 299 -32.66 -35.34 40.85
CA GLY B 299 -33.09 -36.69 40.43
C GLY B 299 -32.55 -37.20 39.11
N ASP B 300 -31.73 -36.38 38.45
CA ASP B 300 -31.16 -36.78 37.20
C ASP B 300 -29.83 -36.04 37.00
N GLU B 301 -28.73 -36.60 37.47
CA GLU B 301 -27.43 -35.93 37.42
C GLU B 301 -27.00 -35.66 35.97
N VAL B 302 -27.30 -36.58 35.07
CA VAL B 302 -26.88 -36.44 33.71
C VAL B 302 -27.56 -35.22 33.04
N ALA B 303 -28.88 -35.10 33.24
CA ALA B 303 -29.65 -33.88 32.91
C ALA B 303 -29.16 -32.61 33.61
N ASN B 304 -28.96 -32.66 34.92
CA ASN B 304 -28.54 -31.45 35.62
C ASN B 304 -27.18 -30.91 35.11
N LYS B 305 -26.24 -31.79 34.82
CA LYS B 305 -24.88 -31.42 34.33
C LYS B 305 -24.88 -31.03 32.81
N SER B 306 -25.66 -31.75 31.98
CA SER B 306 -25.80 -31.47 30.54
C SER B 306 -26.33 -30.06 30.36
N VAL B 307 -27.44 -29.81 31.08
CA VAL B 307 -28.04 -28.49 31.22
C VAL B 307 -27.04 -27.38 31.68
N LYS B 308 -26.28 -27.56 32.71
CA LYS B 308 -25.22 -26.57 33.03
C LYS B 308 -24.35 -26.28 31.81
N PHE B 309 -23.88 -27.30 31.15
CA PHE B 309 -23.06 -27.16 29.93
C PHE B 309 -23.71 -26.30 28.81
N ASN B 310 -24.98 -26.56 28.51
CA ASN B 310 -25.74 -25.83 27.51
C ASN B 310 -25.85 -24.36 27.89
N ILE B 311 -26.20 -24.08 29.15
CA ILE B 311 -26.38 -22.72 29.64
C ILE B 311 -25.01 -22.02 29.75
N PHE B 312 -23.98 -22.77 30.15
CA PHE B 312 -22.63 -22.16 30.20
C PHE B 312 -22.25 -21.52 28.88
N HIS B 313 -22.38 -22.29 27.81
CA HIS B 313 -22.06 -21.80 26.48
C HIS B 313 -22.99 -20.65 26.02
N LEU B 314 -24.30 -20.72 26.27
CA LEU B 314 -25.12 -19.54 26.05
C LEU B 314 -24.63 -18.24 26.84
N ILE B 315 -24.43 -18.35 28.13
CA ILE B 315 -24.09 -17.17 28.88
C ILE B 315 -22.67 -16.63 28.46
N SER B 316 -21.84 -17.46 27.88
CA SER B 316 -20.49 -17.07 27.50
C SER B 316 -20.47 -16.25 26.21
N MET B 317 -21.45 -16.49 25.36
CA MET B 317 -21.33 -16.22 23.91
C MET B 317 -21.81 -14.81 23.61
N ALA B 318 -22.67 -14.28 24.46
CA ALA B 318 -23.32 -13.00 24.18
C ALA B 318 -22.65 -11.83 24.88
N ASN B 319 -22.45 -10.76 24.12
CA ASN B 319 -21.87 -9.49 24.60
C ASN B 319 -22.87 -8.37 24.35
N PRO B 320 -23.60 -7.97 25.40
CA PRO B 320 -24.66 -6.96 25.28
C PRO B 320 -24.20 -5.54 24.91
N GLU B 321 -22.91 -5.27 25.01
CA GLU B 321 -22.38 -4.00 24.57
C GLU B 321 -22.15 -3.89 23.03
N ASP B 322 -22.21 -5.00 22.30
CA ASP B 322 -21.96 -4.99 20.87
C ASP B 322 -23.27 -5.10 20.13
N GLU B 323 -23.75 -4.00 19.60
CA GLU B 323 -25.05 -3.96 18.84
C GLU B 323 -24.91 -4.22 17.34
N HIS B 324 -23.72 -4.65 16.92
CA HIS B 324 -23.41 -4.88 15.46
C HIS B 324 -22.93 -6.28 15.16
N VAL B 325 -23.10 -7.22 16.11
CA VAL B 325 -22.94 -8.64 15.87
C VAL B 325 -24.14 -9.37 16.49
N SER B 326 -24.38 -10.55 16.00
CA SER B 326 -25.26 -11.47 16.70
C SER B 326 -24.56 -12.83 16.75
N LEU B 327 -25.30 -13.84 17.13
CA LEU B 327 -24.72 -15.14 17.35
C LEU B 327 -24.76 -16.06 16.10
N GLY B 328 -23.57 -16.49 15.65
CA GLY B 328 -23.49 -17.49 14.61
C GLY B 328 -24.13 -18.83 14.96
N ALA B 329 -24.48 -19.65 13.96
CA ALA B 329 -25.04 -21.00 14.25
C ALA B 329 -24.10 -21.88 15.12
N LYS B 330 -22.80 -21.57 15.13
CA LYS B 330 -21.87 -22.28 15.98
C LYS B 330 -21.18 -21.41 17.03
N GLY B 331 -21.88 -20.40 17.54
CA GLY B 331 -21.33 -19.50 18.52
C GLY B 331 -20.07 -18.85 17.99
N LEU B 332 -19.05 -18.76 18.83
CA LEU B 332 -17.67 -18.46 18.36
C LEU B 332 -16.82 -19.64 18.72
N HIS B 333 -17.25 -20.84 18.32
CA HIS B 333 -16.68 -22.09 18.87
C HIS B 333 -16.14 -22.98 17.77
N GLY B 334 -16.27 -22.52 16.55
CA GLY B 334 -15.73 -23.21 15.39
C GLY B 334 -16.23 -22.56 14.10
N GLU B 335 -15.83 -23.17 13.00
CA GLU B 335 -16.01 -22.66 11.66
C GLU B 335 -17.26 -23.21 10.92
N GLY B 336 -17.99 -24.13 11.54
CA GLY B 336 -19.24 -24.63 11.00
C GLY B 336 -20.16 -23.56 10.61
N TYR B 337 -20.60 -23.62 9.37
CA TYR B 337 -21.47 -22.55 8.81
C TYR B 337 -20.82 -21.14 8.78
N LYS B 338 -19.51 -21.05 9.01
CA LYS B 338 -18.75 -19.80 8.78
C LYS B 338 -19.15 -18.60 9.58
N GLY B 339 -19.67 -18.75 10.79
CA GLY B 339 -20.12 -17.62 11.59
C GLY B 339 -21.38 -16.96 11.21
N HIS B 340 -22.05 -17.45 10.17
CA HIS B 340 -23.24 -16.83 9.74
C HIS B 340 -24.33 -16.99 10.81
N VAL B 341 -25.13 -15.92 10.89
CA VAL B 341 -26.29 -15.79 11.74
C VAL B 341 -27.52 -16.25 10.94
N PHE B 342 -28.30 -17.14 11.52
CA PHE B 342 -29.56 -17.66 10.99
C PHE B 342 -30.69 -17.44 11.98
N TRP B 343 -31.90 -17.86 11.58
CA TRP B 343 -33.02 -17.88 12.48
C TRP B 343 -32.79 -18.67 13.77
N ASP B 344 -31.81 -19.57 13.78
CA ASP B 344 -31.27 -20.19 15.02
C ASP B 344 -31.22 -19.19 16.20
N THR B 345 -30.67 -18.05 15.88
CA THR B 345 -30.54 -16.99 16.81
C THR B 345 -31.88 -16.46 17.25
N GLU B 346 -32.65 -15.84 16.41
CA GLU B 346 -33.85 -15.13 16.84
C GLU B 346 -34.86 -16.05 17.51
N ILE B 347 -34.94 -17.30 17.01
CA ILE B 347 -36.04 -18.17 17.41
C ILE B 347 -35.61 -19.19 18.48
N PHE B 348 -34.40 -19.72 18.42
CA PHE B 348 -33.97 -20.74 19.34
C PHE B 348 -33.16 -20.15 20.52
N MET B 349 -32.23 -19.27 20.18
CA MET B 349 -31.31 -18.76 21.16
C MET B 349 -31.85 -17.55 21.88
N LEU B 350 -32.55 -16.72 21.14
CA LEU B 350 -33.01 -15.46 21.63
C LEU B 350 -33.85 -15.52 22.90
N PRO B 351 -34.82 -16.47 22.99
CA PRO B 351 -35.59 -16.54 24.21
C PRO B 351 -34.80 -16.72 25.49
N PHE B 352 -33.82 -17.58 25.51
CA PHE B 352 -32.93 -17.63 26.70
C PHE B 352 -32.49 -16.21 27.19
N TYR B 353 -32.04 -15.39 26.26
CA TYR B 353 -31.53 -14.06 26.60
C TYR B 353 -32.66 -13.14 26.98
N ILE B 354 -33.75 -13.23 26.25
CA ILE B 354 -34.86 -12.45 26.57
C ILE B 354 -35.23 -12.65 28.06
N TYR B 355 -35.14 -13.88 28.53
CA TYR B 355 -35.70 -14.21 29.87
C TYR B 355 -34.64 -14.30 30.96
N THR B 356 -33.37 -14.32 30.58
CA THR B 356 -32.29 -14.35 31.62
C THR B 356 -31.37 -13.14 31.59
N ASN B 357 -31.32 -12.40 30.48
CA ASN B 357 -30.43 -11.22 30.45
C ASN B 357 -30.87 -10.36 29.31
N PRO B 358 -32.04 -9.69 29.46
CA PRO B 358 -32.70 -9.11 28.25
C PRO B 358 -31.82 -8.12 27.43
N ALA B 359 -30.93 -7.41 28.07
CA ALA B 359 -30.07 -6.47 27.36
C ALA B 359 -29.29 -7.16 26.25
N ALA B 360 -28.90 -8.40 26.50
CA ALA B 360 -28.31 -9.29 25.51
C ALA B 360 -29.21 -9.55 24.30
N ALA B 361 -30.46 -9.90 24.55
CA ALA B 361 -31.44 -10.06 23.47
C ALA B 361 -31.62 -8.76 22.65
N LYS B 362 -31.60 -7.66 23.36
CA LYS B 362 -31.87 -6.43 22.69
C LYS B 362 -30.74 -6.11 21.70
N ALA B 363 -29.51 -6.34 22.13
CA ALA B 363 -28.37 -6.09 21.25
C ALA B 363 -28.33 -7.01 20.00
N MET B 364 -28.80 -8.24 20.15
CA MET B 364 -28.90 -9.14 19.00
C MET B 364 -30.01 -8.66 18.03
N LEU B 365 -31.03 -8.01 18.56
CA LEU B 365 -32.07 -7.39 17.74
C LEU B 365 -31.60 -6.08 17.16
N MET B 366 -30.83 -5.30 17.93
CA MET B 366 -30.13 -4.16 17.26
C MET B 366 -29.24 -4.51 16.03
N TYR B 367 -28.69 -5.69 15.97
CA TYR B 367 -27.81 -6.12 14.86
C TYR B 367 -28.66 -6.15 13.60
N ARG B 368 -29.86 -6.71 13.73
CA ARG B 368 -30.81 -6.72 12.63
C ARG B 368 -31.28 -5.31 12.26
N TYR B 369 -31.67 -4.50 13.24
CA TYR B 369 -32.00 -3.16 12.93
C TYR B 369 -30.93 -2.42 12.14
N ASN B 370 -29.68 -2.66 12.49
CA ASN B 370 -28.60 -1.93 11.83
C ASN B 370 -28.37 -2.53 10.46
N LEU B 371 -29.06 -3.64 10.15
CA LEU B 371 -28.84 -4.24 8.81
C LEU B 371 -30.03 -4.09 7.90
N LEU B 372 -30.92 -3.23 8.35
CA LEU B 372 -32.14 -2.95 7.58
C LEU B 372 -31.86 -2.45 6.16
N ASP B 373 -30.91 -1.52 5.95
CA ASP B 373 -30.65 -1.06 4.58
C ASP B 373 -30.21 -2.22 3.72
N ALA B 374 -29.34 -3.08 4.27
CA ALA B 374 -28.91 -4.21 3.46
C ALA B 374 -30.11 -5.14 3.18
N ALA B 375 -31.01 -5.29 4.14
CA ALA B 375 -32.23 -6.15 3.89
C ALA B 375 -33.18 -5.52 2.88
N ARG B 376 -33.34 -4.19 2.89
CA ARG B 376 -34.17 -3.54 1.87
C ARG B 376 -33.54 -3.74 0.49
N GLU B 377 -32.24 -3.59 0.43
CA GLU B 377 -31.51 -3.80 -0.80
C GLU B 377 -31.56 -5.25 -1.33
N ASN B 378 -31.47 -6.23 -0.40
CA ASN B 378 -31.75 -7.62 -0.72
C ASN B 378 -33.15 -7.74 -1.37
N ALA B 379 -34.20 -7.15 -0.76
CA ALA B 379 -35.60 -7.20 -1.29
C ALA B 379 -35.70 -6.64 -2.70
N ARG B 380 -35.29 -5.40 -2.82
CA ARG B 380 -35.13 -4.73 -4.12
C ARG B 380 -34.50 -5.64 -5.18
N LYS B 381 -33.24 -6.00 -5.05
CA LYS B 381 -32.65 -6.70 -6.19
C LYS B 381 -33.29 -8.06 -6.47
N ASN B 382 -34.08 -8.61 -5.54
CA ASN B 382 -34.93 -9.79 -5.83
C ASN B 382 -36.35 -9.43 -6.27
N GLY B 383 -36.57 -8.17 -6.60
CA GLY B 383 -37.84 -7.73 -7.17
C GLY B 383 -38.98 -7.70 -6.15
N TYR B 384 -38.66 -7.75 -4.84
CA TYR B 384 -39.64 -7.59 -3.77
C TYR B 384 -39.44 -6.22 -3.11
N LYS B 385 -40.21 -5.93 -2.09
CA LYS B 385 -40.22 -4.64 -1.43
C LYS B 385 -39.95 -4.90 0.03
N GLY B 386 -39.89 -3.82 0.80
CA GLY B 386 -39.69 -3.89 2.20
C GLY B 386 -38.30 -4.39 2.51
N ALA B 387 -38.19 -5.09 3.64
CA ALA B 387 -36.94 -5.71 4.10
C ALA B 387 -37.03 -7.20 3.99
N GLN B 388 -36.24 -7.78 3.08
CA GLN B 388 -36.08 -9.23 3.01
C GLN B 388 -34.76 -9.61 3.71
N PHE B 389 -34.82 -10.04 4.99
CA PHE B 389 -33.57 -10.47 5.67
C PHE B 389 -33.00 -11.72 5.05
N PRO B 390 -31.66 -11.78 4.94
CA PRO B 390 -31.01 -12.93 4.35
C PRO B 390 -31.19 -14.20 5.19
N TRP B 391 -31.24 -15.38 4.55
CA TRP B 391 -31.18 -16.65 5.26
C TRP B 391 -29.88 -16.71 6.15
N GLU B 392 -28.77 -16.23 5.64
CA GLU B 392 -27.50 -16.22 6.36
C GLU B 392 -26.91 -14.80 6.33
N SER B 393 -26.64 -14.23 7.50
CA SER B 393 -26.16 -12.87 7.65
C SER B 393 -24.76 -12.92 8.28
N ALA B 394 -23.91 -11.98 7.89
CA ALA B 394 -22.58 -11.84 8.50
C ALA B 394 -22.36 -10.38 9.03
N ASP B 395 -21.48 -9.56 8.43
CA ASP B 395 -21.28 -8.18 8.91
C ASP B 395 -22.11 -7.19 8.10
N THR B 396 -22.21 -7.40 6.81
CA THR B 396 -22.83 -6.39 5.95
C THR B 396 -24.33 -6.47 5.85
N GLY B 397 -24.92 -7.64 6.10
CA GLY B 397 -26.36 -7.81 6.09
C GLY B 397 -26.88 -8.28 4.75
N GLU B 398 -25.99 -8.39 3.79
CA GLU B 398 -26.24 -9.05 2.50
C GLU B 398 -26.36 -10.55 2.68
N GLU B 399 -26.94 -11.17 1.67
CA GLU B 399 -27.19 -12.61 1.68
C GLU B 399 -25.88 -13.36 1.58
N GLU B 400 -25.54 -14.20 2.56
CA GLU B 400 -24.26 -14.89 2.47
C GLU B 400 -24.35 -16.41 2.34
N THR B 401 -25.56 -16.94 2.05
CA THR B 401 -25.76 -18.36 1.95
C THR B 401 -24.97 -18.77 0.70
N PRO B 402 -24.12 -19.81 0.78
CA PRO B 402 -23.53 -20.37 -0.46
C PRO B 402 -24.57 -20.85 -1.44
N LYS B 403 -24.24 -20.81 -2.72
CA LYS B 403 -25.19 -21.29 -3.75
C LYS B 403 -24.89 -22.74 -4.05
N TRP B 404 -23.64 -23.16 -3.77
CA TRP B 404 -23.17 -24.50 -4.11
C TRP B 404 -22.63 -25.24 -2.89
N GLY B 405 -22.93 -26.53 -2.79
CA GLY B 405 -22.33 -27.39 -1.77
C GLY B 405 -22.30 -28.85 -2.22
N TYR B 406 -22.28 -29.78 -1.28
CA TYR B 406 -22.24 -31.20 -1.58
C TYR B 406 -23.37 -31.84 -0.80
N ASP B 407 -24.05 -32.81 -1.42
CA ASP B 407 -25.26 -33.43 -0.86
C ASP B 407 -24.96 -34.57 0.10
N TYR B 408 -26.01 -35.22 0.65
CA TYR B 408 -25.86 -36.40 1.50
C TYR B 408 -25.03 -37.53 0.87
N LEU B 409 -24.98 -37.56 -0.45
CA LEU B 409 -24.17 -38.55 -1.15
C LEU B 409 -22.74 -38.04 -1.47
N GLY B 410 -22.44 -36.75 -1.31
CA GLY B 410 -21.07 -36.23 -1.58
C GLY B 410 -20.89 -35.57 -2.95
N ASN B 411 -21.98 -35.48 -3.68
CA ASN B 411 -21.95 -34.91 -5.04
C ASN B 411 -22.19 -33.40 -4.99
N PRO B 412 -21.69 -32.65 -6.01
CA PRO B 412 -21.96 -31.23 -6.02
C PRO B 412 -23.44 -30.95 -6.20
N VAL B 413 -23.93 -29.92 -5.51
CA VAL B 413 -25.36 -29.63 -5.51
C VAL B 413 -25.65 -28.13 -5.29
N ARG B 414 -26.75 -27.70 -5.90
CA ARG B 414 -27.26 -26.38 -5.78
C ARG B 414 -27.97 -26.26 -4.40
N ILE B 415 -27.62 -25.26 -3.62
CA ILE B 415 -28.25 -25.06 -2.28
C ILE B 415 -29.26 -23.94 -2.54
N TRP B 416 -30.52 -24.22 -2.25
CA TRP B 416 -31.58 -23.27 -2.56
C TRP B 416 -32.00 -22.45 -1.36
N THR B 417 -31.42 -22.70 -0.20
CA THR B 417 -31.92 -21.98 0.99
C THR B 417 -31.90 -20.42 0.91
N GLY B 418 -30.81 -19.81 0.50
CA GLY B 418 -30.80 -18.37 0.42
C GLY B 418 -31.80 -17.75 -0.55
N ASP B 419 -32.12 -18.49 -1.62
CA ASP B 419 -33.02 -18.03 -2.69
C ASP B 419 -34.49 -18.02 -2.18
N ILE B 420 -34.92 -19.09 -1.53
CA ILE B 420 -36.36 -19.34 -1.26
C ILE B 420 -36.70 -19.87 0.10
N GLU B 421 -35.75 -19.85 1.07
CA GLU B 421 -36.15 -20.13 2.48
C GLU B 421 -36.46 -18.81 3.15
N TYR B 422 -37.65 -18.30 2.83
CA TYR B 422 -38.02 -16.90 3.07
C TYR B 422 -38.40 -16.61 4.55
N HIS B 423 -38.71 -17.65 5.31
CA HIS B 423 -39.37 -17.46 6.55
C HIS B 423 -38.52 -16.63 7.54
N ILE B 424 -37.21 -16.55 7.34
CA ILE B 424 -36.34 -15.74 8.22
C ILE B 424 -36.92 -14.37 8.51
N SER B 425 -37.47 -13.64 7.53
CA SER B 425 -37.96 -12.29 7.74
C SER B 425 -39.15 -12.20 8.69
N ALA B 426 -40.11 -13.10 8.59
CA ALA B 426 -41.11 -13.25 9.62
C ALA B 426 -40.54 -13.68 10.97
N ASP B 427 -39.59 -14.60 10.96
CA ASP B 427 -38.98 -15.12 12.22
C ASP B 427 -38.36 -13.94 12.98
N ILE B 428 -37.70 -13.04 12.25
CA ILE B 428 -37.14 -11.80 12.88
C ILE B 428 -38.17 -10.91 13.50
N ALA B 429 -39.26 -10.63 12.77
CA ALA B 429 -40.41 -9.87 13.33
C ALA B 429 -41.00 -10.53 14.57
N TYR B 430 -41.10 -11.86 14.56
CA TYR B 430 -41.63 -12.62 15.71
C TYR B 430 -40.72 -12.42 16.95
N ALA B 431 -39.41 -12.49 16.72
CA ALA B 431 -38.42 -12.28 17.77
C ALA B 431 -38.51 -10.86 18.37
N VAL B 432 -38.72 -9.83 17.55
CA VAL B 432 -39.00 -8.47 18.02
C VAL B 432 -40.20 -8.44 18.98
N MET B 433 -41.39 -8.91 18.59
CA MET B 433 -42.57 -8.96 19.44
C MET B 433 -42.32 -9.75 20.72
N ASN B 434 -41.59 -10.87 20.58
CA ASN B 434 -41.23 -11.71 21.67
C ASN B 434 -40.44 -10.97 22.70
N TYR B 435 -39.37 -10.28 22.24
CA TYR B 435 -38.59 -9.48 23.18
C TYR B 435 -39.45 -8.36 23.83
N VAL B 436 -40.27 -7.68 23.03
CA VAL B 436 -40.99 -6.51 23.52
C VAL B 436 -42.07 -6.94 24.49
N ARG B 437 -42.82 -8.00 24.19
CA ARG B 437 -43.78 -8.48 25.18
C ARG B 437 -43.17 -8.78 26.57
N ALA B 438 -42.04 -9.48 26.60
CA ALA B 438 -41.49 -10.00 27.83
C ALA B 438 -40.98 -8.85 28.68
N THR B 439 -40.48 -7.81 28.04
CA THR B 439 -39.80 -6.73 28.73
C THR B 439 -40.59 -5.41 28.79
N ASP B 440 -41.68 -5.27 28.04
CA ASP B 440 -42.33 -3.96 27.94
C ASP B 440 -41.37 -2.78 27.55
N ASP B 441 -40.36 -3.10 26.72
CA ASP B 441 -39.38 -2.08 26.30
C ASP B 441 -39.95 -1.30 25.12
N ILE B 442 -40.84 -0.38 25.48
CA ILE B 442 -41.54 0.51 24.58
C ILE B 442 -40.60 1.42 23.81
N ASP B 443 -39.55 1.96 24.43
CA ASP B 443 -38.56 2.77 23.69
C ASP B 443 -37.96 1.98 22.50
N PHE B 444 -37.54 0.74 22.74
CA PHE B 444 -37.05 -0.10 21.65
C PHE B 444 -38.12 -0.28 20.59
N LEU B 445 -39.34 -0.53 21.01
CA LEU B 445 -40.39 -0.74 20.05
C LEU B 445 -40.64 0.50 19.21
N LEU B 446 -40.68 1.66 19.85
CA LEU B 446 -40.95 2.88 19.12
C LEU B 446 -39.80 3.22 18.17
N ASN B 447 -38.56 3.09 18.63
CA ASN B 447 -37.40 3.64 17.94
C ASN B 447 -36.78 2.65 16.95
N TYR B 448 -36.93 1.36 17.20
CA TYR B 448 -36.23 0.41 16.36
C TYR B 448 -37.15 -0.74 15.92
N GLY B 449 -37.87 -1.35 16.86
CA GLY B 449 -38.59 -2.58 16.69
C GLY B 449 -39.68 -2.59 15.65
N SER B 450 -40.48 -1.54 15.67
CA SER B 450 -41.61 -1.31 14.78
C SER B 450 -41.22 -1.18 13.33
N GLU B 451 -40.09 -0.50 13.04
CA GLU B 451 -39.56 -0.40 11.68
C GLU B 451 -39.26 -1.76 11.09
N ILE B 452 -38.62 -2.61 11.89
CA ILE B 452 -38.34 -3.96 11.49
C ILE B 452 -39.63 -4.68 11.13
N ILE B 453 -40.56 -4.67 12.03
CA ILE B 453 -41.81 -5.40 11.84
C ILE B 453 -42.56 -4.88 10.63
N ILE B 454 -42.57 -3.58 10.44
CA ILE B 454 -43.36 -3.01 9.35
C ILE B 454 -42.66 -3.38 8.03
N GLU B 455 -41.34 -3.23 8.01
CA GLU B 455 -40.62 -3.40 6.76
C GLU B 455 -40.64 -4.85 6.32
N THR B 456 -40.54 -5.82 7.25
CA THR B 456 -40.77 -7.25 6.90
C THR B 456 -42.22 -7.56 6.46
N ALA B 457 -43.21 -6.93 7.06
CA ALA B 457 -44.59 -7.05 6.57
C ALA B 457 -44.68 -6.58 5.09
N ARG B 458 -43.91 -5.56 4.74
CA ARG B 458 -43.95 -4.98 3.43
C ARG B 458 -43.35 -5.93 2.42
N PHE B 459 -42.29 -6.67 2.82
CA PHE B 459 -41.81 -7.77 2.05
C PHE B 459 -42.91 -8.84 1.82
N TRP B 460 -43.55 -9.28 2.88
CA TRP B 460 -44.48 -10.36 2.76
C TRP B 460 -45.68 -10.04 1.83
N ALA B 461 -46.18 -8.84 1.94
CA ALA B 461 -47.21 -8.33 1.07
C ALA B 461 -46.71 -8.34 -0.38
N SER B 462 -45.42 -8.08 -0.62
CA SER B 462 -44.96 -8.06 -1.96
C SER B 462 -44.73 -9.42 -2.53
N ILE B 463 -44.46 -10.46 -1.73
CA ILE B 463 -44.27 -11.82 -2.25
C ILE B 463 -45.56 -12.67 -2.30
N CYS B 464 -46.58 -12.30 -1.56
CA CYS B 464 -47.83 -13.01 -1.65
C CYS B 464 -48.40 -12.87 -3.06
N LYS B 465 -48.84 -13.98 -3.66
CA LYS B 465 -49.43 -13.94 -5.03
C LYS B 465 -50.92 -14.23 -4.94
N TYR B 466 -51.74 -13.41 -5.60
CA TYR B 466 -53.19 -13.65 -5.58
C TYR B 466 -53.58 -14.68 -6.61
N ASN B 467 -54.18 -15.76 -6.13
CA ASN B 467 -54.72 -16.78 -7.00
C ASN B 467 -56.18 -16.33 -7.17
N LYS B 468 -56.43 -15.69 -8.31
CA LYS B 468 -57.76 -15.22 -8.71
C LYS B 468 -58.75 -16.40 -8.84
N GLU B 469 -58.25 -17.51 -9.40
CA GLU B 469 -59.07 -18.70 -9.71
C GLU B 469 -59.55 -19.42 -8.48
N LYS B 470 -58.98 -19.11 -7.32
CA LYS B 470 -59.26 -19.80 -6.07
C LYS B 470 -59.47 -18.83 -4.89
N GLY B 471 -59.41 -17.53 -5.18
CA GLY B 471 -59.70 -16.50 -4.18
C GLY B 471 -58.80 -16.52 -2.96
N ARG B 472 -57.50 -16.72 -3.13
CA ARG B 472 -56.61 -16.73 -1.97
C ARG B 472 -55.19 -16.27 -2.32
N TYR B 473 -54.43 -15.85 -1.31
CA TYR B 473 -53.03 -15.47 -1.52
C TYR B 473 -52.16 -16.65 -1.25
N GLU B 474 -51.15 -16.83 -2.10
CA GLU B 474 -50.27 -17.97 -1.99
C GLU B 474 -48.81 -17.53 -1.91
N ILE B 475 -47.98 -18.35 -1.25
CA ILE B 475 -46.50 -18.11 -1.26
C ILE B 475 -45.82 -19.34 -1.76
N ASN B 476 -45.45 -19.31 -3.02
CA ASN B 476 -45.11 -20.48 -3.81
C ASN B 476 -43.64 -20.53 -4.04
N ASP B 477 -43.15 -21.76 -4.23
CA ASP B 477 -41.72 -22.04 -4.50
C ASP B 477 -40.80 -21.53 -3.34
N VAL B 478 -40.89 -22.27 -2.26
CA VAL B 478 -40.24 -21.90 -1.04
C VAL B 478 -39.62 -23.14 -0.39
N ILE B 479 -38.91 -22.89 0.70
CA ILE B 479 -38.40 -23.91 1.57
C ILE B 479 -38.88 -23.50 2.94
N GLY B 480 -39.43 -24.46 3.68
CA GLY B 480 -39.93 -24.18 5.01
C GLY B 480 -38.89 -24.71 6.02
N PRO B 481 -39.21 -24.70 7.28
CA PRO B 481 -38.28 -25.22 8.23
C PRO B 481 -37.75 -26.60 7.92
N ASP B 482 -38.62 -27.48 7.47
CA ASP B 482 -38.15 -28.76 6.90
C ASP B 482 -37.48 -28.57 5.56
N GLU B 483 -36.12 -28.48 5.58
CA GLU B 483 -35.33 -28.24 4.36
C GLU B 483 -35.21 -29.46 3.47
N PHE B 484 -35.59 -30.65 3.93
CA PHE B 484 -35.70 -31.83 3.02
C PHE B 484 -36.58 -31.57 1.79
N HIS B 485 -37.57 -30.66 1.93
CA HIS B 485 -38.50 -30.32 0.82
C HIS B 485 -38.29 -28.92 0.26
N GLU B 486 -37.91 -28.90 -1.01
CA GLU B 486 -37.57 -27.71 -1.72
C GLU B 486 -38.59 -27.46 -2.83
N HIS B 487 -38.69 -26.18 -3.21
CA HIS B 487 -39.58 -25.65 -4.21
C HIS B 487 -41.04 -26.05 -3.90
N CYS B 488 -41.40 -25.89 -2.63
CA CYS B 488 -42.71 -26.14 -2.06
C CYS B 488 -43.61 -25.03 -2.37
N ASN B 489 -44.90 -25.33 -2.37
CA ASN B 489 -45.98 -24.34 -2.47
C ASN B 489 -46.81 -24.33 -1.21
N ASN B 490 -46.97 -23.14 -0.65
CA ASN B 490 -47.76 -22.96 0.57
C ASN B 490 -47.40 -23.85 1.77
N ASN B 491 -46.12 -23.76 2.13
CA ASN B 491 -45.66 -24.20 3.43
C ASN B 491 -46.47 -23.50 4.52
N ALA B 492 -47.20 -24.30 5.34
CA ALA B 492 -48.07 -23.75 6.38
C ALA B 492 -47.36 -22.80 7.34
N TYR B 493 -46.19 -23.23 7.81
CA TYR B 493 -45.38 -22.39 8.71
C TYR B 493 -45.12 -21.00 8.10
N THR B 494 -44.53 -20.99 6.94
CA THR B 494 -44.27 -19.74 6.21
C THR B 494 -45.51 -18.86 5.99
N ASN B 495 -46.60 -19.49 5.58
CA ASN B 495 -47.85 -18.76 5.34
C ASN B 495 -48.40 -18.25 6.65
N TYR B 496 -48.40 -19.08 7.68
CA TYR B 496 -48.99 -18.61 8.94
C TYR B 496 -48.11 -17.50 9.59
N LEU B 497 -46.79 -17.69 9.54
CA LEU B 497 -45.89 -16.64 10.05
C LEU B 497 -46.04 -15.35 9.25
N ALA B 498 -46.19 -15.47 7.93
CA ALA B 498 -46.31 -14.27 7.10
C ALA B 498 -47.60 -13.51 7.45
N LYS B 499 -48.67 -14.28 7.64
CA LYS B 499 -49.96 -13.77 8.06
C LYS B 499 -49.86 -13.12 9.43
N TRP B 500 -49.29 -13.84 10.39
CA TRP B 500 -48.89 -13.22 11.67
C TRP B 500 -48.18 -11.89 11.46
N ASN B 501 -47.23 -11.83 10.53
CA ASN B 501 -46.36 -10.63 10.47
C ASN B 501 -47.12 -9.41 9.86
N LEU B 502 -47.96 -9.69 8.87
CA LEU B 502 -48.81 -8.68 8.27
C LEU B 502 -49.78 -8.14 9.31
N LEU B 503 -50.46 -9.03 10.03
CA LEU B 503 -51.46 -8.54 10.93
C LEU B 503 -50.81 -7.81 12.09
N LYS B 504 -49.73 -8.38 12.63
CA LYS B 504 -49.00 -7.66 13.66
C LYS B 504 -48.59 -6.25 13.24
N ALA B 505 -48.02 -6.10 12.07
CA ALA B 505 -47.55 -4.79 11.63
C ALA B 505 -48.73 -3.78 11.52
N SER B 506 -49.87 -4.28 11.09
CA SER B 506 -51.08 -3.48 10.96
C SER B 506 -51.59 -3.05 12.33
N GLU B 507 -51.53 -3.97 13.28
CA GLU B 507 -52.01 -3.71 14.63
C GLU B 507 -51.12 -2.66 15.26
N LEU B 508 -49.85 -2.75 14.93
CA LEU B 508 -48.85 -1.90 15.50
C LEU B 508 -48.93 -0.49 14.91
N CYS B 509 -49.20 -0.39 13.61
CA CYS B 509 -49.39 0.94 13.04
C CYS B 509 -50.55 1.67 13.70
N ASN B 510 -51.68 0.98 13.90
CA ASN B 510 -52.80 1.62 14.56
C ASN B 510 -52.51 2.03 16.01
N LEU B 511 -51.78 1.18 16.74
CA LEU B 511 -51.36 1.54 18.09
C LEU B 511 -50.41 2.72 18.05
N LEU B 512 -49.55 2.80 17.05
CA LEU B 512 -48.59 3.91 17.04
C LEU B 512 -49.28 5.25 16.67
N LEU B 513 -50.13 5.15 15.68
CA LEU B 513 -50.90 6.31 15.26
C LEU B 513 -51.67 6.88 16.45
N GLU B 514 -52.19 6.02 17.34
CA GLU B 514 -53.09 6.50 18.38
C GLU B 514 -52.47 6.91 19.69
N LYS B 515 -51.57 6.08 20.19
CA LYS B 515 -50.97 6.24 21.50
C LYS B 515 -49.64 6.90 21.36
N TYR B 516 -49.00 6.85 20.17
CA TYR B 516 -47.64 7.48 20.00
C TYR B 516 -47.43 8.27 18.73
N PRO B 517 -48.38 9.15 18.43
CA PRO B 517 -48.45 9.79 17.14
C PRO B 517 -47.17 10.46 16.66
N LYS B 518 -46.38 11.05 17.54
CA LYS B 518 -45.16 11.74 17.07
C LYS B 518 -44.15 10.72 16.59
N TYR B 519 -43.97 9.66 17.37
CA TYR B 519 -43.23 8.50 16.94
C TYR B 519 -43.76 7.93 15.64
N PHE B 520 -45.07 7.78 15.52
CA PHE B 520 -45.61 7.28 14.26
C PHE B 520 -45.29 8.17 13.08
N GLU B 521 -45.26 9.47 13.31
CA GLU B 521 -45.06 10.40 12.23
C GLU B 521 -43.63 10.27 11.74
N LYS B 522 -42.74 10.21 12.71
CA LYS B 522 -41.28 10.04 12.50
C LYS B 522 -40.98 8.85 11.60
N LEU B 523 -41.42 7.67 12.04
CA LEU B 523 -41.25 6.48 11.26
C LEU B 523 -41.92 6.56 9.89
N SER B 524 -43.18 7.02 9.84
CA SER B 524 -43.89 7.08 8.53
C SER B 524 -43.09 7.90 7.48
N LYS B 525 -42.56 9.03 7.95
CA LYS B 525 -41.69 9.92 7.21
C LYS B 525 -40.43 9.19 6.73
N LYS B 526 -39.74 8.52 7.64
CA LYS B 526 -38.50 7.75 7.33
C LYS B 526 -38.67 6.66 6.30
N ILE B 527 -39.70 5.82 6.45
CA ILE B 527 -39.83 4.71 5.53
C ILE B 527 -40.92 4.88 4.44
N ASN B 528 -41.48 6.10 4.40
CA ASN B 528 -42.42 6.54 3.35
C ASN B 528 -43.68 5.70 3.39
N LEU B 529 -44.21 5.58 4.58
CA LEU B 529 -45.31 4.70 4.88
C LEU B 529 -46.63 5.43 4.59
N SER B 530 -47.40 4.96 3.62
CA SER B 530 -48.68 5.63 3.34
C SER B 530 -49.78 5.07 4.26
N ASP B 531 -50.92 5.74 4.30
CA ASP B 531 -52.08 5.36 5.14
C ASP B 531 -52.79 4.14 4.59
N GLU B 532 -52.59 3.82 3.32
CA GLU B 532 -53.26 2.66 2.72
C GLU B 532 -52.62 1.30 3.05
N GLU B 533 -51.33 1.30 3.35
CA GLU B 533 -50.57 0.04 3.50
C GLU B 533 -51.06 -0.93 4.58
N PRO B 534 -51.27 -0.48 5.83
CA PRO B 534 -51.79 -1.41 6.84
C PRO B 534 -53.10 -2.11 6.48
N PHE B 535 -53.96 -1.44 5.70
CA PHE B 535 -55.25 -2.04 5.33
C PHE B 535 -55.00 -3.09 4.29
N VAL B 536 -54.06 -2.80 3.41
CA VAL B 536 -53.63 -3.82 2.47
C VAL B 536 -53.04 -5.02 3.24
N TRP B 537 -52.19 -4.79 4.25
CA TRP B 537 -51.63 -5.93 4.96
C TRP B 537 -52.75 -6.80 5.51
N GLN B 538 -53.78 -6.20 6.11
CA GLN B 538 -54.88 -6.97 6.75
C GLN B 538 -55.61 -7.78 5.72
N GLU B 539 -55.88 -7.15 4.59
CA GLU B 539 -56.59 -7.81 3.48
C GLU B 539 -55.82 -9.03 2.96
N ILE B 540 -54.52 -8.89 2.73
CA ILE B 540 -53.75 -10.04 2.27
C ILE B 540 -53.76 -11.13 3.31
N ALA B 541 -53.53 -10.78 4.58
CA ALA B 541 -53.34 -11.76 5.64
C ALA B 541 -54.64 -12.59 5.81
N SER B 542 -55.76 -11.89 5.76
CA SER B 542 -57.07 -12.51 5.89
C SER B 542 -57.34 -13.61 4.86
N LYS B 543 -56.66 -13.58 3.70
CA LYS B 543 -56.93 -14.57 2.63
C LYS B 543 -55.76 -15.51 2.26
N ILE B 544 -54.66 -15.42 3.00
CA ILE B 544 -53.52 -16.28 2.82
C ILE B 544 -53.98 -17.69 3.05
N TYR B 545 -53.55 -18.60 2.18
CA TYR B 545 -53.99 -19.98 2.25
C TYR B 545 -53.16 -20.81 3.19
N ILE B 546 -53.82 -21.58 4.07
CA ILE B 546 -53.13 -22.45 5.03
C ILE B 546 -53.63 -23.88 4.75
N PRO B 547 -52.76 -24.79 4.24
CA PRO B 547 -53.30 -26.11 3.90
C PRO B 547 -53.81 -26.75 5.15
N TYR B 548 -55.10 -27.10 5.18
CA TYR B 548 -55.71 -27.61 6.40
C TYR B 548 -56.93 -28.49 6.09
N HIS B 549 -56.91 -29.75 6.54
CA HIS B 549 -57.97 -30.74 6.30
C HIS B 549 -58.88 -30.79 7.53
N PRO B 550 -60.03 -30.06 7.52
CA PRO B 550 -60.91 -30.09 8.71
C PRO B 550 -61.48 -31.49 9.02
N ASP B 551 -61.56 -32.36 8.02
CA ASP B 551 -61.99 -33.76 8.21
C ASP B 551 -61.06 -34.57 9.14
N LYS B 552 -59.82 -34.09 9.31
CA LYS B 552 -58.86 -34.76 10.16
C LYS B 552 -58.04 -33.79 11.03
N LYS B 553 -58.44 -32.51 11.09
CA LYS B 553 -57.81 -31.47 11.92
C LYS B 553 -56.28 -31.39 11.77
N LEU B 554 -55.83 -31.63 10.55
CA LEU B 554 -54.45 -31.91 10.26
C LEU B 554 -53.98 -30.79 9.35
N ILE B 555 -52.90 -30.13 9.74
CA ILE B 555 -52.29 -29.11 8.90
C ILE B 555 -51.37 -29.88 7.96
N GLU B 556 -51.50 -29.65 6.65
CA GLU B 556 -50.57 -30.18 5.70
C GLU B 556 -49.27 -29.31 5.66
N GLN B 557 -48.11 -29.92 5.65
CA GLN B 557 -46.87 -29.13 5.84
C GLN B 557 -46.70 -28.21 4.66
N PHE B 558 -47.00 -28.74 3.48
CA PHE B 558 -47.13 -27.95 2.28
C PHE B 558 -48.09 -28.64 1.29
N GLU B 559 -48.46 -27.89 0.25
CA GLU B 559 -49.34 -28.40 -0.82
C GLU B 559 -48.82 -29.63 -1.49
N GLY B 560 -49.55 -30.73 -1.34
CA GLY B 560 -49.15 -32.00 -1.92
C GLY B 560 -48.30 -32.90 -1.04
N TYR B 561 -48.01 -32.50 0.21
CA TYR B 561 -47.16 -33.33 1.08
C TYR B 561 -47.80 -34.65 1.46
N PHE B 562 -49.11 -34.65 1.74
CA PHE B 562 -49.79 -35.93 2.04
C PHE B 562 -49.80 -36.92 0.87
N ASN B 563 -49.57 -36.44 -0.34
CA ASN B 563 -49.46 -37.34 -1.46
C ASN B 563 -48.11 -37.98 -1.60
N LEU B 564 -47.12 -37.58 -0.79
CA LEU B 564 -45.78 -38.15 -0.96
C LEU B 564 -45.70 -39.55 -0.30
N LYS B 565 -44.77 -40.37 -0.77
CA LYS B 565 -44.51 -41.69 -0.16
C LYS B 565 -44.14 -41.62 1.33
N ASP B 566 -44.89 -42.40 2.11
CA ASP B 566 -44.77 -42.45 3.53
C ASP B 566 -43.77 -43.54 3.99
N PHE B 567 -43.15 -43.30 5.14
CA PHE B 567 -42.16 -44.23 5.73
C PHE B 567 -42.25 -44.16 7.25
N VAL B 568 -42.14 -45.31 7.91
CA VAL B 568 -42.14 -45.36 9.38
C VAL B 568 -40.69 -45.27 9.80
N ILE B 569 -40.43 -44.42 10.79
CA ILE B 569 -39.14 -44.46 11.43
C ILE B 569 -39.16 -45.67 12.37
N LYS B 570 -38.21 -46.58 12.19
CA LYS B 570 -38.19 -47.83 12.96
C LYS B 570 -36.94 -47.98 13.83
N GLU B 571 -35.80 -47.49 13.36
CA GLU B 571 -34.56 -47.77 14.07
C GLU B 571 -33.78 -46.53 14.50
N TYR B 572 -32.92 -46.75 15.48
CA TYR B 572 -32.12 -45.70 16.14
C TYR B 572 -30.68 -46.18 16.36
N ASP B 573 -29.73 -45.24 16.31
CA ASP B 573 -28.34 -45.54 16.58
C ASP B 573 -28.10 -45.57 18.08
N GLN B 574 -26.84 -45.61 18.48
CA GLN B 574 -26.47 -45.69 19.87
C GLN B 574 -26.75 -44.45 20.67
N ASN B 575 -26.84 -43.29 20.01
CA ASN B 575 -27.22 -42.05 20.74
C ASN B 575 -28.71 -41.83 20.68
N ASN B 576 -29.44 -42.87 20.29
CA ASN B 576 -30.87 -42.84 20.15
C ASN B 576 -31.38 -41.84 19.13
N MET B 577 -30.63 -41.64 18.07
CA MET B 577 -31.08 -40.82 16.94
C MET B 577 -31.63 -41.74 15.86
N PRO B 578 -32.75 -41.34 15.21
CA PRO B 578 -33.29 -42.05 14.06
C PRO B 578 -32.28 -42.39 13.01
N VAL B 579 -32.26 -43.65 12.62
CA VAL B 579 -31.59 -44.11 11.42
C VAL B 579 -32.57 -44.11 10.21
N TRP B 580 -32.06 -43.90 9.00
CA TRP B 580 -32.85 -43.79 7.80
C TRP B 580 -33.59 -45.10 7.50
N PRO B 581 -34.92 -45.06 7.32
CA PRO B 581 -35.65 -46.28 6.92
C PRO B 581 -35.08 -46.89 5.68
N GLU B 582 -35.14 -48.19 5.48
CA GLU B 582 -34.65 -48.68 4.19
C GLU B 582 -35.71 -48.49 3.10
N GLY B 583 -35.25 -48.32 1.87
CA GLY B 583 -36.12 -47.88 0.81
C GLY B 583 -35.82 -46.43 0.49
N VAL B 584 -35.37 -45.65 1.48
CA VAL B 584 -35.15 -44.22 1.19
C VAL B 584 -33.80 -44.09 0.51
N GLU B 585 -33.77 -43.25 -0.52
CA GLU B 585 -32.57 -42.79 -1.17
C GLU B 585 -32.42 -41.33 -0.75
N LEU B 586 -31.19 -40.99 -0.40
CA LEU B 586 -30.83 -39.71 0.21
C LEU B 586 -30.76 -38.52 -0.74
N ASP B 587 -30.97 -38.77 -2.03
CA ASP B 587 -31.09 -37.70 -3.00
C ASP B 587 -32.54 -37.60 -3.57
N LYS B 588 -33.49 -38.33 -2.99
CA LYS B 588 -34.94 -38.22 -3.36
C LYS B 588 -35.78 -37.87 -2.13
N LEU B 589 -35.18 -37.12 -1.18
CA LEU B 589 -35.95 -36.76 0.02
C LEU B 589 -37.20 -35.95 -0.27
N ASN B 590 -37.20 -35.19 -1.36
CA ASN B 590 -38.40 -34.48 -1.86
C ASN B 590 -39.66 -35.33 -2.09
N ASN B 591 -39.46 -36.63 -2.27
CA ASN B 591 -40.59 -37.55 -2.59
C ASN B 591 -41.18 -38.24 -1.35
N TYR B 592 -40.59 -38.05 -0.18
CA TYR B 592 -41.10 -38.77 0.99
C TYR B 592 -41.74 -37.84 2.03
N GLN B 593 -42.50 -38.40 2.95
CA GLN B 593 -43.06 -37.65 4.05
C GLN B 593 -42.08 -37.51 5.23
N LEU B 594 -40.93 -38.12 5.14
CA LEU B 594 -39.93 -37.94 6.21
C LEU B 594 -39.53 -36.45 6.20
N ILE B 595 -39.45 -35.86 7.39
CA ILE B 595 -39.03 -34.47 7.53
C ILE B 595 -37.77 -34.31 8.40
N LYS B 596 -37.07 -33.20 8.20
CA LYS B 596 -35.72 -33.03 8.81
C LYS B 596 -35.89 -32.60 10.24
N GLN B 597 -36.80 -31.67 10.46
CA GLN B 597 -37.02 -31.06 11.77
C GLN B 597 -38.47 -30.59 11.92
N ALA B 598 -38.76 -29.91 13.04
CA ALA B 598 -40.09 -29.30 13.29
C ALA B 598 -40.47 -28.21 12.23
N ASP B 599 -41.69 -28.31 11.71
CA ASP B 599 -42.12 -27.40 10.65
C ASP B 599 -43.56 -27.06 11.03
N VAL B 600 -44.51 -27.96 10.80
CA VAL B 600 -45.85 -27.72 11.33
C VAL B 600 -45.80 -27.65 12.88
N VAL B 601 -45.04 -28.55 13.48
CA VAL B 601 -44.92 -28.56 14.94
C VAL B 601 -44.16 -27.30 15.40
N MET B 602 -43.30 -26.75 14.54
CA MET B 602 -42.65 -25.46 14.85
C MET B 602 -43.75 -24.37 14.94
N LEU B 603 -44.66 -24.35 13.96
CA LEU B 603 -45.77 -23.38 13.94
C LEU B 603 -46.67 -23.52 15.20
N LEU B 604 -47.05 -24.77 15.50
CA LEU B 604 -47.86 -25.04 16.69
C LEU B 604 -47.19 -24.58 18.01
N TYR B 605 -45.85 -24.46 18.02
CA TYR B 605 -45.14 -23.94 19.22
C TYR B 605 -45.17 -22.44 19.18
N LEU B 606 -44.71 -21.82 18.09
CA LEU B 606 -44.60 -20.35 18.02
C LEU B 606 -45.95 -19.61 18.02
N LEU B 607 -46.95 -20.21 17.37
CA LEU B 607 -48.29 -19.64 17.36
C LEU B 607 -49.31 -20.57 18.01
N GLY B 608 -48.94 -21.02 19.21
CA GLY B 608 -49.72 -21.93 20.06
C GLY B 608 -51.13 -21.47 20.38
N GLU B 609 -51.32 -20.16 20.58
CA GLU B 609 -52.61 -19.62 21.06
C GLU B 609 -53.72 -19.88 20.11
N GLU B 610 -53.38 -20.09 18.86
CA GLU B 610 -54.33 -20.01 17.77
C GLU B 610 -54.83 -21.35 17.32
N PHE B 611 -54.46 -22.42 18.03
CA PHE B 611 -54.89 -23.79 17.72
C PHE B 611 -55.35 -24.49 18.99
N ASP B 612 -56.29 -25.41 18.86
CA ASP B 612 -56.82 -26.09 20.05
C ASP B 612 -55.98 -27.29 20.44
N ASP B 613 -56.16 -27.76 21.68
CA ASP B 613 -55.40 -28.92 22.19
C ASP B 613 -55.53 -30.11 21.31
N GLN B 614 -56.74 -30.32 20.80
CA GLN B 614 -56.97 -31.44 19.92
C GLN B 614 -56.12 -31.35 18.63
N THR B 615 -56.17 -30.21 17.98
CA THR B 615 -55.44 -30.01 16.72
C THR B 615 -53.90 -30.23 16.86
N LYS B 616 -53.35 -29.79 17.98
CA LYS B 616 -51.91 -29.87 18.25
C LYS B 616 -51.48 -31.28 18.51
N LYS B 617 -52.33 -32.02 19.23
CA LYS B 617 -52.03 -33.41 19.54
C LYS B 617 -52.03 -34.21 18.26
N ILE B 618 -53.07 -34.05 17.44
CA ILE B 618 -53.14 -34.75 16.17
C ILE B 618 -51.95 -34.44 15.29
N ASN B 619 -51.61 -33.18 15.18
CA ASN B 619 -50.50 -32.80 14.28
C ASN B 619 -49.12 -33.19 14.80
N TYR B 620 -48.90 -32.97 16.11
CA TYR B 620 -47.75 -33.54 16.80
C TYR B 620 -47.58 -35.03 16.50
N ASP B 621 -48.64 -35.84 16.74
CA ASP B 621 -48.57 -37.30 16.54
C ASP B 621 -48.25 -37.60 15.10
N TYR B 622 -48.90 -36.92 14.16
CA TYR B 622 -48.62 -37.22 12.75
C TYR B 622 -47.15 -36.96 12.41
N TYR B 623 -46.69 -35.75 12.69
CA TYR B 623 -45.37 -35.35 12.23
C TYR B 623 -44.20 -35.92 13.04
N GLU B 624 -44.36 -36.20 14.32
CA GLU B 624 -43.27 -36.75 15.14
C GLU B 624 -42.77 -38.11 14.61
N LYS B 625 -43.71 -38.95 14.18
CA LYS B 625 -43.40 -40.27 13.60
C LYS B 625 -42.55 -40.13 12.37
N ARG B 626 -42.60 -38.96 11.74
CA ARG B 626 -41.96 -38.77 10.46
C ARG B 626 -40.69 -37.91 10.54
N THR B 627 -40.28 -37.60 11.76
CA THR B 627 -39.19 -36.64 11.94
C THR B 627 -37.88 -37.36 12.16
N MET B 628 -36.99 -37.21 11.19
CA MET B 628 -35.66 -37.84 11.25
C MET B 628 -34.69 -37.19 12.28
N HIS B 629 -35.00 -35.97 12.70
CA HIS B 629 -34.14 -35.15 13.57
C HIS B 629 -32.79 -35.07 12.99
N LYS B 630 -32.70 -34.64 11.74
CA LYS B 630 -31.44 -34.46 11.05
C LYS B 630 -30.90 -33.02 11.13
N SER B 631 -31.51 -32.25 12.02
CA SER B 631 -30.94 -31.02 12.50
C SER B 631 -30.86 -31.13 14.00
N SER B 632 -29.84 -30.54 14.58
CA SER B 632 -29.79 -30.30 16.02
C SER B 632 -30.94 -29.41 16.54
N LEU B 633 -31.62 -28.67 15.65
CA LEU B 633 -32.79 -27.83 16.03
C LEU B 633 -34.02 -28.64 16.39
N SER B 634 -34.05 -29.88 15.91
CA SER B 634 -35.31 -30.69 15.87
C SER B 634 -35.81 -31.19 17.22
N PRO B 635 -34.93 -31.83 18.04
CA PRO B 635 -35.50 -32.55 19.21
C PRO B 635 -35.96 -31.67 20.38
N SER B 636 -35.37 -30.49 20.57
CA SER B 636 -35.94 -29.60 21.58
C SER B 636 -37.39 -29.22 21.36
N ILE B 637 -37.80 -28.99 20.11
CA ILE B 637 -39.13 -28.49 19.82
C ILE B 637 -40.16 -29.62 20.06
N TYR B 638 -39.76 -30.84 19.73
CA TYR B 638 -40.58 -32.01 19.93
C TYR B 638 -40.66 -32.38 21.40
N ALA B 639 -39.59 -32.20 22.15
CA ALA B 639 -39.68 -32.33 23.64
C ALA B 639 -40.70 -31.40 24.19
N LEU B 640 -40.60 -30.16 23.79
CA LEU B 640 -41.42 -29.12 24.36
C LEU B 640 -42.93 -29.30 23.97
N MET B 641 -43.16 -29.53 22.69
CA MET B 641 -44.52 -29.77 22.23
C MET B 641 -45.11 -31.10 22.66
N GLY B 642 -44.25 -32.08 22.91
CA GLY B 642 -44.64 -33.35 23.45
C GLY B 642 -45.24 -33.15 24.82
N VAL B 643 -44.51 -32.45 25.69
CA VAL B 643 -45.11 -32.13 27.00
C VAL B 643 -46.45 -31.44 26.87
N ARG B 644 -46.52 -30.43 25.99
CA ARG B 644 -47.76 -29.69 25.74
C ARG B 644 -48.91 -30.55 25.22
N VAL B 645 -48.64 -31.59 24.44
CA VAL B 645 -49.72 -32.46 23.98
C VAL B 645 -49.99 -33.68 24.91
N GLY B 646 -49.36 -33.70 26.08
CA GLY B 646 -49.54 -34.79 27.02
C GLY B 646 -48.89 -36.09 26.61
N GLU B 647 -48.12 -36.00 25.54
CA GLU B 647 -47.40 -37.12 24.97
C GLU B 647 -46.02 -37.04 25.54
N THR B 648 -45.93 -37.40 26.81
CA THR B 648 -44.73 -37.29 27.59
C THR B 648 -43.86 -38.55 27.46
N ASN B 649 -44.33 -39.50 26.66
CA ASN B 649 -43.63 -40.74 26.38
C ASN B 649 -42.28 -40.51 25.76
N ARG B 650 -42.22 -39.52 24.88
CA ARG B 650 -41.02 -39.24 24.17
C ARG B 650 -40.46 -37.84 24.46
N ALA B 651 -41.08 -37.13 25.41
CA ALA B 651 -40.63 -35.80 25.75
C ALA B 651 -39.25 -35.85 26.38
N TYR B 652 -39.08 -36.78 27.28
CA TYR B 652 -37.88 -36.91 28.01
C TYR B 652 -36.84 -37.33 27.04
N ILE B 653 -37.26 -38.20 26.12
CA ILE B 653 -36.37 -38.75 25.10
C ILE B 653 -35.85 -37.65 24.16
N ASN B 654 -36.75 -36.82 23.65
CA ASN B 654 -36.29 -35.66 22.89
C ASN B 654 -35.47 -34.66 23.69
N PHE B 655 -35.76 -34.57 24.99
CA PHE B 655 -35.07 -33.66 25.81
C PHE B 655 -33.60 -34.07 25.93
N MET B 656 -33.35 -35.36 26.13
CA MET B 656 -32.03 -35.86 26.38
C MET B 656 -31.21 -35.76 25.08
N ARG B 657 -31.84 -35.96 23.92
CA ARG B 657 -31.19 -35.63 22.65
C ARG B 657 -30.72 -34.16 22.49
N THR B 658 -31.51 -33.16 22.88
CA THR B 658 -31.11 -31.76 22.77
C THR B 658 -30.08 -31.47 23.80
N ALA B 659 -30.27 -31.98 25.02
CA ALA B 659 -29.33 -31.72 26.10
C ALA B 659 -27.94 -32.21 25.77
N LEU B 660 -27.83 -33.36 25.07
CA LEU B 660 -26.56 -34.03 24.86
C LEU B 660 -25.97 -33.83 23.42
N THR B 661 -26.58 -32.96 22.60
CA THR B 661 -26.17 -32.71 21.22
C THR B 661 -24.66 -32.71 21.09
N ASP B 662 -23.97 -31.92 21.92
CA ASP B 662 -22.50 -31.86 21.79
C ASP B 662 -21.74 -32.80 22.74
N LEU B 663 -22.26 -33.01 23.94
CA LEU B 663 -21.54 -33.83 24.90
C LEU B 663 -21.54 -35.31 24.50
N GLU B 664 -22.58 -35.79 23.82
CA GLU B 664 -22.52 -37.11 23.17
C GLU B 664 -22.29 -36.98 21.66
N ASP B 665 -22.07 -35.76 21.16
CA ASP B 665 -21.85 -35.58 19.70
C ASP B 665 -22.90 -36.34 18.86
N ASN B 666 -24.19 -36.20 19.17
CA ASN B 666 -25.22 -37.07 18.55
C ASN B 666 -25.58 -36.82 17.07
N GLN B 667 -25.05 -35.75 16.50
CA GLN B 667 -25.19 -35.50 15.08
C GLN B 667 -23.91 -35.83 14.36
N GLY B 668 -22.87 -36.16 15.11
CA GLY B 668 -21.64 -36.55 14.53
C GLY B 668 -20.70 -35.42 14.12
N ASN B 669 -21.07 -34.16 14.26
CA ASN B 669 -20.21 -33.06 13.75
C ASN B 669 -19.97 -31.93 14.74
N THR B 670 -19.96 -32.26 16.02
CA THR B 670 -19.60 -31.37 17.10
C THR B 670 -18.24 -30.65 16.88
N HIS B 671 -17.29 -31.29 16.19
CA HIS B 671 -15.97 -30.67 15.89
C HIS B 671 -16.12 -29.42 15.05
N LEU B 672 -17.28 -29.23 14.41
CA LEU B 672 -17.52 -28.02 13.63
C LEU B 672 -17.82 -26.78 14.50
N GLY B 673 -18.09 -26.95 15.79
CA GLY B 673 -18.50 -25.85 16.61
C GLY B 673 -19.70 -26.26 17.42
N ILE B 674 -20.08 -25.43 18.39
CA ILE B 674 -21.14 -25.72 19.30
C ILE B 674 -22.49 -25.61 18.55
N HIS B 675 -23.44 -26.49 18.84
CA HIS B 675 -24.72 -26.45 18.19
C HIS B 675 -25.56 -25.46 18.93
N ALA B 676 -25.37 -24.18 18.61
CA ALA B 676 -25.86 -23.02 19.43
C ALA B 676 -27.37 -22.93 19.52
N ALA B 677 -28.05 -23.10 18.43
CA ALA B 677 -29.52 -23.33 18.54
C ALA B 677 -29.99 -24.35 19.60
N SER B 678 -29.42 -25.55 19.58
CA SER B 678 -29.84 -26.62 20.44
C SER B 678 -29.70 -26.22 21.89
N LEU B 679 -28.72 -25.34 22.18
CA LEU B 679 -28.51 -24.91 23.55
C LEU B 679 -29.76 -24.18 23.97
N GLY B 680 -30.17 -23.28 23.09
CA GLY B 680 -31.38 -22.51 23.34
C GLY B 680 -32.59 -23.40 23.45
N GLY B 681 -32.70 -24.32 22.51
CA GLY B 681 -33.83 -25.30 22.50
C GLY B 681 -33.94 -26.06 23.80
N THR B 682 -32.80 -26.54 24.29
CA THR B 682 -32.67 -27.25 25.58
C THR B 682 -33.30 -26.37 26.68
N TRP B 683 -32.94 -25.10 26.72
CA TRP B 683 -33.40 -24.16 27.79
C TRP B 683 -34.92 -23.96 27.61
N GLN B 684 -35.36 -23.78 26.39
CA GLN B 684 -36.75 -23.55 26.18
C GLN B 684 -37.55 -24.79 26.58
N ALA B 685 -37.07 -25.98 26.18
CA ALA B 685 -37.72 -27.27 26.56
C ALA B 685 -37.88 -27.39 28.06
N LEU B 686 -36.94 -26.87 28.82
CA LEU B 686 -37.08 -26.86 30.30
C LEU B 686 -38.09 -25.87 30.90
N VAL B 687 -38.13 -24.67 30.36
CA VAL B 687 -38.90 -23.58 30.95
C VAL B 687 -40.36 -23.62 30.40
N PHE B 688 -40.47 -23.78 29.09
CA PHE B 688 -41.73 -23.75 28.39
C PHE B 688 -42.38 -25.10 28.12
N GLY B 689 -41.60 -26.15 28.36
CA GLY B 689 -42.03 -27.55 28.28
C GLY B 689 -42.29 -28.07 29.69
N PHE B 690 -41.30 -28.78 30.26
CA PHE B 690 -41.43 -29.35 31.61
C PHE B 690 -41.83 -28.36 32.69
N GLY B 691 -41.24 -27.16 32.62
CA GLY B 691 -41.59 -26.11 33.57
C GLY B 691 -43.00 -25.57 33.42
N GLY B 692 -43.61 -25.82 32.28
CA GLY B 692 -45.02 -25.54 32.12
C GLY B 692 -45.39 -24.11 31.82
N ILE B 693 -44.43 -23.27 31.48
CA ILE B 693 -44.78 -21.87 31.17
C ILE B 693 -45.31 -21.72 29.74
N SER B 694 -46.43 -21.01 29.61
CA SER B 694 -46.86 -20.44 28.34
C SER B 694 -47.48 -19.03 28.52
N ILE B 695 -47.45 -18.23 27.46
CA ILE B 695 -47.89 -16.85 27.55
C ILE B 695 -49.21 -16.82 26.79
N GLU B 696 -50.27 -16.37 27.43
CA GLU B 696 -51.56 -16.38 26.74
C GLU B 696 -51.79 -14.99 26.23
N LYS B 697 -53.01 -14.73 25.79
CA LYS B 697 -53.34 -13.43 25.28
C LYS B 697 -53.46 -12.46 26.47
N ASP B 698 -53.20 -11.21 26.17
CA ASP B 698 -53.04 -10.17 27.16
C ASP B 698 -52.10 -10.57 28.27
N ASP B 699 -51.03 -11.24 27.84
CA ASP B 699 -49.82 -11.36 28.64
C ASP B 699 -49.98 -12.07 30.00
N VAL B 700 -50.92 -12.99 30.03
CA VAL B 700 -51.10 -13.89 31.17
C VAL B 700 -50.06 -15.00 31.16
N LEU B 701 -49.30 -15.07 32.24
CA LEU B 701 -48.28 -16.08 32.37
C LEU B 701 -48.99 -17.30 32.91
N SER B 702 -49.09 -18.36 32.10
CA SER B 702 -49.82 -19.56 32.50
C SER B 702 -48.92 -20.78 32.83
N VAL B 703 -49.03 -21.35 34.04
CA VAL B 703 -48.11 -22.43 34.49
C VAL B 703 -48.75 -23.82 34.62
N ASN B 704 -48.35 -24.70 33.73
CA ASN B 704 -48.87 -26.04 33.69
C ASN B 704 -47.80 -27.09 33.49
N PRO B 705 -47.05 -27.39 34.58
CA PRO B 705 -45.86 -28.24 34.49
C PRO B 705 -46.16 -29.71 34.34
N TRP B 706 -45.19 -30.43 33.79
CA TRP B 706 -45.13 -31.89 33.79
C TRP B 706 -43.66 -32.34 33.96
N LEU B 707 -43.25 -32.85 35.14
CA LEU B 707 -41.88 -33.34 35.28
C LEU B 707 -41.69 -34.79 34.85
N PRO B 708 -40.54 -35.08 34.21
CA PRO B 708 -40.24 -36.47 33.87
C PRO B 708 -40.10 -37.32 35.10
N GLU B 709 -40.08 -38.62 34.84
CA GLU B 709 -40.20 -39.64 35.86
C GLU B 709 -39.21 -39.39 37.00
N LYS B 710 -37.95 -39.24 36.63
CA LYS B 710 -36.86 -39.17 37.58
C LYS B 710 -36.81 -37.84 38.32
N TRP B 711 -37.45 -36.79 37.78
CA TRP B 711 -37.19 -35.46 38.31
C TRP B 711 -38.04 -35.21 39.54
N GLU B 712 -37.37 -35.00 40.66
CA GLU B 712 -38.07 -34.62 41.88
C GLU B 712 -38.40 -33.14 41.88
N SER B 713 -37.50 -32.31 41.34
CA SER B 713 -37.71 -30.88 41.38
C SER B 713 -36.93 -30.21 40.26
N LEU B 714 -37.46 -29.06 39.85
CA LEU B 714 -36.94 -28.27 38.75
C LEU B 714 -37.09 -26.83 39.19
N LYS B 715 -35.97 -26.10 39.30
CA LYS B 715 -36.00 -24.71 39.72
C LYS B 715 -35.38 -23.85 38.64
N PHE B 716 -35.93 -22.67 38.44
CA PHE B 716 -35.33 -21.76 37.49
C PHE B 716 -35.90 -20.39 37.74
N SER B 717 -35.34 -19.41 37.04
CA SER B 717 -35.75 -18.03 37.18
C SER B 717 -35.96 -17.40 35.82
N ILE B 718 -36.83 -16.41 35.76
CA ILE B 718 -36.95 -15.69 34.51
C ILE B 718 -37.26 -14.26 34.86
N TRP B 719 -36.92 -13.38 33.93
CA TRP B 719 -37.39 -12.02 33.99
C TRP B 719 -38.71 -11.93 33.22
N TRP B 720 -39.70 -11.33 33.82
CA TRP B 720 -41.00 -11.14 33.18
C TRP B 720 -41.51 -9.76 33.55
N LYS B 721 -41.61 -8.89 32.54
CA LYS B 721 -42.06 -7.51 32.69
C LYS B 721 -41.20 -6.77 33.73
N GLY B 722 -39.90 -7.03 33.76
CA GLY B 722 -39.01 -6.37 34.74
C GLY B 722 -38.99 -7.00 36.14
N ASN B 723 -39.73 -8.10 36.34
CA ASN B 723 -39.81 -8.82 37.61
C ASN B 723 -38.93 -10.02 37.44
N LEU B 724 -38.11 -10.35 38.44
CA LEU B 724 -37.35 -11.60 38.43
C LEU B 724 -38.12 -12.57 39.27
N LEU B 725 -38.66 -13.61 38.63
CA LEU B 725 -39.44 -14.66 39.26
C LEU B 725 -38.69 -15.99 39.41
N ASP B 726 -38.72 -16.55 40.62
CA ASP B 726 -38.17 -17.86 40.87
C ASP B 726 -39.29 -18.91 40.88
N PHE B 727 -39.15 -19.89 40.00
CA PHE B 727 -40.08 -20.97 39.88
C PHE B 727 -39.42 -22.20 40.53
N LYS B 728 -40.18 -22.91 41.37
CA LYS B 728 -39.78 -24.19 41.96
C LYS B 728 -40.94 -25.15 41.76
N ILE B 729 -40.75 -26.11 40.82
CA ILE B 729 -41.75 -27.06 40.37
C ILE B 729 -41.45 -28.45 40.95
N THR B 730 -42.42 -29.06 41.62
CA THR B 730 -42.36 -30.46 42.06
C THR B 730 -43.47 -31.23 41.33
N LYS B 731 -43.49 -32.54 41.48
CA LYS B 731 -44.56 -33.38 40.89
C LYS B 731 -45.97 -32.87 41.27
N ASP B 732 -46.11 -32.38 42.50
CA ASP B 732 -47.42 -32.04 43.08
C ASP B 732 -47.74 -30.55 43.06
N ASN B 733 -46.76 -29.70 43.32
CA ASN B 733 -47.03 -28.28 43.28
C ASN B 733 -45.95 -27.38 42.62
N VAL B 734 -46.27 -26.10 42.57
CA VAL B 734 -45.43 -25.07 42.01
C VAL B 734 -45.50 -23.88 42.95
N GLU B 735 -44.33 -23.33 43.27
CA GLU B 735 -44.28 -22.04 43.88
C GLU B 735 -43.45 -21.02 43.08
N VAL B 736 -43.86 -19.75 43.19
CA VAL B 736 -43.32 -18.63 42.48
C VAL B 736 -43.12 -17.49 43.44
N LYS B 737 -41.92 -16.92 43.46
CA LYS B 737 -41.64 -15.76 44.31
C LYS B 737 -40.94 -14.69 43.48
N LYS B 738 -41.10 -13.42 43.86
CA LYS B 738 -40.46 -12.30 43.16
C LYS B 738 -39.20 -11.95 43.89
N ARG B 739 -38.06 -12.01 43.21
CA ARG B 739 -36.78 -11.63 43.79
C ARG B 739 -36.53 -10.14 43.47
N VAL B 740 -37.14 -9.66 42.37
CA VAL B 740 -37.05 -8.26 41.96
C VAL B 740 -38.45 -7.97 41.46
N GLU B 741 -39.03 -6.84 41.89
CA GLU B 741 -40.40 -6.51 41.56
C GLU B 741 -40.39 -5.31 40.65
N LYS B 742 -41.34 -5.22 39.72
CA LYS B 742 -41.38 -4.12 38.76
C LYS B 742 -42.60 -4.22 37.86
N GLY B 743 -43.78 -4.08 38.44
CA GLY B 743 -44.98 -4.06 37.62
C GLY B 743 -45.78 -5.32 37.75
N ASN B 744 -47.04 -5.23 37.35
CA ASN B 744 -48.00 -6.28 37.62
C ASN B 744 -47.68 -7.55 36.83
N VAL B 745 -48.10 -8.69 37.37
CA VAL B 745 -47.87 -9.97 36.76
C VAL B 745 -49.19 -10.70 36.83
N LYS B 746 -49.65 -11.19 35.70
CA LYS B 746 -50.88 -11.95 35.65
C LYS B 746 -50.44 -13.40 35.53
N LEU B 747 -50.70 -14.14 36.60
CA LEU B 747 -50.21 -15.49 36.74
C LEU B 747 -51.37 -16.43 37.01
N LYS B 748 -51.50 -17.44 36.16
CA LYS B 748 -52.36 -18.56 36.45
C LYS B 748 -51.53 -19.80 36.69
N ILE B 749 -51.71 -20.44 37.85
CA ILE B 749 -51.18 -21.79 38.09
C ILE B 749 -52.31 -22.82 37.95
N LYS B 750 -52.18 -23.66 36.92
CA LYS B 750 -53.10 -24.76 36.67
C LYS B 750 -54.56 -24.33 36.45
N GLY B 751 -54.73 -23.14 35.88
CA GLY B 751 -56.04 -22.63 35.51
C GLY B 751 -56.57 -21.64 36.52
N GLN B 752 -55.89 -21.58 37.67
CA GLN B 752 -56.29 -20.70 38.75
C GLN B 752 -55.38 -19.52 38.86
N GLU B 753 -56.00 -18.36 38.97
CA GLU B 753 -55.31 -17.14 39.31
C GLU B 753 -54.44 -17.33 40.55
N ALA B 754 -53.30 -16.65 40.55
CA ALA B 754 -52.37 -16.76 41.65
C ALA B 754 -51.66 -15.43 41.80
N ILE B 755 -51.02 -15.22 42.95
CA ILE B 755 -50.73 -13.86 43.45
C ILE B 755 -49.23 -13.44 43.43
N ILE B 756 -48.40 -14.20 44.13
CA ILE B 756 -46.92 -14.02 44.19
C ILE B 756 -46.47 -13.20 45.40
N MET C 1 -5.80 58.76 -24.47
CA MET C 1 -7.08 58.50 -23.76
C MET C 1 -7.11 59.26 -22.44
N LYS C 2 -8.23 59.89 -22.18
CA LYS C 2 -8.43 60.65 -20.98
C LYS C 2 -9.66 60.07 -20.32
N LEU C 3 -9.65 59.90 -19.01
CA LEU C 3 -10.82 59.35 -18.35
C LEU C 3 -11.99 60.34 -18.50
N SER C 4 -13.20 59.79 -18.57
CA SER C 4 -14.43 60.60 -18.40
C SER C 4 -14.50 61.15 -16.98
N GLU C 5 -15.29 62.20 -16.80
CA GLU C 5 -15.61 62.65 -15.49
C GLU C 5 -16.16 61.52 -14.67
N ARG C 6 -16.01 61.71 -13.36
CA ARG C 6 -16.45 60.84 -12.29
C ARG C 6 -17.87 60.27 -12.39
N GLU C 7 -18.80 61.09 -12.88
CA GLU C 7 -20.20 60.70 -13.08
C GLU C 7 -20.32 59.42 -13.93
N TRP C 8 -19.34 59.20 -14.80
CA TRP C 8 -19.35 58.11 -15.75
C TRP C 8 -18.45 56.95 -15.32
N LEU C 9 -17.92 57.02 -14.09
CA LEU C 9 -16.91 56.08 -13.65
C LEU C 9 -17.39 55.20 -12.51
N ILE C 10 -17.11 53.89 -12.64
CA ILE C 10 -17.37 52.94 -11.58
C ILE C 10 -16.05 52.38 -11.05
N GLU C 11 -15.88 52.48 -9.73
CA GLU C 11 -14.60 52.37 -9.09
C GLU C 11 -14.59 51.12 -8.23
N GLN C 12 -13.51 50.34 -8.35
CA GLN C 12 -13.19 49.28 -7.38
C GLN C 12 -12.31 49.90 -6.26
N ASP C 13 -12.60 49.56 -5.01
CA ASP C 13 -11.91 50.13 -3.83
C ASP C 13 -10.42 49.79 -3.72
N LYS C 14 -10.15 48.50 -3.89
CA LYS C 14 -8.97 47.79 -3.39
C LYS C 14 -8.46 46.89 -4.52
N LEU C 15 -7.14 46.77 -4.60
CA LEU C 15 -6.49 45.79 -5.47
C LEU C 15 -6.65 44.38 -4.93
N GLU C 16 -7.41 43.56 -5.66
CA GLU C 16 -7.65 42.20 -5.25
C GLU C 16 -8.45 41.47 -6.32
N ALA C 17 -8.39 40.15 -6.25
CA ALA C 17 -9.29 39.28 -6.99
C ALA C 17 -10.69 39.52 -6.40
N SER C 18 -11.71 39.55 -7.27
CA SER C 18 -13.10 39.80 -6.89
C SER C 18 -14.11 39.25 -7.95
N GLY C 19 -14.93 38.29 -7.54
CA GLY C 19 -15.99 37.78 -8.41
C GLY C 19 -16.87 38.91 -8.86
N LYS C 20 -17.18 39.78 -7.92
CA LYS C 20 -18.15 40.82 -8.17
C LYS C 20 -17.64 41.78 -9.24
N PHE C 21 -16.39 42.20 -9.14
CA PHE C 21 -15.88 43.12 -10.12
C PHE C 21 -15.59 42.44 -11.45
N GLU C 22 -15.36 41.15 -11.40
CA GLU C 22 -15.14 40.45 -12.63
C GLU C 22 -16.40 40.51 -13.47
N THR C 23 -17.54 40.50 -12.81
CA THR C 23 -18.84 40.66 -13.49
C THR C 23 -19.14 42.14 -13.88
N CYS C 24 -18.91 43.06 -12.93
CA CYS C 24 -19.27 44.45 -13.16
C CYS C 24 -18.33 45.11 -14.15
N PHE C 25 -17.08 44.65 -14.14
CA PHE C 25 -16.07 45.11 -15.10
C PHE C 25 -15.88 44.20 -16.34
N ALA C 26 -16.87 43.33 -16.59
CA ALA C 26 -16.83 42.50 -17.78
C ALA C 26 -17.15 43.41 -18.95
N LEU C 27 -16.42 43.22 -20.04
CA LEU C 27 -16.52 44.03 -21.23
C LEU C 27 -16.96 43.12 -22.38
N THR C 28 -17.91 43.58 -23.19
CA THR C 28 -18.43 42.81 -24.33
C THR C 28 -18.79 43.73 -25.52
N ASN C 29 -18.87 43.17 -26.71
CA ASN C 29 -19.37 43.92 -27.87
C ASN C 29 -20.57 43.16 -28.48
N GLY C 30 -21.08 42.23 -27.69
CA GLY C 30 -22.24 41.44 -28.10
C GLY C 30 -21.76 40.22 -28.85
N TYR C 31 -20.46 40.16 -29.22
CA TYR C 31 -19.90 38.93 -29.82
C TYR C 31 -18.85 38.27 -28.89
N ILE C 32 -17.80 39.03 -28.54
CA ILE C 32 -16.80 38.66 -27.55
C ILE C 32 -17.23 39.22 -26.20
N GLY C 33 -17.09 38.40 -25.15
CA GLY C 33 -17.20 38.86 -23.80
C GLY C 33 -15.98 38.46 -22.98
N ILE C 34 -15.54 39.33 -22.09
CA ILE C 34 -14.33 39.11 -21.27
C ILE C 34 -14.59 39.58 -19.84
N ARG C 35 -14.46 38.66 -18.89
CA ARG C 35 -14.64 39.00 -17.50
C ARG C 35 -13.53 39.92 -16.97
N GLY C 36 -13.90 40.83 -16.08
CA GLY C 36 -13.04 41.86 -15.56
C GLY C 36 -11.94 41.41 -14.63
N ILE C 37 -11.28 40.32 -14.98
CA ILE C 37 -10.12 39.91 -14.22
C ILE C 37 -8.97 40.95 -14.40
N ASN C 38 -8.01 40.91 -13.47
CA ASN C 38 -6.79 41.72 -13.60
C ASN C 38 -5.90 41.09 -14.64
N GLU C 39 -5.13 41.92 -15.32
CA GLU C 39 -4.29 41.46 -16.41
C GLU C 39 -3.24 40.40 -16.04
N GLU C 40 -2.81 40.38 -14.77
CA GLU C 40 -1.83 39.40 -14.30
C GLU C 40 -2.41 38.02 -14.20
N VAL C 41 -3.74 37.96 -14.09
CA VAL C 41 -4.51 36.73 -13.82
C VAL C 41 -4.08 36.12 -12.51
N PHE C 42 -4.49 36.75 -11.45
CA PHE C 42 -4.15 36.30 -10.12
C PHE C 42 -4.85 35.00 -9.74
N CYS C 43 -4.22 34.38 -8.78
CA CYS C 43 -4.59 33.16 -8.13
C CYS C 43 -6.10 32.83 -8.08
N GLU C 44 -6.86 33.67 -7.46
CA GLU C 44 -8.20 33.27 -7.21
C GLU C 44 -9.17 33.85 -8.21
N GLU C 45 -8.67 34.34 -9.34
CA GLU C 45 -9.54 35.00 -10.33
C GLU C 45 -10.25 33.95 -11.19
N THR C 46 -11.49 34.26 -11.59
CA THR C 46 -12.27 33.48 -12.53
C THR C 46 -12.33 34.12 -13.94
N PRO C 47 -11.51 33.64 -14.87
CA PRO C 47 -11.56 34.25 -16.17
C PRO C 47 -12.81 33.80 -16.92
N GLY C 48 -13.23 34.63 -17.87
CA GLY C 48 -14.41 34.37 -18.68
C GLY C 48 -14.12 34.90 -20.07
N THR C 49 -14.00 34.01 -21.05
CA THR C 49 -13.80 34.42 -22.42
C THR C 49 -14.87 33.73 -23.24
N TYR C 50 -15.81 34.47 -23.75
CA TYR C 50 -16.99 33.92 -24.47
C TYR C 50 -17.12 34.55 -25.84
N ILE C 51 -17.61 33.73 -26.76
CA ILE C 51 -18.16 34.19 -27.98
C ILE C 51 -19.63 33.72 -28.09
N ALA C 52 -20.52 34.71 -28.28
CA ALA C 52 -21.93 34.54 -28.46
C ALA C 52 -22.18 33.42 -29.44
N GLY C 53 -23.16 32.58 -29.10
CA GLY C 53 -23.47 31.35 -29.87
C GLY C 53 -22.53 30.13 -29.82
N VAL C 54 -21.38 30.21 -29.12
CA VAL C 54 -20.44 29.10 -29.14
C VAL C 54 -20.68 28.29 -27.86
N PHE C 55 -21.43 27.22 -28.04
CA PHE C 55 -21.98 26.34 -27.00
C PHE C 55 -21.42 25.00 -27.29
N ASP C 56 -21.38 24.20 -26.23
CA ASP C 56 -20.88 22.87 -26.24
C ASP C 56 -21.39 22.09 -25.05
N LYS C 57 -21.62 20.80 -25.27
CA LYS C 57 -22.14 19.97 -24.19
C LYS C 57 -21.10 19.04 -23.60
N SER C 58 -20.51 18.20 -24.43
CA SER C 58 -19.49 17.24 -24.02
C SER C 58 -20.08 16.40 -22.91
N THR C 59 -19.39 16.32 -21.77
CA THR C 59 -19.93 15.52 -20.65
C THR C 59 -20.80 16.25 -19.63
N ALA C 60 -21.19 17.49 -19.93
CA ALA C 60 -22.01 18.26 -19.03
C ALA C 60 -23.45 17.81 -19.21
N GLN C 61 -24.25 18.15 -18.24
CA GLN C 61 -25.65 17.78 -18.21
C GLN C 61 -26.40 18.40 -19.37
N VAL C 62 -26.11 19.68 -19.70
CA VAL C 62 -26.75 20.38 -20.84
C VAL C 62 -25.67 21.21 -21.54
N THR C 63 -26.00 21.80 -22.67
CA THR C 63 -25.02 22.56 -23.41
C THR C 63 -24.70 23.88 -22.67
N GLU C 64 -23.48 24.33 -22.80
CA GLU C 64 -23.01 25.47 -22.02
C GLU C 64 -22.19 26.41 -22.92
N LEU C 65 -22.27 27.69 -22.63
CA LEU C 65 -21.55 28.70 -23.35
C LEU C 65 -20.12 28.47 -22.97
N VAL C 66 -19.28 28.25 -23.96
CA VAL C 66 -17.91 27.83 -23.73
C VAL C 66 -17.01 28.96 -23.12
N ASN C 67 -16.34 28.62 -22.04
CA ASN C 67 -15.20 29.39 -21.55
C ASN C 67 -14.01 29.03 -22.34
N LEU C 68 -13.66 29.92 -23.23
CA LEU C 68 -12.58 29.72 -24.18
C LEU C 68 -11.23 30.04 -23.48
N PRO C 69 -10.13 29.75 -24.16
CA PRO C 69 -8.85 30.16 -23.61
C PRO C 69 -8.84 31.62 -23.30
N ASN C 70 -8.09 31.96 -22.23
CA ASN C 70 -8.08 33.31 -21.73
C ASN C 70 -6.86 34.02 -22.38
N PRO C 71 -7.14 35.08 -23.15
CA PRO C 71 -6.10 35.61 -23.99
C PRO C 71 -5.47 36.91 -23.54
N ILE C 72 -5.92 37.46 -22.42
CA ILE C 72 -5.63 38.86 -22.12
C ILE C 72 -4.45 38.99 -21.20
N GLY C 73 -3.82 37.87 -20.90
CA GLY C 73 -2.91 37.80 -19.78
C GLY C 73 -1.70 38.65 -20.06
N LEU C 74 -1.22 39.40 -19.08
CA LEU C 74 -0.02 40.15 -19.28
C LEU C 74 0.72 40.33 -17.96
N ARG C 75 1.99 39.92 -17.94
CA ARG C 75 2.84 40.09 -16.76
C ARG C 75 4.18 40.77 -17.11
N ILE C 76 4.73 41.39 -16.08
CA ILE C 76 5.99 42.13 -16.16
C ILE C 76 6.94 41.48 -15.19
N TYR C 77 8.16 41.28 -15.65
CA TYR C 77 9.19 40.70 -14.83
C TYR C 77 10.32 41.72 -14.73
N ILE C 78 10.89 41.88 -13.54
CA ILE C 78 12.06 42.76 -13.36
C ILE C 78 13.25 41.83 -13.21
N ASN C 79 14.26 41.91 -14.10
CA ASN C 79 15.35 40.93 -14.09
C ASN C 79 14.86 39.48 -13.83
N ARG C 80 13.81 39.08 -14.57
CA ARG C 80 13.31 37.70 -14.56
C ARG C 80 12.57 37.28 -13.26
N GLU C 81 12.19 38.26 -12.46
CA GLU C 81 11.33 38.07 -11.29
C GLU C 81 10.03 38.76 -11.56
N PHE C 82 8.95 38.01 -11.42
CA PHE C 82 7.58 38.45 -11.73
C PHE C 82 7.27 39.67 -10.89
N LEU C 83 6.94 40.79 -11.53
CA LEU C 83 6.50 41.97 -10.76
C LEU C 83 5.07 41.80 -10.28
N ASN C 84 4.93 41.28 -9.06
CA ASN C 84 3.63 40.80 -8.60
C ASN C 84 2.97 41.84 -7.73
N PRO C 85 1.89 42.50 -8.24
CA PRO C 85 1.19 43.61 -7.60
C PRO C 85 0.80 43.31 -6.20
N LEU C 86 0.36 42.09 -5.95
CA LEU C 86 -0.09 41.74 -4.62
C LEU C 86 1.09 41.49 -3.69
N LYS C 87 2.32 41.67 -4.17
CA LYS C 87 3.47 41.40 -3.34
C LYS C 87 4.21 42.68 -3.01
N CYS C 88 3.72 43.81 -3.50
CA CYS C 88 4.39 45.08 -3.38
C CYS C 88 3.70 45.96 -2.37
N GLU C 89 4.37 47.02 -1.96
CA GLU C 89 3.66 48.08 -1.29
C GLU C 89 2.95 48.88 -2.36
N ILE C 90 1.67 49.14 -2.16
CA ILE C 90 0.91 49.87 -3.18
C ILE C 90 0.95 51.36 -2.92
N LEU C 91 1.69 52.11 -3.73
CA LEU C 91 1.77 53.54 -3.57
C LEU C 91 0.58 54.29 -4.19
N GLU C 92 -0.02 53.72 -5.21
CA GLU C 92 -1.13 54.35 -5.89
C GLU C 92 -1.94 53.24 -6.59
N PHE C 93 -3.24 53.23 -6.39
CA PHE C 93 -4.15 52.30 -7.04
C PHE C 93 -5.39 53.05 -7.55
N LYS C 94 -5.63 52.96 -8.86
CA LYS C 94 -6.92 53.34 -9.38
C LYS C 94 -7.43 52.28 -10.35
N ARG C 95 -8.72 51.96 -10.25
CA ARG C 95 -9.30 51.00 -11.19
C ARG C 95 -10.73 51.35 -11.43
N VAL C 96 -11.03 51.70 -12.68
CA VAL C 96 -12.39 52.19 -13.03
C VAL C 96 -12.90 51.65 -14.39
N LEU C 97 -14.18 51.35 -14.43
CA LEU C 97 -14.89 51.19 -15.69
C LEU C 97 -15.41 52.54 -16.12
N ASP C 98 -15.05 52.98 -17.32
CA ASP C 98 -15.47 54.25 -17.88
C ASP C 98 -16.63 53.90 -18.82
N LEU C 99 -17.82 54.16 -18.33
CA LEU C 99 -19.08 53.81 -19.00
C LEU C 99 -19.29 54.63 -20.25
N LYS C 100 -18.69 55.83 -20.32
CA LYS C 100 -18.96 56.67 -21.48
C LYS C 100 -18.10 56.19 -22.63
N GLN C 101 -16.84 55.84 -22.33
CA GLN C 101 -15.94 55.39 -23.36
C GLN C 101 -15.87 53.85 -23.50
N GLY C 102 -16.36 53.11 -22.50
CA GLY C 102 -16.39 51.66 -22.60
C GLY C 102 -14.98 51.11 -22.56
N ILE C 103 -14.23 51.60 -21.58
CA ILE C 103 -12.93 51.07 -21.32
C ILE C 103 -12.72 50.75 -19.84
N LEU C 104 -11.87 49.77 -19.55
CA LEU C 104 -11.56 49.42 -18.15
C LEU C 104 -10.12 49.92 -17.93
N TYR C 105 -9.95 50.86 -17.01
CA TYR C 105 -8.62 51.48 -16.78
C TYR C 105 -8.08 51.00 -15.50
N ARG C 106 -6.77 50.91 -15.39
CA ARG C 106 -6.13 50.60 -14.16
C ARG C 106 -4.74 51.24 -14.11
N LYS C 107 -4.46 51.85 -12.95
CA LYS C 107 -3.16 52.45 -12.71
C LYS C 107 -2.68 51.92 -11.39
N LEU C 108 -1.45 51.39 -11.40
CA LEU C 108 -0.72 50.95 -10.21
C LEU C 108 0.64 51.65 -10.11
N ARG C 109 1.01 51.98 -8.88
CA ARG C 109 2.33 52.48 -8.55
C ARG C 109 2.80 51.64 -7.38
N LEU C 110 3.84 50.85 -7.63
CA LEU C 110 4.21 49.71 -6.81
C LEU C 110 5.59 49.88 -6.25
N LYS C 111 5.77 49.45 -5.02
CA LYS C 111 7.07 49.46 -4.40
C LYS C 111 7.39 48.04 -3.94
N ASP C 112 8.41 47.45 -4.56
CA ASP C 112 8.79 46.10 -4.28
C ASP C 112 9.77 46.08 -3.11
N VAL C 113 10.15 44.88 -2.66
CA VAL C 113 10.90 44.67 -1.40
C VAL C 113 12.34 45.18 -1.51
N LYS C 114 12.80 45.27 -2.75
CA LYS C 114 14.01 45.96 -3.09
C LYS C 114 13.88 47.47 -3.02
N GLY C 115 12.69 47.97 -2.69
CA GLY C 115 12.42 49.42 -2.71
C GLY C 115 12.40 50.04 -4.10
N ARG C 116 12.29 49.21 -5.15
CA ARG C 116 12.12 49.74 -6.52
C ARG C 116 10.69 50.14 -6.76
N ILE C 117 10.47 51.26 -7.45
CA ILE C 117 9.13 51.80 -7.63
C ILE C 117 8.84 51.71 -9.09
N THR C 118 7.69 51.15 -9.46
CA THR C 118 7.30 51.00 -10.86
C THR C 118 5.90 51.51 -11.10
N THR C 119 5.66 52.10 -12.26
CA THR C 119 4.33 52.52 -12.62
C THR C 119 3.82 51.68 -13.77
N ILE C 120 2.58 51.21 -13.63
CA ILE C 120 1.88 50.46 -14.67
C ILE C 120 0.51 51.10 -14.82
N GLU C 121 0.26 51.69 -15.99
CA GLU C 121 -0.95 52.49 -16.20
C GLU C 121 -1.50 52.17 -17.55
N GLY C 122 -2.80 51.84 -17.64
CA GLY C 122 -3.34 51.47 -18.93
C GLY C 122 -4.79 51.01 -18.94
N PHE C 123 -5.23 50.51 -20.08
CA PHE C 123 -6.61 50.24 -20.24
C PHE C 123 -6.78 49.17 -21.29
N ARG C 124 -8.01 48.73 -21.40
CA ARG C 124 -8.36 47.72 -22.36
C ARG C 124 -9.80 47.92 -22.78
N PHE C 125 -10.13 47.46 -23.99
CA PHE C 125 -11.51 47.42 -24.40
C PHE C 125 -11.75 46.30 -25.37
N VAL C 126 -13.03 45.90 -25.42
CA VAL C 126 -13.51 44.97 -26.38
C VAL C 126 -14.23 45.81 -27.44
N SER C 127 -13.59 45.91 -28.61
CA SER C 127 -14.04 46.83 -29.69
C SER C 127 -15.50 46.69 -30.14
N MET C 128 -16.22 47.81 -30.06
CA MET C 128 -17.60 47.77 -30.42
C MET C 128 -17.77 47.70 -31.90
N ASN C 129 -16.85 48.28 -32.66
CA ASN C 129 -16.99 48.27 -34.11
C ASN C 129 -16.17 47.22 -34.81
N ASN C 130 -14.98 46.88 -34.26
CA ASN C 130 -14.25 45.73 -34.76
C ASN C 130 -14.56 44.49 -33.90
N LYS C 131 -15.62 43.75 -34.24
CA LYS C 131 -16.18 42.75 -33.31
C LYS C 131 -15.19 41.63 -32.92
N ASN C 132 -14.14 41.41 -33.72
CA ASN C 132 -13.13 40.44 -33.46
C ASN C 132 -12.02 40.90 -32.54
N LEU C 133 -12.07 42.15 -32.11
CA LEU C 133 -10.86 42.77 -31.62
C LEU C 133 -10.90 43.12 -30.15
N ILE C 134 -9.81 42.78 -29.46
CA ILE C 134 -9.61 43.23 -28.11
C ILE C 134 -8.33 44.07 -28.15
N VAL C 135 -8.28 45.13 -27.36
CA VAL C 135 -7.14 46.09 -27.45
C VAL C 135 -6.69 46.38 -26.04
N GLN C 136 -5.42 46.21 -25.78
CA GLN C 136 -4.90 46.47 -24.42
C GLN C 136 -3.65 47.38 -24.60
N LYS C 137 -3.56 48.42 -23.80
CA LYS C 137 -2.44 49.38 -23.86
C LYS C 137 -2.05 49.71 -22.43
N TYR C 138 -0.76 49.62 -22.12
CA TYR C 138 -0.24 49.84 -20.76
C TYR C 138 1.14 50.53 -20.85
N ASP C 139 1.31 51.60 -20.11
CA ASP C 139 2.60 52.26 -20.06
C ASP C 139 3.24 51.75 -18.80
N VAL C 140 4.54 51.48 -18.88
CA VAL C 140 5.32 51.06 -17.75
C VAL C 140 6.51 52.03 -17.56
N VAL C 141 6.72 52.45 -16.32
CA VAL C 141 7.81 53.38 -16.00
C VAL C 141 8.58 52.92 -14.74
N CYS C 142 9.86 52.59 -14.91
CA CYS C 142 10.76 52.25 -13.80
C CYS C 142 11.28 53.56 -13.22
N GLU C 143 10.70 53.96 -12.10
CA GLU C 143 10.85 55.35 -11.63
C GLU C 143 12.20 55.66 -10.99
N ASN C 144 12.81 54.67 -10.34
CA ASN C 144 14.03 54.93 -9.57
C ASN C 144 15.07 53.82 -9.75
N TYR C 145 15.19 53.30 -10.97
CA TYR C 145 15.98 52.11 -11.25
C TYR C 145 16.01 51.78 -12.74
N SER C 146 17.00 50.94 -13.08
CA SER C 146 17.17 50.41 -14.42
C SER C 146 17.27 48.87 -14.34
N ALA C 147 16.79 48.14 -15.35
CA ALA C 147 16.75 46.68 -15.25
C ALA C 147 16.37 46.07 -16.57
N VAL C 148 16.49 44.75 -16.70
CA VAL C 148 15.93 44.08 -17.88
C VAL C 148 14.48 43.73 -17.51
N LEU C 149 13.55 44.27 -18.30
CA LEU C 149 12.12 44.04 -18.17
C LEU C 149 11.68 43.06 -19.21
N ASN C 150 10.87 42.10 -18.76
CA ASN C 150 10.27 41.10 -19.66
C ASN C 150 8.80 41.42 -19.67
N VAL C 151 8.29 41.71 -20.83
CA VAL C 151 6.85 41.91 -20.94
C VAL C 151 6.40 40.58 -21.46
N GLU C 152 5.58 39.88 -20.66
CA GLU C 152 5.08 38.56 -21.00
C GLU C 152 3.62 38.65 -21.41
N SER C 153 3.33 38.25 -22.64
CA SER C 153 1.91 38.09 -23.03
C SER C 153 1.62 36.62 -23.15
N PHE C 154 0.41 36.18 -22.77
CA PHE C 154 0.13 34.75 -22.85
C PHE C 154 -1.31 34.51 -23.12
N ILE C 155 -1.55 33.42 -23.86
CA ILE C 155 -2.87 32.88 -24.03
C ILE C 155 -2.89 31.61 -23.17
N ASP C 156 -3.89 31.48 -22.32
CA ASP C 156 -4.07 30.37 -21.44
C ASP C 156 -5.22 29.46 -21.85
N ALA C 157 -4.88 28.32 -22.44
CA ALA C 157 -5.87 27.42 -22.94
C ALA C 157 -5.94 26.25 -21.99
N THR C 158 -5.77 26.53 -20.69
CA THR C 158 -6.10 25.56 -19.67
C THR C 158 -7.43 25.92 -19.00
N THR C 159 -8.12 26.94 -19.46
CA THR C 159 -9.41 27.34 -18.85
C THR C 159 -10.44 26.22 -18.98
N VAL C 160 -11.43 26.23 -18.08
CA VAL C 160 -12.58 25.30 -18.10
C VAL C 160 -13.86 26.02 -17.70
N ASN C 161 -14.99 25.38 -17.89
CA ASN C 161 -16.25 25.84 -17.36
C ASN C 161 -16.42 25.29 -15.90
N SER C 162 -17.22 26.00 -15.15
CA SER C 162 -17.58 25.61 -13.79
C SER C 162 -16.34 25.31 -12.99
N LYS C 163 -15.34 26.13 -13.19
CA LYS C 163 -14.11 25.99 -12.42
C LYS C 163 -14.24 25.75 -10.88
N ASP C 164 -15.26 26.22 -10.20
CA ASP C 164 -15.21 26.09 -8.72
C ASP C 164 -16.00 24.90 -8.22
N VAL C 165 -16.74 24.22 -9.11
CA VAL C 165 -17.61 23.09 -8.75
C VAL C 165 -17.05 21.81 -9.35
N PRO C 166 -16.41 20.94 -8.52
CA PRO C 166 -15.70 19.77 -9.02
C PRO C 166 -16.65 18.86 -9.86
N ASN C 167 -17.87 18.65 -9.42
CA ASN C 167 -18.85 17.84 -10.19
C ASN C 167 -19.12 18.28 -11.65
N ASP C 168 -19.13 19.59 -11.88
CA ASP C 168 -19.61 20.21 -13.04
C ASP C 168 -18.49 20.68 -13.96
N ARG C 169 -17.23 20.66 -13.48
CA ARG C 169 -16.16 21.17 -14.35
C ARG C 169 -16.09 20.41 -15.63
N VAL C 170 -16.04 21.11 -16.73
CA VAL C 170 -15.66 20.49 -17.97
C VAL C 170 -14.97 21.45 -18.89
N LYS C 171 -13.98 20.89 -19.61
CA LYS C 171 -13.22 21.59 -20.62
C LYS C 171 -13.95 21.37 -21.92
N HIS C 172 -14.48 22.43 -22.52
CA HIS C 172 -15.34 22.27 -23.70
C HIS C 172 -14.59 22.36 -25.04
N TYR C 173 -13.27 22.37 -24.95
CA TYR C 173 -12.47 22.52 -26.14
C TYR C 173 -11.19 21.69 -26.15
N GLU C 174 -10.72 21.40 -27.34
CA GLU C 174 -9.39 20.83 -27.54
C GLU C 174 -8.53 21.84 -28.29
N ILE C 175 -7.21 21.77 -28.07
CA ILE C 175 -6.29 22.69 -28.72
C ILE C 175 -5.86 22.00 -30.05
N ASP C 176 -6.14 22.65 -31.18
CA ASP C 176 -5.83 22.16 -32.51
C ASP C 176 -4.45 22.61 -32.90
N LYS C 177 -4.09 23.84 -32.57
CA LYS C 177 -2.80 24.31 -33.02
C LYS C 177 -2.26 25.48 -32.23
N LYS C 178 -0.94 25.61 -32.17
CA LYS C 178 -0.25 26.72 -31.48
C LYS C 178 0.91 27.13 -32.38
N LYS C 179 1.14 28.42 -32.52
CA LYS C 179 2.06 28.90 -33.54
C LYS C 179 2.63 30.22 -33.14
N ASP C 180 3.95 30.31 -33.26
CA ASP C 180 4.65 31.57 -33.27
C ASP C 180 4.69 31.97 -34.72
N PHE C 181 3.98 33.02 -35.09
CA PHE C 181 3.95 33.40 -36.52
C PHE C 181 4.71 34.69 -36.72
N ALA C 182 5.64 34.95 -35.79
CA ALA C 182 6.61 36.04 -35.86
C ALA C 182 6.02 37.42 -35.51
N ASP C 183 4.89 37.74 -36.14
CA ASP C 183 4.09 38.92 -35.92
C ASP C 183 3.18 38.79 -34.68
N GLY C 184 3.17 37.62 -34.05
CA GLY C 184 2.36 37.39 -32.86
C GLY C 184 2.34 35.91 -32.55
N ILE C 185 1.37 35.47 -31.74
CA ILE C 185 1.19 34.07 -31.42
C ILE C 185 -0.27 33.68 -31.64
N TYR C 186 -0.49 32.43 -31.93
CA TYR C 186 -1.79 31.95 -32.31
C TYR C 186 -2.04 30.67 -31.55
N LEU C 187 -3.30 30.50 -31.15
CA LEU C 187 -3.79 29.27 -30.62
C LEU C 187 -5.20 29.07 -31.18
N GLY C 188 -5.49 27.89 -31.63
CA GLY C 188 -6.77 27.59 -32.26
C GLY C 188 -7.39 26.42 -31.53
N ILE C 189 -8.72 26.41 -31.41
CA ILE C 189 -9.42 25.32 -30.75
C ILE C 189 -10.62 24.84 -31.54
N THR C 190 -11.08 23.63 -31.21
CA THR C 190 -12.37 23.10 -31.70
C THR C 190 -13.13 22.72 -30.46
N THR C 191 -14.42 23.00 -30.40
CA THR C 191 -15.18 22.56 -29.26
C THR C 191 -15.21 21.06 -29.30
N LYS C 192 -15.49 20.48 -28.14
CA LYS C 192 -15.38 19.06 -28.00
C LYS C 192 -16.49 18.33 -28.83
N ASP C 193 -17.71 18.86 -28.90
CA ASP C 193 -18.77 18.33 -29.76
C ASP C 193 -18.50 18.62 -31.25
N LYS C 194 -17.44 19.40 -31.52
CA LYS C 194 -16.95 19.70 -32.86
C LYS C 194 -17.82 20.62 -33.70
N LYS C 195 -18.67 21.36 -33.01
CA LYS C 195 -19.63 22.21 -33.70
C LYS C 195 -19.05 23.57 -33.98
N TYR C 196 -17.98 23.97 -33.29
CA TYR C 196 -17.38 25.28 -33.49
C TYR C 196 -15.88 25.24 -33.41
N LYS C 197 -15.27 26.07 -34.26
CA LYS C 197 -13.85 26.35 -34.26
C LYS C 197 -13.61 27.77 -33.92
N VAL C 198 -12.58 28.02 -33.12
CA VAL C 198 -12.25 29.39 -32.77
C VAL C 198 -10.75 29.58 -32.96
N GLY C 199 -10.36 30.68 -33.58
CA GLY C 199 -8.95 31.04 -33.63
C GLY C 199 -8.66 32.25 -32.77
N ILE C 200 -7.50 32.28 -32.14
CA ILE C 200 -7.12 33.42 -31.38
C ILE C 200 -5.69 33.83 -31.77
N ALA C 201 -5.52 35.05 -32.28
CA ALA C 201 -4.20 35.63 -32.67
C ALA C 201 -3.98 36.82 -31.81
N SER C 202 -2.79 36.93 -31.27
CA SER C 202 -2.46 38.03 -30.43
C SER C 202 -1.07 38.54 -30.75
N SER C 203 -0.91 39.86 -30.73
CA SER C 203 0.36 40.49 -31.06
C SER C 203 0.61 41.62 -30.14
N THR C 204 1.73 41.54 -29.45
CA THR C 204 2.13 42.50 -28.46
C THR C 204 3.40 43.17 -29.00
N LYS C 205 3.54 44.45 -28.65
CA LYS C 205 4.68 45.26 -29.03
C LYS C 205 5.02 46.18 -27.87
N VAL C 206 6.32 46.45 -27.74
CA VAL C 206 6.80 47.34 -26.74
C VAL C 206 7.59 48.47 -27.42
N LEU C 207 7.17 49.69 -27.15
CA LEU C 207 7.70 50.84 -27.88
C LEU C 207 8.19 51.86 -26.91
N LEU C 208 9.21 52.62 -27.34
CA LEU C 208 9.64 53.84 -26.66
C LEU C 208 9.63 54.92 -27.73
N ASN C 209 8.87 55.98 -27.51
CA ASN C 209 8.75 56.99 -28.51
C ASN C 209 8.47 56.42 -29.90
N ASN C 210 7.46 55.57 -29.91
CA ASN C 210 7.01 54.87 -31.08
C ASN C 210 8.09 54.17 -31.93
N GLN C 211 9.15 53.75 -31.28
CA GLN C 211 10.02 52.72 -31.91
C GLN C 211 9.99 51.41 -31.11
N ARG C 212 10.09 50.28 -31.79
CA ARG C 212 10.21 49.02 -31.07
C ARG C 212 11.54 49.05 -30.30
N CYS C 213 11.44 48.85 -29.00
CA CYS C 213 12.53 49.08 -28.09
C CYS C 213 13.01 47.83 -27.38
N TYR C 214 12.78 46.66 -27.95
CA TYR C 214 13.17 45.42 -27.28
C TYR C 214 14.34 44.80 -28.02
N PHE C 215 15.31 44.33 -27.26
CA PHE C 215 16.49 43.64 -27.81
C PHE C 215 16.22 42.19 -28.16
N ASN C 216 15.12 41.65 -27.64
CA ASN C 216 14.82 40.24 -27.90
C ASN C 216 13.34 39.93 -27.73
N ARG C 217 12.82 39.14 -28.66
CA ARG C 217 11.51 38.52 -28.55
C ARG C 217 11.73 37.03 -28.52
N PHE C 218 11.07 36.35 -27.57
CA PHE C 218 10.99 34.89 -27.61
C PHE C 218 9.60 34.42 -27.28
N THR C 219 9.28 33.23 -27.75
CA THR C 219 8.04 32.58 -27.44
C THR C 219 8.32 31.25 -26.72
N LYS C 220 7.37 30.79 -25.92
CA LYS C 220 7.47 29.57 -25.08
C LYS C 220 6.20 28.75 -25.32
N ASP C 221 6.36 27.45 -25.58
CA ASP C 221 5.24 26.50 -25.62
C ASP C 221 5.27 25.69 -24.32
N LEU C 222 4.34 26.00 -23.42
CA LEU C 222 4.30 25.45 -22.09
C LEU C 222 3.11 24.53 -22.02
N GLY C 223 2.86 23.71 -23.02
CA GLY C 223 1.71 22.83 -22.95
C GLY C 223 0.50 23.49 -23.53
N TYR C 224 -0.51 23.79 -22.71
CA TYR C 224 -1.66 24.54 -23.21
C TYR C 224 -1.68 26.06 -22.85
N ILE C 225 -0.49 26.61 -22.55
CA ILE C 225 -0.27 28.03 -22.40
C ILE C 225 0.86 28.31 -23.39
N ILE C 226 0.66 29.33 -24.23
CA ILE C 226 1.70 29.82 -25.16
C ILE C 226 2.00 31.26 -24.77
N THR C 227 3.28 31.67 -24.80
CA THR C 227 3.64 33.02 -24.41
C THR C 227 4.49 33.76 -25.47
N GLU C 228 4.38 35.09 -25.42
CA GLU C 228 5.14 36.05 -26.26
C GLU C 228 5.75 36.99 -25.27
N ASN C 229 7.06 37.19 -25.44
CA ASN C 229 7.90 37.81 -24.46
C ASN C 229 8.87 38.76 -25.14
N PHE C 230 8.95 39.97 -24.58
CA PHE C 230 9.81 41.01 -25.06
C PHE C 230 10.69 41.48 -23.91
N GLU C 231 11.99 41.36 -24.13
CA GLU C 231 12.97 41.87 -23.17
C GLU C 231 13.45 43.24 -23.62
N VAL C 232 13.47 44.17 -22.66
CA VAL C 232 13.77 45.59 -22.86
C VAL C 232 14.80 45.95 -21.83
N GLU C 233 15.90 46.58 -22.28
CA GLU C 233 16.88 47.13 -21.34
C GLU C 233 16.30 48.45 -20.89
N ALA C 234 15.56 48.39 -19.79
CA ALA C 234 14.78 49.50 -19.34
C ALA C 234 15.62 50.49 -18.56
N LYS C 235 15.51 51.76 -18.96
CA LYS C 235 16.23 52.84 -18.28
C LYS C 235 15.28 53.66 -17.44
N GLN C 236 15.76 54.09 -16.27
CA GLN C 236 14.99 54.86 -15.28
C GLN C 236 14.21 56.04 -15.86
N GLY C 237 12.89 56.04 -15.59
CA GLY C 237 11.96 57.12 -15.94
C GLY C 237 11.45 57.14 -17.37
N GLU C 238 12.12 56.40 -18.28
CA GLU C 238 11.63 56.23 -19.65
C GLU C 238 10.21 55.59 -19.75
N ARG C 239 9.44 55.93 -20.80
CA ARG C 239 8.01 55.51 -20.92
C ARG C 239 7.84 54.40 -21.96
N TYR C 240 7.61 53.18 -21.47
CA TYR C 240 7.59 52.00 -22.30
C TYR C 240 6.14 51.72 -22.56
N GLU C 241 5.79 51.79 -23.84
CA GLU C 241 4.42 51.69 -24.28
C GLU C 241 4.20 50.29 -24.81
N ILE C 242 3.33 49.55 -24.10
CA ILE C 242 3.02 48.17 -24.38
C ILE C 242 1.69 48.20 -25.09
N GLU C 243 1.61 47.67 -26.31
CA GLU C 243 0.30 47.46 -26.91
C GLU C 243 0.10 46.02 -27.26
N LYS C 244 -1.07 45.48 -26.92
CA LYS C 244 -1.46 44.11 -27.21
C LYS C 244 -2.82 44.07 -27.96
N LEU C 245 -2.83 43.56 -29.18
CA LEU C 245 -4.06 43.40 -29.90
C LEU C 245 -4.25 41.92 -29.96
N THR C 246 -5.51 41.50 -29.76
CA THR C 246 -5.90 40.14 -29.82
C THR C 246 -7.11 40.05 -30.68
N VAL C 247 -7.12 39.08 -31.60
CA VAL C 247 -8.26 38.84 -32.45
C VAL C 247 -8.79 37.49 -32.20
N LEU C 248 -10.11 37.41 -32.04
CA LEU C 248 -10.84 36.17 -31.95
C LEU C 248 -11.77 35.98 -33.12
N VAL C 249 -11.65 34.85 -33.80
CA VAL C 249 -12.55 34.50 -34.86
C VAL C 249 -13.13 33.12 -34.64
N SER C 250 -14.44 32.99 -34.88
CA SER C 250 -15.10 31.71 -34.86
C SER C 250 -15.66 31.32 -36.19
N SER C 251 -15.84 30.02 -36.35
CA SER C 251 -16.59 29.46 -37.47
C SER C 251 -18.10 29.82 -37.52
N ARG C 252 -18.57 30.71 -36.65
CA ARG C 252 -19.94 31.21 -36.84
C ARG C 252 -19.92 32.26 -37.95
N GLU C 253 -18.75 32.83 -38.26
CA GLU C 253 -18.72 34.02 -39.09
C GLU C 253 -18.81 33.60 -40.52
N LYS C 254 -19.54 34.37 -41.28
CA LYS C 254 -19.54 34.23 -42.73
C LYS C 254 -18.28 34.91 -43.24
N ASN C 255 -17.39 34.15 -43.84
CA ASN C 255 -17.50 32.71 -43.93
C ASN C 255 -16.12 32.04 -43.78
N VAL C 256 -15.07 32.86 -43.66
CA VAL C 256 -13.82 32.61 -42.91
C VAL C 256 -12.94 31.38 -43.32
N GLY C 257 -13.57 30.23 -43.54
CA GLY C 257 -12.90 29.02 -44.05
C GLY C 257 -11.80 28.47 -43.15
N ASP C 258 -10.78 29.28 -42.93
CA ASP C 258 -9.74 28.98 -41.99
C ASP C 258 -9.68 30.07 -40.94
N VAL C 259 -9.89 29.72 -39.68
CA VAL C 259 -9.86 30.74 -38.65
C VAL C 259 -8.47 31.29 -38.50
N PHE C 260 -7.48 30.49 -38.90
CA PHE C 260 -6.13 30.90 -38.64
C PHE C 260 -5.84 32.01 -39.65
N GLU C 261 -6.26 31.80 -40.89
CA GLU C 261 -5.93 32.77 -41.93
C GLU C 261 -6.71 34.00 -41.62
N THR C 262 -7.97 33.83 -41.26
CA THR C 262 -8.81 34.98 -41.02
C THR C 262 -8.30 35.78 -39.87
N CYS C 263 -7.96 35.14 -38.75
CA CYS C 263 -7.38 35.84 -37.59
C CYS C 263 -6.18 36.67 -37.94
N THR C 264 -5.27 36.07 -38.69
CA THR C 264 -3.95 36.67 -38.85
C THR C 264 -4.03 37.81 -39.85
N ASN C 265 -4.89 37.69 -40.86
CA ASN C 265 -5.16 38.82 -41.78
C ASN C 265 -5.91 39.92 -41.10
N LYS C 266 -6.90 39.56 -40.32
CA LYS C 266 -7.61 40.58 -39.55
C LYS C 266 -6.63 41.32 -38.68
N LEU C 267 -5.70 40.61 -38.09
CA LEU C 267 -4.75 41.26 -37.24
C LEU C 267 -3.82 42.17 -38.08
N LYS C 268 -3.47 41.75 -39.30
CA LYS C 268 -2.68 42.63 -40.16
C LYS C 268 -3.34 43.98 -40.40
N GLU C 269 -4.61 43.93 -40.81
CA GLU C 269 -5.39 45.14 -40.97
C GLU C 269 -5.36 45.97 -39.71
N PHE C 270 -5.61 45.36 -38.54
CA PHE C 270 -5.66 46.17 -37.32
C PHE C 270 -4.29 46.76 -37.03
N GLU C 271 -3.25 46.08 -37.43
CA GLU C 271 -1.90 46.59 -37.24
C GLU C 271 -1.63 47.90 -38.01
N THR C 272 -2.32 48.13 -39.13
CA THR C 272 -2.16 49.37 -39.91
C THR C 272 -2.83 50.59 -39.28
N LYS C 273 -3.57 50.41 -38.19
CA LYS C 273 -4.14 51.58 -37.49
C LYS C 273 -3.48 51.68 -36.16
N SER C 274 -3.52 52.86 -35.55
CA SER C 274 -2.89 53.05 -34.24
C SER C 274 -3.87 52.62 -33.13
N ALA C 275 -3.34 52.45 -31.91
CA ALA C 275 -4.17 52.12 -30.76
C ALA C 275 -5.16 53.28 -30.53
N GLU C 276 -4.61 54.49 -30.60
CA GLU C 276 -5.38 55.70 -30.58
C GLU C 276 -6.57 55.70 -31.55
N LYS C 277 -6.35 55.27 -32.80
CA LYS C 277 -7.38 55.27 -33.80
C LYS C 277 -8.41 54.14 -33.67
N LEU C 278 -7.98 52.97 -33.20
CA LEU C 278 -8.97 51.91 -32.89
C LEU C 278 -9.84 52.38 -31.74
N LEU C 279 -9.22 53.01 -30.77
CA LEU C 279 -9.98 53.58 -29.66
C LEU C 279 -11.06 54.61 -30.04
N PHE C 280 -10.75 55.46 -31.02
CA PHE C 280 -11.62 56.54 -31.36
C PHE C 280 -12.81 55.94 -32.08
N GLU C 281 -12.57 54.94 -32.94
CA GLU C 281 -13.65 54.24 -33.62
C GLU C 281 -14.58 53.56 -32.61
N HIS C 282 -13.98 53.07 -31.51
CA HIS C 282 -14.67 52.38 -30.43
C HIS C 282 -15.54 53.43 -29.72
N ILE C 283 -14.93 54.53 -29.30
CA ILE C 283 -15.70 55.57 -28.63
C ILE C 283 -16.87 56.16 -29.49
N GLU C 284 -16.71 56.24 -30.82
CA GLU C 284 -17.82 56.70 -31.67
C GLU C 284 -19.03 55.80 -31.53
N GLU C 285 -18.81 54.49 -31.37
CA GLU C 285 -19.95 53.56 -31.28
C GLU C 285 -20.66 53.82 -30.01
N TYR C 286 -19.91 54.10 -28.97
CA TYR C 286 -20.59 54.38 -27.69
C TYR C 286 -21.34 55.72 -27.67
N LYS C 287 -20.84 56.68 -28.44
CA LYS C 287 -21.51 57.98 -28.60
C LYS C 287 -22.86 57.81 -29.27
N ARG C 288 -22.86 57.13 -30.38
CA ARG C 288 -24.04 56.85 -31.12
C ARG C 288 -25.10 56.17 -30.25
N LEU C 289 -24.72 55.17 -29.46
CA LEU C 289 -25.68 54.41 -28.62
C LEU C 289 -26.15 55.27 -27.40
N TRP C 290 -25.22 55.99 -26.76
CA TRP C 290 -25.56 56.85 -25.60
C TRP C 290 -26.46 58.08 -25.90
N ASP C 291 -26.30 58.56 -27.11
CA ASP C 291 -27.05 59.66 -27.64
C ASP C 291 -28.59 59.44 -27.48
N VAL C 292 -29.02 58.19 -27.62
CA VAL C 292 -30.44 57.81 -27.43
C VAL C 292 -30.76 57.24 -26.05
N ALA C 293 -29.84 56.40 -25.51
CA ALA C 293 -30.10 55.55 -24.34
C ALA C 293 -29.84 56.21 -23.00
N ASN C 294 -28.93 57.19 -22.97
CA ASN C 294 -28.61 57.89 -21.73
C ASN C 294 -29.87 58.42 -21.08
N ILE C 295 -30.02 58.18 -19.77
CA ILE C 295 -31.07 58.75 -18.94
C ILE C 295 -30.44 59.70 -17.87
N ASP C 296 -30.93 60.94 -17.76
CA ASP C 296 -30.43 61.92 -16.76
C ASP C 296 -31.38 62.04 -15.62
N ILE C 297 -30.94 61.65 -14.45
CA ILE C 297 -31.72 61.86 -13.23
C ILE C 297 -31.02 63.00 -12.47
N VAL C 298 -31.76 64.03 -12.06
CA VAL C 298 -31.16 65.14 -11.28
C VAL C 298 -31.67 65.05 -9.84
N GLY C 299 -30.76 65.10 -8.86
CA GLY C 299 -31.09 65.06 -7.45
C GLY C 299 -30.72 63.76 -6.75
N ASP C 300 -30.16 62.77 -7.49
CA ASP C 300 -29.86 61.42 -6.91
C ASP C 300 -28.65 60.79 -7.61
N GLU C 301 -27.45 61.17 -7.14
CA GLU C 301 -26.23 60.84 -7.88
C GLU C 301 -25.96 59.31 -7.88
N VAL C 302 -26.43 58.63 -6.84
CA VAL C 302 -26.36 57.21 -6.75
C VAL C 302 -27.28 56.58 -7.82
N ALA C 303 -28.52 57.05 -7.90
CA ALA C 303 -29.44 56.56 -8.90
C ALA C 303 -28.94 56.84 -10.29
N ASN C 304 -28.37 58.03 -10.48
CA ASN C 304 -27.93 58.41 -11.81
C ASN C 304 -26.78 57.53 -12.27
N LYS C 305 -25.83 57.25 -11.38
CA LYS C 305 -24.67 56.45 -11.76
C LYS C 305 -25.07 54.95 -11.98
N SER C 306 -25.78 54.42 -11.02
CA SER C 306 -26.25 53.08 -11.05
C SER C 306 -27.06 52.85 -12.34
N VAL C 307 -27.91 53.80 -12.74
CA VAL C 307 -28.61 53.73 -14.04
C VAL C 307 -27.68 53.78 -15.27
N LYS C 308 -26.66 54.62 -15.26
CA LYS C 308 -25.71 54.55 -16.39
C LYS C 308 -25.11 53.14 -16.46
N PHE C 309 -24.80 52.57 -15.30
CA PHE C 309 -24.23 51.26 -15.27
C PHE C 309 -25.18 50.16 -15.88
N ASN C 310 -26.43 50.12 -15.43
CA ASN C 310 -27.39 49.24 -16.01
C ASN C 310 -27.43 49.37 -17.53
N ILE C 311 -27.51 50.61 -18.01
CA ILE C 311 -27.68 50.89 -19.45
C ILE C 311 -26.47 50.52 -20.29
N PHE C 312 -25.31 50.80 -19.74
CA PHE C 312 -24.06 50.53 -20.41
C PHE C 312 -23.91 49.01 -20.75
N HIS C 313 -24.28 48.17 -19.79
CA HIS C 313 -24.13 46.74 -20.03
C HIS C 313 -25.22 46.36 -21.03
N LEU C 314 -26.39 46.94 -20.93
CA LEU C 314 -27.40 46.70 -22.00
C LEU C 314 -26.86 47.13 -23.38
N ILE C 315 -26.35 48.35 -23.47
CA ILE C 315 -25.90 48.80 -24.79
C ILE C 315 -24.67 48.04 -25.24
N SER C 316 -23.94 47.46 -24.31
CA SER C 316 -22.70 46.76 -24.74
C SER C 316 -22.95 45.37 -25.30
N MET C 317 -23.99 44.70 -24.83
CA MET C 317 -24.08 43.27 -25.07
C MET C 317 -24.89 42.88 -26.31
N ALA C 318 -25.57 43.81 -26.96
CA ALA C 318 -26.32 43.40 -28.16
C ALA C 318 -25.63 43.75 -29.48
N ASN C 319 -25.64 42.76 -30.36
CA ASN C 319 -25.14 42.81 -31.73
C ASN C 319 -26.26 42.56 -32.78
N PRO C 320 -26.91 43.65 -33.23
CA PRO C 320 -28.00 43.59 -34.28
C PRO C 320 -27.62 42.86 -35.58
N GLU C 321 -26.33 42.72 -35.87
CA GLU C 321 -25.86 41.92 -37.02
C GLU C 321 -26.08 40.41 -36.89
N ASP C 322 -26.19 39.90 -35.67
CA ASP C 322 -26.20 38.47 -35.39
C ASP C 322 -27.63 38.09 -35.12
N GLU C 323 -28.27 37.48 -36.11
CA GLU C 323 -29.66 37.04 -35.95
C GLU C 323 -29.74 35.62 -35.47
N HIS C 324 -28.61 35.05 -35.00
CA HIS C 324 -28.59 33.64 -34.54
C HIS C 324 -28.12 33.47 -33.10
N VAL C 325 -28.21 34.56 -32.37
CA VAL C 325 -27.98 34.57 -30.97
C VAL C 325 -28.96 35.53 -30.34
N SER C 326 -29.03 35.39 -29.02
CA SER C 326 -29.68 36.37 -28.22
C SER C 326 -28.98 36.40 -26.89
N LEU C 327 -29.62 37.04 -25.90
CA LEU C 327 -28.90 37.43 -24.72
C LEU C 327 -29.18 36.44 -23.66
N GLY C 328 -28.14 35.84 -23.13
CA GLY C 328 -28.29 34.92 -21.99
C GLY C 328 -28.71 35.68 -20.73
N ALA C 329 -29.27 34.96 -19.78
CA ALA C 329 -29.68 35.49 -18.49
C ALA C 329 -28.52 36.27 -17.77
N LYS C 330 -27.28 36.02 -18.12
CA LYS C 330 -26.15 36.81 -17.53
C LYS C 330 -25.32 37.42 -18.60
N GLY C 331 -25.96 37.80 -19.71
CA GLY C 331 -25.25 38.43 -20.83
C GLY C 331 -24.09 37.60 -21.36
N LEU C 332 -22.93 38.23 -21.51
CA LEU C 332 -21.70 37.59 -21.88
C LEU C 332 -20.71 37.90 -20.80
N HIS C 333 -21.19 37.82 -19.57
CA HIS C 333 -20.47 38.33 -18.40
C HIS C 333 -20.11 37.28 -17.39
N GLY C 334 -20.61 36.06 -17.56
CA GLY C 334 -20.32 34.98 -16.63
C GLY C 334 -21.08 33.73 -16.99
N GLU C 335 -20.86 32.66 -16.22
CA GLU C 335 -21.33 31.35 -16.55
C GLU C 335 -22.64 30.92 -15.93
N GLY C 336 -23.23 31.76 -15.08
CA GLY C 336 -24.45 31.37 -14.37
C GLY C 336 -25.55 31.22 -15.36
N TYR C 337 -26.34 30.16 -15.21
CA TYR C 337 -27.33 29.76 -16.20
C TYR C 337 -26.77 29.34 -17.59
N LYS C 338 -25.43 29.26 -17.72
CA LYS C 338 -24.77 28.57 -18.87
C LYS C 338 -24.97 29.25 -20.24
N GLY C 339 -25.18 30.57 -20.20
CA GLY C 339 -25.38 31.34 -21.35
C GLY C 339 -26.76 31.13 -21.95
N HIS C 340 -27.64 30.43 -21.25
CA HIS C 340 -28.99 30.20 -21.83
C HIS C 340 -29.87 31.41 -21.90
N VAL C 341 -30.81 31.36 -22.86
CA VAL C 341 -31.75 32.42 -23.10
C VAL C 341 -33.08 32.00 -22.52
N PHE C 342 -33.60 32.89 -21.68
CA PHE C 342 -34.90 32.71 -21.02
C PHE C 342 -35.85 33.84 -21.46
N TRP C 343 -37.03 33.85 -20.88
CA TRP C 343 -37.94 34.95 -20.95
C TRP C 343 -37.43 36.29 -20.42
N ASP C 344 -36.32 36.23 -19.67
CA ASP C 344 -35.59 37.40 -19.23
C ASP C 344 -35.37 38.30 -20.45
N THR C 345 -35.01 37.70 -21.56
CA THR C 345 -34.66 38.48 -22.72
C THR C 345 -35.93 39.04 -23.33
N GLU C 346 -36.90 38.20 -23.69
CA GLU C 346 -38.08 38.78 -24.38
C GLU C 346 -38.84 39.83 -23.55
N ILE C 347 -38.92 39.62 -22.24
CA ILE C 347 -39.85 40.36 -21.42
C ILE C 347 -39.13 41.45 -20.65
N PHE C 348 -37.94 41.19 -20.14
CA PHE C 348 -37.22 42.21 -19.33
C PHE C 348 -36.25 43.03 -20.12
N MET C 349 -35.49 42.35 -21.00
CA MET C 349 -34.42 43.03 -21.74
C MET C 349 -34.91 43.69 -23.01
N LEU C 350 -35.70 42.95 -23.77
CA LEU C 350 -36.09 43.40 -25.07
C LEU C 350 -36.75 44.82 -25.09
N PRO C 351 -37.56 45.17 -24.11
CA PRO C 351 -38.18 46.50 -24.38
C PRO C 351 -37.12 47.63 -24.47
N PHE C 352 -36.03 47.51 -23.73
CA PHE C 352 -34.97 48.47 -23.83
C PHE C 352 -34.59 48.59 -25.28
N TYR C 353 -34.26 47.51 -25.93
CA TYR C 353 -33.82 47.58 -27.35
C TYR C 353 -34.99 48.05 -28.28
N ILE C 354 -36.21 47.63 -28.01
CA ILE C 354 -37.34 48.05 -28.83
C ILE C 354 -37.41 49.59 -28.88
N TYR C 355 -37.27 50.22 -27.71
CA TYR C 355 -37.39 51.64 -27.63
C TYR C 355 -36.07 52.39 -27.81
N THR C 356 -34.90 51.76 -27.69
CA THR C 356 -33.63 52.56 -27.90
C THR C 356 -32.78 52.23 -29.16
N ASN C 357 -32.94 51.01 -29.66
CA ASN C 357 -32.20 50.52 -30.80
C ASN C 357 -32.99 49.36 -31.45
N PRO C 358 -34.09 49.70 -32.11
CA PRO C 358 -35.04 48.64 -32.60
C PRO C 358 -34.41 47.57 -33.47
N ALA C 359 -33.33 47.90 -34.18
CA ALA C 359 -32.63 46.85 -34.91
C ALA C 359 -32.05 45.72 -33.97
N ALA C 360 -31.58 46.07 -32.79
CA ALA C 360 -31.17 45.02 -31.87
C ALA C 360 -32.33 44.11 -31.47
N ALA C 361 -33.49 44.71 -31.29
CA ALA C 361 -34.59 43.95 -30.78
C ALA C 361 -35.04 42.98 -31.84
N LYS C 362 -35.04 43.44 -33.11
CA LYS C 362 -35.44 42.59 -34.23
C LYS C 362 -34.54 41.38 -34.37
N ALA C 363 -33.22 41.58 -34.26
CA ALA C 363 -32.30 40.51 -34.33
C ALA C 363 -32.60 39.42 -33.29
N MET C 364 -32.90 39.84 -32.07
CA MET C 364 -33.17 38.91 -30.99
C MET C 364 -34.49 38.22 -31.24
N LEU C 365 -35.39 38.89 -31.92
CA LEU C 365 -36.63 38.18 -32.36
C LEU C 365 -36.33 37.18 -33.49
N MET C 366 -35.42 37.54 -34.40
CA MET C 366 -35.00 36.62 -35.48
C MET C 366 -34.35 35.34 -34.93
N TYR C 367 -33.67 35.45 -33.79
CA TYR C 367 -33.16 34.26 -33.06
C TYR C 367 -34.30 33.28 -32.83
N ARG C 368 -35.42 33.78 -32.34
CA ARG C 368 -36.55 32.88 -32.03
C ARG C 368 -37.13 32.37 -33.34
N TYR C 369 -37.31 33.23 -34.35
CA TYR C 369 -37.83 32.78 -35.62
C TYR C 369 -37.04 31.61 -36.19
N ASN C 370 -35.71 31.78 -36.21
CA ASN C 370 -34.84 30.79 -36.68
C ASN C 370 -34.82 29.47 -35.89
N LEU C 371 -35.32 29.43 -34.67
CA LEU C 371 -35.42 28.22 -33.89
C LEU C 371 -36.87 27.72 -33.84
N LEU C 372 -37.72 28.26 -34.69
CA LEU C 372 -39.10 27.73 -34.78
C LEU C 372 -39.16 26.21 -34.98
N ASP C 373 -38.29 25.64 -35.81
CA ASP C 373 -38.36 24.19 -36.10
C ASP C 373 -38.01 23.39 -34.88
N ALA C 374 -37.05 23.85 -34.12
CA ALA C 374 -36.75 23.19 -32.87
C ALA C 374 -37.93 23.34 -31.89
N ALA C 375 -38.62 24.47 -31.90
CA ALA C 375 -39.77 24.64 -31.02
C ALA C 375 -40.97 23.72 -31.46
N ARG C 376 -41.15 23.53 -32.77
CA ARG C 376 -42.14 22.56 -33.29
C ARG C 376 -41.76 21.18 -32.86
N GLU C 377 -40.46 20.83 -32.94
CA GLU C 377 -40.01 19.49 -32.56
C GLU C 377 -40.18 19.32 -31.06
N ASN C 378 -39.92 20.40 -30.32
CA ASN C 378 -40.10 20.35 -28.89
C ASN C 378 -41.57 20.09 -28.47
N ALA C 379 -42.48 20.83 -29.07
CA ALA C 379 -43.91 20.54 -28.98
C ALA C 379 -44.21 19.05 -29.21
N ARG C 380 -43.71 18.50 -30.31
CA ARG C 380 -44.05 17.13 -30.73
C ARG C 380 -43.53 16.14 -29.73
N LYS C 381 -42.36 16.41 -29.16
CA LYS C 381 -41.84 15.47 -28.22
C LYS C 381 -42.62 15.46 -26.89
N ASN C 382 -43.35 16.53 -26.59
CA ASN C 382 -44.18 16.57 -25.38
C ASN C 382 -45.66 16.26 -25.63
N GLY C 383 -46.00 15.82 -26.84
CA GLY C 383 -47.41 15.50 -27.16
C GLY C 383 -48.29 16.67 -27.59
N TYR C 384 -47.70 17.84 -27.89
CA TYR C 384 -48.44 19.07 -28.19
C TYR C 384 -48.26 19.43 -29.66
N LYS C 385 -48.95 20.51 -30.09
CA LYS C 385 -48.84 21.05 -31.40
C LYS C 385 -48.13 22.42 -31.40
N GLY C 386 -48.01 22.96 -32.60
CA GLY C 386 -47.47 24.31 -32.82
C GLY C 386 -46.02 24.45 -32.45
N ALA C 387 -45.69 25.60 -31.87
CA ALA C 387 -44.33 25.83 -31.45
C ALA C 387 -44.31 25.97 -29.96
N GLN C 388 -43.59 25.03 -29.29
CA GLN C 388 -43.36 25.06 -27.84
C GLN C 388 -41.91 25.46 -27.63
N PHE C 389 -41.69 26.74 -27.37
CA PHE C 389 -40.39 27.22 -27.09
C PHE C 389 -39.84 26.73 -25.74
N PRO C 390 -38.55 26.49 -25.71
CA PRO C 390 -38.01 25.93 -24.51
C PRO C 390 -37.90 27.00 -23.44
N TRP C 391 -37.90 26.57 -22.18
CA TRP C 391 -37.63 27.45 -21.04
C TRP C 391 -36.19 28.02 -21.14
N GLU C 392 -35.27 27.21 -21.57
CA GLU C 392 -33.88 27.61 -21.70
C GLU C 392 -33.40 27.26 -23.11
N SER C 393 -32.93 28.28 -23.86
CA SER C 393 -32.47 28.11 -25.23
C SER C 393 -30.97 28.47 -25.40
N ALA C 394 -30.27 27.72 -26.26
CA ALA C 394 -28.86 27.95 -26.55
C ALA C 394 -28.70 28.18 -28.06
N ASP C 395 -28.07 27.23 -28.77
CA ASP C 395 -27.76 27.44 -30.18
C ASP C 395 -28.74 26.70 -31.09
N THR C 396 -29.17 25.49 -30.73
CA THR C 396 -30.09 24.70 -31.61
C THR C 396 -31.53 25.05 -31.35
N GLY C 397 -31.88 25.62 -30.21
CA GLY C 397 -33.28 25.83 -29.90
C GLY C 397 -34.04 24.66 -29.27
N GLU C 398 -33.32 23.59 -28.94
CA GLU C 398 -33.82 22.47 -28.13
C GLU C 398 -33.89 22.93 -26.66
N GLU C 399 -34.61 22.19 -25.84
CA GLU C 399 -34.79 22.47 -24.41
C GLU C 399 -33.48 22.17 -23.75
N GLU C 400 -32.83 23.17 -23.18
CA GLU C 400 -31.58 22.97 -22.50
C GLU C 400 -31.70 23.17 -20.95
N THR C 401 -32.92 23.12 -20.41
CA THR C 401 -33.06 23.24 -18.94
C THR C 401 -32.49 22.01 -18.24
N PRO C 402 -31.60 22.18 -17.24
CA PRO C 402 -31.17 21.00 -16.57
C PRO C 402 -32.33 20.31 -15.89
N LYS C 403 -32.19 19.01 -15.71
CA LYS C 403 -33.25 18.20 -15.08
C LYS C 403 -32.99 18.02 -13.59
N TRP C 404 -31.76 18.27 -13.16
CA TRP C 404 -31.29 18.00 -11.77
C TRP C 404 -30.42 19.14 -11.34
N GLY C 405 -30.59 19.58 -10.10
CA GLY C 405 -29.63 20.46 -9.46
C GLY C 405 -29.67 20.30 -7.95
N TYR C 406 -29.59 21.42 -7.22
CA TYR C 406 -29.54 21.37 -5.75
C TYR C 406 -30.40 22.47 -5.20
N ASP C 407 -31.08 22.23 -4.09
CA ASP C 407 -32.03 23.20 -3.58
C ASP C 407 -31.36 24.20 -2.64
N TYR C 408 -32.20 25.01 -2.01
CA TYR C 408 -31.76 26.04 -1.08
C TYR C 408 -30.91 25.45 0.08
N LEU C 409 -31.12 24.17 0.38
CA LEU C 409 -30.44 23.47 1.47
C LEU C 409 -29.27 22.61 0.96
N GLY C 410 -28.92 22.70 -0.33
CA GLY C 410 -27.81 21.90 -0.88
C GLY C 410 -28.17 20.46 -1.23
N ASN C 411 -29.43 20.07 -1.14
CA ASN C 411 -29.81 18.70 -1.51
C ASN C 411 -30.11 18.53 -3.00
N PRO C 412 -29.84 17.33 -3.54
CA PRO C 412 -30.20 17.11 -4.92
C PRO C 412 -31.71 17.29 -5.10
N VAL C 413 -32.15 17.80 -6.26
CA VAL C 413 -33.56 18.02 -6.49
C VAL C 413 -33.85 18.00 -7.99
N ARG C 414 -35.03 17.52 -8.33
CA ARG C 414 -35.52 17.55 -9.70
C ARG C 414 -35.82 18.98 -10.10
N ILE C 415 -35.51 19.34 -11.35
CA ILE C 415 -35.82 20.70 -11.83
C ILE C 415 -36.95 20.53 -12.82
N TRP C 416 -38.03 21.22 -12.59
CA TRP C 416 -39.28 21.03 -13.30
C TRP C 416 -39.63 22.15 -14.29
N THR C 417 -38.83 23.20 -14.30
CA THR C 417 -39.13 24.40 -15.12
C THR C 417 -39.11 24.12 -16.62
N GLY C 418 -38.11 23.35 -17.07
CA GLY C 418 -38.03 22.87 -18.47
C GLY C 418 -39.31 22.12 -18.85
N ASP C 419 -39.75 21.26 -17.96
CA ASP C 419 -40.96 20.46 -18.18
C ASP C 419 -42.24 21.24 -18.19
N ILE C 420 -42.45 22.12 -17.24
CA ILE C 420 -43.81 22.69 -17.04
C ILE C 420 -43.91 24.20 -16.85
N GLU C 421 -42.82 24.96 -16.95
CA GLU C 421 -42.90 26.41 -16.96
C GLU C 421 -43.16 26.89 -18.38
N TYR C 422 -44.42 26.69 -18.79
CA TYR C 422 -44.83 26.86 -20.14
C TYR C 422 -44.92 28.29 -20.66
N HIS C 423 -45.12 29.28 -19.79
CA HIS C 423 -45.41 30.64 -20.23
C HIS C 423 -44.45 31.28 -21.23
N ILE C 424 -43.21 30.77 -21.30
CA ILE C 424 -42.23 31.23 -22.27
C ILE C 424 -42.79 31.35 -23.68
N SER C 425 -43.60 30.40 -24.10
CA SER C 425 -44.07 30.43 -25.47
C SER C 425 -45.00 31.61 -25.72
N ALA C 426 -45.93 31.88 -24.78
CA ALA C 426 -46.67 33.15 -24.78
C ALA C 426 -45.79 34.40 -24.62
N ASP C 427 -44.83 34.38 -23.72
CA ASP C 427 -43.99 35.57 -23.56
C ASP C 427 -43.34 35.98 -24.89
N ILE C 428 -42.88 35.01 -25.69
CA ILE C 428 -42.23 35.35 -26.98
C ILE C 428 -43.25 35.96 -27.96
N ALA C 429 -44.46 35.38 -28.05
CA ALA C 429 -45.52 35.98 -28.84
C ALA C 429 -45.82 37.41 -28.41
N TYR C 430 -45.89 37.65 -27.11
CA TYR C 430 -46.13 38.97 -26.58
C TYR C 430 -44.96 39.90 -27.03
N ALA C 431 -43.75 39.44 -26.86
CA ALA C 431 -42.65 40.30 -27.23
C ALA C 431 -42.64 40.63 -28.73
N VAL C 432 -43.05 39.67 -29.58
CA VAL C 432 -43.22 39.97 -31.01
C VAL C 432 -44.19 41.15 -31.24
N MET C 433 -45.37 41.11 -30.63
CA MET C 433 -46.36 42.16 -30.79
C MET C 433 -45.89 43.49 -30.21
N ASN C 434 -45.26 43.40 -29.06
CA ASN C 434 -44.65 44.56 -28.46
C ASN C 434 -43.67 45.25 -29.44
N TYR C 435 -42.83 44.50 -30.13
CA TYR C 435 -41.83 45.11 -31.08
C TYR C 435 -42.59 45.73 -32.27
N VAL C 436 -43.57 45.00 -32.83
CA VAL C 436 -44.29 45.49 -33.97
C VAL C 436 -45.17 46.69 -33.63
N ARG C 437 -45.72 46.71 -32.45
CA ARG C 437 -46.54 47.85 -32.05
C ARG C 437 -45.68 49.07 -31.97
N ALA C 438 -44.47 48.94 -31.45
CA ALA C 438 -43.65 50.11 -31.23
C ALA C 438 -43.04 50.69 -32.51
N THR C 439 -42.64 49.84 -33.40
CA THR C 439 -41.95 50.22 -34.58
C THR C 439 -42.84 50.28 -35.81
N ASP C 440 -44.07 49.76 -35.77
CA ASP C 440 -44.85 49.61 -36.99
C ASP C 440 -44.12 48.81 -38.05
N ASP C 441 -43.25 47.86 -37.66
CA ASP C 441 -42.51 47.06 -38.62
C ASP C 441 -43.43 46.03 -39.30
N ILE C 442 -44.21 46.47 -40.26
CA ILE C 442 -45.16 45.54 -40.95
C ILE C 442 -44.41 44.41 -41.72
N ASP C 443 -43.32 44.73 -42.36
CA ASP C 443 -42.57 43.70 -43.07
C ASP C 443 -42.23 42.51 -42.13
N PHE C 444 -41.66 42.83 -40.98
CA PHE C 444 -41.36 41.82 -39.97
C PHE C 444 -42.59 40.98 -39.56
N LEU C 445 -43.69 41.66 -39.26
CA LEU C 445 -44.94 41.01 -38.87
C LEU C 445 -45.42 40.03 -39.95
N LEU C 446 -45.43 40.49 -41.19
CA LEU C 446 -45.91 39.69 -42.31
C LEU C 446 -44.98 38.51 -42.55
N ASN C 447 -43.66 38.74 -42.50
CA ASN C 447 -42.74 37.66 -42.94
C ASN C 447 -42.27 36.72 -41.81
N TYR C 448 -42.30 37.22 -40.57
CA TYR C 448 -41.72 36.46 -39.47
C TYR C 448 -42.63 36.42 -38.24
N GLY C 449 -43.15 37.56 -37.83
CA GLY C 449 -43.83 37.64 -36.54
C GLY C 449 -45.13 36.85 -36.46
N SER C 450 -45.92 36.93 -37.52
CA SER C 450 -47.23 36.28 -37.56
C SER C 450 -47.05 34.78 -37.37
N GLU C 451 -46.08 34.21 -38.10
CA GLU C 451 -45.80 32.78 -37.97
C GLU C 451 -45.43 32.40 -36.49
N ILE C 452 -44.61 33.20 -35.83
CA ILE C 452 -44.32 32.91 -34.42
C ILE C 452 -45.61 32.95 -33.59
N ILE C 453 -46.44 33.99 -33.71
CA ILE C 453 -47.64 34.15 -32.93
C ILE C 453 -48.65 33.04 -33.19
N ILE C 454 -48.80 32.65 -34.44
CA ILE C 454 -49.74 31.59 -34.75
C ILE C 454 -49.26 30.22 -34.27
N GLU C 455 -47.97 29.92 -34.44
CA GLU C 455 -47.47 28.63 -33.95
C GLU C 455 -47.52 28.51 -32.42
N THR C 456 -47.22 29.57 -31.67
CA THR C 456 -47.35 29.47 -30.21
C THR C 456 -48.85 29.34 -29.78
N ALA C 457 -49.72 29.99 -30.53
CA ALA C 457 -51.18 29.88 -30.26
C ALA C 457 -51.61 28.46 -30.54
N ARG C 458 -51.06 27.85 -31.60
CA ARG C 458 -51.36 26.46 -31.81
C ARG C 458 -50.94 25.59 -30.66
N PHE C 459 -49.78 25.93 -30.05
CA PHE C 459 -49.33 25.18 -28.92
C PHE C 459 -50.31 25.35 -27.79
N TRP C 460 -50.74 26.57 -27.53
CA TRP C 460 -51.65 26.81 -26.40
C TRP C 460 -53.01 26.08 -26.64
N ALA C 461 -53.47 26.04 -27.90
CA ALA C 461 -54.68 25.30 -28.22
C ALA C 461 -54.56 23.80 -27.95
N SER C 462 -53.34 23.25 -28.01
CA SER C 462 -53.10 21.86 -27.76
C SER C 462 -53.01 21.53 -26.29
N ILE C 463 -52.50 22.45 -25.46
CA ILE C 463 -52.27 22.17 -24.02
C ILE C 463 -53.52 22.50 -23.16
N CYS C 464 -54.35 23.45 -23.58
CA CYS C 464 -55.58 23.76 -22.87
C CYS C 464 -56.45 22.53 -22.88
N LYS C 465 -57.05 22.25 -21.72
CA LYS C 465 -57.80 21.06 -21.51
C LYS C 465 -59.23 21.43 -21.08
N TYR C 466 -60.21 20.97 -21.83
CA TYR C 466 -61.60 21.33 -21.53
C TYR C 466 -62.10 20.52 -20.33
N ASN C 467 -62.57 21.22 -19.31
CA ASN C 467 -63.23 20.59 -18.15
C ASN C 467 -64.74 20.72 -18.38
N LYS C 468 -65.43 19.60 -18.66
CA LYS C 468 -66.86 19.65 -19.04
C LYS C 468 -67.81 20.09 -17.95
N GLU C 469 -67.72 19.51 -16.77
CA GLU C 469 -68.58 19.97 -15.67
C GLU C 469 -68.57 21.51 -15.59
N LYS C 470 -67.36 22.09 -15.59
CA LYS C 470 -67.21 23.52 -15.33
C LYS C 470 -67.40 24.39 -16.55
N GLY C 471 -67.53 23.79 -17.73
CA GLY C 471 -67.63 24.57 -18.98
C GLY C 471 -66.47 25.54 -19.18
N ARG C 472 -65.25 25.12 -18.87
CA ARG C 472 -64.07 26.02 -18.96
C ARG C 472 -62.86 25.24 -19.40
N TYR C 473 -61.86 25.94 -20.00
CA TYR C 473 -60.57 25.31 -20.33
C TYR C 473 -59.59 25.62 -19.20
N GLU C 474 -58.74 24.65 -18.87
CA GLU C 474 -57.76 24.78 -17.79
C GLU C 474 -56.36 24.51 -18.35
N ILE C 475 -55.35 24.98 -17.66
CA ILE C 475 -53.96 24.57 -17.94
C ILE C 475 -53.37 24.13 -16.61
N ASN C 476 -53.17 22.82 -16.46
CA ASN C 476 -52.88 22.25 -15.16
C ASN C 476 -51.51 21.67 -15.13
N ASP C 477 -50.92 21.75 -13.93
CA ASP C 477 -49.62 21.18 -13.65
C ASP C 477 -48.58 22.03 -14.39
N VAL C 478 -48.37 23.22 -13.84
CA VAL C 478 -47.53 24.25 -14.40
C VAL C 478 -46.69 24.90 -13.30
N ILE C 479 -45.72 25.69 -13.76
CA ILE C 479 -45.03 26.69 -12.95
C ILE C 479 -45.28 28.02 -13.63
N GLY C 480 -45.80 28.98 -12.88
CA GLY C 480 -45.91 30.34 -13.33
C GLY C 480 -44.65 31.15 -12.97
N PRO C 481 -44.70 32.43 -13.25
CA PRO C 481 -43.50 33.21 -13.00
C PRO C 481 -42.95 33.04 -11.59
N ASP C 482 -43.84 32.82 -10.61
CA ASP C 482 -43.46 32.53 -9.21
C ASP C 482 -43.01 31.11 -9.11
N GLU C 483 -41.69 30.90 -9.21
CA GLU C 483 -41.18 29.53 -9.29
C GLU C 483 -41.24 28.76 -7.95
N PHE C 484 -41.59 29.44 -6.85
CA PHE C 484 -41.76 28.75 -5.56
C PHE C 484 -42.87 27.70 -5.59
N HIS C 485 -43.88 27.88 -6.44
CA HIS C 485 -45.05 26.98 -6.47
C HIS C 485 -45.08 26.19 -7.73
N GLU C 486 -44.92 24.88 -7.58
CA GLU C 486 -44.75 23.97 -8.70
C GLU C 486 -45.95 23.06 -8.75
N HIS C 487 -46.26 22.61 -9.96
CA HIS C 487 -47.37 21.70 -10.21
C HIS C 487 -48.72 22.36 -9.79
N CYS C 488 -48.87 23.63 -10.16
CA CYS C 488 -50.08 24.42 -9.96
C CYS C 488 -51.07 24.17 -11.09
N ASN C 489 -52.33 24.48 -10.83
CA ASN C 489 -53.34 24.45 -11.84
C ASN C 489 -53.78 25.83 -12.11
N ASN C 490 -53.97 26.20 -13.36
CA ASN C 490 -54.50 27.52 -13.68
C ASN C 490 -53.80 28.66 -12.99
N ASN C 491 -52.48 28.70 -13.19
CA ASN C 491 -51.77 29.92 -12.96
C ASN C 491 -52.43 31.03 -13.81
N ALA C 492 -52.87 32.11 -13.17
CA ALA C 492 -53.62 33.15 -13.87
C ALA C 492 -52.76 33.83 -14.95
N TYR C 493 -51.48 34.05 -14.63
CA TYR C 493 -50.60 34.68 -15.57
C TYR C 493 -50.52 33.83 -16.82
N THR C 494 -50.16 32.56 -16.66
CA THR C 494 -50.15 31.61 -17.76
C THR C 494 -51.50 31.55 -18.53
N ASN C 495 -52.61 31.37 -17.81
CA ASN C 495 -53.92 31.24 -18.47
C ASN C 495 -54.25 32.48 -19.26
N TYR C 496 -53.95 33.64 -18.69
CA TYR C 496 -54.28 34.89 -19.31
C TYR C 496 -53.49 35.19 -20.56
N LEU C 497 -52.21 34.88 -20.47
CA LEU C 497 -51.27 35.10 -21.54
C LEU C 497 -51.58 34.12 -22.67
N ALA C 498 -51.93 32.89 -22.30
CA ALA C 498 -52.33 31.93 -23.32
C ALA C 498 -53.56 32.42 -24.05
N LYS C 499 -54.56 32.83 -23.28
CA LYS C 499 -55.79 33.49 -23.79
C LYS C 499 -55.52 34.72 -24.71
N TRP C 500 -54.62 35.59 -24.27
CA TRP C 500 -54.11 36.67 -25.10
C TRP C 500 -53.48 36.19 -26.42
N ASN C 501 -52.65 35.15 -26.32
CA ASN C 501 -51.94 34.63 -27.52
C ASN C 501 -52.89 34.00 -28.56
N LEU C 502 -53.88 33.30 -28.04
CA LEU C 502 -54.93 32.74 -28.87
C LEU C 502 -55.78 33.79 -29.61
N LEU C 503 -56.22 34.81 -28.89
CA LEU C 503 -56.97 35.92 -29.53
C LEU C 503 -56.11 36.73 -30.48
N LYS C 504 -54.84 36.95 -30.09
CA LYS C 504 -53.91 37.60 -30.99
C LYS C 504 -53.73 36.87 -32.34
N ALA C 505 -53.49 35.58 -32.31
CA ALA C 505 -53.38 34.80 -33.51
C ALA C 505 -54.66 34.83 -34.39
N SER C 506 -55.86 34.84 -33.77
CA SER C 506 -57.09 34.90 -34.61
C SER C 506 -57.18 36.22 -35.30
N GLU C 507 -56.97 37.25 -34.51
CA GLU C 507 -57.01 38.60 -34.97
C GLU C 507 -56.05 38.81 -36.14
N LEU C 508 -54.81 38.32 -35.98
CA LEU C 508 -53.79 38.37 -37.04
C LEU C 508 -54.21 37.63 -38.33
N CYS C 509 -54.75 36.43 -38.16
CA CYS C 509 -55.17 35.65 -39.31
C CYS C 509 -56.21 36.37 -40.17
N ASN C 510 -57.15 37.02 -39.51
CA ASN C 510 -58.24 37.73 -40.20
C ASN C 510 -57.71 39.05 -40.81
N LEU C 511 -56.77 39.70 -40.12
CA LEU C 511 -56.11 40.86 -40.68
C LEU C 511 -55.26 40.53 -41.91
N LEU C 512 -54.39 39.53 -41.83
CA LEU C 512 -53.62 39.15 -42.97
C LEU C 512 -54.52 38.75 -44.16
N LEU C 513 -55.57 37.93 -43.92
CA LEU C 513 -56.49 37.57 -45.01
C LEU C 513 -57.13 38.84 -45.64
N GLU C 514 -57.64 39.77 -44.82
CA GLU C 514 -58.34 40.95 -45.35
C GLU C 514 -57.42 41.92 -46.05
N LYS C 515 -56.31 42.22 -45.41
CA LYS C 515 -55.49 43.31 -45.79
C LYS C 515 -54.21 42.88 -46.49
N TYR C 516 -53.71 41.65 -46.26
CA TYR C 516 -52.46 41.26 -46.86
C TYR C 516 -52.57 39.90 -47.51
N PRO C 517 -53.62 39.71 -48.34
CA PRO C 517 -53.94 38.36 -48.80
C PRO C 517 -52.77 37.59 -49.46
N LYS C 518 -51.84 38.23 -50.16
CA LYS C 518 -50.74 37.44 -50.71
C LYS C 518 -49.88 36.91 -49.55
N TYR C 519 -49.66 37.71 -48.50
CA TYR C 519 -48.88 37.18 -47.35
C TYR C 519 -49.64 36.10 -46.62
N PHE C 520 -50.96 36.24 -46.47
CA PHE C 520 -51.71 35.22 -45.77
C PHE C 520 -51.53 33.85 -46.44
N GLU C 521 -51.66 33.85 -47.77
CA GLU C 521 -51.50 32.65 -48.56
C GLU C 521 -50.12 31.95 -48.41
N LYS C 522 -49.06 32.72 -48.49
CA LYS C 522 -47.77 32.19 -48.33
C LYS C 522 -47.59 31.61 -46.91
N LEU C 523 -47.99 32.34 -45.86
CA LEU C 523 -47.98 31.77 -44.50
C LEU C 523 -48.80 30.51 -44.43
N SER C 524 -50.02 30.57 -44.95
CA SER C 524 -50.92 29.40 -44.84
C SER C 524 -50.34 28.19 -45.48
N LYS C 525 -49.72 28.38 -46.65
CA LYS C 525 -49.03 27.24 -47.32
C LYS C 525 -47.77 26.74 -46.57
N LYS C 526 -47.04 27.66 -45.96
CA LYS C 526 -45.87 27.26 -45.19
C LYS C 526 -46.20 26.43 -43.95
N ILE C 527 -47.26 26.80 -43.22
CA ILE C 527 -47.52 26.19 -41.93
C ILE C 527 -48.85 25.46 -41.90
N ASN C 528 -49.40 25.25 -43.08
CA ASN C 528 -50.58 24.40 -43.19
C ASN C 528 -51.74 24.94 -42.42
N LEU C 529 -52.01 26.22 -42.54
CA LEU C 529 -53.11 26.79 -41.76
C LEU C 529 -54.49 26.42 -42.38
N SER C 530 -55.45 26.02 -41.54
CA SER C 530 -56.82 25.73 -41.98
C SER C 530 -57.79 26.82 -41.59
N ASP C 531 -58.92 26.86 -42.28
CA ASP C 531 -59.90 27.92 -42.03
C ASP C 531 -60.53 27.81 -40.70
N GLU C 532 -60.62 26.61 -40.14
CA GLU C 532 -61.26 26.45 -38.84
C GLU C 532 -60.40 26.91 -37.68
N GLU C 533 -59.08 27.00 -37.86
CA GLU C 533 -58.22 27.19 -36.68
C GLU C 533 -58.49 28.51 -35.95
N PRO C 534 -58.64 29.61 -36.69
CA PRO C 534 -59.02 30.85 -36.03
C PRO C 534 -60.26 30.77 -35.08
N PHE C 535 -61.26 29.99 -35.50
CA PHE C 535 -62.45 29.78 -34.70
C PHE C 535 -62.16 28.94 -33.50
N VAL C 536 -61.38 27.89 -33.69
CA VAL C 536 -61.01 27.03 -32.59
C VAL C 536 -60.29 27.85 -31.49
N TRP C 537 -59.38 28.72 -31.92
CA TRP C 537 -58.67 29.58 -30.99
C TRP C 537 -59.62 30.57 -30.26
N GLN C 538 -60.55 31.18 -30.97
CA GLN C 538 -61.54 32.07 -30.30
C GLN C 538 -62.37 31.36 -29.24
N GLU C 539 -62.72 30.11 -29.53
CA GLU C 539 -63.55 29.29 -28.68
C GLU C 539 -62.80 28.87 -27.39
N ILE C 540 -61.53 28.49 -27.52
CA ILE C 540 -60.77 28.09 -26.34
C ILE C 540 -60.58 29.32 -25.47
N ALA C 541 -60.18 30.42 -26.10
CA ALA C 541 -59.89 31.63 -25.38
C ALA C 541 -61.08 32.17 -24.58
N SER C 542 -62.26 32.19 -25.21
CA SER C 542 -63.48 32.64 -24.53
C SER C 542 -63.78 31.91 -23.25
N LYS C 543 -63.30 30.68 -23.13
CA LYS C 543 -63.62 29.86 -21.98
C LYS C 543 -62.42 29.43 -21.14
N ILE C 544 -61.23 30.00 -21.38
CA ILE C 544 -60.13 29.73 -20.46
C ILE C 544 -60.48 30.27 -19.07
N TYR C 545 -60.25 29.48 -18.06
CA TYR C 545 -60.48 29.86 -16.69
C TYR C 545 -59.42 30.87 -16.17
N ILE C 546 -59.88 31.97 -15.63
CA ILE C 546 -58.97 32.83 -14.84
C ILE C 546 -59.45 32.77 -13.38
N PRO C 547 -58.63 32.22 -12.47
CA PRO C 547 -59.11 32.22 -11.07
C PRO C 547 -59.24 33.64 -10.53
N TYR C 548 -60.45 33.99 -10.10
CA TYR C 548 -60.78 35.40 -9.79
C TYR C 548 -61.99 35.50 -8.85
N HIS C 549 -61.82 36.25 -7.75
CA HIS C 549 -62.87 36.43 -6.74
C HIS C 549 -63.51 37.81 -6.93
N PRO C 550 -64.66 37.89 -7.66
CA PRO C 550 -65.27 39.18 -7.97
C PRO C 550 -65.63 39.98 -6.73
N ASP C 551 -66.05 39.30 -5.67
CA ASP C 551 -66.46 40.03 -4.47
C ASP C 551 -65.28 40.80 -3.87
N LYS C 552 -64.10 40.21 -3.94
CA LYS C 552 -62.87 40.81 -3.40
C LYS C 552 -62.00 41.45 -4.50
N LYS C 553 -62.38 41.27 -5.77
CA LYS C 553 -61.62 41.76 -6.95
C LYS C 553 -60.16 41.24 -7.03
N LEU C 554 -59.93 40.13 -6.35
CA LEU C 554 -58.62 39.54 -6.23
C LEU C 554 -58.45 38.45 -7.30
N ILE C 555 -57.31 38.51 -7.98
CA ILE C 555 -56.93 37.47 -8.94
C ILE C 555 -56.02 36.51 -8.18
N GLU C 556 -56.44 35.26 -8.11
CA GLU C 556 -55.74 34.23 -7.39
C GLU C 556 -54.60 33.68 -8.27
N GLN C 557 -53.39 33.64 -7.72
CA GLN C 557 -52.22 33.40 -8.54
C GLN C 557 -52.33 32.08 -9.25
N PHE C 558 -52.85 31.07 -8.54
CA PHE C 558 -53.24 29.79 -9.08
C PHE C 558 -54.30 29.21 -8.13
N GLU C 559 -55.13 28.32 -8.65
CA GLU C 559 -56.13 27.63 -7.83
C GLU C 559 -55.62 27.14 -6.51
N GLY C 560 -56.20 27.63 -5.42
CA GLY C 560 -55.85 27.12 -4.11
C GLY C 560 -54.72 27.89 -3.48
N TYR C 561 -54.09 28.81 -4.22
CA TYR C 561 -53.12 29.65 -3.60
C TYR C 561 -53.73 30.31 -2.35
N PHE C 562 -55.02 30.64 -2.33
CA PHE C 562 -55.55 31.33 -1.11
C PHE C 562 -55.65 30.47 0.18
N ASN C 563 -55.56 29.15 0.07
CA ASN C 563 -55.59 28.27 1.25
C ASN C 563 -54.25 28.00 1.89
N LEU C 564 -53.19 28.61 1.37
CA LEU C 564 -51.86 28.21 1.77
C LEU C 564 -51.47 29.12 2.91
N LYS C 565 -50.52 28.68 3.74
CA LYS C 565 -50.21 29.40 4.97
C LYS C 565 -49.62 30.76 4.69
N ASP C 566 -50.22 31.78 5.26
CA ASP C 566 -49.72 33.11 5.15
C ASP C 566 -48.58 33.35 6.13
N PHE C 567 -47.86 34.46 5.95
CA PHE C 567 -46.61 34.75 6.68
C PHE C 567 -46.23 36.22 6.51
N VAL C 568 -45.77 36.86 7.59
CA VAL C 568 -45.43 38.29 7.62
C VAL C 568 -43.93 38.54 7.29
N ILE C 569 -43.66 39.52 6.43
CA ILE C 569 -42.26 39.86 6.08
C ILE C 569 -41.78 41.00 6.98
N LYS C 570 -40.98 40.64 7.98
CA LYS C 570 -40.75 41.49 9.14
C LYS C 570 -39.40 42.22 9.09
N GLU C 571 -38.47 41.77 8.26
CA GLU C 571 -37.20 42.47 8.18
C GLU C 571 -36.39 42.37 6.90
N TYR C 572 -35.56 43.38 6.70
CA TYR C 572 -34.70 43.47 5.57
C TYR C 572 -33.27 43.38 6.04
N ASP C 573 -32.40 42.92 5.15
CA ASP C 573 -30.98 42.71 5.43
C ASP C 573 -30.14 43.96 5.14
N GLN C 574 -28.83 43.86 5.26
CA GLN C 574 -27.99 45.04 5.03
C GLN C 574 -28.22 45.70 3.66
N ASN C 575 -28.70 44.93 2.67
CA ASN C 575 -28.98 45.47 1.35
C ASN C 575 -30.43 45.77 1.13
N ASN C 576 -31.17 45.81 2.22
CA ASN C 576 -32.57 46.14 2.22
C ASN C 576 -33.41 45.10 1.43
N MET C 577 -32.98 43.82 1.46
CA MET C 577 -33.78 42.73 0.81
C MET C 577 -34.55 41.94 1.84
N PRO C 578 -35.73 41.44 1.46
CA PRO C 578 -36.45 40.59 2.38
C PRO C 578 -35.68 39.35 2.87
N VAL C 579 -35.83 39.11 4.17
CA VAL C 579 -35.24 37.99 4.92
C VAL C 579 -36.37 37.04 5.18
N TRP C 580 -36.11 35.75 5.12
CA TRP C 580 -37.19 34.80 5.30
C TRP C 580 -37.82 34.97 6.67
N PRO C 581 -39.16 35.03 6.71
CA PRO C 581 -39.97 34.89 7.92
C PRO C 581 -39.61 33.70 8.79
N GLU C 582 -39.60 33.96 10.10
CA GLU C 582 -39.44 32.92 11.09
C GLU C 582 -40.58 31.91 10.91
N GLY C 583 -40.24 30.63 10.87
CA GLY C 583 -41.21 29.54 10.70
C GLY C 583 -41.08 28.86 9.34
N VAL C 584 -40.36 29.47 8.41
CA VAL C 584 -40.42 29.03 7.01
C VAL C 584 -39.39 27.94 6.77
N GLU C 585 -39.82 26.84 6.16
CA GLU C 585 -38.93 25.77 5.74
C GLU C 585 -38.73 25.90 4.23
N LEU C 586 -37.48 26.11 3.87
CA LEU C 586 -37.11 26.50 2.53
C LEU C 586 -37.34 25.40 1.50
N ASP C 587 -37.76 24.24 1.93
CA ASP C 587 -38.12 23.16 1.02
C ASP C 587 -39.61 22.84 1.15
N LYS C 588 -40.35 23.76 1.74
CA LYS C 588 -41.77 23.70 1.82
C LYS C 588 -42.36 25.03 1.34
N LEU C 589 -41.65 25.70 0.42
CA LEU C 589 -42.15 26.98 -0.10
C LEU C 589 -43.52 26.89 -0.77
N ASN C 590 -43.82 25.72 -1.34
CA ASN C 590 -45.13 25.38 -1.92
C ASN C 590 -46.39 25.45 -1.03
N ASN C 591 -46.18 25.48 0.28
CA ASN C 591 -47.27 25.50 1.27
C ASN C 591 -47.63 26.88 1.77
N TYR C 592 -46.91 27.91 1.32
CA TYR C 592 -47.14 29.25 1.78
C TYR C 592 -47.53 30.17 0.65
N GLN C 593 -47.97 31.38 1.02
CA GLN C 593 -48.35 32.40 0.07
C GLN C 593 -47.19 33.36 -0.23
N LEU C 594 -46.02 33.01 0.27
CA LEU C 594 -44.84 33.75 -0.04
C LEU C 594 -44.43 33.43 -1.47
N ILE C 595 -44.04 34.47 -2.21
CA ILE C 595 -43.72 34.33 -3.63
C ILE C 595 -42.38 34.96 -3.99
N LYS C 596 -41.76 34.36 -4.99
CA LYS C 596 -40.39 34.63 -5.35
C LYS C 596 -40.33 35.98 -6.03
N GLN C 597 -41.34 36.21 -6.86
CA GLN C 597 -41.31 37.34 -7.78
C GLN C 597 -42.73 37.66 -8.33
N ALA C 598 -42.81 38.64 -9.23
CA ALA C 598 -44.07 39.16 -9.71
C ALA C 598 -44.74 38.10 -10.60
N ASP C 599 -46.03 37.84 -10.35
CA ASP C 599 -46.73 36.77 -11.03
C ASP C 599 -48.07 37.33 -11.41
N VAL C 600 -49.01 37.51 -10.50
CA VAL C 600 -50.20 38.30 -10.87
C VAL C 600 -49.84 39.71 -11.23
N VAL C 601 -48.93 40.28 -10.47
CA VAL C 601 -48.49 41.61 -10.78
C VAL C 601 -47.79 41.67 -12.12
N MET C 602 -47.11 40.60 -12.52
CA MET C 602 -46.46 40.62 -13.83
C MET C 602 -47.56 40.70 -14.88
N LEU C 603 -48.60 39.89 -14.72
CA LEU C 603 -49.78 39.95 -15.61
C LEU C 603 -50.43 41.33 -15.73
N LEU C 604 -50.56 41.99 -14.58
CA LEU C 604 -51.12 43.34 -14.56
C LEU C 604 -50.19 44.33 -15.20
N TYR C 605 -48.90 44.05 -15.23
CA TYR C 605 -48.04 44.94 -15.97
C TYR C 605 -48.20 44.71 -17.48
N LEU C 606 -48.07 43.47 -17.91
CA LEU C 606 -48.06 43.21 -19.34
C LEU C 606 -49.39 43.48 -20.06
N LEU C 607 -50.49 43.05 -19.45
CA LEU C 607 -51.81 43.22 -20.06
C LEU C 607 -52.68 44.25 -19.27
N GLY C 608 -52.03 45.31 -18.81
CA GLY C 608 -52.67 46.29 -17.93
C GLY C 608 -53.84 47.07 -18.52
N GLU C 609 -53.81 47.32 -19.84
CA GLU C 609 -54.90 48.02 -20.53
C GLU C 609 -56.19 47.18 -20.53
N GLU C 610 -56.18 46.01 -19.89
CA GLU C 610 -57.35 45.15 -19.90
C GLU C 610 -57.90 44.87 -18.49
N PHE C 611 -57.42 45.61 -17.49
CA PHE C 611 -57.93 45.50 -16.11
C PHE C 611 -58.23 46.89 -15.55
N ASP C 612 -59.13 47.02 -14.59
CA ASP C 612 -59.43 48.36 -14.07
C ASP C 612 -58.50 48.78 -12.92
N ASP C 613 -58.50 50.09 -12.61
CA ASP C 613 -57.55 50.69 -11.64
C ASP C 613 -57.68 50.12 -10.26
N GLN C 614 -58.92 49.87 -9.85
CA GLN C 614 -59.22 49.26 -8.57
C GLN C 614 -58.62 47.87 -8.47
N THR C 615 -58.81 47.08 -9.53
CA THR C 615 -58.26 45.72 -9.60
C THR C 615 -56.73 45.76 -9.43
N LYS C 616 -56.07 46.57 -10.23
CA LYS C 616 -54.61 46.65 -10.24
C LYS C 616 -54.15 47.03 -8.85
N LYS C 617 -54.74 48.09 -8.28
CA LYS C 617 -54.37 48.50 -6.92
C LYS C 617 -54.58 47.39 -5.89
N ILE C 618 -55.77 46.77 -5.89
CA ILE C 618 -56.07 45.70 -4.93
C ILE C 618 -55.09 44.53 -5.04
N ASN C 619 -54.90 44.01 -6.25
CA ASN C 619 -53.94 42.94 -6.42
C ASN C 619 -52.48 43.40 -6.16
N TYR C 620 -52.09 44.61 -6.55
CA TYR C 620 -50.73 45.08 -6.18
C TYR C 620 -50.52 44.93 -4.67
N ASP C 621 -51.49 45.42 -3.88
CA ASP C 621 -51.31 45.50 -2.39
C ASP C 621 -51.23 44.12 -1.80
N TYR C 622 -52.10 43.22 -2.24
CA TYR C 622 -52.06 41.85 -1.73
C TYR C 622 -50.73 41.13 -1.96
N TYR C 623 -50.19 41.26 -3.16
CA TYR C 623 -49.03 40.44 -3.56
C TYR C 623 -47.70 41.06 -3.17
N GLU C 624 -47.62 42.37 -3.30
CA GLU C 624 -46.37 43.07 -2.98
C GLU C 624 -45.93 42.70 -1.60
N LYS C 625 -46.87 42.64 -0.67
CA LYS C 625 -46.53 42.32 0.70
C LYS C 625 -46.16 40.87 0.92
N ARG C 626 -46.48 39.99 -0.02
CA ARG C 626 -46.12 38.58 0.10
C ARG C 626 -44.90 38.20 -0.77
N THR C 627 -44.28 39.21 -1.40
CA THR C 627 -43.20 39.01 -2.37
C THR C 627 -41.84 39.06 -1.68
N MET C 628 -41.11 37.95 -1.70
CA MET C 628 -39.76 37.87 -1.11
C MET C 628 -38.62 38.53 -1.91
N HIS C 629 -38.87 38.78 -3.19
CA HIS C 629 -37.89 39.39 -4.07
C HIS C 629 -36.69 38.49 -4.16
N LYS C 630 -36.99 37.22 -4.40
CA LYS C 630 -35.98 36.20 -4.43
C LYS C 630 -35.49 35.90 -5.83
N SER C 631 -35.82 36.78 -6.78
CA SER C 631 -35.20 36.80 -8.07
C SER C 631 -34.89 38.24 -8.38
N SER C 632 -33.79 38.48 -9.06
CA SER C 632 -33.39 39.80 -9.49
C SER C 632 -34.44 40.40 -10.45
N LEU C 633 -35.27 39.56 -11.05
CA LEU C 633 -36.43 40.04 -11.83
C LEU C 633 -37.51 40.75 -11.01
N SER C 634 -37.63 40.46 -9.73
CA SER C 634 -38.77 40.90 -8.96
C SER C 634 -38.92 42.39 -8.69
N PRO C 635 -37.83 43.10 -8.25
CA PRO C 635 -38.05 44.43 -7.75
C PRO C 635 -38.41 45.44 -8.81
N SER C 636 -37.82 45.33 -9.99
CA SER C 636 -38.18 46.26 -11.05
C SER C 636 -39.67 46.29 -11.26
N ILE C 637 -40.28 45.13 -11.34
CA ILE C 637 -41.71 45.10 -11.73
C ILE C 637 -42.58 45.67 -10.61
N TYR C 638 -42.23 45.37 -9.35
CA TYR C 638 -42.95 46.03 -8.24
C TYR C 638 -42.68 47.55 -8.14
N ALA C 639 -41.51 48.07 -8.54
CA ALA C 639 -41.33 49.55 -8.60
C ALA C 639 -42.25 50.14 -9.64
N LEU C 640 -42.24 49.49 -10.80
CA LEU C 640 -42.93 50.02 -11.95
C LEU C 640 -44.43 50.02 -11.66
N MET C 641 -44.96 48.89 -11.20
CA MET C 641 -46.39 48.78 -10.96
C MET C 641 -46.89 49.56 -9.71
N GLY C 642 -45.99 49.79 -8.77
CA GLY C 642 -46.28 50.59 -7.59
C GLY C 642 -46.68 51.97 -8.05
N VAL C 643 -45.80 52.58 -8.85
CA VAL C 643 -46.11 53.84 -9.47
C VAL C 643 -47.46 53.80 -10.20
N ARG C 644 -47.64 52.85 -11.09
CA ARG C 644 -48.84 52.81 -11.94
C ARG C 644 -50.13 52.77 -11.08
N VAL C 645 -50.08 52.21 -9.88
CA VAL C 645 -51.28 52.07 -9.03
C VAL C 645 -51.28 53.02 -7.80
N GLY C 646 -50.53 54.10 -7.86
CA GLY C 646 -50.53 55.08 -6.77
C GLY C 646 -49.95 54.58 -5.46
N GLU C 647 -49.44 53.36 -5.45
CA GLU C 647 -48.87 52.82 -4.26
C GLU C 647 -47.36 53.04 -4.29
N THR C 648 -46.96 54.28 -4.02
CA THR C 648 -45.59 54.73 -4.24
C THR C 648 -44.73 54.71 -2.99
N ASN C 649 -45.32 54.30 -1.86
CA ASN C 649 -44.63 54.13 -0.58
C ASN C 649 -43.22 53.51 -0.70
N ARG C 650 -43.14 52.45 -1.53
CA ARG C 650 -41.98 51.60 -1.64
C ARG C 650 -41.41 51.54 -3.06
N ALA C 651 -41.86 52.43 -3.94
CA ALA C 651 -41.44 52.43 -5.32
C ALA C 651 -39.99 52.74 -5.45
N TYR C 652 -39.52 53.66 -4.62
CA TYR C 652 -38.15 54.10 -4.70
C TYR C 652 -37.25 52.97 -4.30
N ILE C 653 -37.54 52.33 -3.19
CA ILE C 653 -36.62 51.32 -2.71
C ILE C 653 -36.63 50.07 -3.65
N ASN C 654 -37.77 49.70 -4.24
CA ASN C 654 -37.71 48.63 -5.24
C ASN C 654 -36.93 49.06 -6.45
N PHE C 655 -37.03 50.34 -6.80
CA PHE C 655 -36.28 50.83 -7.92
C PHE C 655 -34.80 50.65 -7.57
N MET C 656 -34.41 51.07 -6.37
CA MET C 656 -32.96 51.04 -6.05
C MET C 656 -32.47 49.58 -5.87
N ARG C 657 -33.36 48.68 -5.43
CA ARG C 657 -33.06 47.25 -5.46
C ARG C 657 -32.70 46.76 -6.87
N THR C 658 -33.42 47.18 -7.92
CA THR C 658 -33.02 46.71 -9.23
C THR C 658 -31.79 47.37 -9.76
N ALA C 659 -31.67 48.65 -9.53
CA ALA C 659 -30.58 49.43 -10.05
C ALA C 659 -29.22 49.05 -9.47
N LEU C 660 -29.23 48.50 -8.27
CA LEU C 660 -28.00 48.17 -7.52
C LEU C 660 -27.77 46.66 -7.39
N THR C 661 -28.61 45.86 -8.08
CA THR C 661 -28.47 44.40 -8.05
C THR C 661 -27.03 43.90 -8.09
N ASP C 662 -26.23 44.42 -8.99
CA ASP C 662 -24.86 43.93 -9.07
C ASP C 662 -23.84 44.85 -8.38
N LEU C 663 -24.05 46.16 -8.44
CA LEU C 663 -23.21 47.12 -7.73
C LEU C 663 -23.28 46.98 -6.19
N GLU C 664 -24.40 46.60 -5.62
CA GLU C 664 -24.41 46.17 -4.23
C GLU C 664 -24.54 44.63 -4.04
N ASP C 665 -24.56 43.87 -5.14
CA ASP C 665 -24.60 42.41 -5.01
C ASP C 665 -25.73 42.00 -4.10
N ASN C 666 -26.88 42.59 -4.30
CA ASN C 666 -27.95 42.41 -3.34
C ASN C 666 -28.66 41.07 -3.40
N GLN C 667 -28.31 40.24 -4.37
CA GLN C 667 -28.74 38.82 -4.32
C GLN C 667 -27.61 37.92 -3.90
N GLY C 668 -26.41 38.43 -3.70
CA GLY C 668 -25.27 37.63 -3.20
C GLY C 668 -24.56 36.76 -4.24
N ASN C 669 -24.99 36.77 -5.50
CA ASN C 669 -24.38 35.91 -6.52
C ASN C 669 -23.98 36.67 -7.79
N THR C 670 -23.60 37.91 -7.60
CA THR C 670 -23.13 38.73 -8.70
C THR C 670 -21.90 38.12 -9.35
N HIS C 671 -21.18 37.29 -8.63
CA HIS C 671 -19.96 36.69 -9.17
C HIS C 671 -20.26 35.77 -10.34
N LEU C 672 -21.52 35.25 -10.42
CA LEU C 672 -21.93 34.38 -11.56
C LEU C 672 -22.15 35.11 -12.88
N GLY C 673 -22.29 36.43 -12.83
CA GLY C 673 -22.56 37.21 -14.04
C GLY C 673 -23.50 38.37 -13.80
N ILE C 674 -23.67 39.20 -14.80
CA ILE C 674 -24.57 40.35 -14.67
C ILE C 674 -26.00 39.81 -14.65
N HIS C 675 -26.87 40.42 -13.84
CA HIS C 675 -28.22 40.02 -13.73
C HIS C 675 -28.97 40.75 -14.89
N ALA C 676 -28.89 40.16 -16.07
CA ALA C 676 -29.19 40.92 -17.27
C ALA C 676 -30.63 41.37 -17.30
N ALA C 677 -31.56 40.52 -16.87
CA ALA C 677 -32.99 40.95 -16.86
C ALA C 677 -33.21 42.20 -15.98
N SER C 678 -32.55 42.23 -14.83
CA SER C 678 -32.70 43.36 -13.88
C SER C 678 -32.19 44.64 -14.51
N LEU C 679 -31.24 44.56 -15.43
CA LEU C 679 -30.86 45.79 -16.16
C LEU C 679 -32.04 46.33 -16.99
N GLY C 680 -32.63 45.43 -17.78
CA GLY C 680 -33.82 45.81 -18.53
C GLY C 680 -34.93 46.26 -17.62
N GLY C 681 -35.11 45.61 -16.48
CA GLY C 681 -36.15 46.02 -15.52
C GLY C 681 -36.00 47.44 -14.96
N THR C 682 -34.76 47.83 -14.74
CA THR C 682 -34.46 49.12 -14.19
C THR C 682 -34.90 50.13 -15.23
N TRP C 683 -34.55 49.88 -16.49
CA TRP C 683 -34.85 50.80 -17.54
C TRP C 683 -36.37 50.92 -17.68
N GLN C 684 -37.05 49.79 -17.68
CA GLN C 684 -38.49 49.77 -17.76
C GLN C 684 -39.14 50.55 -16.61
N ALA C 685 -38.60 50.43 -15.40
CA ALA C 685 -39.24 51.08 -14.22
C ALA C 685 -39.12 52.59 -14.26
N LEU C 686 -38.04 53.09 -14.83
CA LEU C 686 -37.89 54.51 -15.10
C LEU C 686 -38.78 55.05 -16.15
N VAL C 687 -38.95 54.33 -17.24
CA VAL C 687 -39.62 54.83 -18.39
C VAL C 687 -41.10 54.52 -18.31
N PHE C 688 -41.44 53.27 -17.98
CA PHE C 688 -42.85 52.85 -17.77
C PHE C 688 -43.45 53.01 -16.37
N GLY C 689 -42.60 53.41 -15.42
CA GLY C 689 -42.98 53.69 -14.03
C GLY C 689 -42.86 55.18 -13.78
N PHE C 690 -41.67 55.63 -13.36
CA PHE C 690 -41.45 57.00 -13.01
C PHE C 690 -41.74 57.97 -14.16
N GLY C 691 -41.28 57.63 -15.35
CA GLY C 691 -41.50 58.43 -16.53
C GLY C 691 -42.96 58.39 -16.94
N GLY C 692 -43.68 57.42 -16.44
CA GLY C 692 -45.16 57.35 -16.55
C GLY C 692 -45.71 57.02 -17.93
N ILE C 693 -44.89 56.42 -18.76
CA ILE C 693 -45.38 56.02 -20.08
C ILE C 693 -46.19 54.73 -19.94
N SER C 694 -47.35 54.68 -20.60
CA SER C 694 -48.12 53.44 -20.72
C SER C 694 -48.78 53.44 -22.08
N ILE C 695 -48.92 52.28 -22.68
CA ILE C 695 -49.61 52.20 -23.96
C ILE C 695 -51.07 51.73 -23.82
N GLU C 696 -51.96 52.49 -24.45
CA GLU C 696 -53.40 52.29 -24.39
C GLU C 696 -53.95 51.56 -25.60
N LYS C 697 -55.13 51.00 -25.43
CA LYS C 697 -55.74 50.17 -26.47
C LYS C 697 -55.54 50.66 -27.91
N ASP C 698 -55.62 51.97 -28.17
CA ASP C 698 -55.51 52.41 -29.58
C ASP C 698 -54.09 52.79 -29.94
N ASP C 699 -53.13 52.09 -29.31
CA ASP C 699 -51.73 52.42 -29.43
C ASP C 699 -51.50 53.90 -29.32
N VAL C 700 -52.21 54.54 -28.39
CA VAL C 700 -51.86 55.91 -28.00
C VAL C 700 -51.01 55.86 -26.73
N LEU C 701 -49.99 56.68 -26.76
CA LEU C 701 -48.95 56.76 -25.77
C LEU C 701 -49.40 57.70 -24.66
N SER C 702 -49.81 57.13 -23.56
CA SER C 702 -50.19 57.88 -22.38
C SER C 702 -48.97 58.15 -21.45
N VAL C 703 -49.09 59.19 -20.62
CA VAL C 703 -47.97 59.72 -19.82
C VAL C 703 -48.47 60.28 -18.49
N ASN C 704 -48.22 59.56 -17.42
CA ASN C 704 -48.66 59.98 -16.10
C ASN C 704 -47.56 59.78 -15.12
N PRO C 705 -46.54 60.65 -15.17
CA PRO C 705 -45.33 60.38 -14.41
C PRO C 705 -45.47 60.63 -12.92
N TRP C 706 -44.58 60.04 -12.14
CA TRP C 706 -44.47 60.37 -10.74
C TRP C 706 -43.00 60.32 -10.40
N LEU C 707 -42.42 61.41 -9.93
CA LEU C 707 -41.02 61.39 -9.44
C LEU C 707 -40.90 61.18 -7.95
N PRO C 708 -39.98 60.29 -7.52
CA PRO C 708 -39.75 60.30 -6.08
C PRO C 708 -39.24 61.66 -5.55
N GLU C 709 -39.52 61.89 -4.27
CA GLU C 709 -38.98 63.00 -3.49
C GLU C 709 -37.68 63.61 -4.04
N LYS C 710 -36.61 62.82 -4.05
CA LYS C 710 -35.26 63.33 -4.31
C LYS C 710 -35.01 63.81 -5.74
N TRP C 711 -35.88 63.44 -6.69
CA TRP C 711 -35.55 63.70 -8.07
C TRP C 711 -36.26 64.96 -8.51
N GLU C 712 -35.50 65.92 -9.04
CA GLU C 712 -36.05 67.10 -9.59
C GLU C 712 -36.39 66.87 -11.04
N SER C 713 -35.59 66.08 -11.74
CA SER C 713 -35.93 65.78 -13.12
C SER C 713 -35.45 64.39 -13.56
N LEU C 714 -36.01 63.97 -14.68
CA LEU C 714 -35.75 62.71 -15.35
C LEU C 714 -35.91 63.02 -16.80
N LYS C 715 -34.85 62.85 -17.58
CA LYS C 715 -34.84 62.95 -19.02
C LYS C 715 -34.42 61.59 -19.65
N PHE C 716 -35.12 61.24 -20.72
CA PHE C 716 -34.90 60.02 -21.46
C PHE C 716 -35.54 60.17 -22.82
N SER C 717 -35.09 59.34 -23.74
CA SER C 717 -35.58 59.36 -25.08
C SER C 717 -35.99 57.97 -25.49
N ILE C 718 -37.09 57.93 -26.27
CA ILE C 718 -37.52 56.68 -26.91
C ILE C 718 -37.92 56.80 -28.41
N TRP C 719 -37.75 55.69 -29.13
CA TRP C 719 -38.25 55.57 -30.47
C TRP C 719 -39.71 55.09 -30.38
N TRP C 720 -40.60 55.78 -31.07
CA TRP C 720 -42.04 55.43 -31.05
C TRP C 720 -42.60 55.73 -32.43
N LYS C 721 -42.91 54.64 -33.13
CA LYS C 721 -43.43 54.65 -34.45
C LYS C 721 -42.47 55.26 -35.41
N GLY C 722 -41.18 55.09 -35.18
CA GLY C 722 -40.21 55.69 -36.09
C GLY C 722 -39.93 57.14 -35.78
N ASN C 723 -40.43 57.66 -34.68
CA ASN C 723 -40.18 59.02 -34.27
C ASN C 723 -39.34 58.97 -33.02
N LEU C 724 -38.24 59.70 -33.00
CA LEU C 724 -37.41 59.79 -31.81
C LEU C 724 -37.97 60.90 -30.95
N LEU C 725 -38.38 60.54 -29.73
CA LEU C 725 -38.99 61.45 -28.76
C LEU C 725 -38.08 61.71 -27.55
N ASP C 726 -37.98 62.99 -27.15
CA ASP C 726 -37.33 63.40 -25.91
C ASP C 726 -38.37 63.80 -24.86
N PHE C 727 -38.29 63.17 -23.71
CA PHE C 727 -39.16 63.47 -22.59
C PHE C 727 -38.34 64.18 -21.56
N LYS C 728 -38.91 65.24 -20.96
CA LYS C 728 -38.36 65.87 -19.74
C LYS C 728 -39.45 65.93 -18.71
N ILE C 729 -39.21 65.24 -17.60
CA ILE C 729 -40.20 65.10 -16.51
C ILE C 729 -39.69 65.86 -15.27
N THR C 730 -40.47 66.82 -14.76
CA THR C 730 -40.16 67.49 -13.48
C THR C 730 -41.28 67.30 -12.50
N LYS C 731 -41.07 67.71 -11.25
CA LYS C 731 -42.05 67.56 -10.16
C LYS C 731 -43.46 67.93 -10.64
N ASP C 732 -43.52 69.03 -11.40
CA ASP C 732 -44.77 69.69 -11.73
C ASP C 732 -45.22 69.36 -13.13
N ASN C 733 -44.28 69.38 -14.06
CA ASN C 733 -44.57 69.24 -15.47
C ASN C 733 -44.02 68.02 -16.25
N VAL C 734 -44.45 67.96 -17.51
CA VAL C 734 -44.02 66.98 -18.50
C VAL C 734 -43.89 67.71 -19.82
N GLU C 735 -42.76 67.57 -20.49
CA GLU C 735 -42.62 68.11 -21.84
C GLU C 735 -42.18 66.96 -22.73
N VAL C 736 -42.73 66.88 -23.93
CA VAL C 736 -42.26 65.93 -24.91
C VAL C 736 -41.86 66.64 -26.17
N LYS C 737 -40.66 66.38 -26.68
CA LYS C 737 -40.18 67.02 -27.88
C LYS C 737 -39.86 65.95 -28.91
N LYS C 738 -40.24 66.14 -30.14
CA LYS C 738 -39.74 65.34 -31.26
C LYS C 738 -38.33 65.81 -31.69
N ARG C 739 -37.42 64.88 -31.94
CA ARG C 739 -36.08 65.24 -32.40
C ARG C 739 -36.07 65.55 -33.87
N VAL C 740 -36.99 64.94 -34.62
CA VAL C 740 -37.25 65.40 -35.98
C VAL C 740 -38.66 66.00 -36.02
N GLU C 741 -38.75 67.30 -36.28
CA GLU C 741 -40.01 67.92 -36.65
C GLU C 741 -40.41 67.20 -37.93
N LYS C 742 -41.69 66.86 -38.03
CA LYS C 742 -42.27 66.05 -39.14
C LYS C 742 -42.88 64.73 -38.59
N GLY C 743 -44.08 64.40 -39.06
CA GLY C 743 -44.83 63.21 -38.60
C GLY C 743 -45.74 63.65 -37.49
N ASN C 744 -46.70 62.82 -37.12
CA ASN C 744 -47.61 63.21 -36.06
C ASN C 744 -47.56 62.22 -34.94
N VAL C 745 -47.53 62.71 -33.72
CA VAL C 745 -47.51 61.80 -32.62
C VAL C 745 -48.63 62.18 -31.68
N LYS C 746 -49.51 61.22 -31.36
CA LYS C 746 -50.64 61.44 -30.49
C LYS C 746 -50.31 60.86 -29.13
N LEU C 747 -50.41 61.70 -28.11
CA LEU C 747 -50.06 61.37 -26.74
C LEU C 747 -51.21 61.78 -25.91
N LYS C 748 -51.29 61.23 -24.72
CA LYS C 748 -52.29 61.60 -23.75
C LYS C 748 -51.51 61.91 -22.50
N ILE C 749 -51.34 63.19 -22.25
CA ILE C 749 -50.49 63.65 -21.19
C ILE C 749 -51.39 63.99 -20.03
N LYS C 750 -51.36 63.15 -18.99
CA LYS C 750 -52.22 63.32 -17.82
C LYS C 750 -53.70 63.52 -18.21
N GLY C 751 -54.29 62.49 -18.81
CA GLY C 751 -55.70 62.52 -19.23
C GLY C 751 -56.02 63.44 -20.42
N GLN C 752 -55.07 64.25 -20.87
CA GLN C 752 -55.34 65.20 -21.92
C GLN C 752 -54.59 64.82 -23.17
N GLU C 753 -55.33 64.58 -24.25
CA GLU C 753 -54.78 64.30 -25.58
C GLU C 753 -54.01 65.49 -26.10
N ALA C 754 -52.87 65.22 -26.73
CA ALA C 754 -51.96 66.23 -27.27
C ALA C 754 -51.34 65.70 -28.56
N ILE C 755 -51.28 66.54 -29.58
CA ILE C 755 -50.55 66.20 -30.78
C ILE C 755 -49.16 66.86 -30.70
N ILE C 756 -48.15 66.14 -31.18
CA ILE C 756 -46.85 66.73 -31.45
C ILE C 756 -46.31 66.28 -32.83
N MET D 1 10.47 -47.65 -14.72
CA MET D 1 11.41 -47.93 -13.59
C MET D 1 11.25 -49.34 -13.07
N LYS D 2 12.37 -50.05 -12.94
CA LYS D 2 12.42 -51.38 -12.33
C LYS D 2 13.38 -51.35 -11.12
N LEU D 3 13.02 -51.92 -9.97
CA LEU D 3 13.94 -51.93 -8.84
C LEU D 3 15.21 -52.74 -9.11
N SER D 4 16.34 -52.30 -8.54
CA SER D 4 17.58 -53.06 -8.66
C SER D 4 17.37 -54.28 -7.80
N GLU D 5 18.27 -55.26 -7.90
CA GLU D 5 18.28 -56.43 -7.04
C GLU D 5 18.59 -56.03 -5.61
N ARG D 6 18.10 -56.83 -4.66
CA ARG D 6 18.16 -56.57 -3.22
C ARG D 6 19.53 -56.17 -2.62
N GLU D 7 20.61 -56.59 -3.28
CA GLU D 7 21.98 -56.30 -2.84
C GLU D 7 22.27 -54.81 -2.89
N TRP D 8 21.58 -54.12 -3.79
CA TRP D 8 21.74 -52.71 -4.02
C TRP D 8 20.70 -51.88 -3.24
N LEU D 9 19.88 -52.53 -2.44
CA LEU D 9 18.74 -51.85 -1.86
C LEU D 9 18.89 -51.69 -0.32
N ILE D 10 18.61 -50.48 0.17
CA ILE D 10 18.57 -50.24 1.61
C ILE D 10 17.14 -50.04 2.09
N GLU D 11 16.76 -50.80 3.12
CA GLU D 11 15.33 -50.89 3.46
C GLU D 11 14.97 -50.21 4.76
N GLN D 12 13.88 -49.44 4.71
CA GLN D 12 13.20 -49.00 5.93
C GLN D 12 12.12 -50.06 6.25
N ASP D 13 12.04 -50.44 7.50
CA ASP D 13 11.16 -51.50 7.94
C ASP D 13 9.70 -51.10 7.97
N LYS D 14 9.43 -49.85 8.36
CA LYS D 14 8.22 -49.45 9.01
C LYS D 14 7.85 -48.04 8.53
N LEU D 15 6.58 -47.82 8.20
CA LEU D 15 6.11 -46.47 7.83
C LEU D 15 6.03 -45.51 9.04
N GLU D 16 6.93 -44.54 9.10
CA GLU D 16 6.90 -43.58 10.16
C GLU D 16 7.91 -42.48 9.85
N ALA D 17 7.78 -41.39 10.62
CA ALA D 17 8.77 -40.36 10.64
C ALA D 17 9.99 -40.97 11.32
N SER D 18 11.15 -40.61 10.80
CA SER D 18 12.40 -41.20 11.17
C SER D 18 13.55 -40.27 10.78
N GLY D 19 14.13 -39.60 11.76
CA GLY D 19 15.35 -38.83 11.58
C GLY D 19 16.44 -39.61 10.90
N LYS D 20 16.57 -40.85 11.32
CA LYS D 20 17.58 -41.70 10.85
C LYS D 20 17.42 -41.95 9.35
N PHE D 21 16.22 -42.31 8.92
CA PHE D 21 16.02 -42.51 7.51
C PHE D 21 16.01 -41.21 6.70
N GLU D 22 15.71 -40.10 7.33
CA GLU D 22 15.71 -38.88 6.59
C GLU D 22 17.16 -38.60 6.17
N THR D 23 18.12 -38.98 7.00
CA THR D 23 19.52 -38.83 6.61
C THR D 23 19.95 -39.92 5.61
N CYS D 24 19.61 -41.18 5.90
CA CYS D 24 20.14 -42.27 5.10
C CYS D 24 19.51 -42.28 3.70
N PHE D 25 18.29 -41.74 3.61
CA PHE D 25 17.55 -41.60 2.34
C PHE D 25 17.55 -40.18 1.75
N ALA D 26 18.47 -39.33 2.27
CA ALA D 26 18.74 -38.03 1.70
C ALA D 26 19.37 -38.25 0.33
N LEU D 27 18.87 -37.55 -0.69
CA LEU D 27 19.36 -37.65 -2.03
C LEU D 27 19.98 -36.32 -2.39
N THR D 28 21.05 -36.37 -3.14
CA THR D 28 21.79 -35.19 -3.59
C THR D 28 22.50 -35.43 -4.94
N ASN D 29 22.81 -34.33 -5.62
CA ASN D 29 23.57 -34.39 -6.84
C ASN D 29 24.81 -33.49 -6.71
N GLY D 30 25.09 -33.10 -5.47
CA GLY D 30 26.24 -32.25 -5.18
C GLY D 30 25.91 -30.79 -5.29
N TYR D 31 24.73 -30.45 -5.86
CA TYR D 31 24.21 -29.08 -5.86
C TYR D 31 22.95 -28.98 -4.97
N ILE D 32 21.93 -29.75 -5.32
CA ILE D 32 20.71 -29.89 -4.52
C ILE D 32 20.89 -31.09 -3.54
N GLY D 33 20.44 -30.89 -2.30
CA GLY D 33 20.30 -31.91 -1.29
C GLY D 33 18.84 -31.91 -0.73
N ILE D 34 18.25 -33.09 -0.59
CA ILE D 34 16.87 -33.29 -0.08
C ILE D 34 16.82 -34.45 0.94
N ARG D 35 16.53 -34.13 2.21
CA ARG D 35 16.41 -35.14 3.21
C ARG D 35 15.24 -36.09 2.88
N GLY D 36 15.39 -37.35 3.27
CA GLY D 36 14.47 -38.46 3.00
C GLY D 36 13.18 -38.48 3.79
N ILE D 37 12.49 -37.36 3.83
CA ILE D 37 11.18 -37.32 4.40
C ILE D 37 10.16 -38.00 3.44
N ASN D 38 9.02 -38.44 3.98
CA ASN D 38 7.92 -38.91 3.18
C ASN D 38 7.26 -37.74 2.46
N GLU D 39 6.75 -38.04 1.29
CA GLU D 39 6.13 -37.03 0.43
C GLU D 39 4.97 -36.29 1.11
N GLU D 40 4.24 -36.93 2.02
CA GLU D 40 3.15 -36.21 2.71
C GLU D 40 3.64 -35.17 3.68
N VAL D 41 4.91 -35.30 4.10
CA VAL D 41 5.49 -34.41 5.14
C VAL D 41 4.65 -34.45 6.37
N PHE D 42 4.80 -35.54 7.10
CA PHE D 42 4.19 -35.82 8.38
C PHE D 42 4.76 -35.00 9.49
N CYS D 43 4.04 -35.05 10.60
CA CYS D 43 4.19 -34.14 11.70
C CYS D 43 5.60 -33.94 12.21
N GLU D 44 6.25 -35.02 12.49
CA GLU D 44 7.51 -34.86 13.14
C GLU D 44 8.63 -35.08 12.17
N GLU D 45 8.41 -34.88 10.88
CA GLU D 45 9.50 -35.00 9.94
C GLU D 45 10.39 -33.75 9.98
N THR D 46 11.68 -33.92 9.72
CA THR D 46 12.59 -32.77 9.53
C THR D 46 13.01 -32.54 8.07
N PRO D 47 12.33 -31.64 7.36
CA PRO D 47 12.70 -31.44 5.95
C PRO D 47 14.08 -30.79 5.87
N GLY D 48 14.82 -31.09 4.79
CA GLY D 48 16.10 -30.48 4.51
C GLY D 48 16.18 -30.23 3.01
N THR D 49 16.16 -28.97 2.61
CA THR D 49 16.30 -28.60 1.23
C THR D 49 17.49 -27.63 1.17
N TYR D 50 18.60 -28.10 0.64
CA TYR D 50 19.85 -27.29 0.58
C TYR D 50 20.39 -27.15 -0.83
N ILE D 51 21.10 -26.06 -1.05
CA ILE D 51 21.87 -25.89 -2.24
C ILE D 51 23.29 -25.58 -1.82
N ALA D 52 24.25 -26.36 -2.32
CA ALA D 52 25.66 -26.21 -1.99
C ALA D 52 26.01 -24.75 -2.18
N GLY D 53 26.76 -24.22 -1.20
CA GLY D 53 27.24 -22.83 -1.20
C GLY D 53 26.26 -21.75 -0.74
N VAL D 54 24.98 -22.06 -0.54
CA VAL D 54 24.00 -21.06 -0.18
C VAL D 54 23.93 -21.01 1.34
N PHE D 55 24.70 -20.09 1.91
CA PHE D 55 24.84 -19.86 3.33
C PHE D 55 24.22 -18.52 3.71
N ASP D 56 23.87 -18.40 5.01
CA ASP D 56 23.30 -17.20 5.56
C ASP D 56 23.56 -17.16 7.05
N LYS D 57 23.83 -15.98 7.58
CA LYS D 57 24.03 -15.84 9.04
C LYS D 57 22.88 -15.24 9.76
N SER D 58 22.44 -14.06 9.31
CA SER D 58 21.31 -13.31 9.86
C SER D 58 21.55 -13.20 11.37
N THR D 59 20.63 -13.70 12.19
CA THR D 59 20.75 -13.62 13.66
C THR D 59 21.40 -14.85 14.32
N ALA D 60 21.90 -15.81 13.53
CA ALA D 60 22.56 -17.00 14.08
C ALA D 60 23.97 -16.63 14.56
N GLN D 61 24.54 -17.51 15.36
CA GLN D 61 25.88 -17.28 15.88
C GLN D 61 26.93 -17.20 14.77
N VAL D 62 26.85 -18.12 13.80
CA VAL D 62 27.71 -18.12 12.62
C VAL D 62 26.90 -18.44 11.35
N THR D 63 27.51 -18.43 10.15
CA THR D 63 26.68 -18.73 8.96
C THR D 63 26.26 -20.16 8.97
N GLU D 64 25.15 -20.43 8.27
CA GLU D 64 24.50 -21.74 8.22
C GLU D 64 24.12 -22.05 6.77
N LEU D 65 24.32 -23.26 6.35
CA LEU D 65 23.75 -23.73 5.12
C LEU D 65 22.25 -23.62 5.30
N VAL D 66 21.61 -22.98 4.33
CA VAL D 66 20.21 -22.56 4.42
C VAL D 66 19.28 -23.75 4.17
N ASN D 67 18.38 -23.94 5.12
CA ASN D 67 17.21 -24.80 4.88
C ASN D 67 16.20 -23.99 4.12
N LEU D 68 16.23 -24.18 2.84
CA LEU D 68 15.30 -23.56 1.88
C LEU D 68 13.86 -24.12 1.99
N PRO D 69 12.90 -23.48 1.34
CA PRO D 69 11.57 -24.01 1.28
C PRO D 69 11.56 -25.44 0.83
N ASN D 70 10.66 -26.25 1.41
CA ASN D 70 10.60 -27.66 1.09
C ASN D 70 9.65 -27.79 -0.12
N PRO D 71 10.14 -28.32 -1.24
CA PRO D 71 9.30 -28.28 -2.43
C PRO D 71 8.68 -29.59 -2.86
N ILE D 72 8.85 -30.65 -2.09
CA ILE D 72 8.59 -31.98 -2.65
C ILE D 72 7.30 -32.53 -2.18
N GLY D 73 6.57 -31.76 -1.39
CA GLY D 73 5.41 -32.27 -0.71
C GLY D 73 4.35 -32.69 -1.69
N LEU D 74 3.71 -33.81 -1.41
CA LEU D 74 2.64 -34.30 -2.28
C LEU D 74 1.65 -35.04 -1.43
N ARG D 75 0.39 -34.63 -1.51
CA ARG D 75 -0.66 -35.25 -0.76
C ARG D 75 -1.84 -35.60 -1.66
N ILE D 76 -2.56 -36.64 -1.25
CA ILE D 76 -3.75 -37.15 -1.95
C ILE D 76 -4.96 -37.01 -1.01
N TYR D 77 -6.08 -36.57 -1.58
CA TYR D 77 -7.32 -36.42 -0.86
C TYR D 77 -8.35 -37.23 -1.63
N ILE D 78 -9.17 -37.94 -0.87
CA ILE D 78 -10.34 -38.63 -1.35
C ILE D 78 -11.57 -37.86 -0.87
N ASN D 79 -12.38 -37.40 -1.84
CA ASN D 79 -13.52 -36.54 -1.55
C ASN D 79 -13.21 -35.42 -0.50
N ARG D 80 -12.11 -34.69 -0.74
CA ARG D 80 -11.69 -33.51 0.08
C ARG D 80 -11.25 -33.86 1.50
N GLU D 81 -10.85 -35.10 1.69
CA GLU D 81 -10.30 -35.64 2.94
C GLU D 81 -8.94 -36.28 2.69
N PHE D 82 -7.95 -35.77 3.40
CA PHE D 82 -6.56 -36.22 3.26
C PHE D 82 -6.48 -37.73 3.49
N LEU D 83 -5.97 -38.43 2.49
CA LEU D 83 -5.62 -39.84 2.65
C LEU D 83 -4.29 -39.94 3.40
N ASN D 84 -4.40 -40.05 4.72
CA ASN D 84 -3.25 -40.01 5.62
C ASN D 84 -2.79 -41.42 5.88
N PRO D 85 -1.61 -41.80 5.32
CA PRO D 85 -1.08 -43.14 5.44
C PRO D 85 -1.03 -43.57 6.87
N LEU D 86 -0.83 -42.62 7.78
CA LEU D 86 -0.67 -42.95 9.17
C LEU D 86 -2.03 -43.14 9.85
N LYS D 87 -3.12 -42.94 9.13
CA LYS D 87 -4.43 -43.15 9.70
C LYS D 87 -5.10 -44.39 9.11
N CYS D 88 -4.37 -45.13 8.27
CA CYS D 88 -4.95 -46.26 7.55
C CYS D 88 -4.40 -47.55 8.07
N GLU D 89 -5.10 -48.61 7.72
CA GLU D 89 -4.51 -49.92 7.90
C GLU D 89 -3.51 -50.07 6.75
N ILE D 90 -2.31 -50.56 7.02
CA ILE D 90 -1.32 -50.70 5.96
C ILE D 90 -1.36 -52.13 5.45
N LEU D 91 -1.86 -52.32 4.22
CA LEU D 91 -1.86 -53.64 3.64
C LEU D 91 -0.52 -54.03 3.09
N GLU D 92 0.25 -53.06 2.68
CA GLU D 92 1.54 -53.35 2.08
C GLU D 92 2.35 -52.06 2.22
N PHE D 93 3.60 -52.23 2.65
CA PHE D 93 4.57 -51.14 2.78
C PHE D 93 5.92 -51.61 2.23
N LYS D 94 6.46 -50.85 1.28
CA LYS D 94 7.87 -51.04 0.90
C LYS D 94 8.47 -49.69 0.67
N ARG D 95 9.63 -49.48 1.27
CA ARG D 95 10.38 -48.26 1.04
C ARG D 95 11.87 -48.56 1.04
N VAL D 96 12.49 -48.30 -0.11
CA VAL D 96 13.89 -48.63 -0.37
C VAL D 96 14.67 -47.51 -1.03
N LEU D 97 15.91 -47.36 -0.62
CA LEU D 97 16.83 -46.57 -1.38
C LEU D 97 17.54 -47.54 -2.35
N ASP D 98 17.44 -47.29 -3.66
CA ASP D 98 18.10 -48.11 -4.68
C ASP D 98 19.44 -47.44 -4.98
N LEU D 99 20.51 -48.03 -4.50
CA LEU D 99 21.86 -47.43 -4.54
C LEU D 99 22.42 -47.48 -5.95
N LYS D 100 21.96 -48.43 -6.73
CA LYS D 100 22.43 -48.55 -8.09
C LYS D 100 21.84 -47.48 -9.01
N GLN D 101 20.54 -47.21 -8.89
CA GLN D 101 19.94 -46.24 -9.77
C GLN D 101 19.80 -44.84 -9.12
N GLY D 102 20.06 -44.74 -7.83
CA GLY D 102 19.92 -43.47 -7.12
C GLY D 102 18.51 -42.95 -7.13
N ILE D 103 17.57 -43.78 -6.75
CA ILE D 103 16.21 -43.33 -6.58
C ILE D 103 15.68 -43.79 -5.22
N LEU D 104 14.64 -43.12 -4.70
CA LEU D 104 14.05 -43.49 -3.43
C LEU D 104 12.65 -43.98 -3.74
N TYR D 105 12.33 -45.20 -3.35
CA TYR D 105 11.09 -45.79 -3.77
C TYR D 105 10.26 -46.07 -2.60
N ARG D 106 8.95 -45.87 -2.73
CA ARG D 106 8.02 -46.24 -1.74
C ARG D 106 6.72 -46.77 -2.35
N LYS D 107 6.23 -47.86 -1.79
CA LYS D 107 4.96 -48.46 -2.23
C LYS D 107 4.12 -48.58 -1.02
N LEU D 108 2.87 -48.13 -1.15
CA LEU D 108 1.85 -48.25 -0.09
C LEU D 108 0.57 -48.84 -0.66
N ARG D 109 -0.03 -49.72 0.09
CA ARG D 109 -1.40 -50.17 -0.16
C ARG D 109 -2.11 -49.92 1.15
N LEU D 110 -3.05 -48.97 1.11
CA LEU D 110 -3.69 -48.45 2.31
C LEU D 110 -5.15 -48.87 2.36
N LYS D 111 -5.65 -49.15 3.57
CA LYS D 111 -7.07 -49.32 3.73
C LYS D 111 -7.53 -48.37 4.81
N ASP D 112 -8.39 -47.44 4.42
CA ASP D 112 -8.92 -46.44 5.33
C ASP D 112 -10.18 -46.93 6.06
N VAL D 113 -10.68 -46.12 6.98
CA VAL D 113 -11.74 -46.50 7.91
C VAL D 113 -13.10 -46.76 7.23
N LYS D 114 -13.19 -46.40 5.95
CA LYS D 114 -14.36 -46.70 5.14
C LYS D 114 -14.15 -47.94 4.34
N GLY D 115 -13.07 -48.67 4.60
CA GLY D 115 -12.78 -49.93 3.87
C GLY D 115 -12.39 -49.66 2.43
N ARG D 116 -12.02 -48.42 2.15
CA ARG D 116 -11.53 -48.11 0.81
C ARG D 116 -10.05 -48.41 0.74
N ILE D 117 -9.64 -49.07 -0.35
CA ILE D 117 -8.27 -49.51 -0.53
C ILE D 117 -7.63 -48.76 -1.67
N THR D 118 -6.42 -48.24 -1.41
CA THR D 118 -5.76 -47.36 -2.32
C THR D 118 -4.30 -47.73 -2.40
N THR D 119 -3.80 -47.78 -3.63
CA THR D 119 -2.41 -48.03 -3.85
C THR D 119 -1.72 -46.75 -4.30
N ILE D 120 -0.58 -46.46 -3.67
CA ILE D 120 0.26 -45.33 -4.05
C ILE D 120 1.70 -45.83 -4.18
N GLU D 121 2.26 -45.73 -5.39
CA GLU D 121 3.58 -46.35 -5.69
C GLU D 121 4.45 -45.50 -6.59
N GLY D 122 5.71 -45.27 -6.21
CA GLY D 122 6.52 -44.34 -6.92
C GLY D 122 7.89 -44.05 -6.33
N PHE D 123 8.53 -43.06 -6.90
CA PHE D 123 9.92 -42.80 -6.56
C PHE D 123 10.24 -41.38 -6.91
N ARG D 124 11.42 -40.99 -6.49
CA ARG D 124 11.90 -39.68 -6.71
C ARG D 124 13.39 -39.76 -6.80
N PHE D 125 13.98 -38.80 -7.49
CA PHE D 125 15.42 -38.67 -7.49
C PHE D 125 15.78 -37.23 -7.68
N VAL D 126 17.02 -36.91 -7.33
CA VAL D 126 17.61 -35.62 -7.54
C VAL D 126 18.58 -35.81 -8.68
N SER D 127 18.25 -35.24 -9.83
CA SER D 127 18.97 -35.58 -11.07
C SER D 127 20.50 -35.38 -11.03
N MET D 128 21.25 -36.42 -11.40
CA MET D 128 22.67 -36.33 -11.35
C MET D 128 23.18 -35.53 -12.50
N ASN D 129 22.49 -35.50 -13.63
CA ASN D 129 22.99 -34.74 -14.80
C ASN D 129 22.34 -33.39 -14.99
N ASN D 130 21.04 -33.31 -14.72
CA ASN D 130 20.37 -32.02 -14.68
C ASN D 130 20.33 -31.44 -13.24
N LYS D 131 21.38 -30.76 -12.86
CA LYS D 131 21.57 -30.44 -11.44
C LYS D 131 20.46 -29.57 -10.79
N ASN D 132 19.67 -28.88 -11.61
CA ASN D 132 18.59 -28.09 -11.10
C ASN D 132 17.34 -28.89 -10.80
N LEU D 133 17.32 -30.19 -11.10
CA LEU D 133 16.08 -30.93 -11.31
C LEU D 133 15.81 -31.97 -10.28
N ILE D 134 14.59 -31.98 -9.79
CA ILE D 134 14.15 -33.04 -8.90
C ILE D 134 12.98 -33.66 -9.65
N VAL D 135 12.85 -34.98 -9.57
CA VAL D 135 11.84 -35.69 -10.33
C VAL D 135 11.06 -36.60 -9.39
N GLN D 136 9.75 -36.51 -9.45
CA GLN D 136 8.91 -37.34 -8.59
C GLN D 136 7.81 -38.00 -9.47
N LYS D 137 7.54 -39.28 -9.24
CA LYS D 137 6.64 -40.07 -10.08
C LYS D 137 5.86 -41.01 -9.17
N TYR D 138 4.53 -40.89 -9.13
CA TYR D 138 3.71 -41.82 -8.33
C TYR D 138 2.46 -42.25 -9.13
N ASP D 139 2.14 -43.52 -9.05
CA ASP D 139 0.90 -44.04 -9.65
C ASP D 139 -0.06 -44.20 -8.51
N VAL D 140 -1.31 -43.78 -8.71
CA VAL D 140 -2.35 -44.02 -7.73
C VAL D 140 -3.44 -44.89 -8.33
N VAL D 141 -3.84 -45.89 -7.57
CA VAL D 141 -4.99 -46.71 -7.98
C VAL D 141 -5.97 -46.89 -6.83
N CYS D 142 -7.24 -46.58 -7.10
CA CYS D 142 -8.34 -46.77 -6.15
C CYS D 142 -8.86 -48.14 -6.50
N GLU D 143 -8.58 -49.08 -5.63
CA GLU D 143 -8.75 -50.48 -6.02
C GLU D 143 -10.22 -50.96 -6.02
N ASN D 144 -11.04 -50.38 -5.14
CA ASN D 144 -12.34 -50.92 -4.86
C ASN D 144 -13.39 -49.83 -4.64
N TYR D 145 -13.21 -48.69 -5.31
CA TYR D 145 -14.02 -47.51 -5.08
C TYR D 145 -13.74 -46.53 -6.21
N SER D 146 -14.67 -45.58 -6.41
CA SER D 146 -14.50 -44.42 -7.29
C SER D 146 -14.84 -43.14 -6.48
N ALA D 147 -14.26 -42.00 -6.85
CA ALA D 147 -14.31 -40.83 -5.98
C ALA D 147 -13.61 -39.70 -6.66
N VAL D 148 -13.76 -38.50 -6.14
CA VAL D 148 -13.03 -37.36 -6.68
C VAL D 148 -11.72 -37.30 -5.90
N LEU D 149 -10.60 -37.50 -6.60
CA LEU D 149 -9.27 -37.37 -6.01
C LEU D 149 -8.71 -36.01 -6.25
N ASN D 150 -8.05 -35.45 -5.23
CA ASN D 150 -7.28 -34.21 -5.38
C ASN D 150 -5.83 -34.57 -5.15
N VAL D 151 -5.00 -34.15 -6.07
CA VAL D 151 -3.57 -34.40 -5.98
C VAL D 151 -3.03 -33.05 -5.63
N GLU D 152 -2.49 -32.93 -4.43
CA GLU D 152 -1.99 -31.63 -3.97
C GLU D 152 -0.48 -31.60 -3.97
N SER D 153 0.08 -30.72 -4.79
CA SER D 153 1.50 -30.39 -4.74
C SER D 153 1.65 -29.10 -3.96
N PHE D 154 2.69 -28.99 -3.14
CA PHE D 154 2.96 -27.73 -2.45
C PHE D 154 4.45 -27.46 -2.29
N ILE D 155 4.77 -26.16 -2.26
CA ILE D 155 6.09 -25.66 -1.85
C ILE D 155 5.88 -24.99 -0.52
N ASP D 156 6.55 -25.49 0.52
CA ASP D 156 6.38 -25.03 1.85
C ASP D 156 7.55 -24.09 2.21
N ALA D 157 7.26 -22.81 2.20
CA ALA D 157 8.26 -21.82 2.54
C ALA D 157 8.12 -21.28 3.96
N THR D 158 7.60 -22.10 4.86
CA THR D 158 7.68 -21.84 6.29
C THR D 158 8.82 -22.59 6.99
N THR D 159 9.67 -23.30 6.24
CA THR D 159 10.80 -24.03 6.82
C THR D 159 11.84 -23.09 7.49
N VAL D 160 12.52 -23.65 8.50
CA VAL D 160 13.58 -22.94 9.22
C VAL D 160 14.78 -23.82 9.42
N ASN D 161 15.89 -23.18 9.83
CA ASN D 161 17.05 -23.86 10.35
C ASN D 161 16.87 -24.10 11.85
N SER D 162 17.53 -25.16 12.30
CA SER D 162 17.49 -25.59 13.71
C SER D 162 16.11 -25.73 14.28
N LYS D 163 15.19 -26.32 13.52
CA LYS D 163 13.83 -26.42 14.01
C LYS D 163 13.59 -27.03 15.44
N ASP D 164 14.42 -27.91 15.91
CA ASP D 164 14.17 -28.57 17.16
C ASP D 164 14.80 -27.83 18.36
N VAL D 165 15.67 -26.83 18.11
CA VAL D 165 16.36 -26.07 19.17
C VAL D 165 15.88 -24.63 19.21
N PRO D 166 14.99 -24.25 20.21
CA PRO D 166 14.36 -22.90 20.31
C PRO D 166 15.41 -21.75 20.24
N ASN D 167 16.50 -21.92 20.98
CA ASN D 167 17.58 -20.92 20.94
C ASN D 167 18.12 -20.61 19.59
N ASP D 168 18.33 -21.61 18.75
CA ASP D 168 19.07 -21.55 17.56
C ASP D 168 18.27 -21.38 16.34
N ARG D 169 16.97 -21.51 16.46
CA ARG D 169 16.07 -21.36 15.31
C ARG D 169 16.19 -20.05 14.59
N VAL D 170 16.36 -20.10 13.28
CA VAL D 170 16.42 -18.96 12.49
C VAL D 170 15.88 -19.23 11.12
N LYS D 171 15.10 -18.31 10.59
CA LYS D 171 14.63 -18.41 9.22
C LYS D 171 15.60 -17.59 8.42
N HIS D 172 16.31 -18.24 7.51
CA HIS D 172 17.41 -17.62 6.75
C HIS D 172 17.02 -16.96 5.45
N TYR D 173 15.73 -16.94 5.15
CA TYR D 173 15.25 -16.38 3.87
C TYR D 173 13.92 -15.62 4.03
N GLU D 174 13.66 -14.75 3.08
CA GLU D 174 12.43 -13.99 2.92
C GLU D 174 11.82 -14.36 1.56
N ILE D 175 10.50 -14.39 1.49
CA ILE D 175 9.81 -14.76 0.23
C ILE D 175 9.61 -13.47 -0.58
N ASP D 176 10.15 -13.45 -1.80
CA ASP D 176 10.08 -12.32 -2.70
C ASP D 176 8.93 -12.44 -3.63
N LYS D 177 8.69 -13.62 -4.15
CA LYS D 177 7.46 -13.81 -4.93
C LYS D 177 6.86 -15.19 -4.94
N LYS D 178 5.56 -15.24 -5.25
CA LYS D 178 4.72 -16.44 -5.31
C LYS D 178 3.88 -16.33 -6.55
N LYS D 179 3.88 -17.32 -7.42
CA LYS D 179 3.25 -17.17 -8.73
C LYS D 179 2.65 -18.45 -9.24
N ASP D 180 1.41 -18.39 -9.72
CA ASP D 180 0.80 -19.46 -10.46
C ASP D 180 1.09 -19.08 -11.86
N PHE D 181 1.95 -19.81 -12.55
CA PHE D 181 2.29 -19.38 -13.92
C PHE D 181 1.65 -20.31 -14.93
N ALA D 182 0.48 -20.89 -14.54
CA ALA D 182 -0.37 -21.67 -15.42
C ALA D 182 0.22 -23.07 -15.67
N ASP D 183 1.47 -23.11 -16.11
CA ASP D 183 2.19 -24.37 -16.33
C ASP D 183 2.90 -24.85 -15.08
N GLY D 184 2.75 -24.14 -13.97
CA GLY D 184 3.19 -24.65 -12.69
C GLY D 184 3.06 -23.55 -11.67
N ILE D 185 3.73 -23.73 -10.54
CA ILE D 185 3.74 -22.75 -9.46
C ILE D 185 5.19 -22.40 -9.10
N TYR D 186 5.40 -21.15 -8.74
CA TYR D 186 6.71 -20.68 -8.45
C TYR D 186 6.73 -19.97 -7.08
N LEU D 187 7.81 -20.18 -6.34
CA LEU D 187 8.15 -19.41 -5.16
C LEU D 187 9.64 -18.97 -5.22
N GLY D 188 9.92 -17.70 -5.01
CA GLY D 188 11.30 -17.15 -5.10
C GLY D 188 11.67 -16.64 -3.71
N ILE D 189 12.93 -16.80 -3.31
CA ILE D 189 13.43 -16.34 -2.03
C ILE D 189 14.73 -15.58 -2.21
N THR D 190 15.09 -14.80 -1.20
CA THR D 190 16.40 -14.15 -1.09
C THR D 190 16.87 -14.41 0.31
N THR D 191 18.15 -14.70 0.52
CA THR D 191 18.59 -14.88 1.90
C THR D 191 18.48 -13.54 2.64
N LYS D 192 18.31 -13.64 3.95
CA LYS D 192 18.25 -12.48 4.83
C LYS D 192 19.47 -11.54 4.77
N ASP D 193 20.69 -12.08 4.70
CA ASP D 193 21.91 -11.26 4.50
C ASP D 193 21.97 -10.71 3.07
N LYS D 194 21.05 -11.18 2.21
CA LYS D 194 20.96 -10.75 0.79
C LYS D 194 22.05 -11.19 -0.17
N LYS D 195 22.71 -12.29 0.17
CA LYS D 195 23.83 -12.78 -0.63
C LYS D 195 23.43 -13.73 -1.68
N TYR D 196 22.26 -14.36 -1.59
CA TYR D 196 21.83 -15.39 -2.52
C TYR D 196 20.34 -15.24 -2.78
N LYS D 197 19.97 -15.55 -4.03
CA LYS D 197 18.59 -15.56 -4.52
C LYS D 197 18.41 -16.97 -5.00
N VAL D 198 17.24 -17.56 -4.74
CA VAL D 198 16.92 -18.90 -5.15
C VAL D 198 15.49 -18.94 -5.73
N GLY D 199 15.34 -19.61 -6.86
CA GLY D 199 14.02 -19.78 -7.48
C GLY D 199 13.59 -21.21 -7.44
N ILE D 200 12.32 -21.46 -7.17
CA ILE D 200 11.77 -22.80 -7.23
C ILE D 200 10.52 -22.83 -8.09
N ALA D 201 10.55 -23.65 -9.13
CA ALA D 201 9.46 -23.77 -10.10
C ALA D 201 9.10 -25.20 -10.10
N SER D 202 7.80 -25.47 -9.99
CA SER D 202 7.38 -26.82 -9.91
C SER D 202 6.12 -27.03 -10.71
N SER D 203 6.00 -28.23 -11.24
CA SER D 203 4.95 -28.51 -12.16
C SER D 203 4.59 -29.95 -12.06
N THR D 204 3.36 -30.18 -11.68
CA THR D 204 2.79 -31.49 -11.49
C THR D 204 1.73 -31.69 -12.58
N LYS D 205 1.57 -32.95 -12.97
CA LYS D 205 0.52 -33.40 -13.90
C LYS D 205 0.06 -34.82 -13.50
N VAL D 206 -1.20 -35.04 -13.85
CA VAL D 206 -1.88 -36.27 -13.60
C VAL D 206 -2.46 -36.74 -14.94
N LEU D 207 -2.02 -37.93 -15.32
CA LEU D 207 -2.26 -38.52 -16.63
C LEU D 207 -2.95 -39.84 -16.40
N LEU D 208 -3.81 -40.22 -17.34
CA LEU D 208 -4.31 -41.60 -17.46
C LEU D 208 -4.14 -41.99 -18.92
N ASN D 209 -3.47 -43.11 -19.17
CA ASN D 209 -3.03 -43.45 -20.54
C ASN D 209 -2.40 -42.27 -21.28
N ASN D 210 -1.48 -41.62 -20.58
CA ASN D 210 -0.77 -40.44 -21.06
C ASN D 210 -1.59 -39.27 -21.70
N GLN D 211 -2.85 -39.18 -21.29
CA GLN D 211 -3.59 -37.93 -21.44
C GLN D 211 -3.85 -37.26 -20.07
N ARG D 212 -3.85 -35.94 -20.05
CA ARG D 212 -4.18 -35.21 -18.84
C ARG D 212 -5.64 -35.52 -18.49
N CYS D 213 -5.81 -36.07 -17.29
CA CYS D 213 -7.10 -36.64 -16.89
C CYS D 213 -7.83 -35.88 -15.79
N TYR D 214 -7.49 -34.63 -15.54
CA TYR D 214 -8.14 -33.91 -14.42
C TYR D 214 -9.20 -32.96 -14.97
N PHE D 215 -10.26 -32.74 -14.21
CA PHE D 215 -11.31 -31.82 -14.70
C PHE D 215 -11.05 -30.39 -14.25
N ASN D 216 -10.14 -30.22 -13.30
CA ASN D 216 -9.93 -28.90 -12.69
C ASN D 216 -8.53 -28.83 -12.12
N ARG D 217 -7.90 -27.70 -12.35
CA ARG D 217 -6.66 -27.34 -11.68
C ARG D 217 -6.93 -26.06 -10.94
N PHE D 218 -6.50 -26.00 -9.67
CA PHE D 218 -6.57 -24.78 -8.89
C PHE D 218 -5.28 -24.60 -8.09
N THR D 219 -4.90 -23.33 -7.86
CA THR D 219 -3.78 -23.01 -7.01
C THR D 219 -4.27 -22.26 -5.77
N LYS D 220 -3.53 -22.33 -4.66
CA LYS D 220 -3.86 -21.67 -3.39
C LYS D 220 -2.62 -20.95 -2.85
N ASP D 221 -2.80 -19.70 -2.46
CA ASP D 221 -1.77 -18.95 -1.77
C ASP D 221 -2.16 -18.91 -0.29
N LEU D 222 -1.47 -19.71 0.49
CA LEU D 222 -1.78 -19.92 1.91
C LEU D 222 -0.68 -19.24 2.79
N GLY D 223 -0.25 -18.04 2.42
CA GLY D 223 0.83 -17.37 3.18
C GLY D 223 2.14 -17.70 2.55
N TYR D 224 2.98 -18.41 3.28
CA TYR D 224 4.26 -18.92 2.80
C TYR D 224 4.23 -20.39 2.32
N ILE D 225 3.02 -20.95 2.10
CA ILE D 225 2.82 -22.24 1.47
C ILE D 225 1.97 -21.90 0.23
N ILE D 226 2.43 -22.36 -0.92
CA ILE D 226 1.64 -22.32 -2.14
C ILE D 226 1.42 -23.72 -2.68
N THR D 227 0.22 -23.98 -3.18
CA THR D 227 -0.16 -25.28 -3.63
C THR D 227 -0.73 -25.28 -5.09
N GLU D 228 -0.55 -26.43 -5.74
CA GLU D 228 -1.01 -26.72 -7.09
C GLU D 228 -1.83 -27.96 -6.91
N ASN D 229 -3.07 -27.93 -7.40
CA ASN D 229 -4.05 -28.99 -7.08
C ASN D 229 -4.76 -29.44 -8.35
N PHE D 230 -4.95 -30.75 -8.48
CA PHE D 230 -5.62 -31.37 -9.61
C PHE D 230 -6.69 -32.31 -9.13
N GLU D 231 -7.91 -32.07 -9.62
CA GLU D 231 -9.02 -32.90 -9.22
C GLU D 231 -9.35 -33.88 -10.35
N VAL D 232 -9.44 -35.16 -9.99
CA VAL D 232 -9.67 -36.23 -10.92
C VAL D 232 -10.91 -36.97 -10.46
N GLU D 233 -11.83 -37.19 -11.40
CA GLU D 233 -12.93 -38.13 -11.17
C GLU D 233 -12.34 -39.52 -11.38
N ALA D 234 -11.85 -40.10 -10.30
CA ALA D 234 -11.15 -41.34 -10.37
C ALA D 234 -12.13 -42.45 -10.42
N LYS D 235 -11.87 -43.38 -11.32
CA LYS D 235 -12.66 -44.60 -11.45
C LYS D 235 -11.84 -45.78 -10.97
N GLN D 236 -12.50 -46.73 -10.31
CA GLN D 236 -11.87 -47.91 -9.74
C GLN D 236 -10.99 -48.66 -10.74
N GLY D 237 -9.84 -49.10 -10.26
CA GLY D 237 -8.89 -49.87 -11.04
C GLY D 237 -7.99 -49.06 -11.96
N GLU D 238 -8.39 -47.86 -12.37
CA GLU D 238 -7.60 -47.08 -13.31
C GLU D 238 -6.24 -46.62 -12.69
N ARG D 239 -5.19 -46.57 -13.48
CA ARG D 239 -3.86 -46.16 -13.04
C ARG D 239 -3.63 -44.68 -13.34
N TYR D 240 -3.66 -43.87 -12.30
CA TYR D 240 -3.48 -42.42 -12.43
C TYR D 240 -2.02 -42.13 -12.20
N GLU D 241 -1.38 -41.46 -13.14
CA GLU D 241 0.06 -41.35 -13.15
C GLU D 241 0.41 -39.91 -12.87
N ILE D 242 1.08 -39.67 -11.74
CA ILE D 242 1.39 -38.34 -11.29
C ILE D 242 2.85 -38.07 -11.56
N GLU D 243 3.16 -37.03 -12.25
CA GLU D 243 4.56 -36.65 -12.43
C GLU D 243 4.69 -35.27 -11.89
N LYS D 244 5.70 -35.06 -11.04
CA LYS D 244 6.00 -33.74 -10.52
C LYS D 244 7.47 -33.37 -10.79
N LEU D 245 7.70 -32.30 -11.52
CA LEU D 245 9.05 -31.84 -11.76
C LEU D 245 9.22 -30.52 -11.03
N THR D 246 10.35 -30.41 -10.35
CA THR D 246 10.71 -29.27 -9.61
C THR D 246 12.14 -28.83 -9.97
N VAL D 247 12.30 -27.54 -10.24
CA VAL D 247 13.54 -26.99 -10.65
C VAL D 247 13.99 -25.97 -9.63
N LEU D 248 15.23 -26.07 -9.18
CA LEU D 248 15.77 -25.08 -8.27
C LEU D 248 16.93 -24.39 -8.91
N VAL D 249 16.91 -23.06 -8.89
CA VAL D 249 18.03 -22.27 -9.42
C VAL D 249 18.39 -21.26 -8.38
N SER D 250 19.70 -21.04 -8.24
CA SER D 250 20.26 -20.04 -7.38
C SER D 250 21.10 -19.06 -8.14
N SER D 251 21.28 -17.89 -7.54
CA SER D 251 22.20 -16.89 -8.04
C SER D 251 23.69 -17.28 -8.00
N ARG D 252 24.04 -18.46 -7.52
CA ARG D 252 25.40 -18.92 -7.64
C ARG D 252 25.70 -19.30 -9.11
N GLU D 253 24.68 -19.57 -9.91
CA GLU D 253 24.93 -20.14 -11.22
C GLU D 253 25.34 -19.04 -12.20
N LYS D 254 26.06 -19.43 -13.23
CA LYS D 254 26.68 -18.45 -14.14
C LYS D 254 25.60 -17.77 -14.97
N ASN D 255 25.75 -16.47 -15.17
CA ASN D 255 24.82 -15.74 -16.06
C ASN D 255 23.37 -16.02 -15.75
N VAL D 256 23.07 -16.32 -14.49
CA VAL D 256 21.70 -16.43 -14.04
C VAL D 256 21.33 -15.07 -13.43
N GLY D 257 20.93 -14.17 -14.34
CA GLY D 257 20.19 -12.97 -13.98
C GLY D 257 18.71 -13.33 -13.96
N ASP D 258 18.03 -12.85 -12.91
CA ASP D 258 16.67 -13.21 -12.53
C ASP D 258 16.66 -14.43 -11.56
N VAL D 259 16.33 -15.61 -12.11
CA VAL D 259 16.14 -16.94 -11.43
C VAL D 259 14.74 -17.43 -11.83
N PHE D 260 13.76 -16.53 -11.84
CA PHE D 260 12.40 -16.90 -12.22
C PHE D 260 12.40 -17.39 -13.68
N GLU D 261 12.99 -16.58 -14.56
CA GLU D 261 13.08 -16.92 -15.99
C GLU D 261 13.79 -18.20 -16.15
N THR D 262 14.93 -18.34 -15.47
CA THR D 262 15.79 -19.46 -15.68
C THR D 262 15.07 -20.70 -15.20
N CYS D 263 14.44 -20.60 -14.04
CA CYS D 263 13.63 -21.69 -13.55
C CYS D 263 12.60 -22.10 -14.58
N THR D 264 11.79 -21.16 -15.04
CA THR D 264 10.65 -21.57 -15.88
C THR D 264 11.15 -22.01 -17.24
N ASN D 265 12.18 -21.35 -17.73
CA ASN D 265 12.85 -21.80 -18.95
C ASN D 265 13.36 -23.19 -18.83
N LYS D 266 14.14 -23.48 -17.79
CA LYS D 266 14.65 -24.87 -17.56
C LYS D 266 13.51 -25.85 -17.45
N LEU D 267 12.53 -25.48 -16.66
CA LEU D 267 11.43 -26.37 -16.45
C LEU D 267 10.76 -26.64 -17.82
N LYS D 268 10.73 -25.64 -18.70
CA LYS D 268 10.07 -25.93 -19.97
C LYS D 268 10.89 -26.85 -20.83
N GLU D 269 12.22 -26.71 -20.78
CA GLU D 269 13.08 -27.68 -21.44
C GLU D 269 12.85 -29.08 -20.88
N PHE D 270 12.70 -29.25 -19.57
CA PHE D 270 12.60 -30.58 -19.01
C PHE D 270 11.24 -31.16 -19.36
N GLU D 271 10.24 -30.29 -19.47
CA GLU D 271 8.93 -30.71 -19.93
C GLU D 271 8.99 -31.32 -21.34
N THR D 272 10.06 -31.11 -22.10
CA THR D 272 10.16 -31.76 -23.43
C THR D 272 10.69 -33.19 -23.41
N LYS D 273 10.96 -33.75 -22.23
CA LYS D 273 11.44 -35.14 -22.09
C LYS D 273 10.49 -35.89 -21.19
N SER D 274 10.42 -37.22 -21.33
CA SER D 274 9.56 -38.05 -20.48
C SER D 274 10.22 -38.23 -19.13
N ALA D 275 9.45 -38.66 -18.14
CA ALA D 275 10.01 -39.02 -16.85
C ALA D 275 11.04 -40.10 -17.09
N GLU D 276 10.73 -41.00 -18.00
CA GLU D 276 11.58 -42.13 -18.19
C GLU D 276 12.88 -41.71 -18.85
N LYS D 277 12.86 -40.74 -19.72
CA LYS D 277 14.08 -40.24 -20.33
C LYS D 277 14.94 -39.45 -19.35
N LEU D 278 14.31 -38.70 -18.44
CA LEU D 278 15.09 -38.00 -17.43
C LEU D 278 15.75 -39.03 -16.52
N LEU D 279 15.00 -40.07 -16.15
CA LEU D 279 15.55 -41.13 -15.35
C LEU D 279 16.74 -41.84 -15.99
N PHE D 280 16.56 -42.23 -17.26
CA PHE D 280 17.56 -42.93 -17.99
C PHE D 280 18.84 -42.11 -17.96
N GLU D 281 18.80 -40.84 -18.34
CA GLU D 281 19.98 -39.93 -18.21
C GLU D 281 20.64 -39.92 -16.81
N HIS D 282 19.80 -40.00 -15.76
CA HIS D 282 20.22 -39.99 -14.35
C HIS D 282 20.98 -41.29 -14.06
N ILE D 283 20.39 -42.42 -14.47
CA ILE D 283 21.02 -43.73 -14.26
C ILE D 283 22.40 -43.88 -14.93
N GLU D 284 22.61 -43.22 -16.06
CA GLU D 284 23.87 -43.31 -16.76
C GLU D 284 24.94 -42.68 -15.91
N GLU D 285 24.62 -41.54 -15.27
CA GLU D 285 25.62 -40.86 -14.45
C GLU D 285 26.11 -41.76 -13.38
N TYR D 286 25.18 -42.43 -12.73
CA TYR D 286 25.54 -43.42 -11.71
C TYR D 286 26.27 -44.67 -12.18
N LYS D 287 26.01 -45.12 -13.41
CA LYS D 287 26.71 -46.27 -13.98
C LYS D 287 28.17 -45.88 -14.15
N ARG D 288 28.39 -44.70 -14.74
CA ARG D 288 29.72 -44.14 -14.92
C ARG D 288 30.48 -44.05 -13.60
N LEU D 289 29.82 -43.58 -12.53
CA LEU D 289 30.48 -43.41 -11.23
C LEU D 289 30.71 -44.78 -10.62
N TRP D 290 29.70 -45.67 -10.63
CA TRP D 290 29.88 -47.03 -10.09
C TRP D 290 30.89 -47.94 -10.79
N ASP D 291 31.07 -47.73 -12.07
CA ASP D 291 32.04 -48.49 -12.87
C ASP D 291 33.46 -48.46 -12.26
N VAL D 292 33.84 -47.32 -11.69
CA VAL D 292 35.13 -47.17 -10.99
C VAL D 292 35.03 -47.41 -9.48
N ALA D 293 33.97 -46.89 -8.85
CA ALA D 293 33.91 -46.80 -7.37
C ALA D 293 33.37 -48.04 -6.67
N ASN D 294 32.56 -48.84 -7.37
CA ASN D 294 32.00 -50.06 -6.75
C ASN D 294 33.09 -50.95 -6.21
N ILE D 295 32.98 -51.36 -4.93
CA ILE D 295 33.87 -52.35 -4.29
C ILE D 295 33.06 -53.65 -4.09
N ASP D 296 33.60 -54.79 -4.52
CA ASP D 296 32.95 -56.11 -4.32
C ASP D 296 33.60 -56.86 -3.19
N ILE D 297 32.85 -57.11 -2.13
CA ILE D 297 33.35 -57.97 -1.03
C ILE D 297 32.59 -59.31 -1.11
N VAL D 298 33.30 -60.45 -1.13
CA VAL D 298 32.63 -61.74 -1.15
C VAL D 298 32.77 -62.40 0.22
N GLY D 299 31.66 -62.83 0.78
CA GLY D 299 31.63 -63.59 1.99
C GLY D 299 30.97 -62.84 3.15
N ASP D 300 30.51 -61.59 2.93
CA ASP D 300 30.04 -60.74 4.05
C ASP D 300 29.06 -59.75 3.49
N GLU D 301 27.80 -60.18 3.40
CA GLU D 301 26.80 -59.40 2.70
C GLU D 301 26.42 -58.13 3.47
N VAL D 302 26.60 -58.15 4.80
CA VAL D 302 26.43 -56.95 5.63
C VAL D 302 27.50 -55.92 5.26
N ALA D 303 28.77 -56.31 5.28
CA ALA D 303 29.83 -55.43 4.79
C ALA D 303 29.58 -54.98 3.34
N ASN D 304 29.32 -55.93 2.46
CA ASN D 304 29.12 -55.59 1.05
C ASN D 304 28.05 -54.51 0.90
N LYS D 305 26.91 -54.61 1.58
CA LYS D 305 25.85 -53.58 1.39
C LYS D 305 26.11 -52.20 2.08
N SER D 306 26.59 -52.27 3.30
CA SER D 306 27.14 -51.18 4.09
C SER D 306 28.10 -50.33 3.28
N VAL D 307 29.08 -51.00 2.67
CA VAL D 307 30.03 -50.39 1.70
C VAL D 307 29.33 -49.76 0.48
N LYS D 308 28.35 -50.44 -0.14
CA LYS D 308 27.67 -49.77 -1.27
C LYS D 308 27.02 -48.47 -0.78
N PHE D 309 26.52 -48.49 0.47
CA PHE D 309 25.86 -47.31 1.01
C PHE D 309 26.85 -46.14 1.28
N ASN D 310 27.97 -46.44 1.89
CA ASN D 310 28.99 -45.44 2.09
C ASN D 310 29.37 -44.81 0.78
N ILE D 311 29.72 -45.65 -0.21
CA ILE D 311 30.13 -45.16 -1.54
C ILE D 311 29.06 -44.40 -2.30
N PHE D 312 27.81 -44.83 -2.16
CA PHE D 312 26.70 -44.19 -2.78
C PHE D 312 26.58 -42.72 -2.38
N HIS D 313 26.73 -42.45 -1.09
CA HIS D 313 26.60 -41.09 -0.62
C HIS D 313 27.84 -40.30 -1.04
N LEU D 314 29.00 -40.92 -1.09
CA LEU D 314 30.19 -40.18 -1.57
C LEU D 314 30.05 -39.80 -3.02
N ILE D 315 29.66 -40.78 -3.84
CA ILE D 315 29.50 -40.48 -5.30
C ILE D 315 28.33 -39.56 -5.61
N SER D 316 27.37 -39.43 -4.70
CA SER D 316 26.20 -38.57 -5.01
C SER D 316 26.45 -37.10 -4.71
N MET D 317 27.47 -36.82 -3.91
CA MET D 317 27.58 -35.63 -3.09
C MET D 317 28.53 -34.64 -3.76
N ALA D 318 29.42 -35.11 -4.65
CA ALA D 318 30.43 -34.22 -5.20
C ALA D 318 30.05 -33.74 -6.60
N ASN D 319 30.24 -32.44 -6.82
CA ASN D 319 30.02 -31.80 -8.10
C ASN D 319 31.34 -31.24 -8.62
N PRO D 320 32.01 -31.99 -9.50
CA PRO D 320 33.32 -31.45 -10.07
C PRO D 320 33.25 -30.10 -10.82
N GLU D 321 32.06 -29.68 -11.28
CA GLU D 321 31.92 -28.40 -11.98
C GLU D 321 31.96 -27.16 -11.06
N ASP D 322 31.84 -27.36 -9.75
CA ASP D 322 31.64 -26.30 -8.79
C ASP D 322 32.94 -26.21 -7.96
N GLU D 323 33.79 -25.26 -8.33
CA GLU D 323 35.07 -25.04 -7.63
C GLU D 323 34.97 -24.05 -6.48
N HIS D 324 33.73 -23.69 -6.13
CA HIS D 324 33.50 -22.78 -5.04
C HIS D 324 32.72 -23.38 -3.86
N VAL D 325 32.54 -24.68 -3.83
CA VAL D 325 31.97 -25.34 -2.67
C VAL D 325 32.85 -26.54 -2.39
N SER D 326 32.74 -27.06 -1.18
CA SER D 326 33.29 -28.36 -0.86
C SER D 326 32.30 -29.10 -0.01
N LEU D 327 32.71 -30.24 0.55
CA LEU D 327 31.76 -31.06 1.26
C LEU D 327 31.73 -30.72 2.75
N GLY D 328 30.49 -30.50 3.22
CA GLY D 328 30.18 -30.24 4.64
C GLY D 328 30.40 -31.51 5.39
N ALA D 329 30.59 -31.37 6.67
CA ALA D 329 30.88 -32.49 7.55
C ALA D 329 29.65 -33.45 7.57
N LYS D 330 28.49 -32.95 7.21
CA LYS D 330 27.30 -33.88 7.01
C LYS D 330 26.77 -33.84 5.60
N GLY D 331 27.68 -33.65 4.65
CA GLY D 331 27.29 -33.61 3.23
C GLY D 331 26.29 -32.52 2.89
N LEU D 332 25.23 -32.90 2.21
CA LEU D 332 24.06 -32.07 2.00
C LEU D 332 22.87 -32.84 2.49
N HIS D 333 23.04 -33.44 3.64
CA HIS D 333 22.12 -34.45 4.16
C HIS D 333 21.43 -34.06 5.47
N GLY D 334 21.88 -32.98 6.07
CA GLY D 334 21.33 -32.54 7.35
C GLY D 334 22.03 -31.29 7.79
N GLU D 335 21.61 -30.74 8.94
CA GLU D 335 22.04 -29.44 9.33
C GLU D 335 23.17 -29.50 10.35
N GLY D 336 23.51 -30.69 10.84
CA GLY D 336 24.62 -30.86 11.77
C GLY D 336 25.92 -30.21 11.36
N TYR D 337 26.45 -29.40 12.23
CA TYR D 337 27.65 -28.56 11.90
C TYR D 337 27.45 -27.46 10.83
N LYS D 338 26.19 -27.26 10.47
CA LYS D 338 25.80 -26.10 9.68
C LYS D 338 26.37 -25.98 8.27
N GLY D 339 26.65 -27.12 7.65
CA GLY D 339 27.16 -27.19 6.30
C GLY D 339 28.63 -26.88 6.25
N HIS D 340 29.24 -26.73 7.40
CA HIS D 340 30.66 -26.32 7.42
C HIS D 340 31.60 -27.40 6.99
N VAL D 341 32.69 -26.94 6.35
CA VAL D 341 33.72 -27.77 5.80
C VAL D 341 34.89 -27.75 6.79
N PHE D 342 35.26 -28.95 7.19
CA PHE D 342 36.36 -29.20 8.13
C PHE D 342 37.45 -30.07 7.45
N TRP D 343 38.54 -30.34 8.17
CA TRP D 343 39.52 -31.37 7.80
C TRP D 343 38.97 -32.75 7.37
N ASP D 344 37.75 -33.06 7.82
CA ASP D 344 36.94 -34.20 7.41
C ASP D 344 37.01 -34.36 5.88
N THR D 345 36.99 -33.24 5.18
CA THR D 345 36.96 -33.27 3.75
C THR D 345 38.38 -33.53 3.21
N GLU D 346 39.32 -32.68 3.55
CA GLU D 346 40.69 -32.91 3.03
C GLU D 346 41.27 -34.29 3.36
N ILE D 347 41.11 -34.76 4.60
CA ILE D 347 41.84 -35.95 5.06
C ILE D 347 41.00 -37.23 4.94
N PHE D 348 39.69 -37.14 5.19
CA PHE D 348 38.86 -38.36 5.17
C PHE D 348 38.14 -38.61 3.85
N MET D 349 37.47 -37.59 3.33
CA MET D 349 36.68 -37.77 2.08
C MET D 349 37.53 -37.71 0.86
N LEU D 350 38.45 -36.74 0.83
CA LEU D 350 39.17 -36.44 -0.36
C LEU D 350 39.89 -37.67 -0.99
N PRO D 351 40.54 -38.54 -0.17
CA PRO D 351 41.19 -39.68 -0.83
C PRO D 351 40.26 -40.50 -1.75
N PHE D 352 39.00 -40.64 -1.38
CA PHE D 352 38.08 -41.36 -2.22
C PHE D 352 37.96 -40.74 -3.57
N TYR D 353 37.79 -39.42 -3.64
CA TYR D 353 37.70 -38.73 -4.95
C TYR D 353 39.09 -38.70 -5.69
N ILE D 354 40.18 -38.52 -4.94
CA ILE D 354 41.48 -38.61 -5.59
C ILE D 354 41.66 -39.91 -6.41
N TYR D 355 41.35 -41.04 -5.81
CA TYR D 355 41.54 -42.31 -6.47
C TYR D 355 40.34 -42.82 -7.29
N THR D 356 39.14 -42.24 -7.16
CA THR D 356 38.01 -42.73 -8.04
C THR D 356 37.48 -41.74 -9.09
N ASN D 357 37.71 -40.44 -8.86
CA ASN D 357 37.17 -39.41 -9.69
C ASN D 357 38.00 -38.18 -9.47
N PRO D 358 39.25 -38.24 -9.86
CA PRO D 358 40.17 -37.14 -9.51
C PRO D 358 39.74 -35.69 -9.79
N ALA D 359 38.92 -35.49 -10.82
CA ALA D 359 38.32 -34.17 -11.10
C ALA D 359 37.45 -33.64 -9.92
N ALA D 360 36.85 -34.53 -9.17
CA ALA D 360 36.09 -34.07 -8.03
C ALA D 360 36.99 -33.56 -6.91
N ALA D 361 38.09 -34.24 -6.68
CA ALA D 361 39.00 -33.80 -5.62
C ALA D 361 39.66 -32.50 -5.99
N LYS D 362 39.94 -32.33 -7.29
CA LYS D 362 40.57 -31.06 -7.75
C LYS D 362 39.65 -29.90 -7.46
N ALA D 363 38.36 -30.05 -7.76
CA ALA D 363 37.42 -29.00 -7.45
C ALA D 363 37.40 -28.65 -5.98
N MET D 364 37.47 -29.65 -5.12
CA MET D 364 37.45 -29.44 -3.68
C MET D 364 38.71 -28.72 -3.25
N LEU D 365 39.82 -28.91 -3.95
CA LEU D 365 41.08 -28.19 -3.60
C LEU D 365 41.02 -26.77 -4.12
N MET D 366 40.42 -26.57 -5.30
CA MET D 366 40.15 -25.25 -5.81
C MET D 366 39.29 -24.44 -4.83
N TYR D 367 38.34 -25.09 -4.16
CA TYR D 367 37.58 -24.41 -3.10
C TYR D 367 38.53 -23.80 -2.13
N ARG D 368 39.54 -24.51 -1.76
CA ARG D 368 40.49 -23.92 -0.73
C ARG D 368 41.32 -22.85 -1.41
N TYR D 369 41.71 -23.10 -2.65
CA TYR D 369 42.55 -22.14 -3.39
C TYR D 369 41.86 -20.80 -3.47
N ASN D 370 40.59 -20.81 -3.84
CA ASN D 370 39.84 -19.61 -3.92
C ASN D 370 39.62 -18.88 -2.60
N LEU D 371 39.80 -19.54 -1.45
CA LEU D 371 39.61 -18.90 -0.18
C LEU D 371 40.91 -18.53 0.47
N LEU D 372 41.98 -18.47 -0.33
CA LEU D 372 43.30 -18.11 0.22
C LEU D 372 43.31 -16.75 0.84
N ASP D 373 42.63 -15.77 0.22
CA ASP D 373 42.64 -14.42 0.73
C ASP D 373 42.03 -14.35 2.07
N ALA D 374 40.92 -15.04 2.26
CA ALA D 374 40.34 -15.15 3.57
C ALA D 374 41.23 -15.92 4.51
N ALA D 375 41.97 -16.95 4.03
CA ALA D 375 42.95 -17.59 4.91
C ALA D 375 44.11 -16.62 5.30
N ARG D 376 44.54 -15.76 4.39
CA ARG D 376 45.63 -14.85 4.70
C ARG D 376 45.11 -13.84 5.74
N GLU D 377 43.85 -13.42 5.57
CA GLU D 377 43.25 -12.46 6.53
C GLU D 377 43.09 -13.08 7.91
N ASN D 378 42.58 -14.31 7.92
CA ASN D 378 42.41 -15.01 9.13
C ASN D 378 43.73 -15.11 9.91
N ALA D 379 44.83 -15.43 9.20
CA ALA D 379 46.15 -15.39 9.77
C ALA D 379 46.49 -14.01 10.33
N ARG D 380 46.28 -12.99 9.53
CA ARG D 380 46.55 -11.62 9.94
C ARG D 380 45.77 -11.23 11.18
N LYS D 381 44.53 -11.67 11.31
CA LYS D 381 43.81 -11.26 12.48
C LYS D 381 44.22 -11.95 13.76
N ASN D 382 44.93 -13.07 13.66
CA ASN D 382 45.42 -13.76 14.86
C ASN D 382 46.92 -13.52 15.10
N GLY D 383 47.51 -12.55 14.41
CA GLY D 383 48.91 -12.19 14.68
C GLY D 383 49.91 -13.07 13.97
N TYR D 384 49.44 -13.80 12.94
CA TYR D 384 50.27 -14.76 12.22
C TYR D 384 50.42 -14.27 10.80
N LYS D 385 51.23 -14.99 10.02
CA LYS D 385 51.47 -14.77 8.61
C LYS D 385 50.95 -15.93 7.79
N GLY D 386 51.10 -15.82 6.48
CA GLY D 386 50.75 -16.87 5.52
C GLY D 386 49.25 -17.09 5.47
N ALA D 387 48.87 -18.30 5.17
CA ALA D 387 47.46 -18.68 5.16
C ALA D 387 47.17 -19.56 6.36
N GLN D 388 46.29 -19.04 7.24
CA GLN D 388 45.71 -19.76 8.32
C GLN D 388 44.29 -20.10 7.94
N PHE D 389 44.14 -21.28 7.39
CA PHE D 389 42.78 -21.76 7.06
C PHE D 389 41.93 -21.96 8.34
N PRO D 390 40.61 -21.70 8.23
CA PRO D 390 39.73 -21.82 9.38
C PRO D 390 39.43 -23.28 9.76
N TRP D 391 39.11 -23.53 11.02
CA TRP D 391 38.69 -24.87 11.46
C TRP D 391 37.36 -25.21 10.75
N GLU D 392 36.52 -24.24 10.61
CA GLU D 392 35.27 -24.41 9.93
C GLU D 392 35.11 -23.38 8.86
N SER D 393 34.89 -23.85 7.64
CA SER D 393 34.76 -22.98 6.47
C SER D 393 33.37 -23.12 5.77
N ALA D 394 32.85 -22.01 5.24
CA ALA D 394 31.58 -21.98 4.52
C ALA D 394 31.76 -21.35 3.13
N ASP D 395 31.16 -20.18 2.89
CA ASP D 395 31.18 -19.57 1.55
C ASP D 395 32.33 -18.55 1.43
N THR D 396 32.60 -17.77 2.48
CA THR D 396 33.58 -16.68 2.36
C THR D 396 34.98 -17.11 2.67
N GLY D 397 35.15 -18.22 3.36
CA GLY D 397 36.45 -18.66 3.82
C GLY D 397 36.89 -18.08 5.17
N GLU D 398 36.10 -17.21 5.77
CA GLU D 398 36.27 -16.77 7.15
C GLU D 398 36.09 -17.93 8.12
N GLU D 399 36.53 -17.75 9.36
CA GLU D 399 36.40 -18.74 10.40
C GLU D 399 34.96 -18.77 10.83
N GLU D 400 34.24 -19.85 10.60
CA GLU D 400 32.86 -19.91 11.01
C GLU D 400 32.62 -20.82 12.21
N THR D 401 33.64 -21.18 12.97
CA THR D 401 33.41 -22.08 14.12
C THR D 401 32.63 -21.32 15.22
N PRO D 402 31.55 -21.91 15.79
CA PRO D 402 30.95 -21.23 16.96
C PRO D 402 31.91 -20.96 18.13
N LYS D 403 31.68 -19.88 18.83
CA LYS D 403 32.46 -19.51 20.03
C LYS D 403 31.87 -20.19 21.27
N TRP D 404 30.58 -20.46 21.25
CA TRP D 404 29.83 -21.02 22.40
C TRP D 404 28.95 -22.15 21.94
N GLY D 405 28.85 -23.16 22.80
CA GLY D 405 27.79 -24.20 22.72
C GLY D 405 27.55 -24.87 24.08
N TYR D 406 27.37 -26.19 24.12
CA TYR D 406 26.98 -26.88 25.36
C TYR D 406 27.76 -28.13 25.52
N ASP D 407 28.26 -28.39 26.71
CA ASP D 407 29.10 -29.57 26.83
C ASP D 407 28.29 -30.86 27.00
N TYR D 408 29.04 -31.92 27.26
CA TYR D 408 28.51 -33.25 27.49
C TYR D 408 27.36 -33.34 28.48
N LEU D 409 27.23 -32.35 29.37
CA LEU D 409 26.18 -32.32 30.39
C LEU D 409 25.16 -31.21 30.15
N GLY D 410 25.17 -30.63 28.94
CA GLY D 410 24.25 -29.56 28.60
C GLY D 410 24.50 -28.23 29.28
N ASN D 411 25.69 -28.05 29.85
CA ASN D 411 26.14 -26.75 30.36
C ASN D 411 26.71 -25.88 29.25
N PRO D 412 26.50 -24.57 29.35
CA PRO D 412 27.12 -23.59 28.47
C PRO D 412 28.63 -23.73 28.50
N VAL D 413 29.29 -23.74 27.36
CA VAL D 413 30.74 -23.87 27.36
C VAL D 413 31.36 -23.14 26.19
N ARG D 414 32.56 -22.60 26.45
CA ARG D 414 33.41 -21.96 25.46
C ARG D 414 33.90 -22.99 24.48
N ILE D 415 33.83 -22.71 23.17
CA ILE D 415 34.30 -23.67 22.13
C ILE D 415 35.61 -23.11 21.64
N TRP D 416 36.66 -23.90 21.76
CA TRP D 416 38.04 -23.45 21.51
C TRP D 416 38.62 -23.94 20.18
N THR D 417 37.85 -24.71 19.42
CA THR D 417 38.44 -25.33 18.23
C THR D 417 38.81 -24.29 17.14
N GLY D 418 37.96 -23.31 16.91
CA GLY D 418 38.24 -22.29 15.93
C GLY D 418 39.55 -21.59 16.32
N ASP D 419 39.68 -21.35 17.60
CA ASP D 419 40.77 -20.60 18.16
C ASP D 419 42.09 -21.31 18.12
N ILE D 420 42.11 -22.58 18.54
CA ILE D 420 43.40 -23.28 18.68
C ILE D 420 43.54 -24.65 18.02
N GLU D 421 42.53 -25.16 17.31
CA GLU D 421 42.72 -26.43 16.60
C GLU D 421 43.36 -26.13 15.26
N TYR D 422 44.68 -25.87 15.31
CA TYR D 422 45.39 -25.28 14.18
C TYR D 422 45.76 -26.21 13.09
N HIS D 423 45.81 -27.51 13.37
CA HIS D 423 46.23 -28.48 12.38
C HIS D 423 45.57 -28.47 11.04
N ILE D 424 44.37 -27.91 10.96
CA ILE D 424 43.65 -27.83 9.66
C ILE D 424 44.50 -27.33 8.46
N SER D 425 45.36 -26.34 8.69
CA SER D 425 46.10 -25.73 7.61
C SER D 425 47.14 -26.69 7.06
N ALA D 426 47.84 -27.42 7.95
CA ALA D 426 48.72 -28.53 7.48
C ALA D 426 47.94 -29.61 6.75
N ASP D 427 46.77 -29.95 7.28
CA ASP D 427 45.95 -30.98 6.64
C ASP D 427 45.64 -30.64 5.20
N ILE D 428 45.32 -29.37 4.92
CA ILE D 428 45.02 -28.91 3.53
C ILE D 428 46.27 -29.03 2.63
N ALA D 429 47.43 -28.57 3.10
CA ALA D 429 48.73 -28.79 2.38
C ALA D 429 48.97 -30.25 2.04
N TYR D 430 48.74 -31.12 3.04
CA TYR D 430 48.91 -32.56 2.90
C TYR D 430 47.97 -33.06 1.86
N ALA D 431 46.74 -32.56 1.87
CA ALA D 431 45.78 -33.00 0.90
C ALA D 431 46.17 -32.53 -0.50
N VAL D 432 46.76 -31.36 -0.59
CA VAL D 432 47.25 -30.90 -1.90
C VAL D 432 48.34 -31.86 -2.43
N MET D 433 49.34 -32.15 -1.61
CA MET D 433 50.40 -33.08 -2.03
C MET D 433 49.82 -34.45 -2.42
N ASN D 434 48.87 -34.93 -1.63
CA ASN D 434 48.24 -36.21 -1.85
C ASN D 434 47.58 -36.29 -3.23
N TYR D 435 46.80 -35.31 -3.60
CA TYR D 435 46.14 -35.29 -4.94
C TYR D 435 47.23 -35.25 -6.04
N VAL D 436 48.20 -34.36 -5.84
CA VAL D 436 49.20 -34.14 -6.89
C VAL D 436 50.02 -35.39 -7.11
N ARG D 437 50.34 -36.08 -6.03
CA ARG D 437 51.11 -37.30 -6.11
C ARG D 437 50.37 -38.36 -6.86
N ALA D 438 49.06 -38.48 -6.60
CA ALA D 438 48.32 -39.59 -7.18
C ALA D 438 48.07 -39.41 -8.69
N THR D 439 47.90 -38.17 -9.12
CA THR D 439 47.49 -37.84 -10.47
C THR D 439 48.61 -37.30 -11.34
N ASP D 440 49.75 -36.96 -10.75
CA ASP D 440 50.81 -36.21 -11.48
C ASP D 440 50.37 -34.93 -12.15
N ASP D 441 49.29 -34.32 -11.63
CA ASP D 441 48.68 -33.10 -12.23
C ASP D 441 49.60 -31.94 -11.93
N ILE D 442 50.62 -31.82 -12.74
CA ILE D 442 51.65 -30.82 -12.52
C ILE D 442 51.09 -29.43 -12.81
N ASP D 443 50.20 -29.28 -13.80
CA ASP D 443 49.55 -27.96 -14.01
C ASP D 443 48.86 -27.43 -12.71
N PHE D 444 48.13 -28.28 -12.02
CA PHE D 444 47.47 -27.85 -10.81
C PHE D 444 48.51 -27.42 -9.78
N LEU D 445 49.58 -28.19 -9.65
CA LEU D 445 50.64 -27.87 -8.69
C LEU D 445 51.35 -26.53 -8.96
N LEU D 446 51.68 -26.30 -10.22
CA LEU D 446 52.34 -25.02 -10.61
C LEU D 446 51.42 -23.83 -10.34
N ASN D 447 50.15 -23.99 -10.68
CA ASN D 447 49.27 -22.83 -10.75
C ASN D 447 48.46 -22.56 -9.48
N TYR D 448 48.24 -23.61 -8.70
CA TYR D 448 47.40 -23.46 -7.53
C TYR D 448 47.98 -24.11 -6.31
N GLY D 449 48.47 -25.32 -6.45
CA GLY D 449 48.80 -26.12 -5.27
C GLY D 449 50.01 -25.62 -4.48
N SER D 450 51.03 -25.19 -5.21
CA SER D 450 52.24 -24.71 -4.53
C SER D 450 51.91 -23.51 -3.64
N GLU D 451 51.08 -22.60 -4.17
CA GLU D 451 50.77 -21.39 -3.42
C GLU D 451 50.12 -21.76 -2.08
N ILE D 452 49.20 -22.74 -2.12
CA ILE D 452 48.64 -23.23 -0.88
C ILE D 452 49.67 -23.78 0.08
N ILE D 453 50.55 -24.64 -0.40
CA ILE D 453 51.53 -25.28 0.50
C ILE D 453 52.54 -24.30 1.02
N ILE D 454 52.93 -23.36 0.19
CA ILE D 454 53.84 -22.35 0.68
C ILE D 454 53.16 -21.41 1.65
N GLU D 455 51.87 -21.12 1.41
CA GLU D 455 51.28 -20.10 2.29
C GLU D 455 50.99 -20.76 3.65
N THR D 456 50.52 -22.01 3.70
CA THR D 456 50.33 -22.61 5.00
C THR D 456 51.69 -22.82 5.72
N ALA D 457 52.73 -23.15 4.99
CA ALA D 457 54.09 -23.23 5.65
C ALA D 457 54.47 -21.92 6.26
N ARG D 458 54.19 -20.79 5.55
CA ARG D 458 54.45 -19.47 6.14
C ARG D 458 53.68 -19.24 7.42
N PHE D 459 52.40 -19.69 7.46
CA PHE D 459 51.70 -19.74 8.73
C PHE D 459 52.41 -20.54 9.84
N TRP D 460 52.84 -21.75 9.54
CA TRP D 460 53.47 -22.57 10.57
C TRP D 460 54.78 -21.88 11.05
N ALA D 461 55.48 -21.21 10.14
CA ALA D 461 56.74 -20.52 10.51
C ALA D 461 56.47 -19.38 11.47
N SER D 462 55.28 -18.79 11.38
CA SER D 462 54.94 -17.69 12.22
C SER D 462 54.47 -18.09 13.59
N ILE D 463 53.90 -19.30 13.74
CA ILE D 463 53.27 -19.76 15.00
C ILE D 463 54.26 -20.53 15.88
N CYS D 464 55.28 -21.15 15.28
CA CYS D 464 56.31 -21.85 16.05
C CYS D 464 57.07 -20.81 16.84
N LYS D 465 57.33 -21.13 18.09
CA LYS D 465 57.99 -20.24 19.01
C LYS D 465 59.24 -20.97 19.51
N TYR D 466 60.41 -20.37 19.29
CA TYR D 466 61.64 -20.97 19.70
C TYR D 466 61.75 -20.85 21.22
N ASN D 467 61.92 -21.98 21.90
CA ASN D 467 62.13 -22.02 23.33
C ASN D 467 63.66 -22.11 23.56
N LYS D 468 64.25 -21.03 24.06
CA LYS D 468 65.71 -20.95 24.33
C LYS D 468 66.25 -22.04 25.24
N GLU D 469 65.57 -22.28 26.36
CA GLU D 469 66.15 -23.09 27.41
C GLU D 469 66.18 -24.57 27.04
N LYS D 470 65.28 -25.01 26.17
CA LYS D 470 65.23 -26.41 25.74
C LYS D 470 65.63 -26.57 24.27
N GLY D 471 66.15 -25.49 23.70
CA GLY D 471 66.67 -25.49 22.34
C GLY D 471 65.76 -25.90 21.17
N ARG D 472 64.46 -25.73 21.28
CA ARG D 472 63.56 -26.32 20.27
C ARG D 472 62.42 -25.40 19.96
N TYR D 473 61.76 -25.64 18.81
CA TYR D 473 60.63 -24.82 18.41
C TYR D 473 59.38 -25.55 18.93
N GLU D 474 58.43 -24.79 19.50
CA GLU D 474 57.21 -25.34 20.11
C GLU D 474 55.94 -24.74 19.55
N ILE D 475 54.85 -25.50 19.58
CA ILE D 475 53.52 -24.97 19.23
C ILE D 475 52.59 -25.25 20.41
N ASN D 476 52.36 -24.21 21.22
CA ASN D 476 51.77 -24.33 22.52
C ASN D 476 50.35 -23.80 22.55
N ASP D 477 49.57 -24.28 23.48
CA ASP D 477 48.15 -23.91 23.61
C ASP D 477 47.35 -24.23 22.32
N VAL D 478 47.13 -25.53 22.10
CA VAL D 478 46.55 -26.09 20.85
C VAL D 478 45.54 -27.17 21.19
N ILE D 479 44.79 -27.57 20.17
CA ILE D 479 43.97 -28.77 20.18
C ILE D 479 44.37 -29.63 18.98
N GLY D 480 44.68 -30.89 19.29
CA GLY D 480 45.04 -31.90 18.31
C GLY D 480 43.75 -32.63 17.93
N PRO D 481 43.88 -33.62 17.03
CA PRO D 481 42.79 -34.40 16.50
C PRO D 481 41.88 -34.93 17.64
N ASP D 482 42.50 -35.38 18.71
CA ASP D 482 41.79 -35.68 19.95
C ASP D 482 41.27 -34.42 20.65
N GLU D 483 40.00 -34.09 20.45
CA GLU D 483 39.47 -32.83 20.97
C GLU D 483 39.16 -32.87 22.47
N PHE D 484 39.28 -34.01 23.12
CA PHE D 484 39.13 -34.06 24.59
C PHE D 484 40.20 -33.22 25.32
N HIS D 485 41.40 -33.05 24.73
CA HIS D 485 42.48 -32.31 25.39
C HIS D 485 42.74 -30.99 24.82
N GLU D 486 42.41 -29.99 25.62
CA GLU D 486 42.34 -28.64 25.17
C GLU D 486 43.51 -27.88 25.81
N HIS D 487 44.11 -26.98 25.05
CA HIS D 487 45.19 -26.09 25.57
C HIS D 487 46.41 -26.88 26.00
N CYS D 488 46.83 -27.84 25.18
CA CYS D 488 48.10 -28.53 25.40
C CYS D 488 49.24 -27.97 24.53
N ASN D 489 50.44 -28.36 24.92
CA ASN D 489 51.65 -27.92 24.25
C ASN D 489 52.20 -29.06 23.41
N ASN D 490 52.69 -28.75 22.21
CA ASN D 490 53.34 -29.73 21.36
C ASN D 490 52.61 -31.05 21.16
N ASN D 491 51.34 -30.94 20.82
CA ASN D 491 50.63 -32.07 20.25
C ASN D 491 51.45 -32.64 19.11
N ALA D 492 51.80 -33.94 19.20
CA ALA D 492 52.77 -34.50 18.27
C ALA D 492 52.27 -34.48 16.81
N TYR D 493 50.97 -34.67 16.63
CA TYR D 493 50.35 -34.67 15.33
C TYR D 493 50.50 -33.31 14.69
N THR D 494 50.15 -32.27 15.43
CA THR D 494 50.36 -30.89 14.96
C THR D 494 51.84 -30.54 14.66
N ASN D 495 52.73 -30.86 15.59
CA ASN D 495 54.18 -30.58 15.37
C ASN D 495 54.75 -31.30 14.19
N TYR D 496 54.37 -32.56 13.98
CA TYR D 496 54.92 -33.33 12.86
C TYR D 496 54.42 -32.81 11.55
N LEU D 497 53.11 -32.60 11.50
CA LEU D 497 52.52 -32.09 10.25
C LEU D 497 53.03 -30.70 9.95
N ALA D 498 53.32 -29.92 10.97
CA ALA D 498 53.88 -28.58 10.74
C ALA D 498 55.28 -28.70 10.12
N LYS D 499 56.10 -29.56 10.69
CA LYS D 499 57.46 -29.85 10.19
C LYS D 499 57.41 -30.39 8.77
N TRP D 500 56.51 -31.34 8.55
CA TRP D 500 56.21 -31.85 7.19
C TRP D 500 55.90 -30.70 6.23
N ASN D 501 55.00 -29.79 6.66
CA ASN D 501 54.56 -28.69 5.82
C ASN D 501 55.73 -27.74 5.47
N LEU D 502 56.48 -27.36 6.49
CA LEU D 502 57.68 -26.55 6.27
C LEU D 502 58.69 -27.11 5.26
N LEU D 503 59.00 -28.38 5.45
CA LEU D 503 59.95 -29.09 4.60
C LEU D 503 59.43 -29.26 3.21
N LYS D 504 58.18 -29.66 3.12
CA LYS D 504 57.56 -29.77 1.84
C LYS D 504 57.57 -28.43 1.04
N ALA D 505 57.32 -27.30 1.70
CA ALA D 505 57.35 -26.00 1.00
C ALA D 505 58.74 -25.70 0.52
N SER D 506 59.77 -25.92 1.34
CA SER D 506 61.15 -25.58 0.89
C SER D 506 61.55 -26.40 -0.30
N GLU D 507 61.26 -27.70 -0.21
CA GLU D 507 61.44 -28.64 -1.30
C GLU D 507 60.78 -28.19 -2.63
N LEU D 508 59.49 -27.88 -2.59
CA LEU D 508 58.76 -27.35 -3.76
C LEU D 508 59.42 -26.12 -4.35
N CYS D 509 59.76 -25.19 -3.48
CA CYS D 509 60.42 -23.96 -3.89
C CYS D 509 61.68 -24.23 -4.72
N ASN D 510 62.50 -25.17 -4.29
CA ASN D 510 63.75 -25.46 -5.00
C ASN D 510 63.38 -26.21 -6.28
N LEU D 511 62.43 -27.11 -6.20
CA LEU D 511 61.95 -27.77 -7.42
C LEU D 511 61.45 -26.76 -8.44
N LEU D 512 60.57 -25.84 -8.02
CA LEU D 512 60.01 -24.89 -8.92
C LEU D 512 61.08 -23.98 -9.50
N LEU D 513 61.99 -23.51 -8.64
CA LEU D 513 63.12 -22.69 -9.11
C LEU D 513 63.93 -23.48 -10.16
N GLU D 514 64.36 -24.70 -9.83
CA GLU D 514 65.22 -25.46 -10.74
C GLU D 514 64.52 -25.85 -12.06
N LYS D 515 63.31 -26.38 -12.00
CA LYS D 515 62.72 -26.99 -13.19
C LYS D 515 61.59 -26.23 -13.84
N TYR D 516 61.00 -25.26 -13.13
CA TYR D 516 59.87 -24.50 -13.66
C TYR D 516 59.99 -23.04 -13.33
N PRO D 517 61.18 -22.46 -13.58
CA PRO D 517 61.52 -21.14 -13.12
C PRO D 517 60.53 -20.03 -13.55
N LYS D 518 59.91 -20.11 -14.71
CA LYS D 518 58.92 -19.10 -15.03
C LYS D 518 57.74 -19.20 -14.02
N TYR D 519 57.36 -20.41 -13.64
CA TYR D 519 56.23 -20.49 -12.72
C TYR D 519 56.68 -19.98 -11.37
N PHE D 520 57.90 -20.34 -10.98
CA PHE D 520 58.41 -19.89 -9.72
C PHE D 520 58.37 -18.35 -9.61
N GLU D 521 58.82 -17.72 -10.68
CA GLU D 521 58.87 -16.26 -10.79
C GLU D 521 57.46 -15.67 -10.62
N LYS D 522 56.50 -16.23 -11.37
CA LYS D 522 55.14 -15.75 -11.30
C LYS D 522 54.64 -15.78 -9.87
N LEU D 523 54.91 -16.90 -9.17
CA LEU D 523 54.45 -17.14 -7.83
C LEU D 523 55.12 -16.28 -6.85
N SER D 524 56.45 -16.15 -6.98
CA SER D 524 57.21 -15.33 -6.03
C SER D 524 56.74 -13.91 -6.02
N LYS D 525 56.46 -13.40 -7.19
CA LYS D 525 55.97 -12.03 -7.31
C LYS D 525 54.56 -11.89 -6.78
N LYS D 526 53.70 -12.89 -7.00
CA LYS D 526 52.33 -12.82 -6.48
C LYS D 526 52.26 -12.75 -4.93
N ILE D 527 53.11 -13.51 -4.23
CA ILE D 527 52.99 -13.68 -2.77
C ILE D 527 54.26 -13.22 -2.05
N ASN D 528 55.09 -12.44 -2.75
CA ASN D 528 56.19 -11.76 -2.10
C ASN D 528 57.08 -12.74 -1.41
N LEU D 529 57.43 -13.77 -2.18
CA LEU D 529 58.25 -14.87 -1.67
C LEU D 529 59.72 -14.46 -1.74
N SER D 530 60.40 -14.43 -0.61
CA SER D 530 61.79 -14.03 -0.59
C SER D 530 62.75 -15.24 -0.57
N ASP D 531 64.00 -14.97 -0.93
CA ASP D 531 65.03 -15.99 -1.01
C ASP D 531 65.32 -16.65 0.30
N GLU D 532 65.19 -15.97 1.43
CA GLU D 532 65.57 -16.64 2.64
C GLU D 532 64.43 -17.41 3.28
N GLU D 533 63.22 -17.30 2.76
CA GLU D 533 62.13 -17.97 3.45
C GLU D 533 62.35 -19.47 3.44
N PRO D 534 62.66 -20.05 2.27
CA PRO D 534 62.92 -21.48 2.21
C PRO D 534 63.91 -22.00 3.26
N PHE D 535 65.03 -21.28 3.43
CA PHE D 535 66.01 -21.54 4.48
C PHE D 535 65.48 -21.36 5.89
N VAL D 536 64.69 -20.32 6.12
CA VAL D 536 64.08 -20.17 7.45
C VAL D 536 63.23 -21.41 7.78
N TRP D 537 62.49 -21.92 6.79
CA TRP D 537 61.56 -23.01 7.06
C TRP D 537 62.33 -24.29 7.42
N GLN D 538 63.36 -24.56 6.67
CA GLN D 538 64.25 -25.69 6.98
C GLN D 538 64.79 -25.64 8.39
N GLU D 539 65.23 -24.46 8.80
CA GLU D 539 65.84 -24.25 10.09
C GLU D 539 64.78 -24.50 11.21
N ILE D 540 63.60 -23.90 11.06
CA ILE D 540 62.55 -24.14 12.05
C ILE D 540 62.16 -25.65 12.09
N ALA D 541 62.05 -26.27 10.93
CA ALA D 541 61.60 -27.66 10.83
C ALA D 541 62.61 -28.63 11.47
N SER D 542 63.89 -28.35 11.25
CA SER D 542 64.98 -29.10 11.86
C SER D 542 64.82 -29.12 13.38
N LYS D 543 64.26 -28.07 13.98
CA LYS D 543 64.30 -27.91 15.45
C LYS D 543 62.94 -27.95 16.13
N ILE D 544 61.91 -28.28 15.37
CA ILE D 544 60.58 -28.54 15.97
C ILE D 544 60.61 -29.73 16.92
N TYR D 545 60.15 -29.52 18.13
CA TYR D 545 60.01 -30.57 19.11
C TYR D 545 58.91 -31.59 18.76
N ILE D 546 59.33 -32.84 18.62
CA ILE D 546 58.42 -33.93 18.56
C ILE D 546 58.62 -34.71 19.84
N PRO D 547 57.61 -34.74 20.73
CA PRO D 547 57.76 -35.54 21.93
C PRO D 547 57.73 -37.03 21.57
N TYR D 548 58.89 -37.70 21.68
CA TYR D 548 59.08 -39.10 21.26
C TYR D 548 60.10 -39.82 22.14
N HIS D 549 59.67 -40.82 22.90
CA HIS D 549 60.58 -41.53 23.81
C HIS D 549 61.40 -42.61 23.04
N PRO D 550 62.70 -42.34 22.78
CA PRO D 550 63.43 -43.26 21.88
C PRO D 550 63.71 -44.64 22.49
N ASP D 551 63.72 -44.73 23.84
CA ASP D 551 63.90 -46.01 24.54
C ASP D 551 62.65 -46.87 24.43
N LYS D 552 61.49 -46.23 24.55
CA LYS D 552 60.22 -46.93 24.62
C LYS D 552 59.46 -46.84 23.29
N LYS D 553 60.04 -46.11 22.33
CA LYS D 553 59.47 -45.88 21.00
C LYS D 553 58.07 -45.27 21.02
N LEU D 554 57.69 -44.71 22.16
CA LEU D 554 56.33 -44.24 22.36
C LEU D 554 56.32 -42.75 21.96
N ILE D 555 55.39 -42.39 21.06
CA ILE D 555 55.12 -41.01 20.71
C ILE D 555 54.05 -40.52 21.66
N GLU D 556 54.40 -39.58 22.53
CA GLU D 556 53.46 -38.96 23.50
C GLU D 556 52.49 -37.98 22.82
N GLN D 557 51.20 -38.04 23.10
CA GLN D 557 50.23 -37.35 22.22
C GLN D 557 50.42 -35.85 22.29
N PHE D 558 50.72 -35.38 23.51
CA PHE D 558 51.12 -34.01 23.85
C PHE D 558 51.89 -34.05 25.16
N GLU D 559 52.82 -33.09 25.33
CA GLU D 559 53.56 -32.93 26.55
C GLU D 559 52.74 -33.13 27.79
N GLY D 560 53.12 -34.16 28.58
CA GLY D 560 52.57 -34.39 29.92
C GLY D 560 51.27 -35.20 29.87
N TYR D 561 50.92 -35.66 28.65
CA TYR D 561 49.75 -36.53 28.46
C TYR D 561 49.99 -37.75 29.36
N PHE D 562 51.20 -38.30 29.29
CA PHE D 562 51.55 -39.53 30.03
C PHE D 562 51.46 -39.47 31.55
N ASN D 563 51.29 -38.29 32.14
CA ASN D 563 51.13 -38.21 33.56
C ASN D 563 49.69 -38.11 34.00
N LEU D 564 48.76 -38.44 33.11
CA LEU D 564 47.33 -38.24 33.42
C LEU D 564 46.69 -39.62 33.69
N LYS D 565 45.54 -39.63 34.36
CA LYS D 565 44.93 -40.86 34.84
C LYS D 565 44.51 -41.80 33.71
N ASP D 566 45.01 -43.04 33.76
CA ASP D 566 44.54 -44.10 32.92
C ASP D 566 43.17 -44.59 33.40
N PHE D 567 42.24 -44.77 32.48
CA PHE D 567 41.06 -45.58 32.79
C PHE D 567 41.08 -46.80 31.88
N VAL D 568 40.27 -47.79 32.24
CA VAL D 568 40.20 -49.08 31.56
C VAL D 568 38.82 -49.20 30.84
N ILE D 569 38.85 -49.52 29.55
CA ILE D 569 37.62 -49.57 28.75
C ILE D 569 37.07 -50.97 28.85
N LYS D 570 35.88 -51.11 29.42
CA LYS D 570 35.40 -52.44 29.92
C LYS D 570 34.13 -53.03 29.26
N GLU D 571 33.17 -52.20 28.86
CA GLU D 571 32.01 -52.69 28.10
C GLU D 571 31.83 -51.92 26.82
N TYR D 572 31.01 -52.51 25.95
CA TYR D 572 30.53 -51.86 24.76
C TYR D 572 29.05 -51.84 24.89
N ASP D 573 28.42 -50.88 24.21
CA ASP D 573 26.96 -50.80 24.14
C ASP D 573 26.45 -51.76 23.06
N GLN D 574 25.18 -51.74 22.76
CA GLN D 574 24.65 -52.78 21.88
C GLN D 574 25.16 -52.64 20.42
N ASN D 575 25.62 -51.45 20.02
CA ASN D 575 26.25 -51.23 18.70
C ASN D 575 27.72 -51.40 18.81
N ASN D 576 28.15 -52.09 19.87
CA ASN D 576 29.54 -52.43 20.06
C ASN D 576 30.43 -51.17 20.15
N MET D 577 29.91 -50.08 20.72
CA MET D 577 30.72 -48.88 20.93
C MET D 577 31.19 -48.79 22.38
N PRO D 578 32.39 -48.27 22.57
CA PRO D 578 32.88 -48.04 23.89
C PRO D 578 31.92 -47.22 24.76
N VAL D 579 31.77 -47.71 26.00
CA VAL D 579 30.95 -47.11 27.02
C VAL D 579 31.92 -46.43 27.98
N TRP D 580 31.54 -45.26 28.44
CA TRP D 580 32.33 -44.47 29.37
C TRP D 580 32.70 -45.25 30.63
N PRO D 581 34.00 -45.55 30.80
CA PRO D 581 34.52 -46.22 32.01
C PRO D 581 34.06 -45.60 33.35
N GLU D 582 33.73 -46.41 34.33
CA GLU D 582 33.13 -45.90 35.58
C GLU D 582 34.08 -44.97 36.32
N GLY D 583 33.51 -43.97 36.98
CA GLY D 583 34.28 -42.91 37.59
C GLY D 583 34.90 -41.88 36.66
N VAL D 584 34.50 -41.86 35.38
CA VAL D 584 34.90 -40.75 34.48
C VAL D 584 33.88 -39.59 34.60
N GLU D 585 34.38 -38.39 34.86
CA GLU D 585 33.56 -37.19 34.85
C GLU D 585 33.72 -36.50 33.50
N LEU D 586 32.63 -36.44 32.77
CA LEU D 586 32.63 -36.04 31.35
C LEU D 586 32.98 -34.58 31.09
N ASP D 587 33.13 -33.79 32.15
CA ASP D 587 33.53 -32.39 32.00
C ASP D 587 34.94 -32.20 32.56
N LYS D 588 35.64 -33.32 32.68
CA LYS D 588 37.01 -33.40 33.19
C LYS D 588 37.83 -34.35 32.29
N LEU D 589 37.42 -34.48 31.03
CA LEU D 589 38.14 -35.39 30.16
C LEU D 589 39.61 -34.98 29.97
N ASN D 590 39.89 -33.68 30.16
CA ASN D 590 41.25 -33.16 30.12
C ASN D 590 42.27 -33.93 31.01
N ASN D 591 41.80 -34.40 32.17
CA ASN D 591 42.67 -35.01 33.18
C ASN D 591 42.91 -36.51 33.00
N TYR D 592 42.43 -37.11 31.92
CA TYR D 592 42.60 -38.55 31.69
C TYR D 592 43.30 -38.88 30.37
N GLN D 593 43.65 -40.15 30.19
CA GLN D 593 44.38 -40.64 29.01
C GLN D 593 43.41 -41.19 27.95
N LEU D 594 42.13 -41.04 28.22
CA LEU D 594 41.16 -41.47 27.25
C LEU D 594 41.09 -40.39 26.16
N ILE D 595 40.92 -40.84 24.90
CA ILE D 595 40.98 -39.98 23.69
C ILE D 595 39.83 -40.23 22.75
N LYS D 596 39.44 -39.15 22.08
CA LYS D 596 38.22 -39.14 21.34
C LYS D 596 38.34 -40.00 20.09
N GLN D 597 39.51 -39.89 19.48
CA GLN D 597 39.74 -40.40 18.12
C GLN D 597 41.25 -40.47 17.83
N ALA D 598 41.63 -40.87 16.62
CA ALA D 598 43.03 -41.10 16.30
C ALA D 598 43.81 -39.77 16.38
N ASP D 599 45.02 -39.79 16.90
CA ASP D 599 45.80 -38.52 17.10
C ASP D 599 47.14 -38.95 16.77
N VAL D 600 47.85 -39.61 17.67
CA VAL D 600 49.16 -40.19 17.32
C VAL D 600 49.00 -41.18 16.23
N VAL D 601 47.91 -41.95 16.32
CA VAL D 601 47.61 -42.97 15.31
C VAL D 601 47.27 -42.40 13.94
N MET D 602 46.57 -41.28 13.94
CA MET D 602 46.36 -40.52 12.70
C MET D 602 47.71 -40.05 12.09
N LEU D 603 48.60 -39.52 12.93
CA LEU D 603 49.98 -39.20 12.40
C LEU D 603 50.71 -40.36 11.74
N LEU D 604 50.67 -41.53 12.40
CA LEU D 604 51.22 -42.78 11.86
C LEU D 604 50.57 -43.23 10.57
N TYR D 605 49.32 -42.86 10.37
CA TYR D 605 48.69 -43.22 9.13
C TYR D 605 49.18 -42.27 8.03
N LEU D 606 49.01 -40.99 8.29
CA LEU D 606 49.32 -39.95 7.33
C LEU D 606 50.80 -39.88 6.95
N LEU D 607 51.68 -40.03 7.92
CA LEU D 607 53.12 -40.00 7.65
C LEU D 607 53.81 -41.36 8.03
N GLY D 608 53.16 -42.46 7.66
CA GLY D 608 53.62 -43.83 7.95
C GLY D 608 55.02 -44.10 7.42
N GLU D 609 55.33 -43.54 6.26
CA GLU D 609 56.65 -43.69 5.62
C GLU D 609 57.77 -42.99 6.40
N GLU D 610 57.48 -42.31 7.50
CA GLU D 610 58.52 -41.73 8.36
C GLU D 610 58.69 -42.51 9.67
N PHE D 611 58.03 -43.65 9.80
CA PHE D 611 58.14 -44.43 11.04
C PHE D 611 58.44 -45.90 10.74
N ASP D 612 59.25 -46.54 11.59
CA ASP D 612 59.51 -47.97 11.43
C ASP D 612 58.28 -48.75 11.93
N ASP D 613 58.24 -50.03 11.59
CA ASP D 613 57.07 -50.88 11.85
C ASP D 613 56.90 -51.11 13.33
N GLN D 614 58.02 -51.16 14.05
CA GLN D 614 57.99 -51.42 15.47
C GLN D 614 57.32 -50.26 16.21
N THR D 615 57.74 -49.05 15.87
CA THR D 615 57.12 -47.86 16.42
C THR D 615 55.60 -47.81 16.15
N LYS D 616 55.17 -48.14 14.95
CA LYS D 616 53.74 -48.06 14.68
C LYS D 616 52.98 -49.05 15.56
N LYS D 617 53.48 -50.29 15.56
CA LYS D 617 52.89 -51.31 16.39
C LYS D 617 52.75 -50.84 17.84
N ILE D 618 53.84 -50.37 18.43
CA ILE D 618 53.85 -49.97 19.85
C ILE D 618 52.91 -48.81 20.15
N ASN D 619 52.94 -47.78 19.30
CA ASN D 619 51.98 -46.68 19.46
C ASN D 619 50.52 -47.08 19.14
N TYR D 620 50.32 -47.91 18.13
CA TYR D 620 48.93 -48.39 17.86
C TYR D 620 48.36 -49.04 19.13
N ASP D 621 49.03 -50.06 19.64
CA ASP D 621 48.59 -50.80 20.86
C ASP D 621 48.31 -49.90 22.05
N TYR D 622 49.19 -48.96 22.32
CA TYR D 622 49.03 -48.12 23.49
C TYR D 622 47.82 -47.20 23.39
N TYR D 623 47.56 -46.69 22.20
CA TYR D 623 46.51 -45.66 22.08
C TYR D 623 45.15 -46.27 21.78
N GLU D 624 45.14 -47.31 20.98
CA GLU D 624 43.88 -47.96 20.57
C GLU D 624 43.12 -48.37 21.79
N LYS D 625 43.88 -48.88 22.75
CA LYS D 625 43.40 -49.20 24.09
C LYS D 625 42.71 -48.02 24.78
N ARG D 626 43.15 -46.80 24.50
CA ARG D 626 42.64 -45.63 25.26
C ARG D 626 41.61 -44.79 24.50
N THR D 627 41.20 -45.29 23.34
CA THR D 627 40.35 -44.60 22.40
C THR D 627 38.87 -44.95 22.59
N MET D 628 38.05 -43.93 22.84
CA MET D 628 36.63 -44.10 23.11
C MET D 628 35.78 -44.18 21.85
N HIS D 629 36.41 -43.85 20.72
CA HIS D 629 35.79 -43.82 19.45
C HIS D 629 34.55 -42.99 19.54
N LYS D 630 34.71 -41.80 20.09
CA LYS D 630 33.61 -40.88 20.30
C LYS D 630 33.50 -39.83 19.20
N SER D 631 34.13 -40.08 18.07
CA SER D 631 33.81 -39.38 16.84
C SER D 631 33.56 -40.44 15.79
N SER D 632 32.71 -40.19 14.81
CA SER D 632 32.62 -41.09 13.67
C SER D 632 33.93 -41.15 12.90
N LEU D 633 34.87 -40.22 13.17
CA LEU D 633 36.16 -40.28 12.50
C LEU D 633 37.11 -41.35 13.03
N SER D 634 36.90 -41.84 14.25
CA SER D 634 37.87 -42.72 14.87
C SER D 634 37.95 -44.16 14.37
N PRO D 635 36.82 -44.91 14.28
CA PRO D 635 36.99 -46.32 13.97
C PRO D 635 37.64 -46.69 12.60
N SER D 636 37.39 -45.91 11.56
CA SER D 636 38.01 -46.17 10.26
C SER D 636 39.54 -46.13 10.36
N ILE D 637 40.08 -45.13 11.02
CA ILE D 637 41.57 -45.01 11.11
C ILE D 637 42.17 -46.15 11.94
N TYR D 638 41.40 -46.60 12.92
CA TYR D 638 41.87 -47.72 13.73
C TYR D 638 41.73 -49.04 12.97
N ALA D 639 40.67 -49.27 12.19
CA ALA D 639 40.66 -50.48 11.31
C ALA D 639 41.90 -50.52 10.43
N LEU D 640 42.13 -49.40 9.80
CA LEU D 640 43.10 -49.28 8.74
C LEU D 640 44.51 -49.48 9.33
N MET D 641 44.83 -48.84 10.46
CA MET D 641 46.20 -48.95 11.03
C MET D 641 46.38 -50.31 11.76
N GLY D 642 45.27 -50.83 12.28
CA GLY D 642 45.23 -52.20 12.81
C GLY D 642 45.80 -53.20 11.84
N VAL D 643 45.34 -53.17 10.60
CA VAL D 643 45.85 -54.01 9.60
C VAL D 643 47.31 -53.69 9.35
N ARG D 644 47.64 -52.42 9.29
CA ARG D 644 48.98 -52.05 8.85
C ARG D 644 50.08 -52.53 9.82
N VAL D 645 49.76 -52.66 11.09
CA VAL D 645 50.74 -53.02 12.12
C VAL D 645 50.49 -54.44 12.61
N GLY D 646 49.79 -55.21 11.79
CA GLY D 646 49.41 -56.57 12.14
C GLY D 646 48.90 -56.66 13.56
N GLU D 647 48.02 -55.72 13.92
CA GLU D 647 47.24 -55.82 15.15
C GLU D 647 45.78 -55.93 14.72
N THR D 648 45.53 -57.08 14.09
CA THR D 648 44.40 -57.38 13.23
C THR D 648 43.21 -57.86 14.03
N ASN D 649 43.45 -58.04 15.34
CA ASN D 649 42.51 -58.59 16.30
C ASN D 649 41.11 -57.95 16.35
N ARG D 650 41.04 -56.66 16.04
CA ARG D 650 39.85 -55.85 16.15
C ARG D 650 39.73 -54.98 14.91
N ALA D 651 40.32 -55.41 13.80
CA ALA D 651 40.33 -54.58 12.61
C ALA D 651 38.99 -54.68 11.98
N TYR D 652 38.40 -55.87 11.98
CA TYR D 652 37.08 -56.07 11.44
C TYR D 652 36.09 -55.25 12.17
N ILE D 653 36.15 -55.26 13.49
CA ILE D 653 35.10 -54.57 14.26
C ILE D 653 35.10 -53.10 14.08
N ASN D 654 36.28 -52.48 14.11
CA ASN D 654 36.37 -51.05 13.88
C ASN D 654 35.95 -50.74 12.45
N PHE D 655 36.18 -51.68 11.55
CA PHE D 655 35.74 -51.50 10.21
C PHE D 655 34.21 -51.50 10.21
N MET D 656 33.58 -52.43 10.91
CA MET D 656 32.10 -52.46 10.87
C MET D 656 31.53 -51.26 11.63
N ARG D 657 32.21 -50.82 12.71
CA ARG D 657 31.92 -49.52 13.33
C ARG D 657 31.87 -48.38 12.29
N THR D 658 32.85 -48.24 11.39
CA THR D 658 32.70 -47.18 10.40
C THR D 658 31.63 -47.41 9.38
N ALA D 659 31.57 -48.61 8.84
CA ALA D 659 30.61 -48.84 7.73
C ALA D 659 29.11 -48.70 8.09
N LEU D 660 28.80 -49.01 9.35
CA LEU D 660 27.45 -48.97 9.92
C LEU D 660 27.10 -47.70 10.73
N THR D 661 28.03 -46.74 10.78
CA THR D 661 27.81 -45.46 11.48
C THR D 661 26.38 -44.90 11.37
N ASP D 662 25.83 -44.86 10.16
CA ASP D 662 24.48 -44.32 10.01
C ASP D 662 23.38 -45.39 9.84
N LEU D 663 23.70 -46.50 9.21
CA LEU D 663 22.74 -47.59 9.03
C LEU D 663 22.36 -48.20 10.36
N GLU D 664 23.27 -48.22 11.34
CA GLU D 664 22.89 -48.57 12.72
C GLU D 664 22.96 -47.40 13.73
N ASP D 665 23.23 -46.16 13.27
CA ASP D 665 23.19 -45.01 14.15
C ASP D 665 24.07 -45.17 15.38
N ASN D 666 25.30 -45.61 15.16
CA ASN D 666 26.10 -45.97 16.28
C ASN D 666 26.73 -44.83 17.05
N GLN D 667 26.58 -43.60 16.55
CA GLN D 667 26.91 -42.43 17.40
C GLN D 667 25.69 -41.81 18.00
N GLY D 668 24.50 -42.35 17.69
CA GLY D 668 23.22 -41.86 18.22
C GLY D 668 22.71 -40.57 17.61
N ASN D 669 23.41 -40.01 16.62
CA ASN D 669 22.99 -38.75 16.09
C ASN D 669 22.92 -38.70 14.58
N THR D 670 22.66 -39.85 13.98
CA THR D 670 22.47 -39.94 12.54
C THR D 670 21.36 -38.98 11.99
N HIS D 671 20.40 -38.59 12.83
CA HIS D 671 19.38 -37.65 12.41
C HIS D 671 19.93 -36.26 12.01
N LEU D 672 21.15 -35.91 12.47
CA LEU D 672 21.72 -34.59 12.12
C LEU D 672 22.24 -34.57 10.70
N GLY D 673 22.48 -35.75 10.13
CA GLY D 673 22.90 -35.88 8.74
C GLY D 673 23.90 -37.00 8.61
N ILE D 674 24.42 -37.20 7.40
CA ILE D 674 25.30 -38.35 7.12
C ILE D 674 26.67 -38.04 7.74
N HIS D 675 27.32 -39.00 8.39
CA HIS D 675 28.62 -38.79 8.95
C HIS D 675 29.61 -38.92 7.77
N ALA D 676 29.81 -37.80 7.07
CA ALA D 676 30.48 -37.84 5.76
C ALA D 676 31.94 -38.22 5.80
N ALA D 677 32.68 -37.77 6.81
CA ALA D 677 34.08 -38.28 7.03
C ALA D 677 34.16 -39.79 7.13
N SER D 678 33.24 -40.37 7.89
CA SER D 678 33.31 -41.80 8.13
C SER D 678 32.97 -42.59 6.86
N LEU D 679 32.22 -42.03 5.94
CA LEU D 679 32.12 -42.66 4.60
C LEU D 679 33.50 -42.80 3.95
N GLY D 680 34.29 -41.73 4.02
CA GLY D 680 35.59 -41.72 3.43
C GLY D 680 36.47 -42.67 4.11
N GLY D 681 36.37 -42.70 5.43
CA GLY D 681 37.20 -43.56 6.23
C GLY D 681 36.92 -44.99 5.96
N THR D 682 35.65 -45.35 5.85
CA THR D 682 35.30 -46.68 5.41
C THR D 682 36.09 -47.07 4.15
N TRP D 683 35.95 -46.27 3.09
CA TRP D 683 36.58 -46.55 1.84
C TRP D 683 38.09 -46.67 2.02
N GLN D 684 38.68 -45.75 2.77
CA GLN D 684 40.12 -45.81 2.96
C GLN D 684 40.53 -47.10 3.67
N ALA D 685 39.72 -47.54 4.66
CA ALA D 685 40.04 -48.71 5.47
C ALA D 685 40.10 -49.94 4.60
N LEU D 686 39.22 -50.04 3.61
CA LEU D 686 39.23 -51.11 2.61
C LEU D 686 40.39 -51.12 1.67
N VAL D 687 40.73 -49.96 1.15
CA VAL D 687 41.76 -49.84 0.10
C VAL D 687 43.14 -49.75 0.70
N PHE D 688 43.32 -48.92 1.72
CA PHE D 688 44.62 -48.71 2.37
C PHE D 688 44.83 -49.57 3.60
N GLY D 689 43.79 -50.32 3.99
CA GLY D 689 43.91 -51.24 5.11
C GLY D 689 43.91 -52.69 4.64
N PHE D 690 42.70 -53.25 4.53
CA PHE D 690 42.52 -54.59 4.02
C PHE D 690 43.10 -54.78 2.62
N GLY D 691 42.83 -53.84 1.72
CA GLY D 691 43.39 -53.89 0.36
C GLY D 691 44.92 -53.79 0.33
N GLY D 692 45.51 -53.41 1.45
CA GLY D 692 46.97 -53.38 1.61
C GLY D 692 47.80 -52.33 0.89
N ILE D 693 47.16 -51.31 0.33
CA ILE D 693 47.87 -50.30 -0.42
C ILE D 693 48.49 -49.29 0.54
N SER D 694 49.75 -48.99 0.31
CA SER D 694 50.43 -47.91 0.98
C SER D 694 51.42 -47.36 0.00
N ILE D 695 51.64 -46.06 0.06
CA ILE D 695 52.45 -45.39 -0.94
C ILE D 695 53.81 -45.18 -0.30
N GLU D 696 54.87 -45.54 -1.02
CA GLU D 696 56.19 -45.48 -0.43
C GLU D 696 57.08 -44.46 -1.07
N LYS D 697 58.18 -44.18 -0.35
CA LYS D 697 58.97 -42.98 -0.58
C LYS D 697 59.16 -42.58 -2.03
N ASP D 698 59.54 -43.51 -2.91
CA ASP D 698 59.76 -43.11 -4.32
C ASP D 698 58.50 -43.28 -5.16
N ASP D 699 57.34 -42.96 -4.56
CA ASP D 699 56.05 -43.13 -5.19
C ASP D 699 55.83 -44.53 -5.72
N VAL D 700 56.28 -45.54 -5.00
CA VAL D 700 55.89 -46.88 -5.39
C VAL D 700 54.66 -47.28 -4.55
N LEU D 701 53.74 -47.95 -5.22
CA LEU D 701 52.53 -48.42 -4.66
C LEU D 701 52.77 -49.79 -4.12
N SER D 702 52.96 -49.94 -2.81
CA SER D 702 53.06 -51.26 -2.20
C SER D 702 51.68 -51.85 -1.97
N VAL D 703 51.65 -53.17 -1.98
CA VAL D 703 50.44 -53.92 -1.77
C VAL D 703 50.72 -55.10 -0.84
N ASN D 704 50.25 -54.99 0.40
CA ASN D 704 50.36 -56.05 1.39
C ASN D 704 49.03 -56.28 2.06
N PRO D 705 48.10 -56.95 1.37
CA PRO D 705 46.72 -57.07 1.90
C PRO D 705 46.57 -58.00 3.07
N TRP D 706 45.48 -57.84 3.81
CA TRP D 706 45.07 -58.82 4.80
C TRP D 706 43.55 -58.88 4.81
N LEU D 707 42.96 -60.03 4.64
CA LEU D 707 41.50 -60.16 4.72
C LEU D 707 41.00 -60.68 6.06
N PRO D 708 39.91 -60.09 6.63
CA PRO D 708 39.29 -60.82 7.73
C PRO D 708 38.87 -62.23 7.27
N GLU D 709 39.13 -63.22 8.11
CA GLU D 709 38.72 -64.62 7.87
C GLU D 709 37.38 -64.78 7.11
N LYS D 710 36.43 -63.92 7.43
CA LYS D 710 35.09 -63.97 6.89
C LYS D 710 35.01 -63.61 5.39
N TRP D 711 35.99 -62.86 4.85
CA TRP D 711 35.94 -62.40 3.46
C TRP D 711 36.77 -63.32 2.56
N GLU D 712 36.29 -63.55 1.37
CA GLU D 712 36.86 -64.53 0.47
C GLU D 712 37.59 -63.79 -0.63
N SER D 713 37.00 -62.69 -1.08
CA SER D 713 37.69 -61.77 -1.95
C SER D 713 37.27 -60.31 -1.70
N LEU D 714 38.15 -59.40 -2.10
CA LEU D 714 37.90 -57.96 -2.12
C LEU D 714 38.33 -57.48 -3.47
N LYS D 715 37.47 -56.74 -4.16
CA LYS D 715 37.81 -56.15 -5.46
C LYS D 715 37.47 -54.67 -5.49
N PHE D 716 38.41 -53.90 -6.00
CA PHE D 716 38.31 -52.47 -6.16
C PHE D 716 39.23 -51.98 -7.26
N SER D 717 38.98 -50.75 -7.67
CA SER D 717 39.73 -50.08 -8.63
C SER D 717 40.07 -48.71 -8.12
N ILE D 718 41.30 -48.33 -8.46
CA ILE D 718 41.80 -46.98 -8.25
C ILE D 718 42.53 -46.41 -9.45
N TRP D 719 42.44 -45.08 -9.57
CA TRP D 719 43.24 -44.30 -10.50
C TRP D 719 44.62 -44.06 -9.87
N TRP D 720 45.69 -44.34 -10.60
CA TRP D 720 47.06 -44.07 -10.09
C TRP D 720 47.92 -43.60 -11.24
N LYS D 721 48.44 -42.38 -11.11
CA LYS D 721 49.28 -41.81 -12.14
C LYS D 721 48.54 -41.75 -13.51
N GLY D 722 47.22 -41.60 -13.52
CA GLY D 722 46.50 -41.67 -14.77
C GLY D 722 46.20 -43.05 -15.32
N ASN D 723 46.58 -44.11 -14.62
CA ASN D 723 46.24 -45.44 -15.06
C ASN D 723 45.10 -45.94 -14.19
N LEU D 724 44.03 -46.45 -14.79
CA LEU D 724 43.00 -47.08 -14.02
C LEU D 724 43.38 -48.53 -13.78
N LEU D 725 43.44 -48.94 -12.50
CA LEU D 725 43.88 -50.26 -12.06
C LEU D 725 42.77 -51.03 -11.38
N ASP D 726 42.68 -52.33 -11.66
CA ASP D 726 41.79 -53.25 -10.96
C ASP D 726 42.56 -54.16 -10.01
N PHE D 727 42.17 -54.17 -8.75
CA PHE D 727 42.80 -55.04 -7.76
C PHE D 727 41.85 -56.14 -7.38
N LYS D 728 42.32 -57.38 -7.41
CA LYS D 728 41.56 -58.53 -6.90
C LYS D 728 42.35 -59.23 -5.80
N ILE D 729 41.83 -59.15 -4.59
CA ILE D 729 42.50 -59.67 -3.41
C ILE D 729 41.73 -60.88 -2.85
N THR D 730 42.42 -62.02 -2.73
CA THR D 730 41.86 -63.26 -2.15
C THR D 730 42.72 -63.66 -0.96
N LYS D 731 42.24 -64.66 -0.20
CA LYS D 731 42.98 -65.31 0.91
C LYS D 731 44.50 -65.38 0.75
N ASP D 732 44.93 -65.85 -0.42
CA ASP D 732 46.32 -66.23 -0.69
C ASP D 732 46.97 -65.37 -1.79
N ASN D 733 46.17 -64.70 -2.60
CA ASN D 733 46.67 -63.97 -3.74
C ASN D 733 46.32 -62.47 -3.80
N VAL D 734 47.01 -61.80 -4.71
CA VAL D 734 46.67 -60.46 -5.16
C VAL D 734 46.96 -60.40 -6.67
N GLU D 735 45.96 -60.00 -7.44
CA GLU D 735 46.17 -59.72 -8.85
C GLU D 735 45.95 -58.22 -9.07
N VAL D 736 46.74 -57.60 -9.95
CA VAL D 736 46.48 -56.23 -10.37
C VAL D 736 46.47 -56.15 -11.88
N LYS D 737 45.43 -55.57 -12.49
CA LYS D 737 45.39 -55.40 -13.96
C LYS D 737 45.16 -53.94 -14.35
N LYS D 738 45.93 -53.42 -15.31
CA LYS D 738 45.57 -52.16 -15.97
C LYS D 738 44.31 -52.37 -16.81
N ARG D 739 43.32 -51.49 -16.69
CA ARG D 739 42.14 -51.58 -17.57
C ARG D 739 42.49 -51.17 -19.00
N VAL D 740 43.22 -50.06 -19.11
CA VAL D 740 43.97 -49.74 -20.31
C VAL D 740 45.37 -49.37 -19.88
N GLU D 741 45.58 -48.11 -19.46
CA GLU D 741 46.94 -47.58 -19.16
C GLU D 741 47.25 -46.11 -19.56
N LYS D 742 48.13 -45.49 -18.76
CA LYS D 742 49.05 -44.41 -19.17
C LYS D 742 50.52 -44.83 -18.84
N GLY D 743 51.10 -45.65 -19.72
CA GLY D 743 52.46 -46.23 -19.56
C GLY D 743 52.70 -47.54 -18.76
N ASN D 744 53.72 -47.46 -17.91
CA ASN D 744 54.11 -48.57 -17.07
C ASN D 744 53.83 -48.17 -15.66
N VAL D 745 53.42 -49.14 -14.87
CA VAL D 745 53.14 -48.93 -13.49
C VAL D 745 54.00 -49.86 -12.64
N LYS D 746 54.58 -49.28 -11.57
CA LYS D 746 55.50 -49.92 -10.63
C LYS D 746 54.87 -50.20 -9.26
N LEU D 747 54.91 -51.45 -8.83
CA LEU D 747 54.33 -51.84 -7.59
C LEU D 747 55.31 -52.64 -6.81
N LYS D 748 55.19 -52.63 -5.50
CA LYS D 748 55.82 -53.63 -4.71
C LYS D 748 54.72 -54.47 -4.09
N ILE D 749 54.56 -55.68 -4.63
CA ILE D 749 53.53 -56.59 -4.20
C ILE D 749 54.13 -57.52 -3.17
N LYS D 750 53.83 -57.25 -1.90
CA LYS D 750 54.44 -57.98 -0.78
C LYS D 750 55.96 -58.06 -0.94
N GLY D 751 56.65 -56.96 -0.72
CA GLY D 751 58.11 -56.95 -0.72
C GLY D 751 58.81 -57.13 -2.07
N GLN D 752 58.05 -57.49 -3.11
CA GLN D 752 58.63 -57.83 -4.40
C GLN D 752 58.20 -56.81 -5.44
N GLU D 753 59.17 -56.13 -6.04
CA GLU D 753 58.88 -55.15 -7.03
C GLU D 753 58.38 -55.81 -8.31
N ALA D 754 57.37 -55.21 -8.91
CA ALA D 754 56.70 -55.80 -10.03
C ALA D 754 56.29 -54.70 -10.96
N ILE D 755 56.43 -54.96 -12.24
CA ILE D 755 56.03 -54.04 -13.22
C ILE D 755 54.71 -54.50 -13.81
N ILE D 756 53.81 -53.54 -13.91
CA ILE D 756 52.79 -53.60 -14.90
C ILE D 756 52.74 -52.25 -15.64
#